data_3V4T
#
_entry.id   3V4T
#
_cell.length_a   83.050
_cell.length_b   153.140
_cell.length_c   131.680
_cell.angle_alpha   90.00
_cell.angle_beta   102.36
_cell.angle_gamma   90.00
#
_symmetry.space_group_name_H-M   'P 1 21 1'
#
loop_
_entity.id
_entity.type
_entity.pdbx_description
1 polymer 'UDP-N-acetylglucosamine 1-carboxyvinyltransferase'
2 non-polymer URIDINE-DIPHOSPHATE-N-ACETYLGLUCOSAMINE
3 non-polymer 'ACETATE ION'
4 non-polymer 1,2-ETHANEDIOL
5 water water
#
_entity_poly.entity_id   1
_entity_poly.type   'polypeptide(L)'
_entity_poly.pdbx_seq_one_letter_code
;MDKFRVQGPTRLQGEVTISGAKNAALPILFAALLAEEPVEIQNVPKLKDIDTTMKLLTQLGTKVER(IAS)GSVWIDASN
VNNFSAPYDLVKTMRASIWALGPLVARFGQGQVSLPGGDAIGARPVDLHIFGLEKLGAEIKLEEGYVKASVNGRLKGAHI
VMDKVSVGATVTIMSAATLAEGTTIIENAAREPEIVDTANFLVALGAKISGQGTDRITIEGVERLGGGVYRVLPDRIETG
TFLVAAAISGGKIVCRNAQPDTLDAVLAKLREAGADIETGEDWISLDMHGKRPKAVTVRTAPHPAFPTDMQAQFTLLNLV
AEGTGVITETIFENRFMHVPELIRMGAHAEIESNTVICHGVEKLSGAQVMATDLRASASLVLAGCIAEGTTVVDRIYHID
RGYERIEDKLRALGANIERVKGE
;
_entity_poly.pdbx_strand_id   A,B,C,D,E,F,G,H
#
loop_
_chem_comp.id
_chem_comp.type
_chem_comp.name
_chem_comp.formula
ACT non-polymer 'ACETATE ION' 'C2 H3 O2 -1'
EDO non-polymer 1,2-ETHANEDIOL 'C2 H6 O2'
IAS L-beta-peptide, C-gamma linking 'BETA-L-ASPARTIC ACID' 'C4 H7 N O4'
UD1 non-polymer URIDINE-DIPHOSPHATE-N-ACETYLGLUCOSAMINE 'C17 H27 N3 O17 P2'
#
# COMPACT_ATOMS: atom_id res chain seq x y z
N MET A 1 -30.00 -44.63 26.27
CA MET A 1 -28.57 -44.30 26.02
C MET A 1 -27.65 -45.24 26.79
N ASP A 2 -26.44 -45.39 26.29
CA ASP A 2 -25.42 -46.23 26.93
C ASP A 2 -25.02 -45.71 28.30
N LYS A 3 -24.47 -46.59 29.12
CA LYS A 3 -24.04 -46.19 30.44
C LYS A 3 -22.97 -47.03 31.08
N PHE A 4 -22.41 -46.50 32.15
CA PHE A 4 -21.39 -47.20 32.90
C PHE A 4 -21.90 -47.57 34.27
N ARG A 5 -21.73 -48.84 34.61
CA ARG A 5 -22.10 -49.34 35.92
C ARG A 5 -20.73 -49.63 36.56
N VAL A 6 -20.36 -48.85 37.56
CA VAL A 6 -19.06 -49.03 38.22
C VAL A 6 -19.23 -49.40 39.69
N GLN A 7 -18.34 -50.26 40.18
CA GLN A 7 -18.35 -50.73 41.57
C GLN A 7 -17.02 -50.58 42.27
N GLY A 8 -17.00 -49.83 43.37
CA GLY A 8 -15.76 -49.65 44.09
C GLY A 8 -15.90 -49.86 45.59
N PRO A 9 -14.91 -49.41 46.35
CA PRO A 9 -13.75 -48.76 45.74
C PRO A 9 -12.79 -49.79 45.16
N THR A 10 -11.96 -49.35 44.24
CA THR A 10 -11.00 -50.21 43.59
C THR A 10 -9.68 -49.48 43.39
N ARG A 11 -8.60 -50.08 43.88
CA ARG A 11 -7.27 -49.52 43.70
C ARG A 11 -6.87 -49.77 42.25
N LEU A 12 -6.45 -48.73 41.54
CA LEU A 12 -6.04 -48.85 40.14
C LEU A 12 -4.58 -49.16 39.91
N GLN A 13 -4.31 -50.39 39.50
CA GLN A 13 -2.94 -50.86 39.29
C GLN A 13 -2.68 -51.60 37.99
N GLY A 14 -1.52 -51.37 37.38
CA GLY A 14 -1.21 -52.04 36.15
C GLY A 14 -0.50 -51.23 35.08
N GLU A 15 -0.76 -51.61 33.83
CA GLU A 15 -0.18 -51.00 32.65
C GLU A 15 -1.24 -50.62 31.65
N VAL A 16 -0.99 -49.54 30.94
CA VAL A 16 -1.90 -49.08 29.92
C VAL A 16 -1.11 -48.57 28.72
N THR A 17 -1.64 -48.81 27.53
CA THR A 17 -1.00 -48.33 26.33
C THR A 17 -1.79 -47.10 25.86
N ILE A 18 -1.09 -45.98 25.75
CA ILE A 18 -1.70 -44.72 25.32
C ILE A 18 -2.04 -44.71 23.83
N SER A 19 -3.23 -44.22 23.49
CA SER A 19 -3.66 -44.09 22.11
C SER A 19 -3.17 -42.80 21.42
N GLY A 20 -3.41 -42.73 20.11
CA GLY A 20 -3.04 -41.56 19.35
C GLY A 20 -3.93 -40.43 19.83
N ALA A 21 -3.36 -39.23 19.90
CA ALA A 21 -4.08 -38.06 20.37
C ALA A 21 -5.30 -37.63 19.54
N LYS A 22 -6.46 -37.56 20.18
CA LYS A 22 -7.68 -37.11 19.51
C LYS A 22 -7.42 -35.75 18.89
N ASN A 23 -6.82 -34.87 19.70
CA ASN A 23 -6.48 -33.51 19.31
C ASN A 23 -5.46 -33.19 18.23
N ALA A 24 -4.74 -34.21 17.77
CA ALA A 24 -3.77 -34.04 16.70
C ALA A 24 -4.38 -34.72 15.46
N ALA A 25 -5.03 -35.86 15.68
CA ALA A 25 -5.69 -36.57 14.60
C ALA A 25 -6.69 -35.65 13.89
N LEU A 26 -7.58 -35.00 14.64
CA LEU A 26 -8.60 -34.12 14.06
C LEU A 26 -8.12 -32.99 13.11
N PRO A 27 -7.23 -32.11 13.62
CA PRO A 27 -6.76 -31.04 12.75
C PRO A 27 -5.95 -31.56 11.57
N ILE A 28 -5.23 -32.67 11.78
CA ILE A 28 -4.44 -33.28 10.72
C ILE A 28 -5.39 -33.87 9.66
N LEU A 29 -6.49 -34.47 10.10
CA LEU A 29 -7.44 -35.01 9.13
C LEU A 29 -7.99 -33.89 8.25
N PHE A 30 -8.30 -32.74 8.86
CA PHE A 30 -8.83 -31.58 8.12
C PHE A 30 -7.78 -30.97 7.19
N ALA A 31 -6.54 -30.90 7.67
CA ALA A 31 -5.47 -30.33 6.87
C ALA A 31 -5.30 -31.19 5.60
N ALA A 32 -5.53 -32.49 5.71
CA ALA A 32 -5.39 -33.37 4.55
C ALA A 32 -6.23 -32.86 3.37
N LEU A 33 -7.12 -31.90 3.64
CA LEU A 33 -7.95 -31.32 2.58
C LEU A 33 -7.10 -30.54 1.57
N LEU A 34 -5.93 -30.12 2.00
CA LEU A 34 -5.01 -29.39 1.15
C LEU A 34 -4.20 -30.31 0.21
N ALA A 35 -4.04 -31.56 0.61
CA ALA A 35 -3.25 -32.52 -0.17
C ALA A 35 -3.81 -32.92 -1.53
N GLU A 36 -2.96 -32.85 -2.55
CA GLU A 36 -3.34 -33.22 -3.92
C GLU A 36 -3.18 -34.70 -4.22
N GLU A 37 -2.35 -35.35 -3.41
CA GLU A 37 -2.10 -36.77 -3.55
C GLU A 37 -2.47 -37.53 -2.30
N PRO A 38 -2.62 -38.86 -2.42
CA PRO A 38 -2.98 -39.71 -1.28
C PRO A 38 -2.16 -39.42 -0.01
N VAL A 39 -2.86 -39.44 1.12
CA VAL A 39 -2.25 -39.18 2.42
C VAL A 39 -2.59 -40.31 3.39
N GLU A 40 -1.61 -40.68 4.22
CA GLU A 40 -1.83 -41.71 5.23
C GLU A 40 -1.52 -41.20 6.63
N ILE A 41 -2.52 -41.23 7.51
CA ILE A 41 -2.33 -40.79 8.87
C ILE A 41 -2.36 -41.99 9.79
N GLN A 42 -1.23 -42.27 10.44
CA GLN A 42 -1.07 -43.38 11.37
C GLN A 42 -1.30 -43.03 12.83
N ASN A 43 -1.71 -44.05 13.60
CA ASN A 43 -1.92 -43.90 15.03
C ASN A 43 -3.19 -43.13 15.37
N VAL A 44 -4.18 -43.28 14.51
CA VAL A 44 -5.45 -42.59 14.70
C VAL A 44 -6.36 -43.39 15.63
N PRO A 45 -6.67 -42.82 16.81
CA PRO A 45 -7.54 -43.54 17.74
C PRO A 45 -8.91 -43.79 17.13
N LYS A 46 -9.57 -44.86 17.57
CA LYS A 46 -10.90 -45.15 17.10
C LYS A 46 -11.87 -44.38 17.99
N LEU A 47 -12.42 -43.28 17.47
CA LEU A 47 -13.32 -42.44 18.25
C LEU A 47 -14.52 -41.98 17.45
N LYS A 48 -15.61 -41.67 18.14
CA LYS A 48 -16.78 -41.14 17.44
C LYS A 48 -16.41 -39.88 16.65
N ASP A 49 -15.53 -39.08 17.21
CA ASP A 49 -15.09 -37.86 16.54
C ASP A 49 -14.36 -38.15 15.24
N ILE A 50 -13.57 -39.21 15.22
CA ILE A 50 -12.89 -39.55 13.99
C ILE A 50 -13.96 -40.02 13.00
N ASP A 51 -14.94 -40.79 13.50
CA ASP A 51 -16.01 -41.25 12.62
C ASP A 51 -16.65 -40.08 11.89
N THR A 52 -17.04 -39.07 12.68
CA THR A 52 -17.70 -37.86 12.18
C THR A 52 -16.84 -37.10 11.19
N THR A 53 -15.55 -36.97 11.47
CA THR A 53 -14.69 -36.25 10.54
C THR A 53 -14.69 -37.02 9.23
N MET A 54 -14.55 -38.35 9.31
CA MET A 54 -14.56 -39.22 8.10
C MET A 54 -15.83 -39.00 7.27
N LYS A 55 -16.95 -38.90 7.96
CA LYS A 55 -18.25 -38.64 7.32
C LYS A 55 -18.23 -37.31 6.57
N LEU A 56 -17.75 -36.28 7.25
CA LEU A 56 -17.64 -34.93 6.67
C LEU A 56 -16.70 -34.88 5.45
N LEU A 57 -15.55 -35.52 5.57
CA LEU A 57 -14.57 -35.56 4.49
C LEU A 57 -15.22 -36.19 3.25
N THR A 58 -15.94 -37.28 3.49
CA THR A 58 -16.61 -37.99 2.43
C THR A 58 -17.63 -37.09 1.74
N GLN A 59 -18.40 -36.34 2.53
CA GLN A 59 -19.41 -35.42 1.98
C GLN A 59 -18.82 -34.38 1.06
N LEU A 60 -17.55 -34.07 1.27
CA LEU A 60 -16.84 -33.09 0.47
C LEU A 60 -16.34 -33.74 -0.82
N GLY A 61 -16.43 -35.07 -0.85
CA GLY A 61 -15.94 -35.79 -2.01
C GLY A 61 -14.54 -36.31 -1.73
N THR A 62 -14.19 -36.45 -0.45
CA THR A 62 -12.89 -36.97 -0.09
C THR A 62 -13.04 -38.48 -0.06
N LYS A 63 -12.01 -39.22 -0.45
CA LYS A 63 -12.06 -40.68 -0.37
C LYS A 63 -11.40 -41.12 0.92
N VAL A 64 -12.12 -41.72 1.82
CA VAL A 64 -11.51 -42.02 3.07
C VAL A 64 -11.74 -43.44 3.59
N GLU A 65 -10.68 -44.09 4.02
CA GLU A 65 -10.71 -45.46 4.50
C GLU A 65 -9.84 -45.62 5.73
N ARG A 66 -10.22 -46.50 6.63
CA ARG A 66 -9.47 -46.70 7.88
C ARG A 66 -9.44 -48.13 8.41
N IAS A 67 -8.47 -48.43 9.26
CA IAS A 67 -8.37 -49.75 9.87
C IAS A 67 -9.51 -50.00 10.90
O IAS A 67 -10.48 -49.21 10.94
CB IAS A 67 -6.99 -50.06 10.42
CG IAS A 67 -6.54 -49.03 11.43
OD1 IAS A 67 -7.32 -48.22 11.91
OXT IAS A 67 -9.38 -50.98 11.66
N GLY A 68 -5.26 -49.10 11.79
CA GLY A 68 -4.72 -48.16 12.76
C GLY A 68 -4.50 -46.82 12.08
N SER A 69 -4.54 -46.86 10.75
CA SER A 69 -4.33 -45.69 9.94
C SER A 69 -5.62 -45.19 9.32
N VAL A 70 -5.59 -43.95 8.83
CA VAL A 70 -6.72 -43.39 8.13
C VAL A 70 -6.15 -43.01 6.78
N TRP A 71 -6.76 -43.56 5.73
CA TRP A 71 -6.36 -43.30 4.34
C TRP A 71 -7.18 -42.20 3.65
N ILE A 72 -6.48 -41.18 3.17
CA ILE A 72 -7.14 -40.04 2.55
C ILE A 72 -6.70 -39.75 1.13
N ASP A 73 -7.70 -39.49 0.29
CA ASP A 73 -7.50 -39.11 -1.11
C ASP A 73 -8.38 -37.90 -1.43
N ALA A 74 -7.85 -36.70 -1.24
CA ALA A 74 -8.62 -35.50 -1.49
C ALA A 74 -8.44 -34.91 -2.88
N SER A 75 -7.89 -35.71 -3.80
CA SER A 75 -7.66 -35.21 -5.17
C SER A 75 -8.90 -34.71 -5.89
N ASN A 76 -10.05 -35.30 -5.56
CA ASN A 76 -11.29 -34.93 -6.20
C ASN A 76 -12.40 -34.38 -5.32
N VAL A 77 -12.05 -33.49 -4.40
CA VAL A 77 -13.07 -32.89 -3.54
C VAL A 77 -13.92 -31.99 -4.42
N ASN A 78 -15.23 -32.18 -4.35
CA ASN A 78 -16.19 -31.44 -5.15
C ASN A 78 -17.20 -30.58 -4.39
N ASN A 79 -17.43 -30.95 -3.13
CA ASN A 79 -18.36 -30.25 -2.25
C ASN A 79 -17.60 -29.33 -1.27
N PHE A 80 -18.14 -28.15 -1.00
CA PHE A 80 -17.44 -27.19 -0.14
C PHE A 80 -18.11 -26.74 1.17
N SER A 81 -19.09 -27.52 1.64
CA SER A 81 -19.81 -27.15 2.86
C SER A 81 -19.98 -28.14 4.01
N ALA A 82 -19.85 -27.63 5.23
CA ALA A 82 -20.02 -28.42 6.44
C ALA A 82 -21.43 -28.06 6.94
N PRO A 83 -22.39 -28.99 6.76
CA PRO A 83 -23.76 -28.77 7.18
C PRO A 83 -24.04 -28.68 8.68
N TYR A 84 -25.13 -27.95 9.00
CA TYR A 84 -25.61 -27.73 10.37
C TYR A 84 -25.53 -28.96 11.26
N ASP A 85 -26.07 -30.07 10.79
CA ASP A 85 -26.06 -31.31 11.56
C ASP A 85 -24.67 -31.81 11.93
N LEU A 86 -23.75 -31.73 10.98
CA LEU A 86 -22.38 -32.17 11.22
C LEU A 86 -21.71 -31.31 12.27
N VAL A 87 -21.71 -30.00 12.04
CA VAL A 87 -21.10 -29.06 12.98
C VAL A 87 -21.70 -29.27 14.35
N LYS A 88 -22.98 -29.55 14.44
CA LYS A 88 -23.63 -29.73 15.71
C LYS A 88 -23.21 -30.96 16.47
N THR A 89 -22.57 -31.88 15.81
CA THR A 89 -22.21 -33.13 16.39
C THR A 89 -20.81 -33.00 16.86
N MET A 90 -20.06 -32.16 16.18
CA MET A 90 -18.67 -32.02 16.42
C MET A 90 -18.17 -30.74 15.88
N ARG A 91 -17.96 -29.78 16.75
CA ARG A 91 -17.45 -28.48 16.40
C ARG A 91 -16.15 -28.37 15.62
N ALA A 92 -15.26 -29.36 15.76
CA ALA A 92 -14.00 -29.34 15.01
C ALA A 92 -14.30 -29.18 13.50
N SER A 93 -15.55 -29.44 13.11
CA SER A 93 -16.01 -29.26 11.75
C SER A 93 -15.64 -27.89 11.16
N ILE A 94 -15.52 -26.88 12.04
CA ILE A 94 -15.13 -25.55 11.59
C ILE A 94 -13.78 -25.67 10.89
N TRP A 95 -12.99 -26.68 11.26
CA TRP A 95 -11.69 -26.89 10.65
C TRP A 95 -11.67 -27.10 9.14
N ALA A 96 -12.82 -27.43 8.57
CA ALA A 96 -12.92 -27.63 7.12
C ALA A 96 -12.79 -26.26 6.41
N LEU A 97 -13.19 -25.20 7.10
CA LEU A 97 -13.15 -23.83 6.60
C LEU A 97 -11.86 -23.32 5.95
N GLY A 98 -10.82 -23.16 6.76
CA GLY A 98 -9.53 -22.70 6.28
C GLY A 98 -9.03 -23.46 5.06
N PRO A 99 -8.91 -24.79 5.14
CA PRO A 99 -8.41 -25.57 3.99
C PRO A 99 -9.25 -25.45 2.71
N LEU A 100 -10.56 -25.38 2.85
CA LEU A 100 -11.43 -25.26 1.69
C LEU A 100 -11.21 -23.95 0.92
N VAL A 101 -11.22 -22.84 1.64
CA VAL A 101 -11.01 -21.54 1.01
C VAL A 101 -9.61 -21.43 0.40
N ALA A 102 -8.58 -21.79 1.17
CA ALA A 102 -7.20 -21.67 0.67
C ALA A 102 -6.96 -22.48 -0.60
N ARG A 103 -7.52 -23.67 -0.64
CA ARG A 103 -7.37 -24.56 -1.78
C ARG A 103 -8.38 -24.41 -2.92
N PHE A 104 -9.64 -24.18 -2.58
CA PHE A 104 -10.70 -24.04 -3.58
C PHE A 104 -11.27 -22.64 -3.75
N GLY A 105 -10.77 -21.68 -2.96
CA GLY A 105 -11.27 -20.33 -3.06
C GLY A 105 -12.67 -20.17 -2.51
N GLN A 106 -13.22 -21.25 -1.99
CA GLN A 106 -14.57 -21.22 -1.43
C GLN A 106 -14.78 -22.26 -0.31
N GLY A 107 -15.57 -21.90 0.70
CA GLY A 107 -15.82 -22.83 1.79
C GLY A 107 -16.99 -22.39 2.64
N GLN A 108 -17.79 -23.36 3.06
CA GLN A 108 -18.96 -23.07 3.87
C GLN A 108 -19.07 -23.99 5.09
N VAL A 109 -19.23 -23.41 6.25
CA VAL A 109 -19.36 -24.19 7.47
C VAL A 109 -20.51 -23.62 8.30
N SER A 110 -21.27 -24.49 8.93
CA SER A 110 -22.39 -24.05 9.76
C SER A 110 -21.81 -23.38 10.99
N LEU A 111 -22.35 -22.21 11.35
CA LEU A 111 -21.84 -21.50 12.52
C LEU A 111 -22.11 -22.18 13.87
N PRO A 112 -21.04 -22.70 14.50
CA PRO A 112 -21.16 -23.38 15.81
C PRO A 112 -22.00 -22.59 16.81
N GLY A 113 -22.85 -23.28 17.54
CA GLY A 113 -23.69 -22.62 18.52
C GLY A 113 -23.16 -22.73 19.95
N GLY A 114 -24.06 -22.51 20.90
CA GLY A 114 -23.68 -22.57 22.30
C GLY A 114 -23.07 -23.87 22.78
N ASP A 115 -22.07 -23.75 23.65
CA ASP A 115 -21.42 -24.93 24.22
C ASP A 115 -21.64 -25.13 25.72
N ALA A 116 -21.60 -26.39 26.13
CA ALA A 116 -21.76 -26.76 27.52
C ALA A 116 -20.78 -25.97 28.39
N ILE A 117 -19.49 -26.18 28.11
CA ILE A 117 -18.41 -25.53 28.85
C ILE A 117 -18.16 -24.03 28.63
N GLY A 118 -18.69 -23.49 27.54
CA GLY A 118 -18.52 -22.07 27.22
C GLY A 118 -19.04 -21.72 25.83
N ALA A 119 -19.28 -20.44 25.57
CA ALA A 119 -19.81 -19.99 24.27
C ALA A 119 -18.96 -20.46 23.10
N ARG A 120 -17.65 -20.48 23.32
CA ARG A 120 -16.74 -20.94 22.30
C ARG A 120 -16.87 -20.29 20.92
N PRO A 121 -16.71 -18.96 20.85
CA PRO A 121 -16.81 -18.26 19.57
C PRO A 121 -15.65 -18.64 18.61
N VAL A 122 -15.86 -18.40 17.31
CA VAL A 122 -14.86 -18.70 16.30
C VAL A 122 -14.46 -17.45 15.51
N ASP A 123 -14.49 -16.31 16.22
CA ASP A 123 -14.14 -14.99 15.70
C ASP A 123 -12.70 -14.89 15.18
N LEU A 124 -11.80 -15.55 15.89
CA LEU A 124 -10.38 -15.58 15.55
C LEU A 124 -10.15 -16.38 14.30
N HIS A 125 -10.98 -17.40 14.09
CA HIS A 125 -10.90 -18.23 12.89
C HIS A 125 -11.21 -17.33 11.70
N ILE A 126 -12.41 -16.77 11.72
CA ILE A 126 -12.92 -15.88 10.68
C ILE A 126 -11.99 -14.71 10.41
N PHE A 127 -11.63 -14.02 11.48
CA PHE A 127 -10.75 -12.88 11.41
C PHE A 127 -9.42 -13.19 10.72
N GLY A 128 -8.80 -14.29 11.16
CA GLY A 128 -7.52 -14.68 10.59
C GLY A 128 -7.64 -14.93 9.11
N LEU A 129 -8.71 -15.60 8.68
CA LEU A 129 -8.92 -15.85 7.26
C LEU A 129 -9.03 -14.50 6.54
N GLU A 130 -9.86 -13.62 7.08
CA GLU A 130 -10.01 -12.29 6.52
C GLU A 130 -8.66 -11.60 6.35
N LYS A 131 -7.80 -11.74 7.35
CA LYS A 131 -6.47 -11.17 7.28
C LYS A 131 -5.70 -11.70 6.08
N LEU A 132 -5.96 -12.96 5.73
CA LEU A 132 -5.34 -13.61 4.59
C LEU A 132 -6.04 -13.29 3.25
N GLY A 133 -7.05 -12.43 3.29
CA GLY A 133 -7.74 -12.08 2.07
C GLY A 133 -9.06 -12.78 1.83
N ALA A 134 -9.53 -13.58 2.77
CA ALA A 134 -10.79 -14.26 2.53
C ALA A 134 -11.93 -13.29 2.80
N GLU A 135 -12.94 -13.32 1.93
CA GLU A 135 -14.14 -12.52 2.10
C GLU A 135 -15.11 -13.42 2.85
N ILE A 136 -15.78 -12.89 3.87
CA ILE A 136 -16.67 -13.72 4.67
C ILE A 136 -17.99 -13.11 5.05
N LYS A 137 -19.06 -13.87 4.85
CA LYS A 137 -20.41 -13.43 5.19
C LYS A 137 -21.23 -14.49 5.96
N LEU A 138 -22.13 -14.02 6.80
CA LEU A 138 -22.99 -14.91 7.55
C LEU A 138 -24.36 -14.99 6.90
N GLU A 139 -24.68 -16.16 6.35
CA GLU A 139 -25.95 -16.38 5.66
C GLU A 139 -26.69 -17.59 6.22
N GLU A 140 -27.87 -17.37 6.80
CA GLU A 140 -28.64 -18.45 7.39
C GLU A 140 -27.92 -19.41 8.35
N GLY A 141 -27.02 -18.87 9.14
CA GLY A 141 -26.29 -19.68 10.09
C GLY A 141 -24.99 -20.21 9.53
N TYR A 142 -24.71 -19.93 8.26
CA TYR A 142 -23.47 -20.38 7.62
C TYR A 142 -22.39 -19.33 7.47
N VAL A 143 -21.17 -19.71 7.80
CA VAL A 143 -20.05 -18.79 7.65
C VAL A 143 -19.55 -19.03 6.24
N LYS A 144 -20.05 -18.23 5.29
CA LYS A 144 -19.64 -18.36 3.89
C LYS A 144 -18.38 -17.59 3.50
N ALA A 145 -17.30 -18.30 3.19
CA ALA A 145 -16.03 -17.67 2.83
C ALA A 145 -15.65 -17.85 1.37
N SER A 146 -14.88 -16.90 0.86
CA SER A 146 -14.42 -16.92 -0.52
C SER A 146 -13.23 -16.01 -0.73
N VAL A 147 -12.36 -16.37 -1.66
CA VAL A 147 -11.19 -15.55 -1.92
C VAL A 147 -10.93 -15.37 -3.41
N ASN A 148 -11.19 -14.16 -3.89
CA ASN A 148 -10.96 -13.84 -5.29
C ASN A 148 -9.51 -14.15 -5.63
N GLY A 149 -9.30 -15.30 -6.27
CA GLY A 149 -7.95 -15.75 -6.61
C GLY A 149 -7.34 -16.61 -5.52
N ARG A 150 -6.16 -16.21 -5.06
CA ARG A 150 -5.40 -16.91 -4.02
C ARG A 150 -5.16 -16.14 -2.72
N LEU A 151 -5.20 -16.87 -1.60
CA LEU A 151 -4.97 -16.24 -0.30
C LEU A 151 -3.66 -15.47 -0.32
N LYS A 152 -3.59 -14.43 0.50
CA LYS A 152 -2.40 -13.61 0.60
C LYS A 152 -1.79 -13.62 2.00
N GLY A 153 -0.49 -13.90 2.07
CA GLY A 153 0.16 -13.94 3.35
C GLY A 153 0.00 -12.64 4.11
N ALA A 154 -0.10 -12.72 5.42
CA ALA A 154 -0.22 -11.52 6.22
C ALA A 154 0.46 -11.71 7.56
N HIS A 155 0.73 -10.60 8.24
CA HIS A 155 1.35 -10.63 9.56
C HIS A 155 0.14 -10.58 10.50
N ILE A 156 -0.03 -11.64 11.27
CA ILE A 156 -1.17 -11.73 12.17
C ILE A 156 -0.78 -11.92 13.63
N VAL A 157 -1.19 -10.99 14.48
CA VAL A 157 -0.93 -11.08 15.90
C VAL A 157 -2.29 -11.49 16.48
N MET A 158 -2.34 -12.64 17.12
CA MET A 158 -3.56 -13.19 17.71
C MET A 158 -4.06 -12.51 19.00
N ASP A 159 -5.32 -12.05 19.00
CA ASP A 159 -5.88 -11.42 20.22
C ASP A 159 -5.83 -12.27 21.49
N LYS A 160 -5.96 -13.56 21.29
CA LYS A 160 -5.90 -14.51 22.37
C LYS A 160 -5.25 -15.79 21.91
N VAL A 161 -4.69 -16.53 22.84
CA VAL A 161 -4.04 -17.78 22.51
C VAL A 161 -5.10 -18.80 22.13
N SER A 162 -5.19 -19.09 20.85
CA SER A 162 -6.17 -20.05 20.36
C SER A 162 -5.66 -21.25 19.53
N VAL A 163 -5.82 -22.45 20.09
CA VAL A 163 -5.42 -23.67 19.39
C VAL A 163 -6.19 -23.75 18.07
N GLY A 164 -7.51 -23.64 18.16
CA GLY A 164 -8.35 -23.72 16.98
C GLY A 164 -8.05 -22.71 15.89
N ALA A 165 -7.86 -21.45 16.28
CA ALA A 165 -7.58 -20.39 15.32
C ALA A 165 -6.19 -20.54 14.71
N THR A 166 -5.21 -20.91 15.53
CA THR A 166 -3.83 -21.10 15.05
C THR A 166 -3.82 -22.20 13.99
N VAL A 167 -4.52 -23.29 14.24
CA VAL A 167 -4.58 -24.38 13.26
C VAL A 167 -5.21 -23.88 11.95
N THR A 168 -6.35 -23.18 12.04
CA THR A 168 -7.05 -22.70 10.86
C THR A 168 -6.23 -21.75 10.00
N ILE A 169 -5.60 -20.78 10.64
CA ILE A 169 -4.80 -19.79 9.97
C ILE A 169 -3.56 -20.44 9.41
N MET A 170 -2.93 -21.32 10.20
CA MET A 170 -1.73 -22.01 9.74
C MET A 170 -1.95 -22.90 8.51
N SER A 171 -3.01 -23.69 8.56
CA SER A 171 -3.31 -24.56 7.45
C SER A 171 -3.49 -23.81 6.13
N ALA A 172 -4.32 -22.77 6.20
CA ALA A 172 -4.65 -21.92 5.08
C ALA A 172 -3.44 -21.20 4.49
N ALA A 173 -2.55 -20.72 5.37
CA ALA A 173 -1.35 -19.99 4.96
C ALA A 173 -0.40 -20.81 4.11
N THR A 174 -0.43 -22.13 4.28
CA THR A 174 0.45 -23.03 3.54
C THR A 174 0.27 -22.85 2.03
N LEU A 175 -0.94 -22.47 1.64
CA LEU A 175 -1.28 -22.26 0.24
C LEU A 175 -1.36 -20.79 -0.17
N ALA A 176 -1.00 -19.91 0.76
CA ALA A 176 -1.07 -18.48 0.51
C ALA A 176 0.09 -17.94 -0.31
N GLU A 177 -0.21 -16.92 -1.09
CA GLU A 177 0.82 -16.26 -1.88
C GLU A 177 1.63 -15.38 -0.94
N GLY A 178 2.90 -15.72 -0.77
CA GLY A 178 3.74 -14.91 0.10
C GLY A 178 4.02 -15.58 1.42
N THR A 179 4.38 -14.76 2.40
CA THR A 179 4.69 -15.26 3.72
C THR A 179 3.64 -14.85 4.75
N THR A 180 3.48 -15.69 5.77
CA THR A 180 2.54 -15.43 6.85
C THR A 180 3.22 -15.65 8.18
N ILE A 181 2.94 -14.75 9.11
CA ILE A 181 3.50 -14.87 10.44
C ILE A 181 2.32 -14.86 11.39
N ILE A 182 2.32 -15.80 12.31
CA ILE A 182 1.28 -15.90 13.31
C ILE A 182 1.95 -15.55 14.64
N GLU A 183 1.74 -14.33 15.10
CA GLU A 183 2.32 -13.89 16.36
C GLU A 183 1.37 -14.23 17.49
N ASN A 184 1.93 -14.62 18.64
CA ASN A 184 1.12 -15.03 19.78
C ASN A 184 0.28 -16.26 19.36
N ALA A 185 0.97 -17.25 18.82
CA ALA A 185 0.38 -18.50 18.36
C ALA A 185 0.29 -19.49 19.51
N ALA A 186 -0.63 -20.45 19.41
CA ALA A 186 -0.75 -21.47 20.45
C ALA A 186 0.51 -22.37 20.34
N ARG A 187 0.98 -22.87 21.47
CA ARG A 187 2.14 -23.73 21.53
C ARG A 187 1.80 -25.20 21.75
N GLU A 188 0.51 -25.53 21.75
CA GLU A 188 0.04 -26.89 21.95
C GLU A 188 0.80 -27.96 21.14
N PRO A 189 1.13 -29.10 21.77
CA PRO A 189 1.85 -30.19 21.09
C PRO A 189 1.16 -30.54 19.77
N GLU A 190 -0.16 -30.46 19.76
CA GLU A 190 -0.96 -30.76 18.58
C GLU A 190 -0.73 -29.76 17.46
N ILE A 191 -0.32 -28.54 17.83
CA ILE A 191 -0.05 -27.48 16.86
C ILE A 191 1.25 -27.86 16.16
N VAL A 192 2.19 -28.38 16.94
CA VAL A 192 3.46 -28.83 16.42
C VAL A 192 3.20 -30.04 15.52
N ASP A 193 2.42 -30.99 16.03
CA ASP A 193 2.08 -32.18 15.27
C ASP A 193 1.46 -31.88 13.92
N THR A 194 0.54 -30.91 13.89
CA THR A 194 -0.14 -30.54 12.65
C THR A 194 0.82 -29.81 11.69
N ALA A 195 1.74 -29.04 12.25
CA ALA A 195 2.68 -28.29 11.44
C ALA A 195 3.65 -29.24 10.72
N ASN A 196 4.15 -30.26 11.42
CA ASN A 196 5.05 -31.25 10.83
C ASN A 196 4.35 -32.00 9.70
N PHE A 197 3.07 -32.26 9.90
CA PHE A 197 2.24 -32.93 8.93
C PHE A 197 2.20 -32.09 7.64
N LEU A 198 1.88 -30.81 7.81
CA LEU A 198 1.84 -29.92 6.68
C LEU A 198 3.18 -29.94 5.93
N VAL A 199 4.28 -29.92 6.68
CA VAL A 199 5.62 -29.93 6.12
C VAL A 199 5.83 -31.20 5.30
N ALA A 200 5.41 -32.31 5.88
CA ALA A 200 5.53 -33.61 5.24
C ALA A 200 4.81 -33.59 3.89
N LEU A 201 3.83 -32.70 3.76
CA LEU A 201 3.06 -32.57 2.51
C LEU A 201 3.75 -31.60 1.55
N GLY A 202 4.83 -30.99 2.03
CA GLY A 202 5.57 -30.04 1.23
C GLY A 202 5.46 -28.58 1.67
N ALA A 203 4.76 -28.32 2.79
CA ALA A 203 4.60 -26.95 3.25
C ALA A 203 5.87 -26.39 3.87
N LYS A 204 5.96 -25.05 3.88
CA LYS A 204 7.10 -24.35 4.45
C LYS A 204 6.71 -23.69 5.76
N ILE A 205 7.09 -24.32 6.88
CA ILE A 205 6.75 -23.81 8.20
C ILE A 205 7.90 -23.95 9.18
N SER A 206 7.95 -23.01 10.11
CA SER A 206 8.96 -23.00 11.17
C SER A 206 8.40 -22.20 12.32
N GLY A 207 8.94 -22.41 13.51
CA GLY A 207 8.45 -21.68 14.66
C GLY A 207 7.32 -22.40 15.40
N GLN A 208 6.73 -23.42 14.76
CA GLN A 208 5.67 -24.17 15.41
C GLN A 208 6.20 -24.60 16.77
N GLY A 209 5.39 -24.46 17.80
CA GLY A 209 5.87 -24.82 19.12
C GLY A 209 6.30 -23.57 19.89
N THR A 210 6.46 -22.45 19.21
CA THR A 210 6.85 -21.19 19.86
C THR A 210 5.75 -20.16 19.62
N ASP A 211 5.92 -18.96 20.17
CA ASP A 211 4.93 -17.91 19.98
C ASP A 211 4.69 -17.30 18.60
N ARG A 212 5.63 -17.53 17.68
CA ARG A 212 5.50 -17.04 16.32
C ARG A 212 5.78 -18.09 15.24
N ILE A 213 4.72 -18.46 14.53
CA ILE A 213 4.86 -19.45 13.47
C ILE A 213 4.97 -18.70 12.13
N THR A 214 5.93 -19.10 11.30
CA THR A 214 6.15 -18.47 10.01
C THR A 214 5.79 -19.42 8.87
N ILE A 215 4.92 -19.00 7.96
CA ILE A 215 4.51 -19.84 6.86
C ILE A 215 4.79 -19.23 5.48
N GLU A 216 5.64 -19.91 4.72
CA GLU A 216 5.97 -19.46 3.37
C GLU A 216 5.10 -20.19 2.38
N GLY A 217 4.00 -19.57 1.98
CA GLY A 217 3.07 -20.21 1.05
C GLY A 217 3.73 -20.96 -0.10
N VAL A 218 3.08 -22.04 -0.54
CA VAL A 218 3.58 -22.81 -1.68
C VAL A 218 2.45 -22.99 -2.66
N GLU A 219 2.79 -23.32 -3.89
CA GLU A 219 1.80 -23.52 -4.94
C GLU A 219 0.84 -24.68 -4.74
N ARG A 220 1.37 -25.76 -4.16
CA ARG A 220 0.58 -26.94 -3.91
C ARG A 220 1.23 -27.89 -2.93
N LEU A 221 0.39 -28.66 -2.24
CA LEU A 221 0.85 -29.67 -1.31
C LEU A 221 0.54 -31.02 -1.96
N GLY A 222 1.40 -32.02 -1.73
CA GLY A 222 1.18 -33.33 -2.32
C GLY A 222 0.56 -34.37 -1.38
N GLY A 223 1.35 -35.37 -1.01
CA GLY A 223 0.86 -36.41 -0.14
C GLY A 223 1.93 -36.92 0.80
N GLY A 224 1.63 -37.98 1.53
CA GLY A 224 2.62 -38.52 2.45
C GLY A 224 2.03 -39.41 3.52
N VAL A 225 2.86 -39.79 4.49
CA VAL A 225 2.43 -40.61 5.60
C VAL A 225 2.92 -39.94 6.88
N TYR A 226 2.01 -39.82 7.86
CA TYR A 226 2.36 -39.14 9.11
C TYR A 226 1.86 -39.88 10.34
N ARG A 227 2.71 -39.96 11.35
CA ARG A 227 2.33 -40.64 12.56
C ARG A 227 1.96 -39.70 13.69
N VAL A 228 0.74 -39.80 14.15
CA VAL A 228 0.19 -38.94 15.17
C VAL A 228 0.79 -39.20 16.54
N LEU A 229 0.98 -38.16 17.34
CA LEU A 229 1.57 -38.34 18.65
C LEU A 229 0.63 -38.97 19.67
N PRO A 230 1.21 -39.43 20.76
CA PRO A 230 0.43 -40.00 21.84
C PRO A 230 -0.51 -39.02 22.51
N ASP A 231 -1.69 -39.45 22.92
CA ASP A 231 -2.68 -38.58 23.56
C ASP A 231 -2.28 -38.15 24.97
N ARG A 232 -1.87 -36.89 25.15
CA ARG A 232 -1.47 -36.40 26.48
C ARG A 232 -2.55 -36.40 27.56
N ILE A 233 -3.79 -36.10 27.17
CA ILE A 233 -4.90 -36.07 28.11
C ILE A 233 -5.23 -37.52 28.54
N GLU A 234 -5.19 -38.44 27.60
CA GLU A 234 -5.46 -39.82 27.95
C GLU A 234 -4.43 -40.24 29.02
N THR A 235 -3.17 -39.87 28.76
CA THR A 235 -2.06 -40.18 29.64
C THR A 235 -2.25 -39.55 31.03
N GLY A 236 -2.65 -38.29 31.04
CA GLY A 236 -2.83 -37.61 32.30
C GLY A 236 -3.98 -38.22 33.07
N THR A 237 -5.04 -38.59 32.35
CA THR A 237 -6.21 -39.18 32.96
C THR A 237 -5.91 -40.52 33.68
N PHE A 238 -5.05 -41.34 33.09
CA PHE A 238 -4.69 -42.63 33.70
C PHE A 238 -3.79 -42.44 34.91
N LEU A 239 -2.97 -41.40 34.81
CA LEU A 239 -2.08 -41.04 35.87
C LEU A 239 -2.94 -40.69 37.08
N VAL A 240 -3.97 -39.89 36.82
CA VAL A 240 -4.86 -39.47 37.87
C VAL A 240 -5.59 -40.66 38.48
N ALA A 241 -5.92 -41.65 37.64
CA ALA A 241 -6.62 -42.83 38.11
C ALA A 241 -5.83 -43.55 39.20
N ALA A 242 -4.50 -43.48 39.12
CA ALA A 242 -3.65 -44.13 40.11
C ALA A 242 -3.35 -43.17 41.27
N ALA A 243 -3.16 -41.90 40.95
CA ALA A 243 -2.85 -40.96 41.99
C ALA A 243 -4.01 -40.78 42.98
N ILE A 244 -5.26 -41.06 42.56
CA ILE A 244 -6.40 -40.90 43.46
C ILE A 244 -6.86 -42.22 44.07
N SER A 245 -6.21 -43.32 43.71
CA SER A 245 -6.60 -44.62 44.22
C SER A 245 -5.48 -45.29 44.99
N GLY A 246 -4.46 -44.51 45.34
CA GLY A 246 -3.31 -45.03 46.06
C GLY A 246 -2.68 -46.17 45.28
N GLY A 247 -2.78 -46.12 43.95
CA GLY A 247 -2.24 -47.18 43.14
C GLY A 247 -0.94 -46.86 42.41
N LYS A 248 -0.58 -47.77 41.52
CA LYS A 248 0.62 -47.67 40.71
C LYS A 248 0.29 -47.97 39.26
N ILE A 249 0.98 -47.32 38.34
CA ILE A 249 0.67 -47.57 36.95
C ILE A 249 1.78 -47.12 36.03
N VAL A 250 1.91 -47.80 34.92
CA VAL A 250 2.89 -47.42 33.93
C VAL A 250 2.17 -47.13 32.61
N CYS A 251 2.54 -46.02 32.00
CA CYS A 251 1.98 -45.65 30.71
C CYS A 251 2.93 -46.00 29.58
N ARG A 252 2.43 -46.77 28.61
CA ARG A 252 3.23 -47.17 27.44
C ARG A 252 2.87 -46.28 26.27
N ASN A 253 3.80 -46.11 25.32
CA ASN A 253 3.57 -45.26 24.15
C ASN A 253 3.16 -43.85 24.53
N ALA A 254 3.91 -43.26 25.46
CA ALA A 254 3.64 -41.93 25.95
C ALA A 254 4.71 -40.95 25.52
N GLN A 255 4.46 -39.67 25.79
CA GLN A 255 5.41 -38.62 25.45
C GLN A 255 5.52 -37.63 26.61
N PRO A 256 6.20 -38.03 27.69
CA PRO A 256 6.40 -37.22 28.89
C PRO A 256 6.56 -35.72 28.70
N ASP A 257 7.34 -35.31 27.70
CA ASP A 257 7.57 -33.90 27.45
C ASP A 257 6.32 -33.03 27.15
N THR A 258 5.22 -33.70 26.84
CA THR A 258 3.98 -33.01 26.52
C THR A 258 3.09 -32.78 27.74
N LEU A 259 3.53 -33.29 28.90
CA LEU A 259 2.78 -33.15 30.13
C LEU A 259 3.50 -32.75 31.43
N ASP A 260 4.56 -31.97 31.29
CA ASP A 260 5.33 -31.53 32.44
C ASP A 260 4.52 -30.87 33.57
N ALA A 261 3.55 -30.04 33.19
CA ALA A 261 2.69 -29.36 34.16
C ALA A 261 1.92 -30.38 34.98
N VAL A 262 1.35 -31.37 34.29
CA VAL A 262 0.56 -32.42 34.94
C VAL A 262 1.48 -33.24 35.85
N LEU A 263 2.66 -33.56 35.34
CA LEU A 263 3.63 -34.32 36.11
C LEU A 263 4.03 -33.58 37.40
N ALA A 264 4.38 -32.29 37.25
CA ALA A 264 4.80 -31.49 38.39
C ALA A 264 3.67 -31.45 39.42
N LYS A 265 2.44 -31.23 38.91
CA LYS A 265 1.27 -31.21 39.77
C LYS A 265 1.12 -32.49 40.56
N LEU A 266 1.24 -33.61 39.84
CA LEU A 266 1.14 -34.91 40.46
C LEU A 266 2.18 -35.06 41.58
N ARG A 267 3.40 -34.61 41.31
CA ARG A 267 4.46 -34.68 42.32
C ARG A 267 4.03 -33.95 43.57
N GLU A 268 3.44 -32.77 43.38
CA GLU A 268 2.99 -31.97 44.51
C GLU A 268 1.91 -32.67 45.31
N ALA A 269 1.13 -33.50 44.62
CA ALA A 269 0.06 -34.22 45.29
C ALA A 269 0.67 -35.37 46.05
N GLY A 270 1.99 -35.50 45.93
CA GLY A 270 2.73 -36.57 46.61
C GLY A 270 2.97 -37.84 45.80
N ALA A 271 2.90 -37.75 44.48
CA ALA A 271 3.12 -38.93 43.65
C ALA A 271 4.59 -39.16 43.39
N ASP A 272 4.97 -40.43 43.35
CA ASP A 272 6.34 -40.85 43.06
C ASP A 272 6.40 -41.07 41.54
N ILE A 273 7.10 -40.19 40.81
CA ILE A 273 7.14 -40.34 39.37
C ILE A 273 8.47 -40.55 38.68
N GLU A 274 8.40 -41.34 37.62
CA GLU A 274 9.55 -41.68 36.79
C GLU A 274 9.15 -41.63 35.32
N THR A 275 10.07 -41.25 34.45
CA THR A 275 9.78 -41.19 33.01
C THR A 275 10.97 -41.67 32.19
N GLY A 276 10.71 -41.92 30.92
CA GLY A 276 11.75 -42.37 30.02
C GLY A 276 11.39 -41.74 28.70
N GLU A 277 11.98 -42.21 27.59
CA GLU A 277 11.65 -41.64 26.30
C GLU A 277 10.20 -41.83 25.86
N ASP A 278 9.64 -42.99 26.18
CA ASP A 278 8.27 -43.28 25.79
C ASP A 278 7.38 -43.90 26.86
N TRP A 279 7.72 -43.64 28.12
CA TRP A 279 6.95 -44.18 29.25
C TRP A 279 6.94 -43.32 30.51
N ILE A 280 5.92 -43.53 31.33
CA ILE A 280 5.81 -42.81 32.59
C ILE A 280 5.31 -43.79 33.65
N SER A 281 5.92 -43.76 34.84
CA SER A 281 5.47 -44.63 35.92
C SER A 281 5.03 -43.80 37.10
N LEU A 282 3.86 -44.12 37.64
CA LEU A 282 3.32 -43.40 38.79
C LEU A 282 3.07 -44.32 39.97
N ASP A 283 3.66 -43.94 41.09
CA ASP A 283 3.51 -44.71 42.30
C ASP A 283 3.04 -43.80 43.42
N MET A 284 1.86 -44.10 43.99
CA MET A 284 1.32 -43.33 45.12
C MET A 284 1.76 -43.95 46.46
N HIS A 285 2.40 -45.10 46.39
CA HIS A 285 2.84 -45.78 47.59
C HIS A 285 1.66 -46.00 48.55
N GLY A 286 0.49 -46.29 47.98
CA GLY A 286 -0.71 -46.50 48.78
C GLY A 286 -1.21 -45.21 49.42
N LYS A 287 -0.50 -44.10 49.19
CA LYS A 287 -0.90 -42.83 49.77
C LYS A 287 -2.09 -42.06 49.17
N ARG A 288 -2.79 -41.35 50.05
CA ARG A 288 -3.90 -40.49 49.69
C ARG A 288 -3.20 -39.21 49.17
N PRO A 289 -3.77 -38.57 48.15
CA PRO A 289 -3.14 -37.34 47.62
C PRO A 289 -3.27 -36.09 48.48
N LYS A 290 -2.28 -35.21 48.37
CA LYS A 290 -2.26 -33.94 49.09
C LYS A 290 -2.93 -32.88 48.20
N ALA A 291 -3.91 -32.14 48.74
CA ALA A 291 -4.58 -31.11 47.95
C ALA A 291 -3.55 -30.24 47.27
N VAL A 292 -3.83 -29.84 46.04
CA VAL A 292 -2.93 -28.98 45.29
C VAL A 292 -3.70 -27.78 44.73
N THR A 293 -2.96 -26.88 44.08
CA THR A 293 -3.54 -25.69 43.48
C THR A 293 -3.34 -25.80 41.98
N VAL A 294 -4.39 -25.48 41.21
CA VAL A 294 -4.35 -25.58 39.76
C VAL A 294 -4.89 -24.35 39.05
N ARG A 295 -4.21 -23.94 37.99
CA ARG A 295 -4.61 -22.80 37.20
C ARG A 295 -4.53 -23.16 35.73
N THR A 296 -5.67 -23.35 35.07
CA THR A 296 -5.60 -23.71 33.67
C THR A 296 -5.13 -22.51 32.86
N ALA A 297 -4.39 -22.80 31.79
CA ALA A 297 -3.84 -21.77 30.92
C ALA A 297 -3.34 -22.47 29.67
N PRO A 298 -2.88 -21.71 28.66
CA PRO A 298 -2.38 -22.34 27.44
C PRO A 298 -1.09 -23.12 27.65
N HIS A 299 -0.91 -24.16 26.84
CA HIS A 299 0.28 -25.00 26.89
C HIS A 299 1.54 -24.12 26.87
N PRO A 300 2.60 -24.48 27.63
CA PRO A 300 2.81 -25.63 28.52
C PRO A 300 2.33 -25.55 29.96
N ALA A 301 1.40 -24.63 30.24
CA ALA A 301 0.88 -24.53 31.61
C ALA A 301 -0.06 -25.73 31.79
N PHE A 302 -0.75 -25.77 32.92
CA PHE A 302 -1.67 -26.84 33.21
C PHE A 302 -2.83 -26.80 32.22
N PRO A 303 -3.06 -27.87 31.46
CA PRO A 303 -4.12 -27.99 30.44
C PRO A 303 -5.56 -28.07 30.94
N THR A 304 -6.43 -27.22 30.38
CA THR A 304 -7.83 -27.26 30.79
C THR A 304 -8.46 -28.66 30.58
N ASP A 305 -7.85 -29.51 29.74
CA ASP A 305 -8.38 -30.87 29.51
C ASP A 305 -8.13 -31.89 30.62
N MET A 306 -7.35 -31.46 31.61
CA MET A 306 -7.00 -32.26 32.78
C MET A 306 -7.71 -31.72 34.00
N GLN A 307 -8.35 -30.58 33.81
CA GLN A 307 -9.06 -29.90 34.87
C GLN A 307 -10.07 -30.64 35.76
N ALA A 308 -11.04 -31.30 35.13
CA ALA A 308 -12.06 -32.05 35.87
C ALA A 308 -11.38 -33.17 36.64
N GLN A 309 -10.34 -33.76 36.07
CA GLN A 309 -9.61 -34.84 36.71
C GLN A 309 -8.89 -34.39 37.98
N PHE A 310 -8.31 -33.19 37.96
CA PHE A 310 -7.65 -32.64 39.14
C PHE A 310 -8.67 -32.19 40.18
N THR A 311 -9.84 -31.81 39.70
CA THR A 311 -10.89 -31.43 40.61
C THR A 311 -11.17 -32.66 41.47
N LEU A 312 -11.36 -33.81 40.80
CA LEU A 312 -11.61 -35.09 41.48
C LEU A 312 -10.50 -35.41 42.45
N LEU A 313 -9.26 -35.24 42.01
CA LEU A 313 -8.11 -35.47 42.89
C LEU A 313 -8.18 -34.62 44.16
N ASN A 314 -8.52 -33.34 44.01
CA ASN A 314 -8.64 -32.45 45.17
C ASN A 314 -9.75 -32.95 46.09
N LEU A 315 -10.86 -33.34 45.46
CA LEU A 315 -12.01 -33.83 46.17
C LEU A 315 -11.81 -34.97 47.15
N VAL A 316 -10.82 -35.83 46.88
CA VAL A 316 -10.51 -36.95 47.78
C VAL A 316 -9.11 -36.74 48.35
N ALA A 317 -8.61 -35.51 48.26
CA ALA A 317 -7.27 -35.23 48.77
C ALA A 317 -7.32 -34.76 50.21
N GLU A 318 -6.15 -34.76 50.86
CA GLU A 318 -6.08 -34.25 52.22
C GLU A 318 -5.81 -32.76 52.18
N GLY A 319 -6.71 -32.00 52.79
CA GLY A 319 -6.55 -30.56 52.78
C GLY A 319 -7.55 -29.89 51.84
N THR A 320 -7.41 -28.59 51.73
CA THR A 320 -8.27 -27.77 50.90
C THR A 320 -7.56 -27.47 49.56
N GLY A 321 -8.25 -27.74 48.46
CA GLY A 321 -7.63 -27.53 47.16
C GLY A 321 -8.34 -26.45 46.38
N VAL A 322 -7.64 -25.88 45.41
CA VAL A 322 -8.20 -24.80 44.62
C VAL A 322 -7.94 -25.05 43.15
N ILE A 323 -9.00 -24.93 42.34
CA ILE A 323 -8.92 -25.12 40.89
C ILE A 323 -9.43 -23.86 40.21
N THR A 324 -8.59 -23.21 39.43
CA THR A 324 -9.00 -22.00 38.71
C THR A 324 -9.02 -22.28 37.22
N GLU A 325 -10.11 -21.90 36.58
CA GLU A 325 -10.28 -22.14 35.16
C GLU A 325 -10.26 -20.84 34.35
N THR A 326 -9.21 -20.66 33.53
CA THR A 326 -9.09 -19.46 32.71
C THR A 326 -9.41 -19.65 31.21
N ILE A 327 -9.58 -20.89 30.77
CA ILE A 327 -9.89 -21.14 29.34
C ILE A 327 -11.41 -21.22 29.11
N PHE A 328 -12.08 -22.02 29.93
CA PHE A 328 -13.52 -22.21 29.87
C PHE A 328 -14.15 -21.92 31.24
N GLU A 329 -14.61 -20.71 31.44
CA GLU A 329 -15.19 -20.35 32.74
C GLU A 329 -16.32 -21.18 33.39
N ASN A 330 -17.07 -21.89 32.52
CA ASN A 330 -18.19 -22.78 32.87
C ASN A 330 -17.81 -24.26 32.82
N ARG A 331 -16.52 -24.55 32.95
CA ARG A 331 -16.09 -25.95 32.91
C ARG A 331 -16.17 -26.70 34.23
N PHE A 332 -17.26 -26.49 34.96
CA PHE A 332 -17.46 -27.12 36.25
C PHE A 332 -18.62 -28.09 36.39
N MET A 333 -19.20 -28.51 35.27
CA MET A 333 -20.32 -29.47 35.29
C MET A 333 -20.15 -30.66 36.23
N HIS A 334 -18.93 -31.16 36.33
CA HIS A 334 -18.64 -32.32 37.15
C HIS A 334 -18.79 -32.14 38.64
N VAL A 335 -18.57 -30.90 39.11
CA VAL A 335 -18.64 -30.62 40.53
C VAL A 335 -19.94 -31.09 41.18
N PRO A 336 -21.08 -30.49 40.80
CA PRO A 336 -22.31 -30.97 41.46
C PRO A 336 -22.50 -32.48 41.34
N GLU A 337 -22.07 -33.06 40.21
CA GLU A 337 -22.16 -34.51 40.03
C GLU A 337 -21.39 -35.18 41.18
N LEU A 338 -20.19 -34.69 41.42
CA LEU A 338 -19.36 -35.21 42.49
C LEU A 338 -19.94 -34.94 43.87
N ILE A 339 -20.66 -33.83 43.99
CA ILE A 339 -21.25 -33.49 45.27
C ILE A 339 -22.33 -34.54 45.56
N ARG A 340 -22.99 -35.00 44.52
CA ARG A 340 -24.01 -36.03 44.65
C ARG A 340 -23.41 -37.31 45.25
N MET A 341 -22.08 -37.42 45.13
CA MET A 341 -21.32 -38.56 45.61
C MET A 341 -20.62 -38.33 46.95
N GLY A 342 -20.99 -37.26 47.65
CA GLY A 342 -20.38 -36.98 48.93
C GLY A 342 -19.23 -35.97 48.93
N ALA A 343 -18.84 -35.46 47.78
CA ALA A 343 -17.74 -34.50 47.76
C ALA A 343 -18.17 -33.16 48.37
N HIS A 344 -17.20 -32.34 48.78
CA HIS A 344 -17.44 -31.04 49.39
C HIS A 344 -16.77 -29.89 48.66
N ALA A 345 -17.56 -29.09 47.95
CA ALA A 345 -16.97 -28.00 47.19
C ALA A 345 -17.86 -26.77 47.01
N GLU A 346 -17.19 -25.64 46.82
CA GLU A 346 -17.87 -24.40 46.58
C GLU A 346 -17.37 -23.78 45.29
N ILE A 347 -18.28 -23.29 44.45
CA ILE A 347 -17.86 -22.67 43.21
C ILE A 347 -17.96 -21.16 43.35
N GLU A 348 -16.84 -20.48 43.20
CA GLU A 348 -16.82 -19.02 43.27
C GLU A 348 -16.32 -18.52 41.94
N SER A 349 -17.25 -18.22 41.05
CA SER A 349 -16.88 -17.73 39.73
C SER A 349 -16.13 -18.80 38.93
N ASN A 350 -14.92 -18.48 38.49
CA ASN A 350 -14.08 -19.41 37.71
C ASN A 350 -13.15 -20.26 38.58
N THR A 351 -13.49 -20.36 39.87
CA THR A 351 -12.71 -21.10 40.82
C THR A 351 -13.58 -22.03 41.66
N VAL A 352 -13.08 -23.22 41.92
CA VAL A 352 -13.82 -24.17 42.73
C VAL A 352 -12.93 -24.42 43.92
N ILE A 353 -13.52 -24.33 45.11
CA ILE A 353 -12.76 -24.58 46.31
C ILE A 353 -13.11 -25.96 46.80
N CYS A 354 -12.12 -26.84 46.74
CA CYS A 354 -12.21 -28.24 47.11
C CYS A 354 -11.83 -28.59 48.54
N HIS A 355 -12.72 -29.27 49.25
CA HIS A 355 -12.45 -29.71 50.63
C HIS A 355 -12.39 -31.24 50.63
N GLY A 356 -11.17 -31.79 50.55
CA GLY A 356 -11.00 -33.24 50.54
C GLY A 356 -11.77 -34.01 51.61
N VAL A 357 -12.47 -35.06 51.18
CA VAL A 357 -13.20 -35.92 52.09
C VAL A 357 -12.53 -37.28 52.01
N GLU A 358 -12.68 -38.07 53.05
CA GLU A 358 -12.05 -39.37 53.09
C GLU A 358 -12.51 -40.39 52.03
N LYS A 359 -13.81 -40.42 51.78
CA LYS A 359 -14.38 -41.33 50.80
C LYS A 359 -15.57 -40.77 50.02
N LEU A 360 -15.82 -41.35 48.85
CA LEU A 360 -16.93 -40.96 48.00
C LEU A 360 -17.94 -42.08 48.04
N SER A 361 -19.20 -41.76 47.70
CA SER A 361 -20.25 -42.76 47.68
C SER A 361 -20.93 -42.92 46.35
N GLY A 362 -21.22 -44.17 46.01
CA GLY A 362 -21.87 -44.45 44.76
C GLY A 362 -23.19 -43.70 44.62
N ALA A 363 -23.43 -43.21 43.42
CA ALA A 363 -24.67 -42.51 43.17
C ALA A 363 -24.82 -42.47 41.67
N GLN A 364 -25.99 -42.05 41.22
CA GLN A 364 -26.23 -41.91 39.79
C GLN A 364 -25.83 -40.51 39.37
N VAL A 365 -24.90 -40.42 38.42
CA VAL A 365 -24.41 -39.14 37.95
C VAL A 365 -24.52 -39.03 36.44
N MET A 366 -24.55 -37.81 35.96
CA MET A 366 -24.69 -37.53 34.53
C MET A 366 -23.44 -36.93 33.85
N ALA A 367 -22.96 -37.59 32.81
CA ALA A 367 -21.82 -37.09 32.06
C ALA A 367 -22.34 -35.96 31.15
N THR A 368 -21.48 -34.99 30.84
CA THR A 368 -21.86 -33.85 30.02
C THR A 368 -20.71 -33.38 29.12
N ASP A 369 -19.50 -33.49 29.68
CA ASP A 369 -18.26 -33.05 29.04
C ASP A 369 -17.47 -34.27 28.60
N LEU A 370 -16.91 -34.22 27.40
CA LEU A 370 -16.10 -35.32 26.94
C LEU A 370 -14.78 -35.39 27.71
N ARG A 371 -14.85 -34.94 28.98
CA ARG A 371 -13.74 -34.89 29.95
C ARG A 371 -14.16 -35.00 31.44
N ALA A 372 -15.34 -34.49 31.75
CA ALA A 372 -15.88 -34.62 33.11
C ALA A 372 -16.43 -36.03 33.10
N SER A 373 -16.80 -36.47 31.91
CA SER A 373 -17.32 -37.81 31.75
C SER A 373 -16.29 -38.74 32.35
N ALA A 374 -15.05 -38.61 31.89
CA ALA A 374 -13.97 -39.46 32.37
C ALA A 374 -13.84 -39.33 33.89
N SER A 375 -13.88 -38.10 34.39
CA SER A 375 -13.79 -37.84 35.82
C SER A 375 -14.81 -38.59 36.65
N LEU A 376 -16.01 -38.68 36.12
CA LEU A 376 -17.10 -39.37 36.79
C LEU A 376 -16.85 -40.88 36.82
N VAL A 377 -16.24 -41.39 35.76
CA VAL A 377 -15.94 -42.81 35.70
C VAL A 377 -14.83 -43.13 36.71
N LEU A 378 -13.86 -42.22 36.84
CA LEU A 378 -12.79 -42.38 37.82
C LEU A 378 -13.34 -42.38 39.24
N ALA A 379 -14.23 -41.44 39.53
CA ALA A 379 -14.81 -41.32 40.85
C ALA A 379 -15.54 -42.60 41.18
N GLY A 380 -16.19 -43.17 40.17
CA GLY A 380 -16.92 -44.41 40.37
C GLY A 380 -15.96 -45.50 40.83
N CYS A 381 -14.77 -45.53 40.25
CA CYS A 381 -13.78 -46.54 40.62
C CYS A 381 -13.36 -46.51 42.08
N ILE A 382 -13.15 -45.31 42.62
CA ILE A 382 -12.71 -45.15 44.00
C ILE A 382 -13.81 -44.90 45.03
N ALA A 383 -15.06 -44.83 44.56
CA ALA A 383 -16.19 -44.59 45.46
C ALA A 383 -16.67 -45.89 46.10
N GLU A 384 -17.39 -45.75 47.20
CA GLU A 384 -17.93 -46.86 47.95
C GLU A 384 -19.25 -47.34 47.34
N GLY A 385 -19.26 -48.58 46.82
CA GLY A 385 -20.48 -49.13 46.25
C GLY A 385 -20.72 -49.02 44.76
N THR A 386 -21.97 -48.82 44.39
CA THR A 386 -22.30 -48.73 42.99
C THR A 386 -22.58 -47.33 42.42
N THR A 387 -21.86 -47.00 41.36
CA THR A 387 -22.01 -45.71 40.68
C THR A 387 -22.54 -45.97 39.27
N VAL A 388 -23.49 -45.13 38.83
CA VAL A 388 -23.98 -45.27 37.48
C VAL A 388 -23.82 -43.91 36.79
N VAL A 389 -23.03 -43.90 35.72
CA VAL A 389 -22.78 -42.70 34.94
C VAL A 389 -23.61 -42.72 33.65
N ASP A 390 -24.62 -41.84 33.60
CA ASP A 390 -25.48 -41.72 32.42
C ASP A 390 -24.79 -40.91 31.33
N ARG A 391 -25.29 -41.09 30.11
CA ARG A 391 -24.78 -40.38 28.95
C ARG A 391 -23.31 -40.55 28.65
N ILE A 392 -22.86 -41.80 28.55
CA ILE A 392 -21.46 -42.03 28.27
C ILE A 392 -21.10 -41.86 26.82
N TYR A 393 -22.06 -41.37 26.04
CA TYR A 393 -21.76 -41.12 24.64
C TYR A 393 -20.58 -40.16 24.61
N HIS A 394 -20.55 -39.25 25.60
CA HIS A 394 -19.48 -38.27 25.75
C HIS A 394 -18.08 -38.90 25.81
N ILE A 395 -17.93 -39.91 26.68
CA ILE A 395 -16.67 -40.60 26.87
C ILE A 395 -16.16 -41.13 25.54
N ASP A 396 -17.06 -41.77 24.80
CA ASP A 396 -16.72 -42.37 23.52
C ASP A 396 -16.15 -41.39 22.50
N ARG A 397 -16.44 -40.12 22.70
CA ARG A 397 -15.96 -39.09 21.80
C ARG A 397 -14.49 -38.78 21.99
N GLY A 398 -14.05 -38.82 23.25
CA GLY A 398 -12.66 -38.52 23.54
C GLY A 398 -11.76 -39.66 23.99
N TYR A 399 -12.33 -40.79 24.38
CA TYR A 399 -11.52 -41.93 24.82
C TYR A 399 -11.72 -43.20 24.00
N GLU A 400 -10.61 -43.81 23.60
CA GLU A 400 -10.67 -45.07 22.85
C GLU A 400 -10.73 -46.21 23.85
N ARG A 401 -11.88 -46.88 23.91
CA ARG A 401 -12.06 -48.00 24.83
C ARG A 401 -11.61 -47.80 26.28
N ILE A 402 -12.07 -46.71 26.89
CA ILE A 402 -11.69 -46.40 28.27
C ILE A 402 -12.07 -47.51 29.27
N GLU A 403 -13.11 -48.28 28.99
CA GLU A 403 -13.47 -49.37 29.91
C GLU A 403 -12.54 -50.59 29.98
N ASP A 404 -11.95 -50.95 28.83
CA ASP A 404 -11.01 -52.06 28.79
C ASP A 404 -9.72 -51.63 29.45
N LYS A 405 -9.33 -50.38 29.20
CA LYS A 405 -8.14 -49.82 29.80
C LYS A 405 -8.20 -49.79 31.32
N LEU A 406 -9.34 -49.36 31.83
CA LEU A 406 -9.59 -49.29 33.27
C LEU A 406 -9.72 -50.70 33.84
N ARG A 407 -10.43 -51.53 33.08
CA ARG A 407 -10.64 -52.91 33.45
C ARG A 407 -9.30 -53.61 33.68
N ALA A 408 -8.36 -53.36 32.76
CA ALA A 408 -7.04 -53.93 32.85
C ALA A 408 -6.29 -53.38 34.05
N LEU A 409 -6.83 -52.34 34.68
CA LEU A 409 -6.20 -51.76 35.87
C LEU A 409 -6.78 -52.23 37.21
N GLY A 410 -7.89 -52.97 37.12
CA GLY A 410 -8.56 -53.48 38.31
C GLY A 410 -9.99 -52.97 38.46
N ALA A 411 -10.41 -52.11 37.52
CA ALA A 411 -11.75 -51.55 37.61
C ALA A 411 -12.90 -52.55 37.39
N ASN A 412 -13.89 -52.44 38.27
CA ASN A 412 -15.08 -53.26 38.24
C ASN A 412 -16.05 -52.34 37.52
N ILE A 413 -16.05 -52.44 36.20
CA ILE A 413 -16.87 -51.56 35.38
C ILE A 413 -17.52 -52.33 34.24
N GLU A 414 -18.80 -52.06 34.06
CA GLU A 414 -19.60 -52.73 33.06
C GLU A 414 -20.42 -51.75 32.21
N ARG A 415 -20.41 -51.95 30.89
CA ARG A 415 -21.17 -51.10 29.99
C ARG A 415 -22.61 -51.56 29.79
N VAL A 416 -23.55 -50.93 30.51
CA VAL A 416 -24.95 -51.27 30.42
C VAL A 416 -25.65 -50.64 29.22
N LYS A 417 -26.35 -51.48 28.46
CA LYS A 417 -27.07 -51.02 27.27
C LYS A 417 -28.28 -50.10 27.37
N GLY A 418 -28.44 -49.44 28.51
CA GLY A 418 -29.55 -48.51 28.66
C GLY A 418 -30.31 -48.60 29.96
N GLU A 419 -30.10 -49.67 30.71
CA GLU A 419 -30.79 -49.86 31.99
C GLU A 419 -30.00 -50.51 33.14
N MET B 1 6.75 17.10 46.35
CA MET B 1 5.59 16.42 45.71
C MET B 1 5.06 17.28 44.57
N ASP B 2 5.66 17.18 43.40
CA ASP B 2 5.27 18.03 42.28
C ASP B 2 4.06 17.56 41.50
N LYS B 3 3.71 18.31 40.46
CA LYS B 3 2.48 18.08 39.76
C LYS B 3 2.42 18.75 38.39
N PHE B 4 2.13 18.00 37.32
CA PHE B 4 2.13 18.57 35.97
C PHE B 4 0.97 19.52 35.69
N ARG B 5 1.23 20.58 34.95
CA ARG B 5 0.24 21.56 34.56
C ARG B 5 0.16 21.38 33.03
N VAL B 6 -1.02 21.06 32.51
CA VAL B 6 -1.16 20.84 31.08
C VAL B 6 -2.30 21.63 30.45
N GLN B 7 -2.13 22.00 29.19
CA GLN B 7 -3.13 22.76 28.46
C GLN B 7 -3.33 22.34 27.01
N GLY B 8 -4.57 22.27 26.56
CA GLY B 8 -4.84 21.89 25.19
C GLY B 8 -6.09 22.56 24.65
N PRO B 9 -6.69 22.04 23.57
CA PRO B 9 -6.24 20.86 22.83
C PRO B 9 -4.96 21.08 22.05
N THR B 10 -4.04 20.12 22.14
CA THR B 10 -2.74 20.21 21.47
C THR B 10 -2.49 19.02 20.55
N ARG B 11 -1.99 19.30 19.35
CA ARG B 11 -1.67 18.22 18.43
C ARG B 11 -0.26 17.70 18.55
N LEU B 12 -0.13 16.49 19.10
CA LEU B 12 1.16 15.86 19.27
C LEU B 12 1.76 15.36 17.97
N GLN B 13 2.92 15.91 17.62
CA GLN B 13 3.64 15.55 16.41
C GLN B 13 5.13 15.80 16.42
N GLY B 14 5.85 15.14 15.53
CA GLY B 14 7.28 15.34 15.47
C GLY B 14 8.11 14.11 15.73
N GLU B 15 9.34 14.34 16.15
CA GLU B 15 10.28 13.28 16.44
C GLU B 15 10.76 13.14 17.88
N VAL B 16 10.74 11.92 18.36
CA VAL B 16 11.17 11.63 19.73
C VAL B 16 12.13 10.45 19.71
N THR B 17 13.11 10.50 20.59
CA THR B 17 14.10 9.44 20.72
C THR B 17 13.64 8.58 21.88
N ILE B 18 13.81 7.26 21.74
CA ILE B 18 13.39 6.32 22.76
C ILE B 18 14.53 5.98 23.70
N SER B 19 14.23 6.02 25.00
CA SER B 19 15.23 5.70 26.01
C SER B 19 15.34 4.20 26.25
N GLY B 20 16.27 3.82 27.13
CA GLY B 20 16.45 2.43 27.47
C GLY B 20 15.21 1.94 28.18
N ALA B 21 14.93 0.65 28.10
CA ALA B 21 13.73 0.12 28.74
C ALA B 21 13.91 -0.07 30.24
N LYS B 22 12.99 0.53 30.99
CA LYS B 22 12.95 0.42 32.45
C LYS B 22 12.95 -1.05 32.91
N ASN B 23 12.12 -1.86 32.25
CA ASN B 23 12.03 -3.29 32.59
C ASN B 23 13.19 -4.23 32.37
N ALA B 24 14.17 -3.79 31.57
CA ALA B 24 15.36 -4.59 31.31
C ALA B 24 16.49 -4.11 32.21
N ALA B 25 16.64 -2.78 32.29
CA ALA B 25 17.69 -2.18 33.12
C ALA B 25 17.59 -2.69 34.57
N LEU B 26 16.39 -2.70 35.11
CA LEU B 26 16.17 -3.18 36.48
C LEU B 26 16.68 -4.58 36.77
N PRO B 27 16.12 -5.61 36.09
CA PRO B 27 16.60 -6.97 36.34
C PRO B 27 18.07 -7.13 35.92
N ILE B 28 18.49 -6.43 34.87
CA ILE B 28 19.88 -6.51 34.44
C ILE B 28 20.75 -5.96 35.59
N LEU B 29 20.39 -4.77 36.08
CA LEU B 29 21.09 -4.14 37.21
C LEU B 29 21.16 -5.04 38.44
N PHE B 30 20.19 -5.95 38.57
CA PHE B 30 20.13 -6.89 39.69
C PHE B 30 20.97 -8.13 39.46
N ALA B 31 21.09 -8.49 38.18
CA ALA B 31 21.88 -9.66 37.80
C ALA B 31 23.32 -9.30 38.08
N ALA B 32 23.61 -8.01 37.99
CA ALA B 32 24.93 -7.47 38.26
C ALA B 32 25.50 -8.09 39.53
N LEU B 33 24.67 -8.16 40.58
CA LEU B 33 25.08 -8.76 41.84
C LEU B 33 25.87 -10.06 41.68
N LEU B 34 25.75 -10.65 40.51
CA LEU B 34 26.45 -11.90 40.17
C LEU B 34 27.83 -11.67 39.56
N ALA B 35 27.95 -10.59 38.80
CA ALA B 35 29.19 -10.23 38.11
C ALA B 35 30.38 -9.88 39.02
N GLU B 36 31.46 -10.67 38.89
CA GLU B 36 32.67 -10.47 39.67
C GLU B 36 33.61 -9.38 39.19
N GLU B 37 33.42 -8.96 37.93
CA GLU B 37 34.24 -7.91 37.34
C GLU B 37 33.43 -6.69 36.94
N PRO B 38 33.95 -5.49 37.20
CA PRO B 38 33.21 -4.28 36.83
C PRO B 38 32.42 -4.45 35.53
N VAL B 39 31.16 -4.06 35.56
CA VAL B 39 30.32 -4.18 34.39
C VAL B 39 29.79 -2.81 34.01
N GLU B 40 29.66 -2.56 32.70
CA GLU B 40 29.13 -1.30 32.22
C GLU B 40 27.80 -1.50 31.51
N ILE B 41 26.72 -1.07 32.15
CA ILE B 41 25.39 -1.21 31.58
C ILE B 41 25.01 0.05 30.81
N GLN B 42 24.80 -0.11 29.51
CA GLN B 42 24.48 1.01 28.63
C GLN B 42 23.01 1.30 28.33
N ASN B 43 22.72 2.55 27.98
CA ASN B 43 21.35 2.95 27.64
C ASN B 43 20.35 3.04 28.80
N VAL B 44 20.86 2.97 30.04
CA VAL B 44 20.05 3.04 31.25
C VAL B 44 19.41 4.42 31.46
N PRO B 45 18.07 4.50 31.45
CA PRO B 45 17.32 5.75 31.64
C PRO B 45 17.40 6.32 33.05
N LYS B 46 17.41 7.65 33.16
CA LYS B 46 17.45 8.31 34.47
C LYS B 46 16.10 8.17 35.18
N LEU B 47 15.96 7.12 35.97
CA LEU B 47 14.71 6.83 36.67
C LEU B 47 14.79 6.72 38.18
N LYS B 48 13.71 7.14 38.84
CA LYS B 48 13.64 7.07 40.29
C LYS B 48 14.05 5.68 40.75
N ASP B 49 13.51 4.68 40.04
CA ASP B 49 13.81 3.28 40.33
C ASP B 49 15.28 2.92 40.10
N ILE B 50 15.88 3.54 39.08
CA ILE B 50 17.28 3.31 38.77
C ILE B 50 18.09 3.86 39.94
N ASP B 51 17.70 5.04 40.41
CA ASP B 51 18.39 5.63 41.56
C ASP B 51 18.21 4.70 42.75
N THR B 52 16.96 4.35 43.02
CA THR B 52 16.62 3.47 44.15
C THR B 52 17.35 2.13 44.03
N THR B 53 17.54 1.66 42.80
CA THR B 53 18.25 0.39 42.59
C THR B 53 19.70 0.60 43.04
N MET B 54 20.31 1.68 42.56
CA MET B 54 21.68 1.99 42.95
C MET B 54 21.82 2.08 44.46
N LYS B 55 20.88 2.79 45.08
CA LYS B 55 20.86 2.95 46.52
C LYS B 55 20.88 1.57 47.15
N LEU B 56 20.02 0.69 46.64
CA LEU B 56 19.93 -0.68 47.13
C LEU B 56 21.24 -1.43 46.91
N LEU B 57 21.80 -1.27 45.71
CA LEU B 57 23.07 -1.92 45.40
C LEU B 57 24.16 -1.51 46.38
N THR B 58 24.29 -0.20 46.55
CA THR B 58 25.26 0.39 47.48
C THR B 58 25.17 -0.27 48.84
N GLN B 59 23.97 -0.25 49.43
CA GLN B 59 23.72 -0.85 50.74
C GLN B 59 24.23 -2.27 50.93
N LEU B 60 24.32 -3.03 49.85
CA LEU B 60 24.82 -4.39 49.91
C LEU B 60 26.32 -4.47 49.93
N GLY B 61 26.95 -3.32 49.67
CA GLY B 61 28.40 -3.26 49.63
C GLY B 61 28.82 -3.45 48.20
N THR B 62 28.33 -2.56 47.34
CA THR B 62 28.62 -2.61 45.92
C THR B 62 28.95 -1.23 45.39
N LYS B 63 29.97 -1.14 44.54
CA LYS B 63 30.34 0.15 43.96
C LYS B 63 29.42 0.49 42.80
N VAL B 64 28.75 1.63 42.91
CA VAL B 64 27.83 2.05 41.87
C VAL B 64 27.99 3.52 41.57
N GLU B 65 27.98 3.86 40.29
CA GLU B 65 28.11 5.23 39.80
C GLU B 65 27.60 5.36 38.36
N ARG B 66 27.05 6.51 38.01
CA ARG B 66 26.52 6.70 36.66
C ARG B 66 26.62 8.10 36.05
N IAS B 67 25.98 8.28 34.90
CA IAS B 67 25.96 9.59 34.23
C IAS B 67 24.76 10.44 34.65
O IAS B 67 24.22 10.19 35.74
CB IAS B 67 26.14 9.50 32.70
CG IAS B 67 25.07 8.68 32.04
OD1 IAS B 67 24.14 8.20 32.69
OXT IAS B 67 24.40 11.36 33.89
N GLY B 68 25.19 8.50 30.72
CA GLY B 68 24.20 7.71 30.00
C GLY B 68 24.27 6.24 30.35
N SER B 69 25.24 5.86 31.17
CA SER B 69 25.39 4.46 31.56
C SER B 69 25.73 4.21 33.02
N VAL B 70 25.49 2.99 33.51
CA VAL B 70 25.78 2.66 34.89
C VAL B 70 26.99 1.75 35.04
N TRP B 71 27.80 2.06 36.05
CA TRP B 71 29.00 1.30 36.37
C TRP B 71 28.75 0.53 37.65
N ILE B 72 28.95 -0.79 37.60
CA ILE B 72 28.72 -1.62 38.78
C ILE B 72 29.98 -2.38 39.17
N ASP B 73 30.14 -2.57 40.48
CA ASP B 73 31.29 -3.28 41.03
C ASP B 73 30.88 -4.23 42.15
N ALA B 74 30.32 -5.37 41.76
CA ALA B 74 29.85 -6.37 42.72
C ALA B 74 30.98 -7.17 43.36
N SER B 75 32.23 -6.74 43.14
CA SER B 75 33.39 -7.44 43.71
C SER B 75 33.33 -7.72 45.21
N ASN B 76 33.31 -6.67 46.01
CA ASN B 76 33.24 -6.78 47.46
C ASN B 76 31.86 -6.72 48.09
N VAL B 77 30.93 -7.51 47.56
CA VAL B 77 29.58 -7.53 48.08
C VAL B 77 29.59 -8.12 49.50
N ASN B 78 29.41 -7.25 50.48
CA ASN B 78 29.41 -7.65 51.88
C ASN B 78 28.06 -7.91 52.55
N ASN B 79 27.15 -6.95 52.43
CA ASN B 79 25.82 -7.05 53.01
C ASN B 79 24.79 -7.94 52.32
N PHE B 80 24.02 -8.70 53.11
CA PHE B 80 23.01 -9.63 52.58
C PHE B 80 21.52 -9.31 52.60
N SER B 81 21.15 -8.05 52.89
CA SER B 81 19.74 -7.68 52.93
C SER B 81 19.10 -6.47 52.29
N ALA B 82 17.87 -6.66 51.82
CA ALA B 82 17.10 -5.58 51.22
C ALA B 82 16.26 -5.00 52.36
N PRO B 83 16.41 -3.69 52.63
CA PRO B 83 15.69 -2.96 53.67
C PRO B 83 14.23 -2.63 53.38
N TYR B 84 13.39 -2.77 54.40
CA TYR B 84 11.96 -2.47 54.29
C TYR B 84 11.70 -1.24 53.44
N ASP B 85 12.39 -0.16 53.76
CA ASP B 85 12.22 1.09 53.03
C ASP B 85 12.37 1.00 51.52
N LEU B 86 13.36 0.23 51.08
CA LEU B 86 13.59 0.04 49.66
C LEU B 86 12.50 -0.79 49.00
N VAL B 87 12.21 -1.96 49.58
CA VAL B 87 11.17 -2.86 49.07
C VAL B 87 9.85 -2.09 48.99
N LYS B 88 9.66 -1.20 49.95
CA LYS B 88 8.47 -0.35 50.03
C LYS B 88 8.34 0.65 48.89
N THR B 89 9.44 1.33 48.59
CA THR B 89 9.44 2.34 47.53
C THR B 89 9.57 1.68 46.15
N MET B 90 10.04 0.45 46.15
CA MET B 90 10.25 -0.30 44.91
C MET B 90 10.12 -1.82 45.08
N ARG B 91 9.03 -2.40 44.55
CA ARG B 91 8.80 -3.85 44.66
C ARG B 91 9.92 -4.69 44.05
N ALA B 92 10.40 -4.23 42.90
CA ALA B 92 11.47 -4.89 42.15
C ALA B 92 12.63 -5.33 43.03
N SER B 93 12.71 -4.79 44.24
CA SER B 93 13.75 -5.13 45.21
C SER B 93 13.86 -6.61 45.56
N ILE B 94 12.79 -7.37 45.27
CA ILE B 94 12.74 -8.80 45.54
C ILE B 94 13.79 -9.46 44.64
N TRP B 95 14.04 -8.84 43.49
CA TRP B 95 15.03 -9.29 42.50
C TRP B 95 16.43 -9.61 43.03
N ALA B 96 16.84 -8.89 44.06
CA ALA B 96 18.16 -9.08 44.65
C ALA B 96 18.22 -10.40 45.39
N LEU B 97 17.08 -11.07 45.50
CA LEU B 97 17.04 -12.35 46.19
C LEU B 97 17.75 -13.57 45.59
N GLY B 98 17.51 -13.82 44.31
CA GLY B 98 18.13 -14.95 43.63
C GLY B 98 19.64 -14.81 43.65
N PRO B 99 20.16 -13.65 43.20
CA PRO B 99 21.59 -13.35 43.15
C PRO B 99 22.28 -13.54 44.51
N LEU B 100 21.67 -13.01 45.57
CA LEU B 100 22.25 -13.16 46.90
C LEU B 100 22.38 -14.58 47.38
N VAL B 101 21.35 -15.40 47.19
CA VAL B 101 21.40 -16.79 47.63
C VAL B 101 22.21 -17.68 46.69
N ALA B 102 22.25 -17.30 45.40
CA ALA B 102 23.01 -18.09 44.43
C ALA B 102 24.50 -17.87 44.69
N ARG B 103 24.91 -16.61 44.54
CA ARG B 103 26.29 -16.21 44.74
C ARG B 103 26.90 -16.25 46.13
N PHE B 104 26.11 -15.91 47.15
CA PHE B 104 26.58 -15.86 48.54
C PHE B 104 26.03 -16.87 49.55
N GLY B 105 25.22 -17.83 49.08
CA GLY B 105 24.66 -18.84 49.95
C GLY B 105 23.58 -18.35 50.92
N GLN B 106 23.31 -17.05 50.88
CA GLN B 106 22.30 -16.46 51.75
C GLN B 106 21.72 -15.18 51.19
N GLY B 107 20.53 -14.82 51.63
CA GLY B 107 19.91 -13.60 51.14
C GLY B 107 18.55 -13.32 51.74
N GLN B 108 18.39 -12.11 52.25
CA GLN B 108 17.12 -11.69 52.84
C GLN B 108 16.48 -10.47 52.22
N VAL B 109 15.17 -10.51 52.03
CA VAL B 109 14.47 -9.38 51.45
C VAL B 109 13.13 -9.13 52.13
N SER B 110 12.82 -7.86 52.35
CA SER B 110 11.57 -7.46 52.98
C SER B 110 10.40 -7.89 52.10
N LEU B 111 9.48 -8.67 52.66
CA LEU B 111 8.30 -9.14 51.93
C LEU B 111 7.40 -8.06 51.36
N PRO B 112 7.36 -7.90 50.03
CA PRO B 112 6.48 -6.86 49.48
C PRO B 112 5.03 -7.04 49.95
N GLY B 113 4.35 -5.92 50.18
CA GLY B 113 2.96 -5.96 50.62
C GLY B 113 2.05 -5.76 49.43
N GLY B 114 0.83 -5.29 49.66
CA GLY B 114 -0.09 -5.07 48.55
C GLY B 114 0.35 -3.99 47.58
N ASP B 115 -0.10 -4.11 46.34
CA ASP B 115 0.25 -3.12 45.33
C ASP B 115 -0.89 -2.26 44.80
N ALA B 116 -0.53 -1.12 44.24
CA ALA B 116 -1.52 -0.20 43.70
C ALA B 116 -2.47 -0.97 42.80
N ILE B 117 -1.89 -1.65 41.81
CA ILE B 117 -2.65 -2.42 40.83
C ILE B 117 -3.08 -3.82 41.28
N GLY B 118 -2.62 -4.25 42.45
CA GLY B 118 -2.99 -5.57 42.92
C GLY B 118 -2.06 -6.18 43.96
N ALA B 119 -2.51 -7.27 44.57
CA ALA B 119 -1.74 -7.97 45.60
C ALA B 119 -0.29 -8.21 45.19
N ARG B 120 -0.08 -8.69 43.97
CA ARG B 120 1.27 -8.93 43.49
C ARG B 120 2.18 -9.82 44.33
N PRO B 121 1.73 -11.04 44.67
CA PRO B 121 2.54 -11.95 45.49
C PRO B 121 3.81 -12.43 44.76
N VAL B 122 4.80 -12.83 45.56
CA VAL B 122 6.09 -13.31 45.07
C VAL B 122 6.21 -14.79 45.31
N ASP B 123 5.07 -15.47 45.43
CA ASP B 123 5.05 -16.91 45.66
C ASP B 123 5.91 -17.71 44.68
N LEU B 124 5.91 -17.30 43.42
CA LEU B 124 6.68 -17.97 42.39
C LEU B 124 8.18 -17.78 42.52
N HIS B 125 8.58 -16.62 43.01
CA HIS B 125 10.00 -16.33 43.20
C HIS B 125 10.51 -17.30 44.27
N ILE B 126 9.72 -17.42 45.33
CA ILE B 126 10.05 -18.25 46.48
C ILE B 126 10.00 -19.72 46.15
N PHE B 127 8.91 -20.16 45.53
CA PHE B 127 8.74 -21.56 45.17
C PHE B 127 9.84 -22.01 44.23
N GLY B 128 10.20 -21.12 43.30
CA GLY B 128 11.25 -21.44 42.36
C GLY B 128 12.55 -21.67 43.11
N LEU B 129 13.01 -20.67 43.86
CA LEU B 129 14.23 -20.80 44.63
C LEU B 129 14.29 -22.12 45.39
N GLU B 130 13.15 -22.54 45.93
CA GLU B 130 13.10 -23.80 46.66
C GLU B 130 13.36 -25.01 45.78
N LYS B 131 12.95 -24.91 44.52
CA LYS B 131 13.21 -26.00 43.56
C LYS B 131 14.70 -26.09 43.39
N LEU B 132 15.36 -24.94 43.55
CA LEU B 132 16.80 -24.82 43.44
C LEU B 132 17.54 -25.33 44.68
N GLY B 133 16.78 -25.67 45.71
CA GLY B 133 17.39 -26.19 46.93
C GLY B 133 17.49 -25.19 48.06
N ALA B 134 17.18 -23.93 47.79
CA ALA B 134 17.24 -22.90 48.81
C ALA B 134 16.22 -23.12 49.92
N GLU B 135 16.63 -22.89 51.17
CA GLU B 135 15.74 -23.02 52.31
C GLU B 135 15.16 -21.62 52.52
N ILE B 136 13.84 -21.50 52.60
CA ILE B 136 13.26 -20.17 52.75
C ILE B 136 12.25 -19.98 53.87
N LYS B 137 12.50 -18.94 54.66
CA LYS B 137 11.61 -18.62 55.76
C LYS B 137 11.17 -17.16 55.87
N LEU B 138 9.97 -16.93 56.40
CA LEU B 138 9.48 -15.57 56.59
C LEU B 138 9.65 -15.26 58.06
N GLU B 139 10.39 -14.19 58.35
CA GLU B 139 10.64 -13.78 59.73
C GLU B 139 10.66 -12.26 59.87
N GLU B 140 9.70 -11.72 60.62
CA GLU B 140 9.65 -10.27 60.82
C GLU B 140 9.42 -9.47 59.53
N GLY B 141 8.60 -10.03 58.64
CA GLY B 141 8.33 -9.37 57.38
C GLY B 141 9.45 -9.64 56.39
N TYR B 142 10.44 -10.41 56.81
CA TYR B 142 11.58 -10.71 55.94
C TYR B 142 11.60 -12.07 55.25
N VAL B 143 11.75 -12.06 53.93
CA VAL B 143 11.86 -13.31 53.18
C VAL B 143 13.33 -13.75 53.36
N LYS B 144 13.54 -14.81 54.15
CA LYS B 144 14.89 -15.33 54.46
C LYS B 144 15.41 -16.58 53.76
N ALA B 145 16.27 -16.39 52.78
CA ALA B 145 16.82 -17.51 52.02
C ALA B 145 18.26 -17.85 52.36
N SER B 146 18.57 -19.14 52.23
CA SER B 146 19.92 -19.64 52.49
C SER B 146 20.10 -21.00 51.85
N VAL B 147 21.34 -21.38 51.57
CA VAL B 147 21.58 -22.69 50.98
C VAL B 147 22.94 -23.29 51.33
N ASN B 148 22.92 -24.57 51.71
CA ASN B 148 24.12 -25.33 52.06
C ASN B 148 24.97 -25.59 50.82
N GLY B 149 25.89 -24.68 50.51
CA GLY B 149 26.73 -24.83 49.34
C GLY B 149 26.09 -24.21 48.11
N ARG B 150 25.85 -25.02 47.09
CA ARG B 150 25.26 -24.50 45.87
C ARG B 150 23.84 -24.92 45.53
N LEU B 151 23.15 -24.03 44.83
CA LEU B 151 21.78 -24.31 44.40
C LEU B 151 21.86 -25.41 43.35
N LYS B 152 21.08 -26.47 43.54
CA LYS B 152 21.06 -27.57 42.56
C LYS B 152 20.05 -27.32 41.45
N GLY B 153 20.47 -27.40 40.19
CA GLY B 153 19.53 -27.17 39.11
C GLY B 153 18.40 -28.18 39.15
N ALA B 154 17.21 -27.79 38.70
CA ALA B 154 16.06 -28.69 38.68
C ALA B 154 15.09 -28.36 37.54
N HIS B 155 14.18 -29.28 37.27
CA HIS B 155 13.15 -29.07 36.24
C HIS B 155 12.01 -28.31 36.96
N ILE B 156 11.67 -27.13 36.44
CA ILE B 156 10.63 -26.33 37.07
C ILE B 156 9.54 -25.90 36.10
N VAL B 157 8.28 -26.14 36.44
CA VAL B 157 7.20 -25.70 35.58
C VAL B 157 6.42 -24.62 36.33
N MET B 158 6.45 -23.41 35.78
CA MET B 158 5.77 -22.27 36.36
C MET B 158 4.24 -22.36 36.41
N ASP B 159 3.64 -22.21 37.60
CA ASP B 159 2.18 -22.24 37.68
C ASP B 159 1.54 -21.21 36.77
N LYS B 160 2.11 -20.01 36.78
CA LYS B 160 1.65 -18.93 35.94
C LYS B 160 2.80 -18.22 35.20
N VAL B 161 2.46 -17.42 34.19
CA VAL B 161 3.46 -16.71 33.42
C VAL B 161 3.93 -15.47 34.17
N SER B 162 4.98 -15.63 34.96
CA SER B 162 5.54 -14.52 35.73
C SER B 162 6.85 -14.02 35.18
N VAL B 163 6.88 -12.75 34.77
CA VAL B 163 8.09 -12.14 34.26
C VAL B 163 9.10 -12.12 35.41
N GLY B 164 8.68 -11.56 36.54
CA GLY B 164 9.57 -11.48 37.69
C GLY B 164 10.13 -12.81 38.14
N ALA B 165 9.26 -13.81 38.28
CA ALA B 165 9.71 -15.11 38.75
C ALA B 165 10.64 -15.78 37.72
N THR B 166 10.44 -15.44 36.45
CA THR B 166 11.27 -15.97 35.38
C THR B 166 12.67 -15.35 35.48
N VAL B 167 12.75 -14.06 35.83
CA VAL B 167 14.05 -13.41 35.97
C VAL B 167 14.81 -13.95 37.20
N THR B 168 14.10 -14.10 38.31
CA THR B 168 14.69 -14.59 39.55
C THR B 168 15.25 -15.99 39.43
N ILE B 169 14.49 -16.90 38.83
CA ILE B 169 14.96 -18.28 38.73
C ILE B 169 16.05 -18.38 37.67
N MET B 170 15.87 -17.69 36.55
CA MET B 170 16.89 -17.71 35.51
C MET B 170 18.21 -17.17 36.10
N SER B 171 18.13 -15.99 36.73
CA SER B 171 19.30 -15.38 37.36
C SER B 171 20.03 -16.27 38.37
N ALA B 172 19.29 -16.86 39.31
CA ALA B 172 19.88 -17.72 40.32
C ALA B 172 20.53 -18.97 39.75
N ALA B 173 19.90 -19.55 38.73
CA ALA B 173 20.38 -20.78 38.11
C ALA B 173 21.75 -20.68 37.42
N THR B 174 22.12 -19.50 36.93
CA THR B 174 23.40 -19.33 36.26
C THR B 174 24.58 -19.86 37.08
N LEU B 175 24.40 -19.92 38.40
CA LEU B 175 25.45 -20.41 39.30
C LEU B 175 25.11 -21.74 39.98
N ALA B 176 24.05 -22.39 39.50
CA ALA B 176 23.60 -23.65 40.08
C ALA B 176 24.34 -24.91 39.63
N GLU B 177 24.27 -25.94 40.46
CA GLU B 177 24.91 -27.22 40.16
C GLU B 177 24.05 -28.08 39.26
N GLY B 178 24.38 -28.12 37.97
CA GLY B 178 23.61 -28.93 37.06
C GLY B 178 22.81 -28.05 36.13
N THR B 179 21.89 -28.65 35.41
CA THR B 179 21.08 -27.89 34.48
C THR B 179 19.71 -27.55 35.03
N THR B 180 19.31 -26.31 34.80
CA THR B 180 18.02 -25.81 35.25
C THR B 180 17.14 -25.66 34.02
N ILE B 181 15.89 -26.04 34.18
CA ILE B 181 14.93 -25.93 33.10
C ILE B 181 13.72 -25.19 33.61
N ILE B 182 13.39 -24.08 32.95
CA ILE B 182 12.23 -23.30 33.36
C ILE B 182 11.17 -23.46 32.28
N GLU B 183 10.14 -24.21 32.59
CA GLU B 183 9.05 -24.46 31.67
C GLU B 183 7.86 -23.55 31.93
N ASN B 184 7.34 -22.96 30.87
CA ASN B 184 6.21 -22.01 30.97
C ASN B 184 6.72 -20.66 31.46
N ALA B 185 7.93 -20.36 31.03
CA ALA B 185 8.63 -19.14 31.34
C ALA B 185 8.04 -17.95 30.58
N ALA B 186 8.23 -16.75 31.12
CA ALA B 186 7.76 -15.52 30.50
C ALA B 186 8.61 -15.29 29.24
N ARG B 187 7.98 -14.74 28.20
CA ARG B 187 8.67 -14.50 26.93
C ARG B 187 9.01 -13.04 26.64
N GLU B 188 8.74 -12.18 27.62
CA GLU B 188 9.00 -10.75 27.52
C GLU B 188 10.35 -10.36 26.95
N PRO B 189 10.38 -9.32 26.10
CA PRO B 189 11.67 -8.89 25.54
C PRO B 189 12.74 -8.73 26.64
N GLU B 190 12.30 -8.28 27.81
CA GLU B 190 13.19 -8.08 28.97
C GLU B 190 13.87 -9.32 29.53
N ILE B 191 13.34 -10.50 29.19
CA ILE B 191 13.91 -11.77 29.64
C ILE B 191 15.00 -12.07 28.61
N VAL B 192 14.64 -11.95 27.34
CA VAL B 192 15.62 -12.16 26.27
C VAL B 192 16.80 -11.26 26.66
N ASP B 193 16.53 -9.97 26.87
CA ASP B 193 17.52 -8.96 27.26
C ASP B 193 18.41 -9.38 28.44
N THR B 194 17.76 -9.76 29.54
CA THR B 194 18.47 -10.15 30.75
C THR B 194 19.28 -11.42 30.54
N ALA B 195 18.72 -12.36 29.77
CA ALA B 195 19.38 -13.62 29.50
C ALA B 195 20.68 -13.34 28.73
N ASN B 196 20.58 -12.50 27.70
CA ASN B 196 21.74 -12.14 26.91
C ASN B 196 22.86 -11.52 27.74
N PHE B 197 22.45 -10.65 28.66
CA PHE B 197 23.35 -9.97 29.59
C PHE B 197 24.09 -11.01 30.44
N LEU B 198 23.35 -12.02 30.86
CA LEU B 198 23.90 -13.11 31.67
C LEU B 198 24.90 -13.98 30.91
N VAL B 199 24.58 -14.27 29.65
CA VAL B 199 25.45 -15.06 28.81
C VAL B 199 26.71 -14.20 28.59
N ALA B 200 26.49 -12.94 28.24
CA ALA B 200 27.60 -12.03 28.04
C ALA B 200 28.58 -12.08 29.22
N LEU B 201 28.08 -12.40 30.41
CA LEU B 201 28.92 -12.50 31.62
C LEU B 201 29.59 -13.86 31.78
N GLY B 202 29.35 -14.75 30.82
CA GLY B 202 29.92 -16.08 30.87
C GLY B 202 29.00 -17.15 31.41
N ALA B 203 27.69 -16.96 31.26
CA ALA B 203 26.70 -17.93 31.73
C ALA B 203 26.07 -18.69 30.56
N LYS B 204 25.73 -19.95 30.82
CA LYS B 204 25.13 -20.82 29.79
C LYS B 204 23.59 -20.83 29.74
N ILE B 205 23.03 -20.04 28.83
CA ILE B 205 21.58 -19.93 28.70
C ILE B 205 21.05 -20.07 27.26
N SER B 206 19.90 -20.72 27.15
CA SER B 206 19.22 -20.91 25.87
C SER B 206 17.71 -21.04 26.03
N GLY B 207 16.97 -20.73 24.98
CA GLY B 207 15.53 -20.82 25.03
C GLY B 207 14.90 -19.48 25.32
N GLN B 208 15.70 -18.54 25.82
CA GLN B 208 15.19 -17.21 26.15
C GLN B 208 14.33 -16.65 25.02
N GLY B 209 13.12 -16.26 25.34
CA GLY B 209 12.25 -15.73 24.31
C GLY B 209 11.17 -16.76 24.01
N THR B 210 11.40 -18.00 24.41
CA THR B 210 10.42 -19.06 24.19
C THR B 210 9.88 -19.48 25.55
N ASP B 211 8.94 -20.42 25.54
CA ASP B 211 8.37 -20.89 26.79
C ASP B 211 9.19 -21.87 27.62
N ARG B 212 10.38 -22.20 27.13
CA ARG B 212 11.26 -23.15 27.79
C ARG B 212 12.67 -22.59 27.88
N ILE B 213 13.12 -22.26 29.09
CA ILE B 213 14.46 -21.71 29.27
C ILE B 213 15.38 -22.70 29.95
N THR B 214 16.47 -23.06 29.29
CA THR B 214 17.41 -24.00 29.86
C THR B 214 18.68 -23.30 30.35
N ILE B 215 19.09 -23.64 31.56
CA ILE B 215 20.27 -23.04 32.17
C ILE B 215 21.26 -24.09 32.64
N GLU B 216 22.50 -23.96 32.16
CA GLU B 216 23.56 -24.87 32.56
C GLU B 216 24.42 -24.13 33.56
N GLY B 217 24.43 -24.62 34.79
CA GLY B 217 25.20 -23.97 35.84
C GLY B 217 26.68 -23.83 35.58
N VAL B 218 27.17 -22.60 35.70
CA VAL B 218 28.59 -22.32 35.50
C VAL B 218 29.22 -21.97 36.82
N GLU B 219 30.53 -22.11 36.91
CA GLU B 219 31.28 -21.83 38.13
C GLU B 219 31.33 -20.42 38.70
N ARG B 220 31.21 -19.42 37.84
CA ARG B 220 31.25 -18.03 38.24
C ARG B 220 31.05 -17.03 37.10
N LEU B 221 30.68 -15.80 37.43
CA LEU B 221 30.47 -14.77 36.42
C LEU B 221 31.38 -13.54 36.52
N GLY B 222 31.77 -13.00 35.37
CA GLY B 222 32.65 -11.85 35.36
C GLY B 222 32.02 -10.61 34.79
N GLY B 223 32.84 -9.60 34.51
CA GLY B 223 32.34 -8.35 33.97
C GLY B 223 32.01 -8.37 32.51
N GLY B 224 31.79 -7.18 31.94
CA GLY B 224 31.46 -7.05 30.54
C GLY B 224 30.76 -5.73 30.27
N VAL B 225 30.41 -5.50 29.01
CA VAL B 225 29.71 -4.28 28.62
C VAL B 225 28.40 -4.71 27.97
N TYR B 226 27.29 -4.18 28.47
CA TYR B 226 25.97 -4.51 27.95
C TYR B 226 25.05 -3.30 27.79
N ARG B 227 24.40 -3.21 26.64
CA ARG B 227 23.48 -2.12 26.35
C ARG B 227 22.02 -2.58 26.44
N VAL B 228 21.25 -1.94 27.31
CA VAL B 228 19.84 -2.29 27.47
C VAL B 228 19.08 -1.99 26.19
N LEU B 229 17.98 -2.70 25.96
CA LEU B 229 17.18 -2.50 24.76
C LEU B 229 16.21 -1.33 24.86
N PRO B 230 15.63 -0.94 23.72
CA PRO B 230 14.67 0.17 23.67
C PRO B 230 13.40 -0.10 24.51
N ASP B 231 12.88 0.95 25.13
CA ASP B 231 11.68 0.87 25.95
C ASP B 231 10.41 0.74 25.12
N ARG B 232 9.89 -0.49 25.04
CA ARG B 232 8.67 -0.73 24.27
C ARG B 232 7.45 0.07 24.75
N ILE B 233 7.30 0.18 26.08
CA ILE B 233 6.18 0.92 26.64
C ILE B 233 6.27 2.41 26.29
N GLU B 234 7.45 3.00 26.48
CA GLU B 234 7.66 4.40 26.13
C GLU B 234 7.29 4.62 24.66
N THR B 235 7.74 3.68 23.83
CA THR B 235 7.46 3.75 22.40
C THR B 235 5.96 3.68 22.13
N GLY B 236 5.27 2.83 22.89
CA GLY B 236 3.85 2.69 22.71
C GLY B 236 3.13 3.92 23.19
N THR B 237 3.58 4.43 24.34
CA THR B 237 2.97 5.62 24.89
C THR B 237 3.10 6.78 23.89
N PHE B 238 4.30 6.99 23.37
CA PHE B 238 4.49 8.04 22.38
C PHE B 238 3.68 7.83 21.10
N LEU B 239 3.67 6.60 20.60
CA LEU B 239 2.91 6.27 19.41
C LEU B 239 1.44 6.57 19.62
N VAL B 240 0.97 6.29 20.82
CA VAL B 240 -0.43 6.56 21.15
C VAL B 240 -0.61 8.05 21.30
N ALA B 241 0.32 8.69 22.00
CA ALA B 241 0.28 10.12 22.20
C ALA B 241 -0.05 10.76 20.86
N ALA B 242 0.74 10.39 19.87
CA ALA B 242 0.57 10.92 18.53
C ALA B 242 -0.66 10.42 17.78
N ALA B 243 -1.27 9.35 18.27
CA ALA B 243 -2.43 8.79 17.58
C ALA B 243 -3.74 9.38 18.06
N ILE B 244 -3.83 9.67 19.36
CA ILE B 244 -5.05 10.23 19.91
C ILE B 244 -5.21 11.69 19.54
N SER B 245 -4.12 12.30 19.08
CA SER B 245 -4.11 13.71 18.70
C SER B 245 -4.32 14.07 17.24
N GLY B 246 -4.24 13.07 16.37
CA GLY B 246 -4.40 13.30 14.94
C GLY B 246 -3.08 13.67 14.30
N GLY B 247 -2.00 13.59 15.07
CA GLY B 247 -0.70 13.95 14.54
C GLY B 247 0.13 12.87 13.93
N LYS B 248 1.41 13.18 13.76
CA LYS B 248 2.39 12.29 13.18
C LYS B 248 3.59 12.23 14.09
N ILE B 249 4.29 11.11 14.11
CA ILE B 249 5.44 10.99 14.98
C ILE B 249 6.42 9.95 14.45
N VAL B 250 7.65 10.00 14.95
CA VAL B 250 8.71 9.07 14.58
C VAL B 250 9.52 8.77 15.83
N CYS B 251 9.69 7.49 16.13
CA CYS B 251 10.45 7.12 17.32
C CYS B 251 11.87 6.72 16.98
N ARG B 252 12.82 7.22 17.76
CA ARG B 252 14.23 6.92 17.55
C ARG B 252 14.75 5.88 18.53
N ASN B 253 15.69 5.06 18.11
CA ASN B 253 16.24 4.01 18.95
C ASN B 253 15.15 3.04 19.41
N ALA B 254 14.13 2.92 18.60
CA ALA B 254 13.06 1.99 18.80
C ALA B 254 13.54 0.63 18.40
N GLN B 255 12.88 -0.40 18.91
CA GLN B 255 13.02 -1.74 18.40
C GLN B 255 11.66 -2.32 18.12
N PRO B 256 11.26 -2.31 16.88
CA PRO B 256 9.88 -2.56 16.51
C PRO B 256 9.29 -3.92 16.86
N ASP B 257 10.04 -4.99 16.77
CA ASP B 257 9.51 -6.32 16.95
C ASP B 257 9.23 -6.62 18.41
N THR B 258 9.51 -5.70 19.29
CA THR B 258 9.12 -5.85 20.67
C THR B 258 7.71 -5.40 20.91
N LEU B 259 7.05 -4.92 19.88
CA LEU B 259 5.69 -4.38 20.01
C LEU B 259 4.63 -4.65 18.93
N ASP B 260 4.79 -5.75 18.19
CA ASP B 260 3.84 -6.11 17.13
C ASP B 260 2.35 -5.97 17.45
N ALA B 261 1.98 -6.36 18.66
CA ALA B 261 0.61 -6.30 19.16
C ALA B 261 0.11 -4.85 19.20
N VAL B 262 0.90 -3.97 19.85
CA VAL B 262 0.57 -2.54 19.94
C VAL B 262 0.41 -1.95 18.53
N LEU B 263 1.41 -2.21 17.68
CA LEU B 263 1.38 -1.75 16.30
C LEU B 263 0.12 -2.16 15.52
N ALA B 264 -0.24 -3.44 15.62
CA ALA B 264 -1.40 -3.94 14.90
C ALA B 264 -2.65 -3.23 15.39
N LYS B 265 -2.77 -3.09 16.71
CA LYS B 265 -3.92 -2.38 17.30
C LYS B 265 -4.02 -0.96 16.77
N LEU B 266 -2.88 -0.28 16.72
CA LEU B 266 -2.83 1.08 16.19
C LEU B 266 -3.38 1.12 14.77
N ARG B 267 -3.09 0.08 14.00
CA ARG B 267 -3.61 -0.03 12.63
C ARG B 267 -5.11 -0.25 12.62
N GLU B 268 -5.59 -1.00 13.61
CA GLU B 268 -7.02 -1.26 13.71
C GLU B 268 -7.68 0.09 14.05
N ALA B 269 -6.92 0.93 14.74
CA ALA B 269 -7.36 2.26 15.13
C ALA B 269 -7.28 3.19 13.91
N GLY B 270 -6.85 2.64 12.76
CA GLY B 270 -6.74 3.42 11.54
C GLY B 270 -5.50 4.27 11.37
N ALA B 271 -4.45 4.01 12.14
CA ALA B 271 -3.22 4.79 12.05
C ALA B 271 -2.19 4.27 11.05
N ASP B 272 -1.75 5.15 10.16
CA ASP B 272 -0.75 4.79 9.16
C ASP B 272 0.65 4.63 9.73
N ILE B 273 1.06 3.38 9.96
CA ILE B 273 2.36 3.09 10.53
C ILE B 273 3.35 2.51 9.55
N GLU B 274 4.64 2.70 9.80
CA GLU B 274 5.69 2.06 9.03
C GLU B 274 6.91 1.80 9.90
N THR B 275 7.63 0.74 9.62
CA THR B 275 8.73 0.40 10.45
C THR B 275 9.96 0.20 9.65
N GLY B 276 11.05 0.35 10.34
CA GLY B 276 12.32 0.28 9.72
C GLY B 276 13.05 -0.48 10.75
N GLU B 277 14.23 -0.91 10.45
CA GLU B 277 14.89 -1.76 11.38
C GLU B 277 15.09 -1.03 12.69
N ASP B 278 15.11 0.28 12.66
CA ASP B 278 15.42 1.07 13.84
C ASP B 278 14.37 2.02 14.36
N TRP B 279 13.24 2.11 13.70
CA TRP B 279 12.41 3.23 13.93
C TRP B 279 10.99 2.96 13.58
N ILE B 280 10.12 3.79 14.09
CA ILE B 280 8.69 3.57 13.91
C ILE B 280 8.06 4.90 13.59
N SER B 281 7.16 4.91 12.60
CA SER B 281 6.49 6.15 12.23
C SER B 281 4.99 6.04 12.17
N LEU B 282 4.31 6.84 12.98
CA LEU B 282 2.87 6.84 13.02
C LEU B 282 2.28 8.12 12.45
N ASP B 283 1.30 7.97 11.57
CA ASP B 283 0.66 9.12 10.95
C ASP B 283 -0.86 9.00 10.97
N MET B 284 -1.50 9.87 11.73
CA MET B 284 -2.95 9.85 11.82
C MET B 284 -3.69 10.52 10.68
N HIS B 285 -2.94 11.27 9.88
CA HIS B 285 -3.53 11.99 8.76
C HIS B 285 -4.59 12.96 9.26
N GLY B 286 -4.36 13.50 10.46
CA GLY B 286 -5.30 14.43 11.06
C GLY B 286 -6.60 13.71 11.40
N LYS B 287 -6.61 12.41 11.19
CA LYS B 287 -7.79 11.60 11.47
C LYS B 287 -7.96 11.25 12.95
N ARG B 288 -9.21 11.08 13.35
CA ARG B 288 -9.54 10.72 14.72
C ARG B 288 -9.48 9.18 14.89
N PRO B 289 -8.89 8.69 16.00
CA PRO B 289 -8.77 7.26 16.26
C PRO B 289 -10.09 6.49 16.18
N LYS B 290 -10.00 5.22 15.82
CA LYS B 290 -11.16 4.34 15.70
C LYS B 290 -11.18 3.38 16.89
N ALA B 291 -12.33 3.25 17.55
CA ALA B 291 -12.45 2.37 18.70
C ALA B 291 -11.95 0.96 18.38
N VAL B 292 -11.19 0.38 19.31
CA VAL B 292 -10.66 -0.97 19.13
C VAL B 292 -10.94 -1.85 20.36
N THR B 293 -10.56 -3.12 20.26
CA THR B 293 -10.75 -4.08 21.33
C THR B 293 -9.41 -4.56 21.87
N VAL B 294 -9.29 -4.69 23.18
CA VAL B 294 -8.02 -5.09 23.75
C VAL B 294 -8.09 -6.10 24.88
N ARG B 295 -7.17 -7.04 24.82
CA ARG B 295 -7.04 -8.09 25.80
C ARG B 295 -5.58 -8.22 26.20
N THR B 296 -5.28 -7.91 27.46
CA THR B 296 -3.90 -8.03 27.92
C THR B 296 -3.63 -9.49 28.27
N ALA B 297 -2.44 -9.96 27.90
CA ALA B 297 -1.96 -11.31 28.15
C ALA B 297 -0.44 -11.19 28.12
N PRO B 298 0.28 -12.27 28.49
CA PRO B 298 1.74 -12.14 28.47
C PRO B 298 2.31 -11.94 27.06
N HIS B 299 3.53 -11.45 26.99
CA HIS B 299 4.18 -11.23 25.70
C HIS B 299 4.08 -12.50 24.86
N PRO B 300 3.92 -12.40 23.52
CA PRO B 300 3.83 -11.24 22.63
C PRO B 300 2.45 -10.63 22.41
N ALA B 301 1.48 -10.93 23.26
CA ALA B 301 0.15 -10.34 23.08
C ALA B 301 0.15 -8.90 23.65
N PHE B 302 -0.98 -8.22 23.61
CA PHE B 302 -1.10 -6.86 24.14
C PHE B 302 -0.70 -6.74 25.64
N PRO B 303 0.37 -5.97 25.93
CA PRO B 303 0.89 -5.76 27.28
C PRO B 303 0.02 -4.92 28.21
N THR B 304 -0.04 -5.32 29.47
CA THR B 304 -0.83 -4.58 30.43
C THR B 304 -0.25 -3.15 30.58
N ASP B 305 1.06 -3.01 30.42
CA ASP B 305 1.74 -1.70 30.49
C ASP B 305 1.27 -0.68 29.44
N MET B 306 0.48 -1.15 28.48
CA MET B 306 -0.06 -0.27 27.43
C MET B 306 -1.57 -0.11 27.61
N GLN B 307 -2.09 -0.79 28.62
CA GLN B 307 -3.53 -0.79 28.94
C GLN B 307 -4.22 0.55 29.18
N ALA B 308 -3.71 1.31 30.16
CA ALA B 308 -4.26 2.62 30.48
C ALA B 308 -4.18 3.50 29.23
N GLN B 309 -3.03 3.44 28.54
CA GLN B 309 -2.83 4.20 27.31
C GLN B 309 -3.92 3.98 26.24
N PHE B 310 -4.30 2.71 26.05
CA PHE B 310 -5.34 2.34 25.08
C PHE B 310 -6.76 2.70 25.54
N THR B 311 -6.96 2.75 26.86
CA THR B 311 -8.26 3.11 27.37
C THR B 311 -8.51 4.56 26.96
N LEU B 312 -7.46 5.36 27.06
CA LEU B 312 -7.54 6.75 26.67
C LEU B 312 -7.97 6.82 25.21
N LEU B 313 -7.22 6.11 24.37
CA LEU B 313 -7.51 6.03 22.94
C LEU B 313 -8.97 5.67 22.71
N ASN B 314 -9.41 4.57 23.30
CA ASN B 314 -10.82 4.19 23.17
C ASN B 314 -11.72 5.36 23.59
N LEU B 315 -11.41 5.93 24.76
CA LEU B 315 -12.18 7.04 25.32
C LEU B 315 -12.55 8.24 24.44
N VAL B 316 -11.62 8.58 23.54
CA VAL B 316 -11.77 9.70 22.62
C VAL B 316 -11.78 9.18 21.19
N ALA B 317 -12.21 7.93 21.00
CA ALA B 317 -12.24 7.34 19.68
C ALA B 317 -13.65 7.16 19.10
N GLU B 318 -13.70 7.03 17.78
CA GLU B 318 -14.98 6.84 17.11
C GLU B 318 -15.61 5.50 17.45
N GLY B 319 -16.78 5.52 18.10
CA GLY B 319 -17.45 4.28 18.45
C GLY B 319 -17.11 3.73 19.82
N THR B 320 -17.75 2.64 20.21
CA THR B 320 -17.46 2.03 21.51
C THR B 320 -16.26 1.10 21.40
N GLY B 321 -15.57 0.88 22.52
CA GLY B 321 -14.40 0.02 22.53
C GLY B 321 -14.26 -0.74 23.83
N VAL B 322 -13.87 -2.02 23.73
CA VAL B 322 -13.75 -2.88 24.90
C VAL B 322 -12.31 -3.20 25.26
N ILE B 323 -12.01 -3.16 26.56
CA ILE B 323 -10.67 -3.45 27.07
C ILE B 323 -10.76 -4.40 28.27
N THR B 324 -10.06 -5.52 28.16
CA THR B 324 -10.08 -6.52 29.22
C THR B 324 -8.68 -6.71 29.78
N GLU B 325 -8.57 -6.67 31.10
CA GLU B 325 -7.29 -6.82 31.76
C GLU B 325 -7.13 -8.19 32.43
N THR B 326 -6.23 -9.03 31.93
CA THR B 326 -6.06 -10.36 32.51
C THR B 326 -4.84 -10.54 33.41
N ILE B 327 -3.96 -9.53 33.43
CA ILE B 327 -2.75 -9.59 34.26
C ILE B 327 -2.94 -9.01 35.65
N PHE B 328 -3.49 -7.81 35.71
CA PHE B 328 -3.70 -7.13 36.99
C PHE B 328 -5.14 -6.93 37.43
N GLU B 329 -5.42 -7.30 38.67
CA GLU B 329 -6.76 -7.16 39.23
C GLU B 329 -7.33 -5.76 39.35
N ASN B 330 -6.54 -4.85 39.89
CA ASN B 330 -6.96 -3.49 40.13
C ASN B 330 -6.26 -2.47 39.25
N ARG B 331 -6.38 -2.64 37.94
CA ARG B 331 -5.71 -1.72 37.02
C ARG B 331 -6.53 -0.73 36.21
N PHE B 332 -7.62 -0.28 36.82
CA PHE B 332 -8.51 0.68 36.19
C PHE B 332 -8.55 2.06 36.86
N MET B 333 -7.68 2.28 37.84
CA MET B 333 -7.62 3.56 38.55
C MET B 333 -7.80 4.80 37.65
N HIS B 334 -7.11 4.81 36.52
CA HIS B 334 -7.20 5.89 35.52
C HIS B 334 -8.62 6.18 34.97
N VAL B 335 -9.48 5.16 34.99
CA VAL B 335 -10.82 5.34 34.46
C VAL B 335 -11.60 6.46 35.16
N PRO B 336 -11.88 6.33 36.47
CA PRO B 336 -12.62 7.38 37.18
C PRO B 336 -12.01 8.77 37.00
N GLU B 337 -10.68 8.82 36.90
CA GLU B 337 -9.98 10.08 36.66
C GLU B 337 -10.40 10.59 35.29
N LEU B 338 -10.31 9.70 34.29
CA LEU B 338 -10.69 10.04 32.93
C LEU B 338 -12.13 10.55 32.81
N ILE B 339 -13.02 9.91 33.55
CA ILE B 339 -14.42 10.31 33.55
C ILE B 339 -14.51 11.77 34.06
N ARG B 340 -13.69 12.10 35.07
CA ARG B 340 -13.62 13.45 35.62
C ARG B 340 -13.36 14.44 34.51
N MET B 341 -12.80 13.92 33.42
CA MET B 341 -12.50 14.70 32.23
C MET B 341 -13.57 14.65 31.14
N GLY B 342 -14.73 14.09 31.48
CA GLY B 342 -15.82 14.01 30.52
C GLY B 342 -15.92 12.78 29.64
N ALA B 343 -15.19 11.72 29.99
CA ALA B 343 -15.20 10.49 29.21
C ALA B 343 -16.35 9.63 29.69
N HIS B 344 -16.92 8.85 28.76
CA HIS B 344 -18.03 7.94 29.07
C HIS B 344 -17.49 6.51 29.16
N ALA B 345 -17.35 6.00 30.37
CA ALA B 345 -16.84 4.64 30.52
C ALA B 345 -17.60 3.86 31.58
N GLU B 346 -17.78 2.57 31.31
CA GLU B 346 -18.45 1.66 32.23
C GLU B 346 -17.49 0.53 32.57
N ILE B 347 -17.34 0.22 33.85
CA ILE B 347 -16.47 -0.88 34.26
C ILE B 347 -17.32 -2.08 34.66
N GLU B 348 -16.91 -3.24 34.18
CA GLU B 348 -17.58 -4.50 34.49
C GLU B 348 -16.51 -5.51 34.85
N SER B 349 -16.23 -5.66 36.14
CA SER B 349 -15.22 -6.62 36.54
C SER B 349 -13.79 -6.26 36.05
N ASN B 350 -13.27 -7.05 35.12
CA ASN B 350 -11.94 -6.84 34.57
C ASN B 350 -12.02 -6.25 33.16
N THR B 351 -13.21 -5.76 32.83
CA THR B 351 -13.44 -5.18 31.52
C THR B 351 -13.97 -3.76 31.61
N VAL B 352 -13.52 -2.91 30.72
CA VAL B 352 -14.01 -1.54 30.68
C VAL B 352 -14.57 -1.24 29.31
N ILE B 353 -15.84 -0.87 29.27
CA ILE B 353 -16.49 -0.56 28.01
C ILE B 353 -16.31 0.92 27.77
N CYS B 354 -15.55 1.25 26.73
CA CYS B 354 -15.26 2.62 26.37
C CYS B 354 -16.16 3.25 25.34
N HIS B 355 -16.94 4.24 25.78
CA HIS B 355 -17.82 4.99 24.89
C HIS B 355 -17.06 6.20 24.38
N GLY B 356 -16.53 6.09 23.17
CA GLY B 356 -15.77 7.19 22.61
C GLY B 356 -16.51 8.50 22.60
N VAL B 357 -15.84 9.54 23.10
CA VAL B 357 -16.42 10.88 23.13
C VAL B 357 -15.61 11.79 22.22
N GLU B 358 -16.28 12.83 21.75
CA GLU B 358 -15.68 13.82 20.87
C GLU B 358 -14.54 14.61 21.50
N LYS B 359 -14.76 15.08 22.73
CA LYS B 359 -13.74 15.84 23.42
C LYS B 359 -13.60 15.74 24.94
N LEU B 360 -12.42 16.11 25.43
CA LEU B 360 -12.11 16.08 26.85
C LEU B 360 -11.87 17.46 27.47
N SER B 361 -12.50 17.72 28.60
CA SER B 361 -12.29 18.97 29.31
C SER B 361 -11.20 18.93 30.35
N GLY B 362 -10.43 20.01 30.43
CA GLY B 362 -9.37 20.06 31.42
C GLY B 362 -9.98 19.85 32.79
N ALA B 363 -9.17 19.36 33.72
CA ALA B 363 -9.65 19.12 35.08
C ALA B 363 -8.50 18.63 35.89
N GLN B 364 -8.61 18.78 37.19
CA GLN B 364 -7.60 18.32 38.10
C GLN B 364 -7.77 16.80 38.27
N VAL B 365 -6.69 16.04 38.16
CA VAL B 365 -6.77 14.58 38.29
C VAL B 365 -5.60 14.01 39.07
N MET B 366 -5.75 12.76 39.49
CA MET B 366 -4.72 12.11 40.29
C MET B 366 -3.97 10.94 39.68
N ALA B 367 -2.66 11.09 39.52
CA ALA B 367 -1.84 10.01 38.98
C ALA B 367 -1.76 9.00 40.12
N THR B 368 -1.85 7.72 39.78
CA THR B 368 -1.82 6.67 40.79
C THR B 368 -0.87 5.54 40.42
N ASP B 369 -0.79 5.26 39.13
CA ASP B 369 0.01 4.16 38.58
C ASP B 369 1.15 4.63 37.67
N LEU B 370 2.33 4.05 37.82
CA LEU B 370 3.44 4.43 36.95
C LEU B 370 3.22 4.23 35.45
N ARG B 371 2.00 3.84 35.09
CA ARG B 371 1.57 3.61 33.71
C ARG B 371 0.34 4.44 33.32
N ALA B 372 -0.53 4.67 34.31
CA ALA B 372 -1.72 5.49 34.11
C ALA B 372 -1.26 6.95 34.12
N SER B 373 -0.32 7.27 35.01
CA SER B 373 0.21 8.63 35.06
C SER B 373 0.35 9.20 33.66
N ALA B 374 1.07 8.47 32.81
CA ALA B 374 1.29 8.88 31.43
C ALA B 374 -0.04 9.03 30.71
N SER B 375 -1.03 8.26 31.13
CA SER B 375 -2.36 8.34 30.52
C SER B 375 -3.09 9.65 30.79
N LEU B 376 -3.01 10.11 32.03
CA LEU B 376 -3.63 11.37 32.44
C LEU B 376 -2.97 12.55 31.72
N VAL B 377 -1.64 12.53 31.69
CA VAL B 377 -0.87 13.56 31.01
C VAL B 377 -1.27 13.61 29.54
N LEU B 378 -1.26 12.46 28.86
CA LEU B 378 -1.67 12.45 27.48
C LEU B 378 -3.07 13.05 27.38
N ALA B 379 -3.94 12.64 28.30
CA ALA B 379 -5.32 13.12 28.34
C ALA B 379 -5.37 14.65 28.36
N GLY B 380 -4.47 15.25 29.14
CA GLY B 380 -4.41 16.69 29.22
C GLY B 380 -3.93 17.25 27.89
N CYS B 381 -2.88 16.62 27.35
CA CYS B 381 -2.33 17.03 26.06
C CYS B 381 -3.34 17.18 24.93
N ILE B 382 -4.53 16.62 25.09
CA ILE B 382 -5.55 16.71 24.05
C ILE B 382 -6.87 17.23 24.57
N ALA B 383 -6.92 17.57 25.85
CA ALA B 383 -8.16 18.08 26.43
C ALA B 383 -8.36 19.59 26.26
N GLU B 384 -9.60 20.00 26.10
CA GLU B 384 -9.96 21.40 25.95
C GLU B 384 -9.85 22.11 27.29
N GLY B 385 -8.79 22.88 27.50
CA GLY B 385 -8.63 23.61 28.75
C GLY B 385 -7.34 23.35 29.50
N THR B 386 -7.40 23.46 30.82
CA THR B 386 -6.24 23.24 31.68
C THR B 386 -6.44 21.98 32.51
N THR B 387 -5.38 21.17 32.63
CA THR B 387 -5.44 19.93 33.38
C THR B 387 -4.25 19.83 34.31
N VAL B 388 -4.52 19.58 35.58
CA VAL B 388 -3.46 19.44 36.56
C VAL B 388 -3.45 17.98 37.01
N VAL B 389 -2.29 17.35 36.96
CA VAL B 389 -2.15 15.96 37.37
C VAL B 389 -1.31 15.86 38.63
N ASP B 390 -1.93 15.41 39.72
CA ASP B 390 -1.25 15.25 41.01
C ASP B 390 -0.34 14.06 41.17
N ARG B 391 0.50 14.10 42.20
CA ARG B 391 1.42 13.01 42.46
C ARG B 391 2.15 12.51 41.22
N ILE B 392 2.61 13.42 40.35
CA ILE B 392 3.27 12.98 39.15
C ILE B 392 4.59 12.29 39.43
N TYR B 393 4.90 12.05 40.70
CA TYR B 393 6.12 11.34 41.01
C TYR B 393 6.10 9.99 40.31
N HIS B 394 4.91 9.42 40.18
CA HIS B 394 4.69 8.14 39.52
C HIS B 394 5.37 8.06 38.17
N ILE B 395 5.18 9.11 37.38
CA ILE B 395 5.76 9.22 36.06
C ILE B 395 7.27 9.04 36.19
N ASP B 396 7.87 9.83 37.08
CA ASP B 396 9.32 9.78 37.30
C ASP B 396 9.90 8.40 37.60
N ARG B 397 9.03 7.45 37.88
CA ARG B 397 9.47 6.09 38.17
C ARG B 397 9.86 5.33 36.92
N GLY B 398 9.09 5.53 35.86
CA GLY B 398 9.36 4.84 34.61
C GLY B 398 9.41 5.74 33.38
N TYR B 399 9.41 7.05 33.61
CA TYR B 399 9.47 8.00 32.52
C TYR B 399 10.60 9.03 32.51
N GLU B 400 11.55 8.82 31.60
CA GLU B 400 12.66 9.76 31.47
C GLU B 400 12.30 11.05 30.73
N ARG B 401 12.19 12.13 31.48
CA ARG B 401 11.88 13.44 30.91
C ARG B 401 10.62 13.55 30.04
N ILE B 402 9.59 12.78 30.38
CA ILE B 402 8.36 12.79 29.58
C ILE B 402 7.76 14.18 29.32
N GLU B 403 7.99 15.15 30.21
CA GLU B 403 7.47 16.50 29.95
C GLU B 403 8.27 17.12 28.82
N ASP B 404 9.58 16.87 28.86
CA ASP B 404 10.49 17.35 27.84
C ASP B 404 10.06 16.78 26.49
N LYS B 405 10.04 15.45 26.42
CA LYS B 405 9.64 14.75 25.21
C LYS B 405 8.30 15.26 24.67
N LEU B 406 7.29 15.28 25.51
CA LEU B 406 5.97 15.78 25.09
C LEU B 406 6.06 17.21 24.56
N ARG B 407 6.87 18.03 25.21
CA ARG B 407 7.02 19.41 24.76
C ARG B 407 7.64 19.51 23.37
N ALA B 408 8.70 18.73 23.13
CA ALA B 408 9.35 18.69 21.83
C ALA B 408 8.29 18.29 20.82
N LEU B 409 7.35 17.47 21.26
CA LEU B 409 6.27 17.01 20.41
C LEU B 409 5.18 18.06 20.26
N GLY B 410 5.46 19.25 20.79
CA GLY B 410 4.52 20.34 20.71
C GLY B 410 3.42 20.25 21.75
N ALA B 411 3.79 20.29 23.03
CA ALA B 411 2.82 20.19 24.10
C ALA B 411 2.92 21.33 25.11
N ASN B 412 1.78 21.69 25.68
CA ASN B 412 1.71 22.75 26.69
C ASN B 412 1.85 22.15 28.08
N ILE B 413 3.03 21.63 28.41
CA ILE B 413 3.23 21.02 29.71
C ILE B 413 4.30 21.71 30.57
N GLU B 414 3.97 21.95 31.84
CA GLU B 414 4.86 22.61 32.79
C GLU B 414 4.90 21.91 34.16
N ARG B 415 6.09 21.57 34.63
CA ARG B 415 6.24 20.90 35.91
C ARG B 415 6.11 21.75 37.19
N VAL B 416 4.91 22.24 37.47
CA VAL B 416 4.69 23.06 38.65
C VAL B 416 5.16 22.35 39.91
N LYS B 417 5.55 23.13 40.91
CA LYS B 417 6.04 22.58 42.17
C LYS B 417 5.71 23.50 43.34
N GLY B 418 6.09 23.09 44.54
CA GLY B 418 5.84 23.87 45.74
C GLY B 418 4.38 23.83 46.16
N GLU B 419 3.73 25.00 46.14
CA GLU B 419 2.32 25.09 46.52
C GLU B 419 2.05 26.40 47.25
N MET C 1 3.21 11.63 59.08
CA MET C 1 2.03 10.81 59.34
C MET C 1 2.14 10.04 60.66
N ASP C 2 1.06 9.96 61.40
CA ASP C 2 1.05 9.14 62.59
C ASP C 2 1.11 7.65 62.30
N LYS C 3 1.57 6.86 63.26
CA LYS C 3 1.64 5.42 63.16
C LYS C 3 1.24 4.81 64.46
N PHE C 4 0.81 3.58 64.45
CA PHE C 4 0.57 2.89 65.69
C PHE C 4 1.69 1.92 65.86
N ARG C 5 2.17 1.79 67.06
CA ARG C 5 3.23 0.85 67.41
C ARG C 5 2.53 -0.10 68.38
N VAL C 6 2.41 -1.37 68.00
CA VAL C 6 1.71 -2.33 68.84
C VAL C 6 2.57 -3.51 69.23
N GLN C 7 2.33 -4.03 70.43
CA GLN C 7 3.04 -5.19 70.96
C GLN C 7 2.14 -6.31 71.46
N GLY C 8 2.47 -7.53 71.08
CA GLY C 8 1.67 -8.68 71.51
C GLY C 8 2.54 -9.90 71.68
N PRO C 9 1.94 -11.09 71.87
CA PRO C 9 0.50 -11.35 71.94
C PRO C 9 -0.20 -10.69 73.11
N THR C 10 -1.48 -10.41 72.94
CA THR C 10 -2.26 -9.75 73.97
C THR C 10 -3.73 -10.16 74.00
N ARG C 11 -4.20 -10.58 75.17
CA ARG C 11 -5.61 -10.93 75.31
C ARG C 11 -6.53 -9.73 75.48
N LEU C 12 -7.39 -9.50 74.49
CA LEU C 12 -8.33 -8.39 74.51
C LEU C 12 -9.56 -8.76 75.31
N GLN C 13 -9.77 -8.06 76.42
CA GLN C 13 -10.89 -8.33 77.30
C GLN C 13 -11.38 -7.16 78.12
N GLY C 14 -12.67 -7.18 78.47
CA GLY C 14 -13.21 -6.09 79.25
C GLY C 14 -14.48 -5.48 78.71
N GLU C 15 -14.72 -4.24 79.09
CA GLU C 15 -15.92 -3.53 78.67
C GLU C 15 -15.58 -2.41 77.70
N VAL C 16 -16.49 -2.12 76.78
CA VAL C 16 -16.27 -1.06 75.81
C VAL C 16 -17.61 -0.38 75.51
N THR C 17 -17.56 0.93 75.28
CA THR C 17 -18.75 1.72 74.99
C THR C 17 -18.76 2.14 73.51
N ILE C 18 -19.81 1.72 72.80
CA ILE C 18 -19.95 2.02 71.39
C ILE C 18 -20.30 3.48 71.11
N SER C 19 -19.62 4.06 70.13
CA SER C 19 -19.85 5.45 69.73
C SER C 19 -20.99 5.55 68.68
N GLY C 20 -21.49 6.76 68.48
CA GLY C 20 -22.52 6.93 67.47
C GLY C 20 -21.97 6.45 66.14
N ALA C 21 -22.85 5.95 65.28
CA ALA C 21 -22.45 5.44 63.98
C ALA C 21 -21.91 6.50 63.01
N LYS C 22 -20.73 6.23 62.47
CA LYS C 22 -20.10 7.12 61.48
C LYS C 22 -21.05 7.27 60.31
N ASN C 23 -21.57 6.12 59.87
CA ASN C 23 -22.49 6.07 58.75
C ASN C 23 -23.89 6.63 58.85
N ALA C 24 -24.30 6.97 60.07
CA ALA C 24 -25.58 7.58 60.32
C ALA C 24 -25.35 9.08 60.45
N ALA C 25 -24.32 9.46 61.22
CA ALA C 25 -23.99 10.87 61.44
C ALA C 25 -23.73 11.61 60.13
N LEU C 26 -22.90 11.05 59.26
CA LEU C 26 -22.60 11.69 57.99
C LEU C 26 -23.80 12.14 57.17
N PRO C 27 -24.65 11.19 56.73
CA PRO C 27 -25.82 11.50 55.91
C PRO C 27 -26.84 12.41 56.61
N ILE C 28 -26.84 12.40 57.94
CA ILE C 28 -27.72 13.24 58.71
C ILE C 28 -27.16 14.66 58.70
N LEU C 29 -25.84 14.80 58.79
CA LEU C 29 -25.22 16.13 58.74
C LEU C 29 -25.51 16.82 57.41
N PHE C 30 -25.47 16.04 56.34
CA PHE C 30 -25.78 16.58 55.01
C PHE C 30 -27.28 16.88 54.85
N ALA C 31 -28.11 16.05 55.48
CA ALA C 31 -29.55 16.22 55.42
C ALA C 31 -29.91 17.55 56.09
N ALA C 32 -29.21 17.89 57.17
CA ALA C 32 -29.45 19.14 57.91
C ALA C 32 -29.48 20.36 56.97
N LEU C 33 -28.80 20.26 55.84
CA LEU C 33 -28.81 21.35 54.86
C LEU C 33 -30.24 21.67 54.43
N LEU C 34 -31.13 20.69 54.60
CA LEU C 34 -32.54 20.81 54.25
C LEU C 34 -33.35 21.57 55.31
N ALA C 35 -32.80 21.67 56.53
CA ALA C 35 -33.46 22.32 57.66
C ALA C 35 -33.39 23.85 57.73
N GLU C 36 -34.54 24.48 57.95
CA GLU C 36 -34.58 25.93 58.08
C GLU C 36 -34.37 26.42 59.50
N GLU C 37 -34.55 25.50 60.45
CA GLU C 37 -34.41 25.81 61.87
C GLU C 37 -33.21 25.20 62.62
N PRO C 38 -32.94 25.67 63.84
CA PRO C 38 -31.80 25.10 64.58
C PRO C 38 -31.90 23.58 64.70
N VAL C 39 -30.77 22.90 64.51
CA VAL C 39 -30.73 21.45 64.60
C VAL C 39 -29.71 20.96 65.62
N GLU C 40 -30.08 19.90 66.34
CA GLU C 40 -29.20 19.26 67.31
C GLU C 40 -29.03 17.73 67.14
N ILE C 41 -27.92 17.32 66.53
CA ILE C 41 -27.65 15.90 66.32
C ILE C 41 -26.79 15.38 67.48
N GLN C 42 -27.37 14.48 68.27
CA GLN C 42 -26.68 13.90 69.43
C GLN C 42 -25.94 12.59 69.15
N ASN C 43 -25.01 12.26 70.04
CA ASN C 43 -24.25 11.03 69.92
C ASN C 43 -23.39 10.93 68.65
N VAL C 44 -22.80 12.05 68.26
CA VAL C 44 -21.96 12.13 67.07
C VAL C 44 -20.51 11.88 67.45
N PRO C 45 -19.95 10.75 66.99
CA PRO C 45 -18.56 10.41 67.29
C PRO C 45 -17.59 11.45 66.78
N LYS C 46 -16.44 11.58 67.46
CA LYS C 46 -15.41 12.52 67.05
C LYS C 46 -14.52 11.88 65.96
N LEU C 47 -14.73 12.24 64.70
CA LEU C 47 -13.95 11.65 63.61
C LEU C 47 -13.43 12.67 62.62
N LYS C 48 -12.40 12.30 61.87
CA LYS C 48 -11.88 13.22 60.86
C LYS C 48 -12.88 13.50 59.76
N ASP C 49 -13.85 12.59 59.60
CA ASP C 49 -14.90 12.73 58.60
C ASP C 49 -15.92 13.76 59.05
N ILE C 50 -16.24 13.74 60.34
CA ILE C 50 -17.17 14.70 60.89
C ILE C 50 -16.50 16.07 60.78
N ASP C 51 -15.22 16.15 61.15
CA ASP C 51 -14.50 17.42 61.03
C ASP C 51 -14.57 18.01 59.63
N THR C 52 -14.31 17.16 58.64
CA THR C 52 -14.34 17.56 57.24
C THR C 52 -15.76 17.94 56.81
N THR C 53 -16.74 17.36 57.49
CA THR C 53 -18.14 17.64 57.19
C THR C 53 -18.55 18.98 57.80
N MET C 54 -18.09 19.23 59.02
CA MET C 54 -18.37 20.49 59.68
C MET C 54 -17.72 21.59 58.85
N LYS C 55 -16.49 21.33 58.44
CA LYS C 55 -15.71 22.24 57.60
C LYS C 55 -16.41 22.55 56.28
N LEU C 56 -16.95 21.52 55.65
CA LEU C 56 -17.66 21.70 54.38
C LEU C 56 -18.98 22.44 54.56
N LEU C 57 -19.68 22.10 55.65
CA LEU C 57 -20.94 22.74 55.99
C LEU C 57 -20.76 24.24 56.21
N THR C 58 -19.68 24.57 56.92
CA THR C 58 -19.34 25.94 57.20
C THR C 58 -19.10 26.66 55.88
N GLN C 59 -18.36 26.03 54.98
CA GLN C 59 -18.10 26.61 53.68
C GLN C 59 -19.37 26.97 52.93
N LEU C 60 -20.44 26.22 53.22
CA LEU C 60 -21.74 26.44 52.61
C LEU C 60 -22.52 27.57 53.26
N GLY C 61 -21.89 28.23 54.23
CA GLY C 61 -22.54 29.34 54.92
C GLY C 61 -23.37 28.85 56.09
N THR C 62 -23.03 27.67 56.57
CA THR C 62 -23.75 27.05 57.68
C THR C 62 -23.09 27.37 59.01
N LYS C 63 -23.88 27.32 60.09
CA LYS C 63 -23.39 27.56 61.44
C LYS C 63 -23.27 26.23 62.15
N VAL C 64 -22.03 25.78 62.32
CA VAL C 64 -21.78 24.48 62.94
C VAL C 64 -21.02 24.60 64.25
N GLU C 65 -21.30 23.67 65.16
CA GLU C 65 -20.67 23.62 66.47
C GLU C 65 -20.85 22.27 67.14
N ARG C 66 -19.80 21.80 67.80
CA ARG C 66 -19.84 20.51 68.48
C ARG C 66 -19.12 20.44 69.82
N IAS C 67 -19.38 19.35 70.55
CA IAS C 67 -18.75 19.11 71.83
C IAS C 67 -17.32 18.59 71.65
O IAS C 67 -16.72 18.89 70.60
CB IAS C 67 -19.60 18.24 72.76
CG IAS C 67 -20.00 16.93 72.14
OD1 IAS C 67 -19.58 16.62 71.02
OXT IAS C 67 -16.82 17.91 72.58
N GLY C 68 -20.79 16.14 72.87
CA GLY C 68 -21.26 14.88 72.34
C GLY C 68 -22.22 15.18 71.21
N SER C 69 -22.60 16.45 71.11
CA SER C 69 -23.50 16.89 70.06
C SER C 69 -22.82 17.73 69.00
N VAL C 70 -23.60 18.01 67.96
CA VAL C 70 -23.18 18.85 66.86
C VAL C 70 -24.39 19.75 66.63
N TRP C 71 -24.17 21.05 66.79
CA TRP C 71 -25.23 22.03 66.60
C TRP C 71 -25.16 22.58 65.18
N ILE C 72 -26.29 22.53 64.48
CA ILE C 72 -26.33 23.00 63.11
C ILE C 72 -27.36 24.09 62.88
N ASP C 73 -26.91 25.16 62.23
CA ASP C 73 -27.77 26.27 61.88
C ASP C 73 -27.74 26.44 60.38
N ALA C 74 -28.59 25.67 59.70
CA ALA C 74 -28.65 25.69 58.25
C ALA C 74 -29.57 26.76 57.68
N SER C 75 -30.18 27.55 58.55
CA SER C 75 -31.09 28.61 58.11
C SER C 75 -30.55 29.56 57.07
N ASN C 76 -29.24 29.82 57.12
CA ASN C 76 -28.62 30.77 56.21
C ASN C 76 -27.72 30.35 55.05
N VAL C 77 -27.73 29.08 54.68
CA VAL C 77 -26.89 28.57 53.58
C VAL C 77 -26.71 29.57 52.44
N ASN C 78 -25.46 29.92 52.17
CA ASN C 78 -25.11 30.89 51.14
C ASN C 78 -24.36 30.44 49.89
N ASN C 79 -23.44 29.48 50.02
CA ASN C 79 -22.75 28.96 48.85
C ASN C 79 -23.26 27.59 48.41
N PHE C 80 -23.08 27.24 47.14
CA PHE C 80 -23.61 25.98 46.63
C PHE C 80 -22.61 24.97 46.07
N SER C 81 -21.38 25.08 46.52
CA SER C 81 -20.30 24.22 46.08
C SER C 81 -19.34 23.47 47.00
N ALA C 82 -19.11 22.21 46.67
CA ALA C 82 -18.21 21.37 47.42
C ALA C 82 -16.97 21.33 46.54
N PRO C 83 -15.89 22.01 46.98
CA PRO C 83 -14.61 22.10 46.27
C PRO C 83 -13.85 20.78 46.12
N TYR C 84 -12.99 20.73 45.10
CA TYR C 84 -12.14 19.55 44.84
C TYR C 84 -11.41 19.08 46.10
N ASP C 85 -11.02 20.04 46.93
CA ASP C 85 -10.33 19.75 48.18
C ASP C 85 -11.11 18.83 49.10
N LEU C 86 -12.35 19.20 49.38
CA LEU C 86 -13.18 18.41 50.26
C LEU C 86 -13.61 17.03 49.78
N VAL C 87 -14.10 16.96 48.54
CA VAL C 87 -14.51 15.69 47.95
C VAL C 87 -13.28 14.76 47.97
N LYS C 88 -12.12 15.28 47.64
CA LYS C 88 -10.93 14.46 47.59
C LYS C 88 -10.61 13.77 48.88
N THR C 89 -10.99 14.40 49.96
CA THR C 89 -10.68 13.99 51.31
C THR C 89 -11.76 13.07 51.81
N MET C 90 -12.97 13.36 51.43
CA MET C 90 -14.09 12.58 51.86
C MET C 90 -15.10 12.39 50.74
N ARG C 91 -15.15 11.22 50.14
CA ARG C 91 -16.17 10.89 49.16
C ARG C 91 -17.59 11.40 49.49
N ALA C 92 -18.03 11.12 50.73
CA ALA C 92 -19.36 11.48 51.22
C ALA C 92 -19.78 12.94 50.98
N SER C 93 -18.84 13.76 50.56
CA SER C 93 -19.11 15.16 50.23
C SER C 93 -20.16 15.24 49.12
N ILE C 94 -20.31 14.14 48.37
CA ILE C 94 -21.29 14.08 47.29
C ILE C 94 -22.68 14.26 47.88
N TRP C 95 -22.85 13.93 49.16
CA TRP C 95 -24.12 14.06 49.88
C TRP C 95 -24.72 15.47 49.96
N ALA C 96 -23.94 16.49 49.65
CA ALA C 96 -24.46 17.84 49.72
C ALA C 96 -25.32 18.11 48.49
N LEU C 97 -25.10 17.34 47.43
CA LEU C 97 -25.83 17.51 46.18
C LEU C 97 -27.37 17.53 46.24
N GLY C 98 -27.95 16.45 46.71
CA GLY C 98 -29.40 16.37 46.79
C GLY C 98 -30.02 17.52 47.57
N PRO C 99 -29.64 17.68 48.85
CA PRO C 99 -30.19 18.78 49.67
C PRO C 99 -30.06 20.14 48.99
N LEU C 100 -28.85 20.48 48.56
CA LEU C 100 -28.65 21.74 47.88
C LEU C 100 -29.64 22.00 46.75
N VAL C 101 -29.73 21.06 45.82
CA VAL C 101 -30.65 21.23 44.70
C VAL C 101 -32.11 21.21 45.11
N ALA C 102 -32.43 20.42 46.13
CA ALA C 102 -33.81 20.30 46.61
C ALA C 102 -34.31 21.56 47.28
N ARG C 103 -33.45 22.19 48.07
CA ARG C 103 -33.81 23.41 48.81
C ARG C 103 -33.50 24.70 48.09
N PHE C 104 -32.32 24.75 47.49
CA PHE C 104 -31.83 25.93 46.80
C PHE C 104 -31.99 26.05 45.29
N GLY C 105 -32.31 24.94 44.65
CA GLY C 105 -32.47 24.94 43.20
C GLY C 105 -31.17 24.75 42.45
N GLN C 106 -30.07 24.72 43.20
CA GLN C 106 -28.75 24.54 42.59
C GLN C 106 -27.77 23.88 43.54
N GLY C 107 -26.74 23.27 42.97
CA GLY C 107 -25.75 22.61 43.79
C GLY C 107 -24.65 22.08 42.89
N GLN C 108 -23.43 22.11 43.40
CA GLN C 108 -22.27 21.61 42.67
C GLN C 108 -21.37 20.77 43.56
N VAL C 109 -20.83 19.70 43.00
CA VAL C 109 -19.92 18.84 43.75
C VAL C 109 -18.90 18.24 42.81
N SER C 110 -17.65 18.30 43.25
CA SER C 110 -16.52 17.74 42.51
C SER C 110 -16.71 16.24 42.28
N LEU C 111 -16.69 15.81 41.03
CA LEU C 111 -16.87 14.39 40.74
C LEU C 111 -15.80 13.52 41.36
N PRO C 112 -16.16 12.72 42.37
CA PRO C 112 -15.17 11.86 43.02
C PRO C 112 -14.35 11.07 42.00
N GLY C 113 -13.15 10.66 42.40
CA GLY C 113 -12.32 9.88 41.51
C GLY C 113 -12.29 8.49 42.09
N GLY C 114 -11.45 7.63 41.52
CA GLY C 114 -11.36 6.27 42.01
C GLY C 114 -11.07 6.18 43.50
N ASP C 115 -11.41 5.03 44.09
CA ASP C 115 -11.17 4.82 45.51
C ASP C 115 -10.10 3.77 45.84
N ALA C 116 -9.75 3.68 47.12
CA ALA C 116 -8.76 2.71 47.56
C ALA C 116 -9.28 1.31 47.30
N ILE C 117 -10.55 1.08 47.66
CA ILE C 117 -11.22 -0.22 47.53
C ILE C 117 -12.05 -0.46 46.26
N GLY C 118 -12.27 0.58 45.47
CA GLY C 118 -13.06 0.43 44.27
C GLY C 118 -13.28 1.74 43.54
N ALA C 119 -13.74 1.64 42.30
CA ALA C 119 -13.99 2.82 41.46
C ALA C 119 -15.03 3.75 42.08
N ARG C 120 -15.98 3.16 42.78
CA ARG C 120 -17.04 3.90 43.48
C ARG C 120 -17.75 5.01 42.73
N PRO C 121 -18.38 4.69 41.61
CA PRO C 121 -19.06 5.77 40.88
C PRO C 121 -20.30 6.30 41.61
N VAL C 122 -20.71 7.51 41.23
CA VAL C 122 -21.89 8.15 41.82
C VAL C 122 -23.00 8.29 40.78
N ASP C 123 -22.92 7.45 39.74
CA ASP C 123 -23.89 7.41 38.63
C ASP C 123 -25.33 7.34 39.08
N LEU C 124 -25.59 6.54 40.11
CA LEU C 124 -26.93 6.39 40.67
C LEU C 124 -27.45 7.68 41.28
N HIS C 125 -26.58 8.42 41.97
CA HIS C 125 -26.96 9.70 42.57
C HIS C 125 -27.47 10.68 41.51
N ILE C 126 -26.62 10.92 40.52
CA ILE C 126 -26.91 11.83 39.41
C ILE C 126 -28.19 11.38 38.77
N PHE C 127 -28.25 10.09 38.47
CA PHE C 127 -29.42 9.49 37.85
C PHE C 127 -30.73 9.72 38.62
N GLY C 128 -30.69 9.46 39.92
CA GLY C 128 -31.86 9.65 40.75
C GLY C 128 -32.30 11.09 40.69
N LEU C 129 -31.32 12.00 40.78
CA LEU C 129 -31.60 13.42 40.71
C LEU C 129 -32.29 13.82 39.42
N GLU C 130 -31.77 13.32 38.29
CA GLU C 130 -32.37 13.59 36.99
C GLU C 130 -33.84 13.13 36.99
N LYS C 131 -34.08 11.96 37.58
CA LYS C 131 -35.43 11.39 37.68
C LYS C 131 -36.31 12.33 38.47
N LEU C 132 -35.71 12.96 39.49
CA LEU C 132 -36.40 13.92 40.33
C LEU C 132 -36.67 15.25 39.63
N GLY C 133 -36.15 15.38 38.42
CA GLY C 133 -36.38 16.60 37.67
C GLY C 133 -35.25 17.62 37.63
N ALA C 134 -34.08 17.24 38.12
CA ALA C 134 -32.93 18.14 38.12
C ALA C 134 -32.11 18.00 36.84
N GLU C 135 -31.57 19.11 36.35
CA GLU C 135 -30.73 19.09 35.17
C GLU C 135 -29.29 18.94 35.64
N ILE C 136 -28.59 17.94 35.12
CA ILE C 136 -27.22 17.70 35.54
C ILE C 136 -26.23 17.66 34.39
N LYS C 137 -25.12 18.37 34.59
CA LYS C 137 -24.05 18.42 33.61
C LYS C 137 -22.68 18.32 34.24
N LEU C 138 -21.72 17.75 33.51
CA LEU C 138 -20.36 17.62 34.00
C LEU C 138 -19.43 18.71 33.48
N GLU C 139 -18.91 19.54 34.39
CA GLU C 139 -18.01 20.62 34.01
C GLU C 139 -16.81 20.88 34.93
N GLU C 140 -15.60 20.93 34.36
CA GLU C 140 -14.41 21.17 35.17
C GLU C 140 -14.25 20.14 36.27
N GLY C 141 -14.82 18.96 36.08
CA GLY C 141 -14.72 17.93 37.09
C GLY C 141 -15.79 18.19 38.14
N TYR C 142 -16.73 19.05 37.80
CA TYR C 142 -17.83 19.40 38.69
C TYR C 142 -19.18 18.86 38.24
N VAL C 143 -19.89 18.20 39.15
CA VAL C 143 -21.23 17.68 38.86
C VAL C 143 -22.16 18.86 39.10
N LYS C 144 -22.64 19.46 38.00
CA LYS C 144 -23.52 20.62 38.08
C LYS C 144 -24.99 20.29 38.01
N ALA C 145 -25.69 20.55 39.10
CA ALA C 145 -27.11 20.27 39.17
C ALA C 145 -27.92 21.54 39.42
N SER C 146 -29.11 21.58 38.86
CA SER C 146 -30.02 22.70 39.01
C SER C 146 -31.45 22.29 38.65
N VAL C 147 -32.42 23.02 39.19
CA VAL C 147 -33.81 22.72 38.89
C VAL C 147 -34.62 24.00 38.97
N ASN C 148 -35.60 24.13 38.10
CA ASN C 148 -36.47 25.30 38.13
C ASN C 148 -37.63 25.17 39.09
N GLY C 149 -37.54 25.86 40.21
CA GLY C 149 -38.60 25.77 41.20
C GLY C 149 -38.34 24.52 42.01
N ARG C 150 -39.38 23.71 42.23
CA ARG C 150 -39.23 22.48 43.00
C ARG C 150 -38.97 21.21 42.20
N LEU C 151 -38.42 20.20 42.87
CA LEU C 151 -38.17 18.90 42.26
C LEU C 151 -39.52 18.22 42.05
N LYS C 152 -39.54 17.20 41.20
CA LYS C 152 -40.77 16.50 40.91
C LYS C 152 -40.78 15.03 41.31
N GLY C 153 -41.75 14.64 42.13
CA GLY C 153 -41.87 13.27 42.60
C GLY C 153 -41.79 12.27 41.47
N ALA C 154 -41.21 11.10 41.73
CA ALA C 154 -41.11 10.10 40.70
C ALA C 154 -40.98 8.67 41.19
N HIS C 155 -41.34 7.74 40.33
CA HIS C 155 -41.20 6.32 40.64
C HIS C 155 -39.83 5.93 40.10
N ILE C 156 -38.86 5.81 41.00
CA ILE C 156 -37.49 5.45 40.66
C ILE C 156 -37.12 4.06 41.10
N VAL C 157 -36.61 3.26 40.17
CA VAL C 157 -36.18 1.92 40.51
C VAL C 157 -34.66 1.91 40.49
N MET C 158 -34.03 1.52 41.58
CA MET C 158 -32.57 1.48 41.68
C MET C 158 -31.92 0.30 40.95
N ASP C 159 -31.02 0.57 40.01
CA ASP C 159 -30.33 -0.49 39.27
C ASP C 159 -29.72 -1.51 40.20
N LYS C 160 -28.93 -1.00 41.12
CA LYS C 160 -28.27 -1.81 42.12
C LYS C 160 -28.59 -1.24 43.50
N VAL C 161 -28.34 -2.01 44.55
CA VAL C 161 -28.59 -1.51 45.89
C VAL C 161 -27.51 -0.54 46.31
N SER C 162 -27.88 0.71 46.56
CA SER C 162 -26.92 1.71 46.96
C SER C 162 -27.28 2.50 48.19
N VAL C 163 -26.47 2.37 49.22
CA VAL C 163 -26.70 3.10 50.44
C VAL C 163 -26.70 4.59 50.16
N GLY C 164 -25.63 5.06 49.52
CA GLY C 164 -25.49 6.48 49.22
C GLY C 164 -26.51 7.10 48.29
N ALA C 165 -26.86 6.37 47.23
CA ALA C 165 -27.83 6.90 46.28
C ALA C 165 -29.24 6.95 46.91
N THR C 166 -29.51 6.02 47.83
CA THR C 166 -30.79 5.98 48.50
C THR C 166 -30.89 7.17 49.45
N VAL C 167 -29.78 7.50 50.08
CA VAL C 167 -29.75 8.63 51.00
C VAL C 167 -29.97 9.91 50.17
N THR C 168 -29.21 10.05 49.09
CA THR C 168 -29.29 11.18 48.17
C THR C 168 -30.70 11.43 47.63
N ILE C 169 -31.31 10.40 47.04
CA ILE C 169 -32.64 10.51 46.46
C ILE C 169 -33.71 10.69 47.52
N MET C 170 -33.54 10.01 48.65
CA MET C 170 -34.50 10.13 49.75
C MET C 170 -34.56 11.54 50.31
N SER C 171 -33.38 12.12 50.49
CA SER C 171 -33.22 13.45 51.04
C SER C 171 -33.84 14.54 50.20
N ALA C 172 -33.53 14.52 48.89
CA ALA C 172 -34.04 15.51 47.97
C ALA C 172 -35.57 15.42 47.77
N ALA C 173 -36.10 14.20 47.78
CA ALA C 173 -37.54 13.98 47.61
C ALA C 173 -38.38 14.64 48.72
N THR C 174 -37.79 14.80 49.90
CA THR C 174 -38.49 15.41 51.04
C THR C 174 -39.06 16.78 50.67
N LEU C 175 -38.32 17.53 49.87
CA LEU C 175 -38.75 18.87 49.45
C LEU C 175 -39.40 18.98 48.06
N ALA C 176 -39.69 17.84 47.42
CA ALA C 176 -40.27 17.88 46.08
C ALA C 176 -41.78 17.89 46.04
N GLU C 177 -42.30 18.20 44.86
CA GLU C 177 -43.73 18.23 44.64
C GLU C 177 -44.27 16.85 44.34
N GLY C 178 -44.97 16.27 45.31
CA GLY C 178 -45.57 14.98 45.10
C GLY C 178 -45.01 13.82 45.89
N THR C 179 -45.24 12.63 45.36
CA THR C 179 -44.79 11.42 46.01
C THR C 179 -43.65 10.74 45.25
N THR C 180 -42.64 10.32 46.00
CA THR C 180 -41.49 9.65 45.44
C THR C 180 -41.47 8.22 45.95
N ILE C 181 -41.12 7.30 45.07
CA ILE C 181 -41.01 5.90 45.42
C ILE C 181 -39.64 5.43 44.97
N ILE C 182 -38.82 5.07 45.94
CA ILE C 182 -37.47 4.58 45.67
C ILE C 182 -37.58 3.07 45.72
N GLU C 183 -37.47 2.43 44.58
CA GLU C 183 -37.56 0.98 44.52
C GLU C 183 -36.21 0.32 44.51
N ASN C 184 -36.12 -0.83 45.18
CA ASN C 184 -34.85 -1.54 45.27
C ASN C 184 -33.89 -0.67 46.10
N ALA C 185 -34.45 -0.07 47.15
CA ALA C 185 -33.69 0.81 48.03
C ALA C 185 -32.85 0.02 49.03
N ALA C 186 -31.80 0.66 49.52
CA ALA C 186 -30.92 0.05 50.51
C ALA C 186 -31.67 -0.08 51.85
N ARG C 187 -31.50 -1.21 52.52
CA ARG C 187 -32.15 -1.43 53.81
C ARG C 187 -31.29 -1.16 55.05
N GLU C 188 -30.08 -0.66 54.84
CA GLU C 188 -29.14 -0.33 55.91
C GLU C 188 -29.73 0.37 57.15
N PRO C 189 -29.34 -0.06 58.37
CA PRO C 189 -29.89 0.61 59.57
C PRO C 189 -29.72 2.13 59.48
N GLU C 190 -28.59 2.56 58.91
CA GLU C 190 -28.29 3.97 58.72
C GLU C 190 -29.25 4.70 57.75
N ILE C 191 -29.95 3.92 56.93
CA ILE C 191 -30.93 4.48 55.99
C ILE C 191 -32.16 4.81 56.84
N VAL C 192 -32.52 3.86 57.69
CA VAL C 192 -33.64 4.00 58.60
C VAL C 192 -33.40 5.22 59.50
N ASP C 193 -32.22 5.29 60.11
CA ASP C 193 -31.81 6.40 60.99
C ASP C 193 -31.91 7.76 60.32
N THR C 194 -31.44 7.84 59.08
CA THR C 194 -31.49 9.09 58.33
C THR C 194 -32.94 9.45 57.98
N ALA C 195 -33.75 8.46 57.61
CA ALA C 195 -35.15 8.70 57.30
C ALA C 195 -35.84 9.26 58.56
N ASN C 196 -35.60 8.61 59.70
CA ASN C 196 -36.19 9.06 60.95
C ASN C 196 -35.76 10.49 61.28
N PHE C 197 -34.52 10.82 60.95
CA PHE C 197 -34.05 12.18 61.19
C PHE C 197 -34.88 13.12 60.35
N LEU C 198 -35.02 12.78 59.07
CA LEU C 198 -35.81 13.59 58.14
C LEU C 198 -37.26 13.76 58.60
N VAL C 199 -37.82 12.69 59.14
CA VAL C 199 -39.19 12.74 59.61
C VAL C 199 -39.26 13.65 60.84
N ALA C 200 -38.23 13.60 61.69
CA ALA C 200 -38.19 14.46 62.87
C ALA C 200 -38.37 15.90 62.40
N LEU C 201 -37.70 16.25 61.32
CA LEU C 201 -37.77 17.59 60.72
C LEU C 201 -39.11 17.97 60.09
N GLY C 202 -40.02 17.01 59.96
CA GLY C 202 -41.32 17.29 59.37
C GLY C 202 -41.54 16.67 57.99
N ALA C 203 -40.69 15.73 57.62
CA ALA C 203 -40.80 15.09 56.33
C ALA C 203 -41.79 13.95 56.40
N LYS C 204 -42.30 13.53 55.24
CA LYS C 204 -43.24 12.43 55.12
C LYS C 204 -42.55 11.24 54.47
N ILE C 205 -42.15 10.25 55.26
CA ILE C 205 -41.47 9.07 54.76
C ILE C 205 -41.97 7.79 55.42
N SER C 206 -42.03 6.73 54.62
CA SER C 206 -42.46 5.41 55.08
C SER C 206 -41.73 4.32 54.30
N GLY C 207 -41.61 3.13 54.88
CA GLY C 207 -40.95 2.03 54.18
C GLY C 207 -39.44 1.97 54.38
N GLN C 208 -38.89 2.97 55.07
CA GLN C 208 -37.45 2.99 55.35
C GLN C 208 -37.11 1.70 56.08
N GLY C 209 -36.10 0.97 55.58
CA GLY C 209 -35.76 -0.29 56.20
C GLY C 209 -36.29 -1.45 55.35
N THR C 210 -37.13 -1.14 54.35
CA THR C 210 -37.62 -2.18 53.44
C THR C 210 -37.10 -1.85 52.04
N ASP C 211 -37.31 -2.73 51.09
CA ASP C 211 -36.84 -2.46 49.74
C ASP C 211 -37.59 -1.40 48.95
N ARG C 212 -38.52 -0.74 49.63
CA ARG C 212 -39.34 0.29 49.02
C ARG C 212 -39.63 1.49 49.92
N ILE C 213 -39.10 2.65 49.54
CA ILE C 213 -39.28 3.88 50.31
C ILE C 213 -40.21 4.87 49.60
N THR C 214 -41.21 5.33 50.34
CA THR C 214 -42.19 6.26 49.83
C THR C 214 -42.04 7.60 50.53
N ILE C 215 -41.86 8.66 49.74
CA ILE C 215 -41.71 10.00 50.29
C ILE C 215 -42.73 11.00 49.74
N GLU C 216 -43.38 11.75 50.62
CA GLU C 216 -44.34 12.77 50.18
C GLU C 216 -43.77 14.15 50.45
N GLY C 217 -43.49 14.88 49.36
CA GLY C 217 -42.92 16.21 49.48
C GLY C 217 -43.65 17.17 50.41
N VAL C 218 -42.90 18.06 51.05
CA VAL C 218 -43.50 19.04 51.93
C VAL C 218 -42.88 20.40 51.62
N GLU C 219 -43.54 21.47 52.05
CA GLU C 219 -43.03 22.82 51.78
C GLU C 219 -41.64 23.15 52.30
N ARG C 220 -41.36 22.67 53.52
CA ARG C 220 -40.08 22.93 54.15
C ARG C 220 -39.75 21.99 55.30
N LEU C 221 -38.53 22.05 55.78
CA LEU C 221 -38.11 21.24 56.91
C LEU C 221 -37.71 22.15 58.07
N GLY C 222 -38.18 21.84 59.27
CA GLY C 222 -37.87 22.70 60.41
C GLY C 222 -36.53 22.44 61.07
N GLY C 223 -36.59 21.89 62.28
CA GLY C 223 -35.40 21.59 63.04
C GLY C 223 -35.75 20.60 64.13
N GLY C 224 -34.80 20.33 65.02
CA GLY C 224 -35.09 19.40 66.09
C GLY C 224 -33.86 18.84 66.76
N VAL C 225 -34.03 17.67 67.38
CA VAL C 225 -32.93 17.02 68.06
C VAL C 225 -32.98 15.53 67.73
N TYR C 226 -31.85 15.01 67.27
CA TYR C 226 -31.79 13.60 66.90
C TYR C 226 -30.57 12.85 67.44
N ARG C 227 -30.80 11.65 67.97
CA ARG C 227 -29.70 10.84 68.48
C ARG C 227 -29.32 9.72 67.51
N VAL C 228 -28.16 9.86 66.88
CA VAL C 228 -27.65 8.89 65.93
C VAL C 228 -27.48 7.53 66.58
N LEU C 229 -27.81 6.47 65.86
CA LEU C 229 -27.70 5.12 66.38
C LEU C 229 -26.27 4.67 66.69
N PRO C 230 -26.14 3.57 67.44
CA PRO C 230 -24.83 3.03 67.82
C PRO C 230 -24.14 2.51 66.55
N ASP C 231 -22.82 2.62 66.49
CA ASP C 231 -22.03 2.15 65.35
C ASP C 231 -21.96 0.60 65.29
N ARG C 232 -22.67 -0.01 64.35
CA ARG C 232 -22.66 -1.49 64.22
C ARG C 232 -21.28 -2.02 63.81
N ILE C 233 -20.58 -1.23 63.00
CA ILE C 233 -19.27 -1.64 62.51
C ILE C 233 -18.18 -1.55 63.59
N GLU C 234 -18.27 -0.55 64.46
CA GLU C 234 -17.32 -0.42 65.56
C GLU C 234 -17.61 -1.58 66.51
N THR C 235 -18.89 -1.79 66.78
CA THR C 235 -19.33 -2.87 67.65
C THR C 235 -18.76 -4.17 67.10
N GLY C 236 -19.01 -4.41 65.82
CA GLY C 236 -18.54 -5.64 65.22
C GLY C 236 -17.05 -5.82 65.39
N THR C 237 -16.30 -4.75 65.12
CA THR C 237 -14.85 -4.79 65.23
C THR C 237 -14.39 -5.17 66.65
N PHE C 238 -15.14 -4.72 67.66
CA PHE C 238 -14.81 -5.06 69.05
C PHE C 238 -15.16 -6.50 69.39
N LEU C 239 -16.30 -6.98 68.89
CA LEU C 239 -16.70 -8.36 69.13
C LEU C 239 -15.58 -9.26 68.58
N VAL C 240 -15.17 -8.95 67.35
CA VAL C 240 -14.09 -9.63 66.65
C VAL C 240 -12.80 -9.52 67.49
N ALA C 241 -12.45 -8.31 67.88
CA ALA C 241 -11.27 -8.06 68.70
C ALA C 241 -11.18 -9.13 69.80
N ALA C 242 -12.31 -9.38 70.47
CA ALA C 242 -12.34 -10.38 71.52
C ALA C 242 -12.32 -11.80 70.96
N ALA C 243 -13.04 -12.03 69.87
CA ALA C 243 -13.13 -13.36 69.28
C ALA C 243 -11.81 -13.94 68.75
N ILE C 244 -10.86 -13.09 68.38
CA ILE C 244 -9.59 -13.56 67.87
C ILE C 244 -8.51 -13.63 68.95
N SER C 245 -8.78 -13.04 70.11
CA SER C 245 -7.84 -13.02 71.23
C SER C 245 -8.19 -13.92 72.42
N GLY C 246 -9.11 -14.86 72.22
CA GLY C 246 -9.51 -15.74 73.31
C GLY C 246 -10.04 -14.97 74.50
N GLY C 247 -10.46 -13.74 74.26
CA GLY C 247 -10.96 -12.91 75.34
C GLY C 247 -12.47 -12.93 75.50
N LYS C 248 -12.95 -12.02 76.32
CA LYS C 248 -14.37 -11.87 76.59
C LYS C 248 -14.65 -10.38 76.52
N ILE C 249 -15.90 -9.98 76.35
CA ILE C 249 -16.18 -8.55 76.26
C ILE C 249 -17.66 -8.20 76.30
N VAL C 250 -17.94 -6.98 76.74
CA VAL C 250 -19.31 -6.50 76.81
C VAL C 250 -19.36 -5.13 76.11
N CYS C 251 -20.31 -4.97 75.19
CA CYS C 251 -20.48 -3.73 74.46
C CYS C 251 -21.62 -2.88 74.98
N ARG C 252 -21.29 -1.78 75.63
CA ARG C 252 -22.30 -0.87 76.16
C ARG C 252 -22.74 0.11 75.07
N ASN C 253 -24.03 0.46 75.04
CA ASN C 253 -24.56 1.37 74.02
C ASN C 253 -24.64 0.75 72.62
N ALA C 254 -24.98 -0.54 72.54
CA ALA C 254 -25.08 -1.21 71.26
C ALA C 254 -26.52 -1.53 70.87
N GLN C 255 -26.75 -1.78 69.59
CA GLN C 255 -28.07 -2.12 69.08
C GLN C 255 -27.97 -3.45 68.34
N PRO C 256 -27.98 -4.57 69.09
CA PRO C 256 -27.90 -5.96 68.60
C PRO C 256 -28.67 -6.25 67.32
N ASP C 257 -29.89 -5.72 67.18
CA ASP C 257 -30.67 -5.97 65.98
C ASP C 257 -30.08 -5.53 64.63
N THR C 258 -29.06 -4.67 64.70
CA THR C 258 -28.37 -4.16 63.52
C THR C 258 -27.25 -5.09 63.06
N LEU C 259 -26.95 -6.10 63.86
CA LEU C 259 -25.89 -7.02 63.51
C LEU C 259 -26.12 -8.52 63.50
N ASP C 260 -27.34 -8.93 63.19
CA ASP C 260 -27.68 -10.35 63.18
C ASP C 260 -26.73 -11.29 62.44
N ALA C 261 -26.37 -10.91 61.23
CA ALA C 261 -25.48 -11.73 60.42
C ALA C 261 -24.10 -11.84 61.10
N VAL C 262 -23.55 -10.72 61.52
CA VAL C 262 -22.24 -10.72 62.18
C VAL C 262 -22.30 -11.64 63.39
N LEU C 263 -23.34 -11.49 64.20
CA LEU C 263 -23.54 -12.34 65.37
C LEU C 263 -23.62 -13.82 65.00
N ALA C 264 -24.34 -14.11 63.91
CA ALA C 264 -24.48 -15.48 63.44
C ALA C 264 -23.11 -16.01 63.01
N LYS C 265 -22.30 -15.17 62.38
CA LYS C 265 -20.95 -15.55 61.99
C LYS C 265 -20.07 -15.80 63.21
N LEU C 266 -20.23 -14.95 64.22
CA LEU C 266 -19.48 -15.10 65.45
C LEU C 266 -19.78 -16.45 66.10
N ARG C 267 -21.07 -16.78 66.18
CA ARG C 267 -21.52 -18.07 66.71
C ARG C 267 -20.94 -19.24 65.93
N GLU C 268 -20.89 -19.11 64.61
CA GLU C 268 -20.33 -20.16 63.76
C GLU C 268 -18.83 -20.25 64.01
N ALA C 269 -18.29 -19.23 64.67
CA ALA C 269 -16.86 -19.19 64.97
C ALA C 269 -16.55 -19.85 66.30
N GLY C 270 -17.59 -20.10 67.09
CA GLY C 270 -17.42 -20.73 68.39
C GLY C 270 -17.49 -19.70 69.50
N ALA C 271 -18.05 -18.55 69.20
CA ALA C 271 -18.17 -17.49 70.20
C ALA C 271 -19.42 -17.72 71.02
N ASP C 272 -19.33 -17.39 72.30
CA ASP C 272 -20.44 -17.51 73.22
C ASP C 272 -21.07 -16.12 73.34
N ILE C 273 -22.11 -15.90 72.54
CA ILE C 273 -22.78 -14.60 72.51
C ILE C 273 -24.14 -14.50 73.18
N GLU C 274 -24.32 -13.40 73.91
CA GLU C 274 -25.56 -13.09 74.59
C GLU C 274 -25.93 -11.63 74.37
N THR C 275 -27.21 -11.35 74.15
CA THR C 275 -27.60 -9.98 73.89
C THR C 275 -28.71 -9.42 74.76
N GLY C 276 -28.61 -8.14 75.05
CA GLY C 276 -29.62 -7.46 75.85
C GLY C 276 -30.31 -6.50 74.89
N GLU C 277 -30.89 -5.43 75.41
CA GLU C 277 -31.55 -4.48 74.52
C GLU C 277 -30.68 -3.31 74.09
N ASP C 278 -29.53 -3.20 74.73
CA ASP C 278 -28.58 -2.13 74.45
C ASP C 278 -27.15 -2.61 74.77
N TRP C 279 -26.98 -3.92 74.79
CA TRP C 279 -25.67 -4.52 75.09
C TRP C 279 -25.44 -5.88 74.46
N ILE C 280 -24.18 -6.13 74.12
CA ILE C 280 -23.76 -7.40 73.54
C ILE C 280 -22.60 -7.92 74.36
N SER C 281 -22.63 -9.22 74.65
CA SER C 281 -21.56 -9.88 75.40
C SER C 281 -21.03 -11.10 74.67
N LEU C 282 -19.71 -11.11 74.43
CA LEU C 282 -19.05 -12.19 73.73
C LEU C 282 -17.97 -12.84 74.59
N ASP C 283 -17.89 -14.15 74.52
CA ASP C 283 -16.92 -14.90 75.32
C ASP C 283 -16.28 -16.05 74.53
N MET C 284 -14.96 -16.02 74.43
CA MET C 284 -14.26 -17.07 73.71
C MET C 284 -13.91 -18.31 74.53
N HIS C 285 -14.13 -18.23 75.85
CA HIS C 285 -13.81 -19.34 76.74
C HIS C 285 -12.34 -19.73 76.63
N GLY C 286 -11.50 -18.77 76.23
CA GLY C 286 -10.09 -19.04 76.07
C GLY C 286 -9.81 -19.82 74.79
N LYS C 287 -10.87 -20.22 74.10
CA LYS C 287 -10.76 -21.00 72.85
C LYS C 287 -10.21 -20.29 71.60
N ARG C 288 -9.88 -21.07 70.60
CA ARG C 288 -9.36 -20.55 69.33
C ARG C 288 -10.55 -20.44 68.38
N PRO C 289 -10.70 -19.31 67.67
CA PRO C 289 -11.85 -19.24 66.77
C PRO C 289 -11.84 -20.25 65.62
N LYS C 290 -13.03 -20.69 65.23
CA LYS C 290 -13.19 -21.64 64.13
C LYS C 290 -13.42 -20.89 62.82
N ALA C 291 -12.89 -21.41 61.72
CA ALA C 291 -13.07 -20.76 60.44
C ALA C 291 -14.53 -20.78 59.99
N VAL C 292 -14.97 -19.69 59.39
CA VAL C 292 -16.34 -19.56 58.91
C VAL C 292 -16.35 -19.15 57.45
N THR C 293 -17.50 -19.25 56.81
CA THR C 293 -17.62 -18.85 55.41
C THR C 293 -18.39 -17.54 55.38
N VAL C 294 -17.89 -16.59 54.60
CA VAL C 294 -18.47 -15.27 54.56
C VAL C 294 -18.71 -14.75 53.15
N ARG C 295 -19.90 -14.17 52.94
CA ARG C 295 -20.28 -13.59 51.67
C ARG C 295 -20.87 -12.21 51.89
N THR C 296 -20.15 -11.17 51.49
CA THR C 296 -20.69 -9.82 51.71
C THR C 296 -21.85 -9.57 50.76
N ALA C 297 -22.79 -8.76 51.23
CA ALA C 297 -23.96 -8.37 50.45
C ALA C 297 -24.65 -7.24 51.22
N PRO C 298 -25.63 -6.56 50.59
CA PRO C 298 -26.33 -5.45 51.26
C PRO C 298 -27.06 -5.92 52.53
N HIS C 299 -27.31 -4.98 53.45
CA HIS C 299 -28.01 -5.25 54.70
C HIS C 299 -29.36 -5.96 54.46
N PRO C 300 -29.75 -6.91 55.33
CA PRO C 300 -29.10 -7.39 56.55
C PRO C 300 -28.16 -8.59 56.41
N ALA C 301 -27.62 -8.81 55.23
CA ALA C 301 -26.67 -9.90 55.06
C ALA C 301 -25.36 -9.38 55.70
N PHE C 302 -24.28 -10.14 55.56
CA PHE C 302 -22.95 -9.80 56.08
C PHE C 302 -22.41 -8.54 55.41
N PRO C 303 -22.20 -7.46 56.19
CA PRO C 303 -21.71 -6.17 55.72
C PRO C 303 -20.27 -6.19 55.25
N THR C 304 -19.99 -5.53 54.13
CA THR C 304 -18.62 -5.46 53.63
C THR C 304 -17.72 -4.72 54.65
N ASP C 305 -18.32 -3.87 55.50
CA ASP C 305 -17.55 -3.15 56.51
C ASP C 305 -16.91 -4.01 57.61
N MET C 306 -17.36 -5.26 57.68
CA MET C 306 -16.87 -6.25 58.64
C MET C 306 -15.90 -7.23 58.01
N GLN C 307 -15.82 -7.16 56.68
CA GLN C 307 -14.95 -8.04 55.88
C GLN C 307 -13.45 -8.21 56.19
N ALA C 308 -12.74 -7.11 56.34
CA ALA C 308 -11.30 -7.14 56.65
C ALA C 308 -11.12 -7.80 58.00
N GLN C 309 -12.07 -7.51 58.89
CA GLN C 309 -12.07 -8.07 60.24
C GLN C 309 -12.24 -9.58 60.27
N PHE C 310 -13.18 -10.07 59.47
CA PHE C 310 -13.44 -11.50 59.38
C PHE C 310 -12.31 -12.30 58.73
N THR C 311 -11.64 -11.66 57.77
CA THR C 311 -10.49 -12.26 57.10
C THR C 311 -9.49 -12.49 58.24
N LEU C 312 -9.21 -11.41 58.98
CA LEU C 312 -8.31 -11.52 60.10
C LEU C 312 -8.70 -12.69 60.99
N LEU C 313 -9.98 -12.76 61.34
CA LEU C 313 -10.48 -13.86 62.17
C LEU C 313 -10.22 -15.23 61.54
N ASN C 314 -10.38 -15.32 60.22
CA ASN C 314 -10.11 -16.57 59.53
C ASN C 314 -8.63 -16.93 59.52
N LEU C 315 -7.79 -15.90 59.42
CA LEU C 315 -6.33 -16.06 59.39
C LEU C 315 -5.64 -16.65 60.62
N VAL C 316 -6.31 -16.56 61.76
CA VAL C 316 -5.78 -17.10 63.00
C VAL C 316 -6.82 -18.06 63.54
N ALA C 317 -7.56 -18.68 62.64
CA ALA C 317 -8.60 -19.62 63.03
C ALA C 317 -8.24 -21.05 62.67
N GLU C 318 -8.87 -21.98 63.37
CA GLU C 318 -8.65 -23.39 63.10
C GLU C 318 -9.48 -23.76 61.86
N GLY C 319 -8.80 -24.13 60.78
CA GLY C 319 -9.52 -24.51 59.58
C GLY C 319 -9.31 -23.64 58.36
N THR C 320 -10.04 -23.95 57.30
CA THR C 320 -9.95 -23.19 56.07
C THR C 320 -11.21 -22.34 55.89
N GLY C 321 -11.02 -21.03 55.83
CA GLY C 321 -12.16 -20.13 55.66
C GLY C 321 -12.18 -19.54 54.25
N VAL C 322 -13.36 -19.11 53.83
CA VAL C 322 -13.49 -18.53 52.52
C VAL C 322 -14.26 -17.24 52.66
N ILE C 323 -13.74 -16.17 52.07
CA ILE C 323 -14.41 -14.88 52.14
C ILE C 323 -14.69 -14.42 50.72
N THR C 324 -15.95 -14.10 50.45
CA THR C 324 -16.30 -13.61 49.12
C THR C 324 -16.80 -12.19 49.34
N GLU C 325 -16.32 -11.29 48.50
CA GLU C 325 -16.66 -9.89 48.57
C GLU C 325 -17.45 -9.47 47.34
N THR C 326 -18.74 -9.11 47.51
CA THR C 326 -19.57 -8.72 46.37
C THR C 326 -19.89 -7.23 46.24
N ILE C 327 -19.56 -6.45 47.26
CA ILE C 327 -19.84 -5.03 47.17
C ILE C 327 -18.70 -4.21 46.59
N PHE C 328 -17.47 -4.49 47.02
CA PHE C 328 -16.30 -3.74 46.55
C PHE C 328 -15.27 -4.52 45.75
N GLU C 329 -14.81 -3.93 44.64
CA GLU C 329 -13.82 -4.59 43.78
C GLU C 329 -12.40 -4.85 44.26
N ASN C 330 -11.81 -3.83 44.89
CA ASN C 330 -10.44 -3.90 45.39
C ASN C 330 -10.33 -3.86 46.90
N ARG C 331 -11.13 -4.68 47.58
CA ARG C 331 -11.14 -4.70 49.03
C ARG C 331 -10.38 -5.77 49.79
N PHE C 332 -9.24 -6.16 49.23
CA PHE C 332 -8.39 -7.17 49.83
C PHE C 332 -7.03 -6.64 50.29
N MET C 333 -6.80 -5.35 50.03
CA MET C 333 -5.55 -4.70 50.42
C MET C 333 -4.94 -5.15 51.73
N HIS C 334 -5.78 -5.46 52.69
CA HIS C 334 -5.35 -5.94 53.99
C HIS C 334 -4.59 -7.27 53.91
N VAL C 335 -5.01 -8.12 52.98
CA VAL C 335 -4.43 -9.47 52.84
C VAL C 335 -2.91 -9.58 52.73
N PRO C 336 -2.31 -8.97 51.70
CA PRO C 336 -0.86 -9.08 51.56
C PRO C 336 -0.17 -8.53 52.80
N GLU C 337 -0.80 -7.55 53.46
CA GLU C 337 -0.27 -6.98 54.69
C GLU C 337 -0.22 -8.02 55.81
N LEU C 338 -1.28 -8.82 55.90
CA LEU C 338 -1.35 -9.86 56.92
C LEU C 338 -0.39 -11.00 56.65
N ILE C 339 -0.16 -11.26 55.36
CA ILE C 339 0.76 -12.30 54.95
C ILE C 339 2.14 -11.89 55.47
N ARG C 340 2.46 -10.61 55.34
CA ARG C 340 3.74 -10.10 55.83
C ARG C 340 3.89 -10.50 57.28
N MET C 341 2.76 -10.64 57.94
CA MET C 341 2.70 -11.03 59.35
C MET C 341 2.73 -12.54 59.58
N GLY C 342 2.78 -13.32 58.50
CA GLY C 342 2.82 -14.78 58.63
C GLY C 342 1.53 -15.55 58.33
N ALA C 343 0.53 -14.87 57.79
CA ALA C 343 -0.73 -15.53 57.48
C ALA C 343 -0.68 -16.23 56.13
N HIS C 344 -1.46 -17.31 55.99
CA HIS C 344 -1.52 -18.05 54.74
C HIS C 344 -2.81 -17.75 54.00
N ALA C 345 -2.70 -17.15 52.83
CA ALA C 345 -3.90 -16.87 52.07
C ALA C 345 -3.69 -16.79 50.58
N GLU C 346 -4.78 -17.03 49.87
CA GLU C 346 -4.80 -16.98 48.42
C GLU C 346 -6.02 -16.24 47.89
N ILE C 347 -5.78 -15.34 46.97
CA ILE C 347 -6.86 -14.56 46.37
C ILE C 347 -7.23 -15.10 44.99
N GLU C 348 -8.53 -15.20 44.74
CA GLU C 348 -9.04 -15.64 43.44
C GLU C 348 -10.23 -14.79 43.10
N SER C 349 -10.01 -13.79 42.25
CA SER C 349 -11.09 -12.90 41.87
C SER C 349 -11.57 -12.15 43.13
N ASN C 350 -12.87 -12.23 43.41
CA ASN C 350 -13.44 -11.55 44.58
C ASN C 350 -13.56 -12.43 45.83
N THR C 351 -12.66 -13.40 45.94
CA THR C 351 -12.69 -14.32 47.07
C THR C 351 -11.26 -14.51 47.60
N VAL C 352 -11.12 -14.75 48.91
CA VAL C 352 -9.81 -14.98 49.47
C VAL C 352 -9.93 -16.27 50.26
N ILE C 353 -9.01 -17.20 50.06
CA ILE C 353 -9.07 -18.47 50.80
C ILE C 353 -8.14 -18.39 52.00
N CYS C 354 -8.72 -18.60 53.18
CA CYS C 354 -7.99 -18.53 54.43
C CYS C 354 -7.52 -19.84 55.10
N HIS C 355 -6.21 -20.01 55.18
CA HIS C 355 -5.62 -21.19 55.82
C HIS C 355 -5.10 -20.76 57.18
N GLY C 356 -5.95 -20.85 58.19
CA GLY C 356 -5.58 -20.44 59.53
C GLY C 356 -4.24 -20.91 60.07
N VAL C 357 -3.55 -20.00 60.76
CA VAL C 357 -2.26 -20.30 61.37
C VAL C 357 -2.40 -20.09 62.87
N GLU C 358 -1.52 -20.71 63.63
CA GLU C 358 -1.55 -20.59 65.09
C GLU C 358 -1.24 -19.21 65.65
N LYS C 359 -0.09 -18.66 65.26
CA LYS C 359 0.30 -17.34 65.72
C LYS C 359 0.79 -16.37 64.64
N LEU C 360 0.54 -15.09 64.84
CA LEU C 360 1.02 -14.09 63.89
C LEU C 360 2.37 -13.51 64.34
N SER C 361 3.11 -12.96 63.38
CA SER C 361 4.40 -12.34 63.65
C SER C 361 4.41 -10.84 63.47
N GLY C 362 5.02 -10.14 64.43
CA GLY C 362 5.08 -8.69 64.33
C GLY C 362 5.78 -8.28 63.04
N ALA C 363 5.30 -7.21 62.43
CA ALA C 363 5.92 -6.74 61.20
C ALA C 363 5.49 -5.32 60.92
N GLN C 364 6.07 -4.73 59.89
CA GLN C 364 5.70 -3.37 59.53
C GLN C 364 4.64 -3.41 58.43
N VAL C 365 3.44 -2.95 58.71
CA VAL C 365 2.38 -2.98 57.70
C VAL C 365 1.80 -1.63 57.37
N MET C 366 1.06 -1.57 56.28
CA MET C 366 0.49 -0.31 55.85
C MET C 366 -1.05 -0.26 55.75
N ALA C 367 -1.67 0.60 56.53
CA ALA C 367 -3.09 0.82 56.42
C ALA C 367 -3.41 1.43 55.10
N THR C 368 -4.33 0.81 54.38
CA THR C 368 -4.72 1.27 53.06
C THR C 368 -6.09 1.87 53.05
N ASP C 369 -6.90 1.46 53.99
CA ASP C 369 -8.25 1.90 54.08
C ASP C 369 -8.75 1.67 55.46
N LEU C 370 -9.80 2.34 55.82
CA LEU C 370 -10.28 2.39 57.17
C LEU C 370 -10.50 1.07 57.87
N ARG C 371 -11.22 0.16 57.29
CA ARG C 371 -11.54 -1.00 58.04
C ARG C 371 -10.47 -2.03 57.98
N ALA C 372 -9.60 -1.93 56.99
CA ALA C 372 -8.45 -2.77 56.98
C ALA C 372 -7.45 -2.31 57.98
N SER C 373 -7.31 -1.02 58.12
CA SER C 373 -6.45 -0.49 59.17
C SER C 373 -6.78 -1.01 60.57
N ALA C 374 -8.07 -1.07 60.89
CA ALA C 374 -8.49 -1.57 62.19
C ALA C 374 -8.20 -3.07 62.27
N SER C 375 -8.13 -3.71 61.10
CA SER C 375 -7.81 -5.14 61.07
C SER C 375 -6.34 -5.33 61.39
N LEU C 376 -5.51 -4.46 60.83
CA LEU C 376 -4.07 -4.50 61.09
C LEU C 376 -3.75 -4.17 62.56
N VAL C 377 -4.54 -3.29 63.15
CA VAL C 377 -4.33 -2.91 64.54
C VAL C 377 -4.63 -4.11 65.40
N LEU C 378 -5.72 -4.79 65.08
CA LEU C 378 -6.10 -5.99 65.78
C LEU C 378 -5.07 -7.11 65.58
N ALA C 379 -4.51 -7.18 64.37
CA ALA C 379 -3.51 -8.20 64.08
C ALA C 379 -2.29 -7.92 64.96
N GLY C 380 -1.91 -6.65 65.05
CA GLY C 380 -0.78 -6.30 65.88
C GLY C 380 -0.95 -6.74 67.31
N CYS C 381 -2.18 -6.60 67.83
CA CYS C 381 -2.54 -6.97 69.19
C CYS C 381 -2.31 -8.45 69.53
N ILE C 382 -2.58 -9.32 68.57
CA ILE C 382 -2.42 -10.74 68.82
C ILE C 382 -1.09 -11.33 68.30
N ALA C 383 -0.50 -10.68 67.31
CA ALA C 383 0.76 -11.13 66.74
C ALA C 383 1.90 -11.14 67.77
N GLU C 384 2.97 -11.83 67.41
CA GLU C 384 4.12 -11.92 68.30
C GLU C 384 5.20 -10.86 68.15
N GLY C 385 5.39 -10.04 69.18
CA GLY C 385 6.40 -9.01 69.09
C GLY C 385 5.80 -7.66 68.76
N THR C 386 6.53 -6.86 67.99
CA THR C 386 6.08 -5.53 67.64
C THR C 386 5.56 -5.40 66.21
N THR C 387 4.45 -4.69 66.08
CA THR C 387 3.83 -4.43 64.79
C THR C 387 3.66 -2.93 64.68
N VAL C 388 4.06 -2.36 63.55
CA VAL C 388 3.91 -0.92 63.36
C VAL C 388 2.96 -0.74 62.17
N VAL C 389 1.88 -0.01 62.39
CA VAL C 389 0.92 0.21 61.33
C VAL C 389 1.07 1.62 60.82
N ASP C 390 1.64 1.75 59.63
CA ASP C 390 1.82 3.06 58.99
C ASP C 390 0.47 3.63 58.53
N ARG C 391 0.38 4.94 58.42
CA ARG C 391 -0.85 5.59 57.95
C ARG C 391 -2.10 5.28 58.75
N ILE C 392 -2.04 5.46 60.06
CA ILE C 392 -3.20 5.19 60.87
C ILE C 392 -4.24 6.29 60.67
N TYR C 393 -3.93 7.26 59.82
CA TYR C 393 -4.86 8.34 59.56
C TYR C 393 -6.21 7.79 59.07
N HIS C 394 -6.16 6.63 58.42
CA HIS C 394 -7.36 5.95 57.93
C HIS C 394 -8.23 5.62 59.11
N ILE C 395 -7.61 5.02 60.12
CA ILE C 395 -8.29 4.63 61.35
C ILE C 395 -9.04 5.82 61.92
N ASP C 396 -8.39 6.98 61.95
CA ASP C 396 -9.00 8.19 62.49
C ASP C 396 -10.18 8.81 61.77
N ARG C 397 -10.46 8.34 60.57
CA ARG C 397 -11.61 8.84 59.83
C ARG C 397 -12.90 8.18 60.36
N GLY C 398 -12.81 6.87 60.61
CA GLY C 398 -13.96 6.12 61.07
C GLY C 398 -13.95 5.59 62.48
N TYR C 399 -12.85 5.71 63.18
CA TYR C 399 -12.79 5.23 64.56
C TYR C 399 -12.54 6.35 65.57
N GLU C 400 -13.35 6.38 66.62
CA GLU C 400 -13.20 7.38 67.67
C GLU C 400 -12.34 6.87 68.83
N ARG C 401 -11.13 7.37 68.96
CA ARG C 401 -10.25 6.93 70.04
C ARG C 401 -10.12 5.41 70.10
N ILE C 402 -9.75 4.78 68.99
CA ILE C 402 -9.62 3.34 68.99
C ILE C 402 -8.45 2.85 69.86
N GLU C 403 -7.38 3.63 69.92
CA GLU C 403 -6.25 3.23 70.76
C GLU C 403 -6.68 3.13 72.23
N ASP C 404 -7.43 4.14 72.68
CA ASP C 404 -7.95 4.17 74.03
C ASP C 404 -8.86 2.98 74.34
N LYS C 405 -9.85 2.79 73.46
CA LYS C 405 -10.79 1.68 73.62
C LYS C 405 -10.07 0.34 73.67
N LEU C 406 -9.11 0.16 72.78
CA LEU C 406 -8.31 -1.05 72.75
C LEU C 406 -7.47 -1.14 74.03
N ARG C 407 -6.83 -0.03 74.37
CA ARG C 407 -6.02 0.04 75.58
C ARG C 407 -6.80 -0.44 76.81
N ALA C 408 -8.02 0.05 76.94
CA ALA C 408 -8.90 -0.31 78.03
C ALA C 408 -9.14 -1.82 78.01
N LEU C 409 -8.88 -2.42 76.85
CA LEU C 409 -9.05 -3.86 76.70
C LEU C 409 -7.80 -4.65 77.06
N GLY C 410 -6.72 -3.93 77.33
CA GLY C 410 -5.46 -4.58 77.68
C GLY C 410 -4.45 -4.50 76.55
N ALA C 411 -4.77 -3.72 75.54
CA ALA C 411 -3.89 -3.57 74.39
C ALA C 411 -2.62 -2.79 74.71
N ASN C 412 -1.52 -3.19 74.09
CA ASN C 412 -0.26 -2.49 74.25
C ASN C 412 -0.11 -1.66 72.98
N ILE C 413 -0.49 -0.39 73.06
CA ILE C 413 -0.44 0.43 71.87
C ILE C 413 0.02 1.86 72.06
N GLU C 414 0.80 2.35 71.13
CA GLU C 414 1.24 3.71 71.17
C GLU C 414 1.03 4.42 69.86
N ARG C 415 0.47 5.60 69.90
CA ARG C 415 0.36 6.40 68.73
C ARG C 415 1.64 7.18 68.59
N VAL C 416 2.22 7.09 67.43
CA VAL C 416 3.52 7.60 67.26
C VAL C 416 3.52 8.57 66.12
N LYS C 417 4.01 9.76 66.41
CA LYS C 417 3.98 10.89 65.51
C LYS C 417 5.35 10.92 64.93
N GLY C 418 5.94 9.73 64.96
CA GLY C 418 7.20 9.37 64.35
C GLY C 418 6.96 8.97 62.92
N GLU C 419 7.79 8.08 62.38
CA GLU C 419 8.89 7.50 63.15
C GLU C 419 9.56 8.54 64.04
N MET D 1 -39.19 -34.59 16.90
CA MET D 1 -39.44 -33.94 18.22
C MET D 1 -39.79 -32.47 18.00
N ASP D 2 -40.69 -31.96 18.84
CA ASP D 2 -41.13 -30.57 18.76
C ASP D 2 -40.23 -29.42 18.28
N LYS D 3 -40.70 -28.71 17.26
CA LYS D 3 -39.97 -27.56 16.70
C LYS D 3 -40.81 -26.35 16.27
N PHE D 4 -40.25 -25.15 16.43
CA PHE D 4 -40.95 -23.93 16.02
C PHE D 4 -40.47 -23.39 14.68
N ARG D 5 -41.41 -23.15 13.77
CA ARG D 5 -41.06 -22.58 12.47
C ARG D 5 -41.56 -21.12 12.51
N VAL D 6 -40.68 -20.16 12.29
CA VAL D 6 -41.05 -18.75 12.38
C VAL D 6 -40.57 -17.90 11.22
N GLN D 7 -41.45 -17.04 10.73
CA GLN D 7 -41.13 -16.15 9.62
C GLN D 7 -41.29 -14.70 9.98
N GLY D 8 -40.29 -13.89 9.61
CA GLY D 8 -40.32 -12.48 9.89
C GLY D 8 -39.78 -11.70 8.72
N PRO D 9 -39.55 -10.38 8.89
CA PRO D 9 -39.79 -9.63 10.12
C PRO D 9 -41.27 -9.36 10.31
N THR D 10 -41.71 -9.43 11.57
CA THR D 10 -43.10 -9.21 11.92
C THR D 10 -43.32 -8.28 13.09
N ARG D 11 -44.05 -7.20 12.85
CA ARG D 11 -44.36 -6.25 13.90
C ARG D 11 -45.32 -6.87 14.92
N LEU D 12 -44.92 -6.88 16.18
CA LEU D 12 -45.78 -7.41 17.21
C LEU D 12 -46.74 -6.38 17.78
N GLN D 13 -48.04 -6.62 17.62
CA GLN D 13 -49.03 -5.69 18.11
C GLN D 13 -50.37 -6.32 18.40
N GLY D 14 -51.06 -5.83 19.41
CA GLY D 14 -52.36 -6.40 19.74
C GLY D 14 -52.61 -6.54 21.23
N GLU D 15 -53.34 -7.58 21.58
CA GLU D 15 -53.68 -7.82 22.98
C GLU D 15 -53.19 -9.20 23.44
N VAL D 16 -53.00 -9.37 24.74
CA VAL D 16 -52.56 -10.65 25.29
C VAL D 16 -53.06 -10.74 26.72
N THR D 17 -53.52 -11.91 27.14
CA THR D 17 -53.98 -12.09 28.51
C THR D 17 -52.96 -12.96 29.22
N ILE D 18 -52.41 -12.43 30.29
CA ILE D 18 -51.39 -13.12 31.06
C ILE D 18 -51.91 -14.29 31.89
N SER D 19 -51.24 -15.44 31.77
CA SER D 19 -51.61 -16.63 32.54
C SER D 19 -51.13 -16.53 33.99
N GLY D 20 -51.39 -17.58 34.77
CA GLY D 20 -50.95 -17.60 36.16
C GLY D 20 -49.45 -17.85 36.25
N ALA D 21 -48.82 -17.29 37.27
CA ALA D 21 -47.39 -17.42 37.45
C ALA D 21 -46.93 -18.85 37.72
N LYS D 22 -46.04 -19.34 36.87
CA LYS D 22 -45.48 -20.68 37.04
C LYS D 22 -44.78 -20.76 38.39
N ASN D 23 -43.94 -19.75 38.64
CA ASN D 23 -43.19 -19.65 39.87
C ASN D 23 -43.92 -19.46 41.17
N ALA D 24 -45.22 -19.22 41.09
CA ALA D 24 -46.04 -19.08 42.28
C ALA D 24 -46.80 -20.37 42.42
N ALA D 25 -47.26 -20.90 41.28
CA ALA D 25 -47.99 -22.16 41.30
C ALA D 25 -47.12 -23.32 41.79
N LEU D 26 -45.84 -23.35 41.40
CA LEU D 26 -44.96 -24.45 41.88
C LEU D 26 -44.83 -24.57 43.40
N PRO D 27 -44.33 -23.52 44.07
CA PRO D 27 -44.18 -23.53 45.53
C PRO D 27 -45.50 -23.73 46.31
N ILE D 28 -46.58 -23.17 45.79
CA ILE D 28 -47.90 -23.33 46.43
C ILE D 28 -48.29 -24.80 46.27
N LEU D 29 -48.03 -25.38 45.10
CA LEU D 29 -48.36 -26.78 44.88
C LEU D 29 -47.66 -27.77 45.82
N PHE D 30 -46.45 -27.40 46.24
CA PHE D 30 -45.65 -28.19 47.18
C PHE D 30 -46.04 -27.88 48.62
N ALA D 31 -46.44 -26.63 48.87
CA ALA D 31 -46.85 -26.22 50.21
C ALA D 31 -48.14 -26.96 50.56
N ALA D 32 -48.88 -27.34 49.53
CA ALA D 32 -50.12 -28.09 49.70
C ALA D 32 -49.88 -29.37 50.50
N LEU D 33 -48.65 -29.88 50.47
CA LEU D 33 -48.29 -31.09 51.20
C LEU D 33 -48.53 -30.98 52.69
N LEU D 34 -48.81 -29.75 53.11
CA LEU D 34 -49.05 -29.40 54.52
C LEU D 34 -50.53 -29.43 54.89
N ALA D 35 -51.38 -29.25 53.90
CA ALA D 35 -52.82 -29.21 54.12
C ALA D 35 -53.47 -30.56 54.35
N GLU D 36 -54.17 -30.68 55.47
CA GLU D 36 -54.88 -31.92 55.82
C GLU D 36 -56.29 -31.98 55.22
N GLU D 37 -56.63 -30.97 54.42
CA GLU D 37 -57.95 -30.85 53.78
C GLU D 37 -57.95 -30.43 52.30
N PRO D 38 -58.95 -30.89 51.52
CA PRO D 38 -59.07 -30.56 50.11
C PRO D 38 -58.71 -29.11 49.77
N VAL D 39 -57.79 -28.96 48.82
CA VAL D 39 -57.32 -27.65 48.41
C VAL D 39 -57.50 -27.45 46.92
N GLU D 40 -57.97 -26.25 46.57
CA GLU D 40 -58.15 -25.87 45.17
C GLU D 40 -57.28 -24.65 44.85
N ILE D 41 -56.37 -24.81 43.89
CA ILE D 41 -55.49 -23.73 43.48
C ILE D 41 -56.00 -23.25 42.13
N GLN D 42 -56.38 -21.97 42.07
CA GLN D 42 -56.91 -21.36 40.88
C GLN D 42 -55.91 -20.57 40.05
N ASN D 43 -56.18 -20.44 38.76
CA ASN D 43 -55.32 -19.69 37.85
C ASN D 43 -53.95 -20.33 37.62
N VAL D 44 -53.95 -21.65 37.45
CA VAL D 44 -52.73 -22.40 37.24
C VAL D 44 -52.46 -22.58 35.76
N PRO D 45 -51.31 -22.09 35.27
CA PRO D 45 -51.06 -22.27 33.83
C PRO D 45 -50.86 -23.75 33.50
N LYS D 46 -51.11 -24.13 32.25
CA LYS D 46 -50.91 -25.53 31.84
C LYS D 46 -49.51 -25.66 31.26
N LEU D 47 -48.59 -26.11 32.13
CA LEU D 47 -47.19 -26.27 31.75
C LEU D 47 -46.68 -27.65 32.04
N LYS D 48 -45.66 -28.07 31.31
CA LYS D 48 -45.05 -29.39 31.55
C LYS D 48 -44.65 -29.55 33.02
N ASP D 49 -44.17 -28.46 33.61
CA ASP D 49 -43.76 -28.47 35.01
C ASP D 49 -44.90 -28.73 35.97
N ILE D 50 -46.08 -28.22 35.64
CA ILE D 50 -47.24 -28.44 36.47
C ILE D 50 -47.59 -29.92 36.37
N ASP D 51 -47.49 -30.49 35.17
CA ASP D 51 -47.80 -31.92 35.02
C ASP D 51 -46.89 -32.77 35.90
N THR D 52 -45.62 -32.38 35.90
CA THR D 52 -44.61 -33.07 36.69
C THR D 52 -44.84 -32.97 38.19
N THR D 53 -45.27 -31.82 38.68
CA THR D 53 -45.51 -31.70 40.13
C THR D 53 -46.67 -32.63 40.49
N MET D 54 -47.69 -32.63 39.64
CA MET D 54 -48.85 -33.47 39.82
C MET D 54 -48.41 -34.91 39.91
N LYS D 55 -47.54 -35.29 38.98
CA LYS D 55 -46.97 -36.64 38.94
C LYS D 55 -46.19 -36.91 40.22
N LEU D 56 -45.35 -35.95 40.63
CA LEU D 56 -44.60 -36.11 41.87
C LEU D 56 -45.52 -36.23 43.07
N LEU D 57 -46.54 -35.39 43.10
CA LEU D 57 -47.51 -35.40 44.18
C LEU D 57 -48.25 -36.74 44.30
N THR D 58 -48.80 -37.21 43.18
CA THR D 58 -49.53 -38.46 43.18
C THR D 58 -48.68 -39.56 43.81
N GLN D 59 -47.43 -39.68 43.34
CA GLN D 59 -46.51 -40.69 43.88
C GLN D 59 -46.19 -40.55 45.37
N LEU D 60 -46.71 -39.49 45.98
CA LEU D 60 -46.51 -39.25 47.41
C LEU D 60 -47.71 -39.78 48.21
N GLY D 61 -48.72 -40.22 47.48
CA GLY D 61 -49.95 -40.70 48.12
C GLY D 61 -50.82 -39.47 48.23
N THR D 62 -50.83 -38.68 47.16
CA THR D 62 -51.59 -37.45 47.10
C THR D 62 -52.69 -37.51 46.04
N LYS D 63 -53.84 -36.91 46.37
CA LYS D 63 -54.98 -36.86 45.45
C LYS D 63 -54.89 -35.56 44.65
N VAL D 64 -54.60 -35.69 43.35
CA VAL D 64 -54.45 -34.52 42.47
C VAL D 64 -55.28 -34.58 41.19
N GLU D 65 -55.82 -33.43 40.79
CA GLU D 65 -56.61 -33.31 39.57
C GLU D 65 -56.75 -31.88 39.07
N ARG D 66 -56.57 -31.67 37.77
CA ARG D 66 -56.70 -30.33 37.21
C ARG D 66 -57.66 -30.24 36.03
N IAS D 67 -57.88 -29.03 35.55
CA IAS D 67 -58.76 -28.80 34.42
C IAS D 67 -58.19 -29.22 33.06
O IAS D 67 -58.26 -30.43 32.76
CB IAS D 67 -59.48 -27.46 34.43
CG IAS D 67 -58.55 -26.28 34.68
OD1 IAS D 67 -57.34 -26.45 34.84
OXT IAS D 67 -57.65 -28.35 32.36
N GLY D 68 -59.12 -25.08 34.69
CA GLY D 68 -58.34 -23.88 34.92
C GLY D 68 -57.60 -23.96 36.24
N SER D 69 -58.07 -24.83 37.12
CA SER D 69 -57.46 -25.02 38.43
C SER D 69 -56.91 -26.41 38.78
N VAL D 70 -56.24 -26.54 39.93
CA VAL D 70 -55.71 -27.82 40.34
C VAL D 70 -56.27 -28.21 41.70
N TRP D 71 -56.88 -29.39 41.74
CA TRP D 71 -57.46 -29.93 42.96
C TRP D 71 -56.48 -30.82 43.71
N ILE D 72 -56.18 -30.47 44.95
CA ILE D 72 -55.23 -31.24 45.75
C ILE D 72 -55.84 -31.79 47.04
N ASP D 73 -55.51 -33.05 47.33
CA ASP D 73 -55.98 -33.70 48.55
C ASP D 73 -54.86 -34.52 49.18
N ALA D 74 -54.13 -33.90 50.09
CA ALA D 74 -52.97 -34.52 50.73
C ALA D 74 -53.21 -35.11 52.11
N SER D 75 -54.46 -35.47 52.40
CA SER D 75 -54.78 -36.08 53.68
C SER D 75 -54.17 -37.48 53.77
N ASN D 76 -53.97 -38.10 52.61
CA ASN D 76 -53.42 -39.44 52.55
C ASN D 76 -51.98 -39.74 52.14
N VAL D 77 -51.15 -38.70 52.16
CA VAL D 77 -49.75 -38.86 51.78
C VAL D 77 -49.09 -39.97 52.59
N ASN D 78 -48.58 -40.96 51.88
CA ASN D 78 -47.92 -42.11 52.47
C ASN D 78 -46.45 -42.27 52.11
N ASN D 79 -46.11 -41.89 50.89
CA ASN D 79 -44.73 -41.97 50.41
C ASN D 79 -43.95 -40.67 50.57
N PHE D 80 -42.79 -40.74 51.21
CA PHE D 80 -41.98 -39.55 51.46
C PHE D 80 -40.76 -39.22 50.60
N SER D 81 -40.78 -39.61 49.33
CA SER D 81 -39.63 -39.34 48.48
C SER D 81 -39.75 -38.82 47.06
N ALA D 82 -38.82 -37.94 46.69
CA ALA D 82 -38.79 -37.38 45.34
C ALA D 82 -37.66 -38.12 44.60
N PRO D 83 -38.03 -39.02 43.69
CA PRO D 83 -37.07 -39.81 42.91
C PRO D 83 -36.14 -39.04 41.97
N TYR D 84 -35.04 -39.68 41.64
CA TYR D 84 -34.00 -39.16 40.75
C TYR D 84 -34.57 -38.64 39.43
N ASP D 85 -35.47 -39.42 38.85
CA ASP D 85 -36.11 -39.06 37.57
C ASP D 85 -36.88 -37.74 37.59
N LEU D 86 -37.63 -37.52 38.67
CA LEU D 86 -38.41 -36.30 38.80
C LEU D 86 -37.55 -35.08 39.13
N VAL D 87 -36.57 -35.27 40.01
CA VAL D 87 -35.68 -34.19 40.37
C VAL D 87 -34.84 -33.81 39.15
N LYS D 88 -34.58 -34.80 38.30
CA LYS D 88 -33.81 -34.56 37.09
C LYS D 88 -34.54 -33.69 36.07
N THR D 89 -35.76 -34.09 35.74
CA THR D 89 -36.56 -33.36 34.78
C THR D 89 -37.05 -32.09 35.46
N MET D 90 -37.39 -32.21 36.72
CA MET D 90 -37.88 -31.05 37.46
C MET D 90 -37.26 -30.60 38.78
N ARG D 91 -36.28 -29.72 38.66
CA ARG D 91 -35.57 -29.18 39.81
C ARG D 91 -36.38 -28.81 41.05
N ALA D 92 -37.49 -28.10 40.85
CA ALA D 92 -38.35 -27.67 41.95
C ALA D 92 -38.80 -28.82 42.84
N SER D 93 -38.57 -30.05 42.39
CA SER D 93 -38.92 -31.23 43.19
C SER D 93 -38.35 -31.18 44.61
N ILE D 94 -37.24 -30.47 44.78
CA ILE D 94 -36.62 -30.36 46.09
C ILE D 94 -37.59 -29.74 47.09
N TRP D 95 -38.49 -28.89 46.61
CA TRP D 95 -39.51 -28.27 47.46
C TRP D 95 -40.38 -29.22 48.29
N ALA D 96 -40.39 -30.51 47.92
CA ALA D 96 -41.16 -31.50 48.65
C ALA D 96 -40.51 -31.73 50.02
N LEU D 97 -39.21 -31.49 50.10
CA LEU D 97 -38.46 -31.67 51.33
C LEU D 97 -39.02 -31.08 52.62
N GLY D 98 -39.04 -29.76 52.72
CA GLY D 98 -39.52 -29.08 53.92
C GLY D 98 -40.84 -29.57 54.49
N PRO D 99 -41.94 -29.45 53.71
CA PRO D 99 -43.30 -29.85 54.08
C PRO D 99 -43.36 -31.27 54.64
N LEU D 100 -42.70 -32.19 53.94
CA LEU D 100 -42.65 -33.57 54.36
C LEU D 100 -42.09 -33.80 55.75
N VAL D 101 -40.90 -33.26 56.02
CA VAL D 101 -40.28 -33.43 57.32
C VAL D 101 -40.94 -32.53 58.37
N ALA D 102 -41.71 -31.54 57.95
CA ALA D 102 -42.38 -30.68 58.92
C ALA D 102 -43.65 -31.42 59.35
N ARG D 103 -44.36 -31.93 58.35
CA ARG D 103 -45.60 -32.66 58.57
C ARG D 103 -45.53 -34.12 59.03
N PHE D 104 -44.66 -34.91 58.39
CA PHE D 104 -44.52 -36.31 58.72
C PHE D 104 -43.24 -36.69 59.48
N GLY D 105 -42.37 -35.72 59.74
CA GLY D 105 -41.12 -35.99 60.43
C GLY D 105 -40.06 -36.65 59.55
N GLN D 106 -40.32 -36.69 58.24
CA GLN D 106 -39.39 -37.30 57.30
C GLN D 106 -39.55 -36.89 55.84
N GLY D 107 -38.45 -37.00 55.11
CA GLY D 107 -38.47 -36.65 53.70
C GLY D 107 -37.14 -36.97 53.05
N GLN D 108 -37.23 -37.35 51.78
CA GLN D 108 -36.08 -37.68 50.95
C GLN D 108 -36.27 -37.01 49.59
N VAL D 109 -35.21 -36.41 49.06
CA VAL D 109 -35.29 -35.79 47.74
C VAL D 109 -33.92 -35.98 47.08
N SER D 110 -33.94 -36.39 45.82
CA SER D 110 -32.68 -36.59 45.11
C SER D 110 -31.91 -35.28 44.95
N LEU D 111 -30.62 -35.28 45.27
CA LEU D 111 -29.80 -34.08 45.14
C LEU D 111 -29.62 -33.66 43.69
N PRO D 112 -30.05 -32.44 43.33
CA PRO D 112 -29.92 -31.94 41.95
C PRO D 112 -28.44 -31.84 41.51
N GLY D 113 -28.15 -32.26 40.27
CA GLY D 113 -26.79 -32.23 39.77
C GLY D 113 -26.47 -30.99 38.95
N GLY D 114 -25.56 -31.16 38.01
CA GLY D 114 -25.13 -30.05 37.17
C GLY D 114 -26.23 -29.34 36.40
N ASP D 115 -26.17 -28.01 36.38
CA ASP D 115 -27.09 -27.19 35.61
C ASP D 115 -26.30 -26.29 34.70
N ALA D 116 -26.77 -26.10 33.48
CA ALA D 116 -26.01 -25.33 32.51
C ALA D 116 -25.85 -23.91 32.92
N ILE D 117 -26.88 -23.33 33.48
CA ILE D 117 -26.84 -21.91 33.80
C ILE D 117 -25.97 -21.47 34.96
N GLY D 118 -25.57 -22.35 35.85
CA GLY D 118 -24.74 -21.97 36.97
C GLY D 118 -24.44 -22.95 38.08
N ALA D 119 -25.07 -24.12 38.04
CA ALA D 119 -24.74 -25.25 38.92
C ALA D 119 -25.59 -25.47 40.20
N ARG D 120 -25.98 -24.40 40.86
CA ARG D 120 -27.07 -24.35 41.81
C ARG D 120 -27.11 -25.29 43.01
N PRO D 121 -26.27 -25.08 44.00
CA PRO D 121 -26.35 -25.85 45.25
C PRO D 121 -27.60 -25.57 46.09
N VAL D 122 -27.98 -26.51 46.95
CA VAL D 122 -29.19 -26.38 47.79
C VAL D 122 -28.77 -26.34 49.24
N ASP D 123 -27.49 -26.03 49.43
CA ASP D 123 -26.86 -25.88 50.73
C ASP D 123 -27.75 -25.09 51.67
N LEU D 124 -28.27 -23.98 51.16
CA LEU D 124 -29.17 -23.13 51.95
C LEU D 124 -30.44 -23.84 52.47
N HIS D 125 -31.06 -24.66 51.61
CA HIS D 125 -32.25 -25.41 52.01
C HIS D 125 -31.92 -26.33 53.20
N ILE D 126 -30.90 -27.16 52.99
CA ILE D 126 -30.41 -28.10 53.98
C ILE D 126 -30.11 -27.38 55.28
N PHE D 127 -29.25 -26.36 55.19
CA PHE D 127 -28.88 -25.57 56.35
C PHE D 127 -30.09 -25.04 57.08
N GLY D 128 -31.04 -24.51 56.33
CA GLY D 128 -32.25 -23.98 56.92
C GLY D 128 -32.96 -25.03 57.73
N LEU D 129 -33.23 -26.16 57.09
CA LEU D 129 -33.89 -27.25 57.77
C LEU D 129 -33.14 -27.59 59.05
N GLU D 130 -31.83 -27.84 58.93
CA GLU D 130 -31.01 -28.15 60.10
C GLU D 130 -31.19 -27.15 61.24
N LYS D 131 -31.31 -25.87 60.88
CA LYS D 131 -31.51 -24.80 61.87
C LYS D 131 -32.85 -25.03 62.56
N LEU D 132 -33.77 -25.68 61.86
CA LEU D 132 -35.09 -25.98 62.41
C LEU D 132 -35.17 -27.26 63.24
N GLY D 133 -34.03 -27.92 63.40
CA GLY D 133 -33.96 -29.14 64.18
C GLY D 133 -33.94 -30.45 63.38
N ALA D 134 -34.08 -30.37 62.06
CA ALA D 134 -34.05 -31.59 61.27
C ALA D 134 -32.62 -32.12 61.18
N GLU D 135 -32.50 -33.44 61.19
CA GLU D 135 -31.21 -34.11 61.06
C GLU D 135 -31.16 -34.47 59.60
N ILE D 136 -30.06 -34.13 58.93
CA ILE D 136 -29.95 -34.42 57.52
C ILE D 136 -28.67 -35.15 57.17
N LYS D 137 -28.77 -36.06 56.22
CA LYS D 137 -27.63 -36.83 55.75
C LYS D 137 -27.72 -37.19 54.26
N LEU D 138 -26.56 -37.39 53.63
CA LEU D 138 -26.50 -37.74 52.22
C LEU D 138 -26.38 -39.24 51.99
N GLU D 139 -27.30 -39.82 51.22
CA GLU D 139 -27.26 -41.26 50.94
C GLU D 139 -27.62 -41.69 49.53
N GLU D 140 -26.67 -42.24 48.80
CA GLU D 140 -26.94 -42.68 47.44
C GLU D 140 -27.53 -41.58 46.56
N GLY D 141 -27.11 -40.35 46.79
CA GLY D 141 -27.58 -39.21 46.02
C GLY D 141 -28.84 -38.56 46.56
N TYR D 142 -29.39 -39.13 47.63
CA TYR D 142 -30.61 -38.59 48.23
C TYR D 142 -30.34 -37.77 49.48
N VAL D 143 -30.94 -36.59 49.57
CA VAL D 143 -30.79 -35.79 50.77
C VAL D 143 -31.87 -36.39 51.68
N LYS D 144 -31.45 -36.98 52.80
CA LYS D 144 -32.40 -37.57 53.74
C LYS D 144 -32.52 -36.74 54.99
N ALA D 145 -33.74 -36.31 55.32
CA ALA D 145 -33.97 -35.51 56.52
C ALA D 145 -35.03 -36.14 57.40
N SER D 146 -34.86 -35.97 58.70
CA SER D 146 -35.79 -36.51 59.66
C SER D 146 -35.69 -35.69 60.94
N VAL D 147 -36.77 -35.71 61.72
CA VAL D 147 -36.83 -35.01 63.00
C VAL D 147 -37.68 -35.81 63.97
N ASN D 148 -37.20 -35.94 65.21
CA ASN D 148 -37.96 -36.68 66.22
C ASN D 148 -39.02 -35.76 66.82
N GLY D 149 -40.22 -35.80 66.26
CA GLY D 149 -41.29 -34.96 66.75
C GLY D 149 -41.44 -33.73 65.88
N ARG D 150 -41.51 -32.56 66.50
CA ARG D 150 -41.67 -31.32 65.76
C ARG D 150 -40.47 -30.39 65.59
N LEU D 151 -40.42 -29.68 64.46
CA LEU D 151 -39.33 -28.74 64.22
C LEU D 151 -39.39 -27.57 65.21
N LYS D 152 -38.23 -27.07 65.59
CA LYS D 152 -38.16 -25.95 66.53
C LYS D 152 -37.80 -24.61 65.88
N GLY D 153 -38.73 -23.66 65.92
CA GLY D 153 -38.50 -22.37 65.33
C GLY D 153 -37.14 -21.80 65.69
N ALA D 154 -36.50 -21.12 64.73
CA ALA D 154 -35.18 -20.55 64.96
C ALA D 154 -35.00 -19.19 64.31
N HIS D 155 -33.92 -18.52 64.69
CA HIS D 155 -33.55 -17.23 64.13
C HIS D 155 -32.50 -17.55 63.06
N ILE D 156 -32.93 -17.54 61.80
CA ILE D 156 -32.04 -17.89 60.70
C ILE D 156 -31.66 -16.72 59.81
N VAL D 157 -30.37 -16.43 59.75
CA VAL D 157 -29.89 -15.36 58.89
C VAL D 157 -29.33 -16.02 57.62
N MET D 158 -30.00 -15.81 56.49
CA MET D 158 -29.55 -16.36 55.21
C MET D 158 -28.20 -15.79 54.71
N ASP D 159 -27.26 -16.66 54.33
CA ASP D 159 -25.97 -16.18 53.81
C ASP D 159 -26.16 -15.39 52.53
N LYS D 160 -27.22 -15.75 51.82
CA LYS D 160 -27.56 -15.12 50.56
C LYS D 160 -29.06 -15.11 50.33
N VAL D 161 -29.51 -14.26 49.41
CA VAL D 161 -30.91 -14.15 49.08
C VAL D 161 -31.27 -15.34 48.20
N SER D 162 -32.18 -16.18 48.70
CA SER D 162 -32.61 -17.37 47.98
C SER D 162 -34.13 -17.56 47.88
N VAL D 163 -34.68 -17.48 46.69
CA VAL D 163 -36.11 -17.68 46.53
C VAL D 163 -36.41 -19.08 47.04
N GLY D 164 -35.72 -20.07 46.47
CA GLY D 164 -35.91 -21.45 46.85
C GLY D 164 -35.78 -21.79 48.32
N ALA D 165 -34.65 -21.42 48.94
CA ALA D 165 -34.42 -21.74 50.34
C ALA D 165 -35.42 -21.02 51.23
N THR D 166 -35.81 -19.81 50.84
CA THR D 166 -36.79 -19.06 51.61
C THR D 166 -38.13 -19.86 51.64
N VAL D 167 -38.58 -20.33 50.48
CA VAL D 167 -39.81 -21.11 50.44
C VAL D 167 -39.69 -22.37 51.29
N THR D 168 -38.54 -23.06 51.21
CA THR D 168 -38.33 -24.27 52.01
C THR D 168 -38.44 -23.99 53.49
N ILE D 169 -37.73 -23.00 53.99
CA ILE D 169 -37.76 -22.67 55.40
C ILE D 169 -39.12 -22.10 55.83
N MET D 170 -39.65 -21.15 55.06
CA MET D 170 -40.96 -20.56 55.36
C MET D 170 -42.04 -21.64 55.47
N SER D 171 -42.14 -22.47 54.45
CA SER D 171 -43.11 -23.57 54.44
C SER D 171 -43.02 -24.47 55.69
N ALA D 172 -41.86 -25.10 55.87
CA ALA D 172 -41.64 -25.98 57.01
C ALA D 172 -41.90 -25.32 58.38
N ALA D 173 -41.60 -24.03 58.51
CA ALA D 173 -41.80 -23.31 59.78
C ALA D 173 -43.25 -23.21 60.23
N THR D 174 -44.18 -23.23 59.27
CA THR D 174 -45.60 -23.15 59.61
C THR D 174 -46.00 -24.22 60.63
N LEU D 175 -45.34 -25.37 60.59
CA LEU D 175 -45.63 -26.47 61.48
C LEU D 175 -44.69 -26.73 62.66
N ALA D 176 -43.82 -25.77 62.95
CA ALA D 176 -42.84 -25.93 64.03
C ALA D 176 -43.29 -25.38 65.39
N GLU D 177 -42.59 -25.78 66.44
CA GLU D 177 -42.91 -25.29 67.77
C GLU D 177 -42.22 -23.96 67.99
N GLY D 178 -42.99 -22.88 68.01
CA GLY D 178 -42.40 -21.58 68.24
C GLY D 178 -42.33 -20.64 67.04
N THR D 179 -41.56 -19.58 67.21
CA THR D 179 -41.38 -18.56 66.19
C THR D 179 -40.12 -18.78 65.34
N THR D 180 -40.25 -18.48 64.06
CA THR D 180 -39.14 -18.60 63.13
C THR D 180 -38.92 -17.24 62.51
N ILE D 181 -37.69 -16.76 62.57
CA ILE D 181 -37.38 -15.48 61.99
C ILE D 181 -36.38 -15.72 60.87
N ILE D 182 -36.82 -15.46 59.64
CA ILE D 182 -35.94 -15.61 58.49
C ILE D 182 -35.37 -14.25 58.08
N GLU D 183 -34.13 -14.01 58.46
CA GLU D 183 -33.48 -12.75 58.08
C GLU D 183 -32.80 -12.91 56.73
N ASN D 184 -32.81 -11.84 55.93
CA ASN D 184 -32.23 -11.85 54.59
C ASN D 184 -33.00 -12.75 53.64
N ALA D 185 -34.31 -12.80 53.90
CA ALA D 185 -35.25 -13.57 53.13
C ALA D 185 -35.48 -12.93 51.75
N ALA D 186 -35.76 -13.80 50.78
CA ALA D 186 -36.03 -13.35 49.43
C ALA D 186 -37.36 -12.58 49.45
N ARG D 187 -37.40 -11.50 48.66
CA ARG D 187 -38.57 -10.63 48.53
C ARG D 187 -39.48 -10.87 47.33
N GLU D 188 -39.18 -11.89 46.53
CA GLU D 188 -39.98 -12.24 45.36
C GLU D 188 -41.49 -12.23 45.55
N PRO D 189 -42.26 -11.76 44.54
CA PRO D 189 -43.72 -11.71 44.60
C PRO D 189 -44.30 -13.10 44.89
N GLU D 190 -43.67 -14.12 44.29
CA GLU D 190 -44.07 -15.51 44.46
C GLU D 190 -43.93 -15.97 45.91
N ILE D 191 -43.14 -15.22 46.69
CA ILE D 191 -42.88 -15.50 48.10
C ILE D 191 -44.04 -14.91 48.88
N VAL D 192 -44.49 -13.72 48.46
CA VAL D 192 -45.62 -13.08 49.12
C VAL D 192 -46.81 -14.01 48.84
N ASP D 193 -46.91 -14.45 47.58
CA ASP D 193 -47.97 -15.35 47.14
C ASP D 193 -48.05 -16.67 47.88
N THR D 194 -46.89 -17.29 48.15
CA THR D 194 -46.85 -18.56 48.86
C THR D 194 -47.12 -18.33 50.36
N ALA D 195 -46.65 -17.23 50.92
CA ALA D 195 -46.89 -16.95 52.32
C ALA D 195 -48.41 -16.78 52.46
N ASN D 196 -48.97 -15.90 51.63
CA ASN D 196 -50.40 -15.65 51.63
C ASN D 196 -51.21 -16.92 51.55
N PHE D 197 -50.81 -17.84 50.67
CA PHE D 197 -51.47 -19.13 50.52
C PHE D 197 -51.40 -19.94 51.83
N LEU D 198 -50.24 -19.90 52.47
CA LEU D 198 -50.05 -20.61 53.72
C LEU D 198 -50.96 -20.06 54.82
N VAL D 199 -51.13 -18.74 54.83
CA VAL D 199 -51.99 -18.07 55.80
C VAL D 199 -53.45 -18.46 55.51
N ALA D 200 -53.82 -18.50 54.23
CA ALA D 200 -55.17 -18.88 53.83
C ALA D 200 -55.50 -20.24 54.44
N LEU D 201 -54.45 -21.01 54.75
CA LEU D 201 -54.59 -22.34 55.35
C LEU D 201 -54.60 -22.38 56.86
N GLY D 202 -54.17 -21.30 57.50
CA GLY D 202 -54.16 -21.26 58.96
C GLY D 202 -52.80 -20.94 59.54
N ALA D 203 -51.88 -20.51 58.68
CA ALA D 203 -50.53 -20.18 59.12
C ALA D 203 -50.42 -18.76 59.63
N LYS D 204 -49.47 -18.53 60.53
CA LYS D 204 -49.24 -17.22 61.11
C LYS D 204 -47.93 -16.66 60.55
N ILE D 205 -48.03 -15.92 59.44
CA ILE D 205 -46.85 -15.36 58.80
C ILE D 205 -46.91 -13.84 58.66
N SER D 206 -45.75 -13.19 58.71
CA SER D 206 -45.65 -11.75 58.57
C SER D 206 -44.27 -11.34 58.06
N GLY D 207 -44.21 -10.19 57.39
CA GLY D 207 -42.95 -9.72 56.87
C GLY D 207 -42.74 -10.19 55.44
N GLN D 208 -43.65 -11.03 54.95
CA GLN D 208 -43.56 -11.53 53.58
C GLN D 208 -43.48 -10.37 52.58
N GLY D 209 -42.43 -10.34 51.78
CA GLY D 209 -42.27 -9.25 50.85
C GLY D 209 -41.13 -8.36 51.31
N THR D 210 -40.74 -8.47 52.59
CA THR D 210 -39.61 -7.69 53.13
C THR D 210 -38.49 -8.66 53.48
N ASP D 211 -37.31 -8.14 53.78
CA ASP D 211 -36.19 -9.01 54.13
C ASP D 211 -36.26 -9.79 55.42
N ARG D 212 -37.36 -9.61 56.14
CA ARG D 212 -37.54 -10.28 57.42
C ARG D 212 -38.90 -10.97 57.60
N ILE D 213 -38.94 -12.29 57.43
CA ILE D 213 -40.18 -13.05 57.56
C ILE D 213 -40.33 -13.70 58.95
N THR D 214 -41.47 -13.50 59.59
CA THR D 214 -41.72 -14.09 60.89
C THR D 214 -42.81 -15.14 60.77
N ILE D 215 -42.58 -16.32 61.33
CA ILE D 215 -43.56 -17.38 61.26
C ILE D 215 -43.89 -17.91 62.66
N GLU D 216 -45.17 -17.94 62.97
CA GLU D 216 -45.60 -18.47 64.24
C GLU D 216 -46.13 -19.86 63.93
N GLY D 217 -45.35 -20.86 64.29
CA GLY D 217 -45.74 -22.23 64.03
C GLY D 217 -47.08 -22.59 64.61
N VAL D 218 -47.94 -23.17 63.76
CA VAL D 218 -49.26 -23.59 64.19
C VAL D 218 -49.31 -25.11 64.24
N GLU D 219 -50.37 -25.65 64.82
CA GLU D 219 -50.56 -27.08 64.97
C GLU D 219 -50.78 -27.87 63.68
N ARG D 220 -51.64 -27.33 62.81
CA ARG D 220 -51.95 -27.98 61.55
C ARG D 220 -52.48 -27.00 60.50
N LEU D 221 -52.50 -27.45 59.25
CA LEU D 221 -53.02 -26.65 58.15
C LEU D 221 -54.29 -27.28 57.58
N GLY D 222 -55.32 -26.47 57.34
CA GLY D 222 -56.57 -26.99 56.83
C GLY D 222 -56.67 -27.21 55.32
N GLY D 223 -57.37 -26.30 54.66
CA GLY D 223 -57.57 -26.38 53.23
C GLY D 223 -58.15 -25.07 52.77
N GLY D 224 -58.50 -24.94 51.48
CA GLY D 224 -59.07 -23.69 51.02
C GLY D 224 -59.04 -23.40 49.53
N VAL D 225 -59.25 -22.14 49.20
CA VAL D 225 -59.24 -21.67 47.83
C VAL D 225 -58.24 -20.51 47.71
N TYR D 226 -57.39 -20.61 46.69
CA TYR D 226 -56.36 -19.61 46.48
C TYR D 226 -56.02 -19.44 45.01
N ARG D 227 -56.06 -18.20 44.54
CA ARG D 227 -55.77 -17.89 43.15
C ARG D 227 -54.32 -17.38 42.94
N VAL D 228 -53.57 -18.10 42.11
CA VAL D 228 -52.16 -17.76 41.83
C VAL D 228 -52.06 -16.42 41.12
N LEU D 229 -51.04 -15.62 41.46
CA LEU D 229 -50.85 -14.31 40.85
C LEU D 229 -50.46 -14.38 39.38
N PRO D 230 -50.60 -13.28 38.64
CA PRO D 230 -50.24 -13.23 37.21
C PRO D 230 -48.77 -13.54 36.98
N ASP D 231 -48.41 -13.98 35.78
CA ASP D 231 -47.02 -14.28 35.49
C ASP D 231 -46.20 -13.08 35.05
N ARG D 232 -45.41 -12.53 35.97
CA ARG D 232 -44.56 -11.37 35.69
C ARG D 232 -43.53 -11.57 34.57
N ILE D 233 -42.98 -12.78 34.46
CA ILE D 233 -42.00 -13.05 33.42
C ILE D 233 -42.67 -13.14 32.04
N GLU D 234 -43.84 -13.78 32.02
CA GLU D 234 -44.60 -13.92 30.79
C GLU D 234 -45.01 -12.52 30.34
N THR D 235 -45.33 -11.69 31.32
CA THR D 235 -45.72 -10.34 31.01
C THR D 235 -44.58 -9.55 30.37
N GLY D 236 -43.42 -9.57 31.05
CA GLY D 236 -42.26 -8.86 30.55
C GLY D 236 -41.87 -9.36 29.17
N THR D 237 -41.97 -10.67 28.97
CA THR D 237 -41.63 -11.26 27.67
C THR D 237 -42.50 -10.67 26.55
N PHE D 238 -43.80 -10.59 26.80
CA PHE D 238 -44.70 -10.01 25.79
C PHE D 238 -44.41 -8.53 25.58
N LEU D 239 -44.11 -7.84 26.69
CA LEU D 239 -43.77 -6.42 26.65
C LEU D 239 -42.54 -6.20 25.77
N VAL D 240 -41.58 -7.11 25.91
CA VAL D 240 -40.32 -7.08 25.17
C VAL D 240 -40.60 -7.43 23.70
N ALA D 241 -41.61 -8.26 23.48
CA ALA D 241 -42.00 -8.65 22.14
C ALA D 241 -42.33 -7.40 21.33
N ALA D 242 -43.13 -6.52 21.94
CA ALA D 242 -43.54 -5.25 21.31
C ALA D 242 -42.37 -4.30 21.20
N ALA D 243 -41.63 -4.14 22.29
CA ALA D 243 -40.49 -3.23 22.32
C ALA D 243 -39.41 -3.51 21.30
N ILE D 244 -39.24 -4.77 20.91
CA ILE D 244 -38.19 -5.08 19.95
C ILE D 244 -38.72 -5.16 18.50
N SER D 245 -40.02 -4.96 18.33
CA SER D 245 -40.65 -5.03 17.01
C SER D 245 -41.33 -3.74 16.52
N GLY D 246 -41.01 -2.62 17.16
CA GLY D 246 -41.63 -1.35 16.81
C GLY D 246 -43.11 -1.43 17.06
N GLY D 247 -43.51 -2.47 17.80
CA GLY D 247 -44.91 -2.70 18.10
C GLY D 247 -45.58 -1.94 19.22
N LYS D 248 -46.80 -2.37 19.49
CA LYS D 248 -47.67 -1.79 20.51
C LYS D 248 -48.45 -2.95 21.11
N ILE D 249 -48.63 -2.96 22.43
CA ILE D 249 -49.32 -4.08 23.05
C ILE D 249 -50.03 -3.73 24.37
N VAL D 250 -51.03 -4.54 24.73
CA VAL D 250 -51.73 -4.36 25.98
C VAL D 250 -51.72 -5.69 26.73
N CYS D 251 -51.22 -5.66 27.95
CA CYS D 251 -51.20 -6.86 28.77
C CYS D 251 -52.40 -6.93 29.71
N ARG D 252 -53.28 -7.90 29.50
CA ARG D 252 -54.48 -8.08 30.35
C ARG D 252 -54.22 -9.08 31.47
N ASN D 253 -54.75 -8.84 32.67
CA ASN D 253 -54.53 -9.78 33.77
C ASN D 253 -53.15 -9.69 34.42
N ALA D 254 -52.54 -8.51 34.34
CA ALA D 254 -51.22 -8.31 34.90
C ALA D 254 -51.26 -7.65 36.26
N GLN D 255 -50.14 -7.75 36.96
CA GLN D 255 -49.97 -7.14 38.28
C GLN D 255 -48.71 -6.31 38.12
N PRO D 256 -48.87 -5.09 37.59
CA PRO D 256 -47.80 -4.11 37.33
C PRO D 256 -46.78 -3.93 38.44
N ASP D 257 -47.23 -3.87 39.68
CA ASP D 257 -46.32 -3.70 40.81
C ASP D 257 -45.26 -4.80 41.01
N THR D 258 -45.39 -5.89 40.24
CA THR D 258 -44.45 -6.99 40.32
C THR D 258 -43.35 -6.88 39.27
N LEU D 259 -43.48 -5.87 38.40
CA LEU D 259 -42.50 -5.66 37.35
C LEU D 259 -41.94 -4.24 37.14
N ASP D 260 -41.79 -3.49 38.23
CA ASP D 260 -41.25 -2.12 38.13
C ASP D 260 -39.88 -1.99 37.47
N ALA D 261 -38.97 -2.89 37.81
CA ALA D 261 -37.63 -2.83 37.26
C ALA D 261 -37.70 -3.05 35.75
N VAL D 262 -38.55 -3.97 35.32
CA VAL D 262 -38.70 -4.24 33.89
C VAL D 262 -39.38 -3.06 33.19
N LEU D 263 -40.39 -2.49 33.83
CA LEU D 263 -41.05 -1.33 33.23
C LEU D 263 -40.08 -0.18 33.08
N ALA D 264 -39.30 0.07 34.14
CA ALA D 264 -38.31 1.16 34.13
C ALA D 264 -37.27 0.95 33.02
N LYS D 265 -36.72 -0.27 32.90
CA LYS D 265 -35.76 -0.61 31.85
C LYS D 265 -36.34 -0.30 30.49
N LEU D 266 -37.55 -0.80 30.25
CA LEU D 266 -38.22 -0.57 28.97
C LEU D 266 -38.29 0.93 28.65
N ARG D 267 -38.71 1.71 29.64
CA ARG D 267 -38.76 3.17 29.47
C ARG D 267 -37.41 3.68 28.97
N GLU D 268 -36.35 3.21 29.62
CA GLU D 268 -34.97 3.58 29.23
C GLU D 268 -34.64 3.20 27.79
N ALA D 269 -35.33 2.21 27.25
CA ALA D 269 -35.08 1.78 25.89
C ALA D 269 -35.93 2.57 24.92
N GLY D 270 -36.65 3.56 25.44
CA GLY D 270 -37.50 4.38 24.61
C GLY D 270 -38.96 3.96 24.52
N ALA D 271 -39.43 3.11 25.42
CA ALA D 271 -40.82 2.71 25.33
C ALA D 271 -41.76 3.65 26.08
N ASP D 272 -42.94 3.83 25.50
CA ASP D 272 -43.99 4.64 26.06
C ASP D 272 -44.92 3.67 26.78
N ILE D 273 -44.86 3.67 28.10
CA ILE D 273 -45.65 2.75 28.88
C ILE D 273 -46.68 3.40 29.80
N GLU D 274 -47.81 2.72 29.93
CA GLU D 274 -48.88 3.15 30.81
C GLU D 274 -49.41 1.95 31.57
N THR D 275 -49.88 2.13 32.80
CA THR D 275 -50.40 0.99 33.55
C THR D 275 -51.68 1.28 34.30
N GLY D 276 -52.45 0.21 34.49
CA GLY D 276 -53.70 0.28 35.23
C GLY D 276 -53.50 -0.71 36.36
N GLU D 277 -54.56 -1.09 37.05
CA GLU D 277 -54.40 -2.03 38.13
C GLU D 277 -54.19 -3.48 37.78
N ASP D 278 -54.66 -3.87 36.60
CA ASP D 278 -54.56 -5.22 36.09
C ASP D 278 -54.22 -5.20 34.61
N TRP D 279 -53.57 -4.13 34.16
CA TRP D 279 -53.20 -4.01 32.76
C TRP D 279 -51.95 -3.18 32.52
N ILE D 280 -51.23 -3.49 31.45
CA ILE D 280 -50.03 -2.74 31.11
C ILE D 280 -50.04 -2.45 29.64
N SER D 281 -49.86 -1.18 29.31
CA SER D 281 -49.83 -0.75 27.91
C SER D 281 -48.46 -0.28 27.45
N LEU D 282 -47.98 -0.84 26.36
CA LEU D 282 -46.69 -0.46 25.81
C LEU D 282 -46.72 -0.02 24.37
N ASP D 283 -46.02 1.06 24.07
CA ASP D 283 -45.98 1.59 22.71
C ASP D 283 -44.57 2.01 22.29
N MET D 284 -44.04 1.40 21.23
CA MET D 284 -42.73 1.77 20.72
C MET D 284 -42.77 2.94 19.74
N HIS D 285 -43.96 3.28 19.28
CA HIS D 285 -44.07 4.38 18.31
C HIS D 285 -43.21 4.14 17.07
N GLY D 286 -43.20 2.89 16.62
CA GLY D 286 -42.42 2.49 15.46
C GLY D 286 -40.92 2.55 15.74
N LYS D 287 -40.57 2.91 16.96
CA LYS D 287 -39.19 3.03 17.40
C LYS D 287 -38.31 1.80 17.62
N ARG D 288 -37.07 1.91 17.16
CA ARG D 288 -36.08 0.86 17.36
C ARG D 288 -35.67 1.14 18.80
N PRO D 289 -35.48 0.10 19.63
CA PRO D 289 -35.09 0.34 21.02
C PRO D 289 -33.71 1.00 21.20
N LYS D 290 -33.55 1.72 22.31
CA LYS D 290 -32.28 2.35 22.65
C LYS D 290 -31.46 1.39 23.52
N ALA D 291 -30.19 1.21 23.21
CA ALA D 291 -29.38 0.29 24.01
C ALA D 291 -29.50 0.66 25.48
N VAL D 292 -29.52 -0.35 26.35
CA VAL D 292 -29.59 -0.10 27.79
C VAL D 292 -28.61 -1.01 28.54
N THR D 293 -28.52 -0.82 29.84
CA THR D 293 -27.65 -1.59 30.73
C THR D 293 -28.49 -2.36 31.75
N VAL D 294 -28.20 -3.65 31.87
CA VAL D 294 -28.95 -4.52 32.76
C VAL D 294 -28.06 -5.21 33.80
N ARG D 295 -28.61 -5.34 35.00
CA ARG D 295 -27.93 -5.97 36.13
C ARG D 295 -28.92 -6.84 36.89
N THR D 296 -28.88 -8.15 36.66
CA THR D 296 -29.84 -9.00 37.33
C THR D 296 -29.50 -9.02 38.80
N ALA D 297 -30.51 -9.23 39.65
CA ALA D 297 -30.30 -9.29 41.08
C ALA D 297 -31.64 -9.66 41.73
N PRO D 298 -31.66 -9.88 43.06
CA PRO D 298 -32.92 -10.25 43.69
C PRO D 298 -33.98 -9.18 43.56
N HIS D 299 -35.23 -9.63 43.50
CA HIS D 299 -36.41 -8.78 43.42
C HIS D 299 -36.36 -7.72 44.52
N PRO D 300 -36.83 -6.50 44.25
CA PRO D 300 -37.44 -5.97 43.02
C PRO D 300 -36.47 -5.41 41.98
N ALA D 301 -35.22 -5.85 41.99
CA ALA D 301 -34.27 -5.38 40.99
C ALA D 301 -34.60 -6.15 39.72
N PHE D 302 -33.79 -5.97 38.69
CA PHE D 302 -33.99 -6.65 37.43
C PHE D 302 -33.90 -8.18 37.57
N PRO D 303 -34.95 -8.92 37.21
CA PRO D 303 -35.04 -10.37 37.30
C PRO D 303 -34.25 -11.18 36.28
N THR D 304 -33.51 -12.18 36.76
CA THR D 304 -32.74 -13.01 35.86
C THR D 304 -33.66 -13.68 34.82
N ASP D 305 -34.92 -13.91 35.17
CA ASP D 305 -35.87 -14.51 34.21
C ASP D 305 -36.23 -13.61 33.00
N MET D 306 -35.86 -12.34 33.06
CA MET D 306 -36.09 -11.39 31.97
C MET D 306 -34.81 -11.18 31.17
N GLN D 307 -33.72 -11.69 31.70
CA GLN D 307 -32.39 -11.56 31.10
C GLN D 307 -32.09 -11.82 29.63
N ALA D 308 -32.42 -13.02 29.15
CA ALA D 308 -32.18 -13.39 27.77
C ALA D 308 -33.04 -12.51 26.85
N GLN D 309 -34.23 -12.18 27.34
CA GLN D 309 -35.16 -11.34 26.63
C GLN D 309 -34.57 -9.93 26.41
N PHE D 310 -33.95 -9.39 27.47
CA PHE D 310 -33.32 -8.08 27.39
C PHE D 310 -32.03 -8.14 26.57
N THR D 311 -31.40 -9.31 26.53
CA THR D 311 -30.20 -9.41 25.75
C THR D 311 -30.66 -9.25 24.31
N LEU D 312 -31.79 -9.87 23.98
CA LEU D 312 -32.35 -9.74 22.64
C LEU D 312 -32.59 -8.25 22.36
N LEU D 313 -33.33 -7.59 23.25
CA LEU D 313 -33.59 -6.17 23.11
C LEU D 313 -32.32 -5.39 22.78
N ASN D 314 -31.24 -5.66 23.54
CA ASN D 314 -29.96 -5.02 23.30
C ASN D 314 -29.33 -5.34 21.95
N LEU D 315 -29.39 -6.61 21.56
CA LEU D 315 -28.84 -7.07 20.31
C LEU D 315 -29.31 -6.39 19.03
N VAL D 316 -30.52 -5.83 19.08
CA VAL D 316 -31.07 -5.15 17.92
C VAL D 316 -31.41 -3.69 18.28
N ALA D 317 -30.75 -3.15 19.30
CA ALA D 317 -30.98 -1.78 19.73
C ALA D 317 -29.91 -0.84 19.16
N GLU D 318 -30.16 0.45 19.32
CA GLU D 318 -29.22 1.44 18.86
C GLU D 318 -28.21 1.61 19.97
N GLY D 319 -26.93 1.46 19.65
CA GLY D 319 -25.90 1.63 20.65
C GLY D 319 -25.40 0.33 21.24
N THR D 320 -24.50 0.46 22.20
CA THR D 320 -23.89 -0.68 22.86
C THR D 320 -24.44 -0.89 24.27
N GLY D 321 -25.11 -2.01 24.48
CA GLY D 321 -25.69 -2.30 25.78
C GLY D 321 -24.85 -3.27 26.57
N VAL D 322 -25.11 -3.37 27.87
CA VAL D 322 -24.37 -4.28 28.72
C VAL D 322 -25.32 -5.07 29.63
N ILE D 323 -25.20 -6.39 29.60
CA ILE D 323 -26.01 -7.27 30.41
C ILE D 323 -25.07 -7.95 31.40
N THR D 324 -25.30 -7.74 32.68
CA THR D 324 -24.46 -8.38 33.69
C THR D 324 -25.36 -9.26 34.50
N GLU D 325 -24.90 -10.48 34.70
CA GLU D 325 -25.68 -11.45 35.42
C GLU D 325 -25.12 -11.83 36.76
N THR D 326 -25.79 -11.46 37.86
CA THR D 326 -25.30 -11.83 39.19
C THR D 326 -26.01 -13.03 39.83
N ILE D 327 -27.06 -13.57 39.20
CA ILE D 327 -27.76 -14.72 39.79
C ILE D 327 -27.27 -16.05 39.22
N PHE D 328 -27.26 -16.16 37.91
CA PHE D 328 -26.80 -17.36 37.24
C PHE D 328 -25.40 -17.43 36.62
N GLU D 329 -24.92 -16.33 36.05
CA GLU D 329 -23.56 -16.32 35.50
C GLU D 329 -23.30 -17.03 34.19
N ASN D 330 -23.58 -18.33 34.16
CA ASN D 330 -23.43 -19.07 32.90
C ASN D 330 -24.78 -19.07 32.18
N ARG D 331 -25.59 -18.05 32.43
CA ARG D 331 -26.90 -17.97 31.80
C ARG D 331 -26.95 -17.22 30.47
N PHE D 332 -25.95 -17.49 29.64
CA PHE D 332 -25.81 -16.82 28.36
C PHE D 332 -25.95 -17.70 27.14
N MET D 333 -26.60 -18.84 27.29
CA MET D 333 -26.77 -19.74 26.17
C MET D 333 -27.41 -19.22 24.90
N HIS D 334 -28.30 -18.25 25.08
CA HIS D 334 -29.01 -17.62 23.97
C HIS D 334 -28.10 -16.84 23.03
N VAL D 335 -27.03 -16.28 23.60
CA VAL D 335 -26.09 -15.45 22.84
C VAL D 335 -25.53 -16.08 21.57
N PRO D 336 -24.74 -17.18 21.68
CA PRO D 336 -24.21 -17.78 20.45
C PRO D 336 -25.34 -18.13 19.47
N GLU D 337 -26.46 -18.58 19.99
CA GLU D 337 -27.62 -18.88 19.14
C GLU D 337 -28.05 -17.62 18.35
N LEU D 338 -28.02 -16.47 19.03
CA LEU D 338 -28.37 -15.20 18.41
C LEU D 338 -27.29 -14.73 17.46
N ILE D 339 -26.05 -15.11 17.76
CA ILE D 339 -24.94 -14.74 16.91
C ILE D 339 -25.13 -15.53 15.61
N ARG D 340 -25.80 -16.68 15.70
CA ARG D 340 -26.07 -17.48 14.50
C ARG D 340 -27.04 -16.73 13.59
N MET D 341 -27.84 -15.84 14.19
CA MET D 341 -28.83 -15.01 13.51
C MET D 341 -28.36 -13.60 13.10
N GLY D 342 -27.08 -13.29 13.29
CA GLY D 342 -26.58 -11.98 12.91
C GLY D 342 -26.17 -11.04 14.02
N ALA D 343 -26.45 -11.40 15.27
CA ALA D 343 -26.10 -10.56 16.41
C ALA D 343 -24.60 -10.42 16.60
N HIS D 344 -24.19 -9.30 17.18
CA HIS D 344 -22.79 -8.96 17.45
C HIS D 344 -22.59 -8.84 18.97
N ALA D 345 -21.81 -9.73 19.56
CA ALA D 345 -21.65 -9.67 21.00
C ALA D 345 -20.47 -10.42 21.57
N GLU D 346 -19.92 -9.87 22.65
CA GLU D 346 -18.81 -10.47 23.37
C GLU D 346 -19.22 -10.85 24.80
N ILE D 347 -18.74 -12.00 25.26
CA ILE D 347 -19.06 -12.45 26.60
C ILE D 347 -17.78 -12.39 27.44
N GLU D 348 -17.81 -11.54 28.44
CA GLU D 348 -16.70 -11.34 29.37
C GLU D 348 -17.17 -11.66 30.77
N SER D 349 -16.87 -12.86 31.23
CA SER D 349 -17.26 -13.29 32.55
C SER D 349 -18.80 -13.35 32.69
N ASN D 350 -19.35 -12.63 33.64
CA ASN D 350 -20.79 -12.63 33.86
C ASN D 350 -21.50 -11.47 33.13
N THR D 351 -20.81 -10.94 32.14
CA THR D 351 -21.32 -9.80 31.38
C THR D 351 -21.28 -10.02 29.87
N VAL D 352 -22.29 -9.53 29.19
CA VAL D 352 -22.29 -9.63 27.77
C VAL D 352 -22.39 -8.18 27.25
N ILE D 353 -21.45 -7.80 26.37
CA ILE D 353 -21.41 -6.48 25.77
C ILE D 353 -22.24 -6.62 24.49
N CYS D 354 -23.25 -5.78 24.33
CA CYS D 354 -24.13 -5.87 23.17
C CYS D 354 -23.90 -4.81 22.10
N HIS D 355 -23.53 -5.24 20.91
CA HIS D 355 -23.33 -4.29 19.80
C HIS D 355 -24.56 -4.41 18.90
N GLY D 356 -25.53 -3.51 19.10
CA GLY D 356 -26.79 -3.53 18.35
C GLY D 356 -26.68 -3.52 16.83
N VAL D 357 -27.52 -4.32 16.18
CA VAL D 357 -27.52 -4.38 14.73
C VAL D 357 -28.92 -4.05 14.24
N GLU D 358 -28.98 -3.58 13.01
CA GLU D 358 -30.23 -3.19 12.38
C GLU D 358 -31.18 -4.34 12.09
N LYS D 359 -30.63 -5.46 11.65
CA LYS D 359 -31.44 -6.63 11.30
C LYS D 359 -30.86 -7.98 11.72
N LEU D 360 -31.72 -8.95 11.93
CA LEU D 360 -31.28 -10.29 12.26
C LEU D 360 -31.68 -11.21 11.08
N SER D 361 -30.93 -12.29 10.88
CA SER D 361 -31.22 -13.25 9.83
C SER D 361 -31.78 -14.58 10.33
N GLY D 362 -32.79 -15.08 9.64
CA GLY D 362 -33.37 -16.34 10.03
C GLY D 362 -32.33 -17.43 9.94
N ALA D 363 -32.39 -18.37 10.88
CA ALA D 363 -31.46 -19.48 10.91
C ALA D 363 -32.00 -20.52 11.86
N GLN D 364 -31.29 -21.64 11.93
CA GLN D 364 -31.69 -22.73 12.80
C GLN D 364 -31.00 -22.56 14.16
N VAL D 365 -31.80 -22.47 15.22
CA VAL D 365 -31.26 -22.29 16.54
C VAL D 365 -31.81 -23.31 17.51
N MET D 366 -31.10 -23.48 18.62
CA MET D 366 -31.44 -24.46 19.62
C MET D 366 -31.87 -23.92 20.98
N ALA D 367 -33.05 -24.31 21.43
CA ALA D 367 -33.54 -23.87 22.73
C ALA D 367 -32.86 -24.72 23.79
N THR D 368 -32.56 -24.10 24.93
CA THR D 368 -31.93 -24.83 26.03
C THR D 368 -32.46 -24.40 27.40
N ASP D 369 -32.99 -23.22 27.52
CA ASP D 369 -33.37 -22.68 28.81
C ASP D 369 -34.85 -22.46 28.90
N LEU D 370 -35.48 -22.83 29.99
CA LEU D 370 -36.92 -22.69 30.09
C LEU D 370 -37.50 -21.27 30.05
N ARG D 371 -36.77 -20.25 30.49
CA ARG D 371 -37.11 -18.86 30.23
C ARG D 371 -36.21 -18.14 29.25
N ALA D 372 -35.00 -18.55 29.12
CA ALA D 372 -34.16 -17.78 28.26
C ALA D 372 -34.65 -17.82 26.87
N SER D 373 -34.96 -18.98 26.41
CA SER D 373 -34.99 -19.33 25.02
C SER D 373 -36.30 -19.01 24.29
N ALA D 374 -37.23 -18.37 24.98
CA ALA D 374 -38.36 -17.68 24.40
C ALA D 374 -37.84 -16.54 23.60
N SER D 375 -36.63 -16.17 23.93
CA SER D 375 -35.86 -15.16 23.25
C SER D 375 -35.57 -15.50 21.82
N LEU D 376 -35.30 -16.76 21.57
CA LEU D 376 -35.12 -17.27 20.23
C LEU D 376 -36.36 -17.23 19.39
N VAL D 377 -37.52 -17.41 20.00
CA VAL D 377 -38.78 -17.31 19.27
C VAL D 377 -39.11 -15.84 18.99
N LEU D 378 -38.80 -14.97 19.95
CA LEU D 378 -39.01 -13.53 19.79
C LEU D 378 -38.14 -13.09 18.63
N ALA D 379 -36.87 -13.53 18.67
CA ALA D 379 -35.90 -13.21 17.64
C ALA D 379 -36.38 -13.70 16.30
N GLY D 380 -36.93 -14.92 16.26
CA GLY D 380 -37.45 -15.46 15.00
C GLY D 380 -38.45 -14.47 14.42
N CYS D 381 -39.38 -14.00 15.26
CA CYS D 381 -40.43 -13.03 14.90
C CYS D 381 -40.01 -11.79 14.14
N ILE D 382 -38.91 -11.18 14.59
CA ILE D 382 -38.42 -9.96 13.99
C ILE D 382 -37.26 -10.18 13.03
N ALA D 383 -36.78 -11.40 12.91
CA ALA D 383 -35.65 -11.68 12.01
C ALA D 383 -36.05 -11.81 10.54
N GLU D 384 -35.10 -11.51 9.66
CA GLU D 384 -35.27 -11.60 8.21
C GLU D 384 -35.43 -13.03 7.68
N GLY D 385 -36.61 -13.40 7.19
CA GLY D 385 -36.79 -14.73 6.66
C GLY D 385 -37.25 -15.81 7.64
N THR D 386 -36.81 -17.05 7.42
CA THR D 386 -37.21 -18.17 8.24
C THR D 386 -36.26 -18.65 9.34
N THR D 387 -36.81 -18.81 10.54
CA THR D 387 -36.07 -19.28 11.70
C THR D 387 -36.73 -20.52 12.30
N VAL D 388 -35.92 -21.55 12.56
CA VAL D 388 -36.43 -22.77 13.17
C VAL D 388 -35.79 -22.94 14.54
N VAL D 389 -36.62 -23.01 15.58
CA VAL D 389 -36.11 -23.21 16.93
C VAL D 389 -36.36 -24.66 17.32
N ASP D 390 -35.27 -25.42 17.52
CA ASP D 390 -35.34 -26.82 17.91
C ASP D 390 -35.54 -26.97 19.40
N ARG D 391 -36.01 -28.14 19.80
CA ARG D 391 -36.21 -28.46 21.22
C ARG D 391 -37.12 -27.51 21.97
N ILE D 392 -38.26 -27.20 21.39
CA ILE D 392 -39.19 -26.28 22.01
C ILE D 392 -39.87 -26.79 23.28
N TYR D 393 -39.54 -28.01 23.68
CA TYR D 393 -40.11 -28.58 24.91
C TYR D 393 -39.64 -27.70 26.07
N HIS D 394 -38.57 -26.95 25.80
CA HIS D 394 -38.03 -26.02 26.78
C HIS D 394 -39.00 -24.89 27.10
N ILE D 395 -39.52 -24.25 26.05
CA ILE D 395 -40.46 -23.16 26.21
C ILE D 395 -41.79 -23.69 26.78
N ASP D 396 -42.15 -24.92 26.42
CA ASP D 396 -43.37 -25.52 26.91
C ASP D 396 -43.36 -25.72 28.42
N ARG D 397 -42.17 -25.70 29.00
CA ARG D 397 -42.00 -25.84 30.44
C ARG D 397 -42.47 -24.60 31.22
N GLY D 398 -42.20 -23.41 30.66
CA GLY D 398 -42.58 -22.19 31.35
C GLY D 398 -43.55 -21.27 30.64
N TYR D 399 -43.87 -21.57 29.38
CA TYR D 399 -44.81 -20.76 28.62
C TYR D 399 -46.05 -21.50 28.13
N GLU D 400 -47.20 -21.10 28.65
CA GLU D 400 -48.47 -21.69 28.25
C GLU D 400 -48.85 -21.30 26.81
N ARG D 401 -48.83 -22.25 25.88
CA ARG D 401 -49.21 -21.97 24.49
C ARG D 401 -48.67 -20.63 23.94
N ILE D 402 -47.36 -20.41 24.02
CA ILE D 402 -46.77 -19.16 23.57
C ILE D 402 -47.04 -18.82 22.09
N GLU D 403 -47.20 -19.86 21.26
CA GLU D 403 -47.50 -19.65 19.84
C GLU D 403 -48.89 -19.06 19.59
N ASP D 404 -49.85 -19.46 20.42
CA ASP D 404 -51.21 -18.91 20.29
C ASP D 404 -51.24 -17.44 20.64
N LYS D 405 -50.52 -17.08 21.70
CA LYS D 405 -50.45 -15.69 22.13
C LYS D 405 -49.64 -14.84 21.15
N LEU D 406 -48.56 -15.41 20.63
CA LEU D 406 -47.73 -14.69 19.67
C LEU D 406 -48.49 -14.49 18.37
N ARG D 407 -49.14 -15.55 17.92
CA ARG D 407 -49.91 -15.52 16.70
C ARG D 407 -50.97 -14.40 16.75
N ALA D 408 -51.58 -14.23 17.92
CA ALA D 408 -52.60 -13.19 18.11
C ALA D 408 -51.97 -11.79 18.14
N LEU D 409 -50.64 -11.74 18.19
CA LEU D 409 -49.96 -10.45 18.17
C LEU D 409 -49.48 -10.17 16.75
N GLY D 410 -49.84 -11.09 15.85
CA GLY D 410 -49.50 -10.95 14.45
C GLY D 410 -48.26 -11.67 13.96
N ALA D 411 -47.84 -12.72 14.69
CA ALA D 411 -46.65 -13.48 14.33
C ALA D 411 -46.91 -14.63 13.37
N ASN D 412 -45.92 -14.88 12.52
CA ASN D 412 -45.97 -15.98 11.56
C ASN D 412 -45.19 -17.14 12.21
N ILE D 413 -45.92 -17.98 12.92
CA ILE D 413 -45.30 -19.09 13.61
C ILE D 413 -46.15 -20.35 13.58
N GLU D 414 -45.49 -21.50 13.41
CA GLU D 414 -46.19 -22.78 13.39
C GLU D 414 -45.48 -23.89 14.17
N ARG D 415 -46.24 -24.62 14.98
CA ARG D 415 -45.68 -25.73 15.74
C ARG D 415 -45.60 -26.99 14.88
N VAL D 416 -44.44 -27.23 14.30
CA VAL D 416 -44.24 -28.41 13.47
C VAL D 416 -43.83 -29.57 14.35
N LYS D 417 -44.77 -30.48 14.58
CA LYS D 417 -44.52 -31.66 15.42
C LYS D 417 -43.57 -32.67 14.80
N GLY D 418 -42.91 -33.45 15.66
CA GLY D 418 -41.98 -34.46 15.20
C GLY D 418 -40.79 -33.93 14.40
N GLU D 419 -41.05 -32.90 13.60
CA GLU D 419 -40.01 -32.29 12.76
C GLU D 419 -40.46 -31.00 12.08
N MET E 1 -10.69 -9.88 -55.70
CA MET E 1 -10.00 -8.75 -55.03
C MET E 1 -10.66 -7.44 -55.45
N ASP E 2 -11.59 -6.97 -54.62
CA ASP E 2 -12.32 -5.74 -54.85
C ASP E 2 -11.54 -4.51 -55.33
N LYS E 3 -12.17 -3.71 -56.17
CA LYS E 3 -11.53 -2.50 -56.68
C LYS E 3 -12.43 -1.33 -57.03
N PHE E 4 -11.86 -0.12 -56.97
CA PHE E 4 -12.57 1.12 -57.31
C PHE E 4 -12.20 1.64 -58.68
N ARG E 5 -13.22 2.08 -59.40
CA ARG E 5 -13.07 2.63 -60.74
C ARG E 5 -13.68 4.03 -60.65
N VAL E 6 -12.84 5.05 -60.74
CA VAL E 6 -13.32 6.44 -60.61
C VAL E 6 -13.04 7.27 -61.86
N GLN E 7 -14.01 8.10 -62.21
CA GLN E 7 -13.94 9.01 -63.36
C GLN E 7 -13.97 10.50 -63.01
N GLY E 8 -12.95 11.23 -63.43
CA GLY E 8 -12.92 12.64 -63.11
C GLY E 8 -12.60 13.49 -64.33
N PRO E 9 -12.57 14.83 -64.18
CA PRO E 9 -12.81 15.52 -62.91
C PRO E 9 -14.29 15.67 -62.58
N THR E 10 -14.58 15.72 -61.29
CA THR E 10 -15.93 15.83 -60.80
C THR E 10 -15.96 16.82 -59.64
N ARG E 11 -16.95 17.70 -59.62
CA ARG E 11 -17.08 18.62 -58.50
C ARG E 11 -17.91 17.88 -57.47
N LEU E 12 -17.43 17.82 -56.24
CA LEU E 12 -18.18 17.14 -55.19
C LEU E 12 -19.10 18.07 -54.41
N GLN E 13 -20.40 17.92 -54.62
CA GLN E 13 -21.39 18.75 -53.96
C GLN E 13 -22.60 18.02 -53.40
N GLY E 14 -23.19 18.59 -52.36
CA GLY E 14 -24.36 17.95 -51.79
C GLY E 14 -24.40 17.88 -50.28
N GLU E 15 -25.05 16.82 -49.81
CA GLU E 15 -25.21 16.56 -48.39
C GLU E 15 -24.72 15.16 -48.06
N VAL E 16 -24.15 14.99 -46.88
CA VAL E 16 -23.66 13.69 -46.46
C VAL E 16 -24.03 13.48 -45.00
N THR E 17 -24.48 12.28 -44.67
CA THR E 17 -24.84 11.99 -43.29
C THR E 17 -23.72 11.14 -42.76
N ILE E 18 -23.12 11.62 -41.67
CA ILE E 18 -21.98 11.00 -41.03
C ILE E 18 -22.28 9.81 -40.13
N SER E 19 -21.53 8.71 -40.31
CA SER E 19 -21.68 7.51 -39.49
C SER E 19 -21.16 7.66 -38.05
N GLY E 20 -21.29 6.59 -37.26
CA GLY E 20 -20.81 6.62 -35.90
C GLY E 20 -19.32 6.36 -35.96
N ALA E 21 -18.56 6.94 -35.03
CA ALA E 21 -17.11 6.80 -34.97
C ALA E 21 -16.58 5.36 -34.83
N LYS E 22 -15.88 4.84 -35.81
CA LYS E 22 -15.35 3.52 -35.63
C LYS E 22 -14.37 3.46 -34.48
N ASN E 23 -13.64 4.52 -34.24
CA ASN E 23 -12.69 4.55 -33.14
C ASN E 23 -13.31 4.73 -31.75
N ALA E 24 -14.61 4.99 -31.71
CA ALA E 24 -15.32 5.15 -30.43
C ALA E 24 -16.09 3.87 -30.20
N ALA E 25 -16.48 3.23 -31.31
CA ALA E 25 -17.24 2.00 -31.29
C ALA E 25 -16.39 0.80 -30.91
N LEU E 26 -15.12 0.82 -31.34
CA LEU E 26 -14.19 -0.27 -31.02
C LEU E 26 -13.84 -0.32 -29.54
N PRO E 27 -13.35 0.79 -28.98
CA PRO E 27 -13.02 0.75 -27.56
C PRO E 27 -14.25 0.47 -26.72
N ILE E 28 -15.38 1.07 -27.10
CA ILE E 28 -16.62 0.86 -26.35
C ILE E 28 -17.10 -0.58 -26.43
N LEU E 29 -16.95 -1.21 -27.59
CA LEU E 29 -17.33 -2.61 -27.74
C LEU E 29 -16.51 -3.49 -26.82
N PHE E 30 -15.18 -3.29 -26.84
CA PHE E 30 -14.25 -4.03 -25.99
C PHE E 30 -14.52 -3.74 -24.50
N ALA E 31 -14.95 -2.54 -24.20
CA ALA E 31 -15.23 -2.19 -22.81
C ALA E 31 -16.52 -2.87 -22.38
N ALA E 32 -17.23 -3.48 -23.33
CA ALA E 32 -18.49 -4.16 -23.02
C ALA E 32 -18.19 -5.41 -22.18
N LEU E 33 -17.03 -6.02 -22.43
CA LEU E 33 -16.61 -7.19 -21.67
C LEU E 33 -16.75 -7.01 -20.16
N LEU E 34 -16.67 -5.75 -19.72
CA LEU E 34 -16.79 -5.40 -18.30
C LEU E 34 -18.21 -5.30 -17.76
N ALA E 35 -19.19 -5.45 -18.65
CA ALA E 35 -20.59 -5.33 -18.28
C ALA E 35 -21.23 -6.59 -17.74
N GLU E 36 -21.78 -6.48 -16.53
CA GLU E 36 -22.46 -7.60 -15.89
C GLU E 36 -23.89 -7.87 -16.39
N GLU E 37 -24.46 -6.85 -17.04
CA GLU E 37 -25.82 -6.94 -17.58
C GLU E 37 -25.81 -6.68 -19.09
N PRO E 38 -27.00 -6.66 -19.73
CA PRO E 38 -27.05 -6.42 -21.18
C PRO E 38 -26.76 -4.95 -21.49
N VAL E 39 -26.07 -4.73 -22.60
CA VAL E 39 -25.71 -3.39 -23.03
C VAL E 39 -26.15 -3.09 -24.45
N GLU E 40 -26.67 -1.87 -24.65
CA GLU E 40 -27.07 -1.44 -25.99
C GLU E 40 -26.21 -0.33 -26.56
N ILE E 41 -25.53 -0.61 -27.67
CA ILE E 41 -24.68 0.39 -28.31
C ILE E 41 -25.24 0.78 -29.66
N GLN E 42 -25.75 1.99 -29.72
CA GLN E 42 -26.35 2.56 -30.91
C GLN E 42 -25.42 3.37 -31.79
N ASN E 43 -25.81 3.48 -33.06
CA ASN E 43 -25.05 4.24 -34.03
C ASN E 43 -23.69 3.64 -34.36
N VAL E 44 -23.66 2.33 -34.48
CA VAL E 44 -22.43 1.62 -34.79
C VAL E 44 -22.28 1.48 -36.29
N PRO E 45 -21.17 2.00 -36.84
CA PRO E 45 -21.00 1.87 -38.29
C PRO E 45 -20.89 0.41 -38.63
N LYS E 46 -21.18 0.06 -39.88
CA LYS E 46 -21.09 -1.31 -40.34
C LYS E 46 -19.80 -1.50 -41.12
N LEU E 47 -18.75 -1.84 -40.40
CA LEU E 47 -17.42 -2.02 -40.99
C LEU E 47 -16.87 -3.40 -40.69
N LYS E 48 -16.00 -3.90 -41.55
CA LYS E 48 -15.39 -5.20 -41.32
C LYS E 48 -14.84 -5.34 -39.89
N ASP E 49 -14.20 -4.27 -39.41
CA ASP E 49 -13.64 -4.21 -38.06
C ASP E 49 -14.65 -4.45 -36.95
N ILE E 50 -15.88 -4.02 -37.19
CA ILE E 50 -16.94 -4.23 -36.22
C ILE E 50 -17.32 -5.72 -36.29
N ASP E 51 -17.11 -6.32 -37.45
CA ASP E 51 -17.41 -7.73 -37.63
C ASP E 51 -16.43 -8.55 -36.81
N THR E 52 -15.14 -8.32 -37.08
CA THR E 52 -14.08 -9.03 -36.38
C THR E 52 -14.23 -8.88 -34.86
N THR E 53 -14.60 -7.70 -34.38
CA THR E 53 -14.80 -7.51 -32.95
C THR E 53 -15.90 -8.43 -32.46
N MET E 54 -16.97 -8.55 -33.24
CA MET E 54 -18.06 -9.43 -32.89
C MET E 54 -17.55 -10.87 -32.89
N LYS E 55 -16.94 -11.27 -33.99
CA LYS E 55 -16.36 -12.59 -34.13
C LYS E 55 -15.41 -12.92 -32.97
N LEU E 56 -14.92 -11.87 -32.30
CA LEU E 56 -14.03 -12.01 -31.15
C LEU E 56 -14.76 -11.98 -29.81
N LEU E 57 -15.80 -11.16 -29.73
CA LEU E 57 -16.60 -11.08 -28.52
C LEU E 57 -17.37 -12.39 -28.33
N THR E 58 -17.68 -13.02 -29.45
CA THR E 58 -18.40 -14.29 -29.46
C THR E 58 -17.58 -15.33 -28.69
N GLN E 59 -16.38 -15.60 -29.19
CA GLN E 59 -15.48 -16.55 -28.56
C GLN E 59 -15.49 -16.47 -27.04
N LEU E 60 -15.19 -15.29 -26.52
CA LEU E 60 -15.16 -15.05 -25.09
C LEU E 60 -16.47 -15.42 -24.37
N GLY E 61 -17.42 -15.95 -25.13
CA GLY E 61 -18.70 -16.33 -24.55
C GLY E 61 -19.60 -15.13 -24.33
N THR E 62 -19.51 -14.17 -25.25
CA THR E 62 -20.32 -12.95 -25.16
C THR E 62 -21.53 -13.04 -26.09
N LYS E 63 -22.65 -12.50 -25.63
CA LYS E 63 -23.87 -12.48 -26.42
C LYS E 63 -23.87 -11.27 -27.34
N VAL E 64 -23.49 -11.48 -28.60
CA VAL E 64 -23.38 -10.41 -29.58
C VAL E 64 -24.38 -10.45 -30.75
N GLU E 65 -25.19 -9.40 -30.86
CA GLU E 65 -26.20 -9.30 -31.92
C GLU E 65 -26.29 -7.93 -32.60
N ARG E 66 -26.43 -7.91 -33.93
CA ARG E 66 -26.52 -6.63 -34.64
C ARG E 66 -27.46 -6.47 -35.84
N IAS E 67 -27.67 -5.20 -36.21
CA IAS E 67 -28.52 -4.83 -37.34
C IAS E 67 -27.82 -4.83 -38.69
O IAS E 67 -26.72 -5.41 -38.81
CB IAS E 67 -29.31 -3.55 -37.09
CG IAS E 67 -28.40 -2.32 -37.03
OD1 IAS E 67 -27.21 -2.41 -37.26
OXT IAS E 67 -28.40 -4.28 -39.64
N GLY E 68 -28.99 -1.17 -36.73
CA GLY E 68 -28.21 0.05 -36.63
C GLY E 68 -27.42 0.08 -35.35
N SER E 69 -27.71 -0.88 -34.48
CA SER E 69 -27.02 -0.99 -33.20
C SER E 69 -26.54 -2.39 -32.88
N VAL E 70 -25.63 -2.49 -31.91
CA VAL E 70 -25.13 -3.80 -31.50
C VAL E 70 -25.60 -4.08 -30.07
N TRP E 71 -26.15 -5.27 -29.90
CA TRP E 71 -26.66 -5.73 -28.61
C TRP E 71 -25.65 -6.66 -27.95
N ILE E 72 -25.33 -6.38 -26.69
CA ILE E 72 -24.34 -7.20 -25.98
C ILE E 72 -24.73 -7.62 -24.57
N ASP E 73 -24.29 -8.83 -24.22
CA ASP E 73 -24.48 -9.40 -22.88
C ASP E 73 -23.23 -10.18 -22.46
N ALA E 74 -22.40 -9.53 -21.64
CA ALA E 74 -21.14 -10.09 -21.17
C ALA E 74 -21.17 -10.80 -19.82
N SER E 75 -22.36 -11.12 -19.33
CA SER E 75 -22.47 -11.82 -18.04
C SER E 75 -22.10 -13.30 -18.00
N ASN E 76 -21.88 -13.88 -19.17
CA ASN E 76 -21.53 -15.29 -19.29
C ASN E 76 -20.10 -15.55 -19.75
N VAL E 77 -19.30 -14.50 -19.85
CA VAL E 77 -17.91 -14.59 -20.29
C VAL E 77 -17.21 -15.86 -19.82
N ASN E 78 -16.98 -16.77 -20.77
CA ASN E 78 -16.34 -18.05 -20.48
C ASN E 78 -14.88 -18.20 -20.90
N ASN E 79 -14.58 -17.77 -22.13
CA ASN E 79 -13.23 -17.85 -22.66
C ASN E 79 -12.36 -16.64 -22.25
N PHE E 80 -11.04 -16.80 -22.32
CA PHE E 80 -10.13 -15.70 -21.96
C PHE E 80 -9.05 -15.28 -22.96
N SER E 81 -9.21 -15.66 -24.22
CA SER E 81 -8.21 -15.32 -25.24
C SER E 81 -8.57 -14.83 -26.64
N ALA E 82 -7.64 -14.08 -27.23
CA ALA E 82 -7.78 -13.53 -28.57
C ALA E 82 -6.67 -14.16 -29.41
N PRO E 83 -7.01 -15.14 -30.26
CA PRO E 83 -6.12 -15.91 -31.15
C PRO E 83 -5.42 -15.16 -32.29
N TYR E 84 -4.22 -15.64 -32.65
CA TYR E 84 -3.39 -15.08 -33.72
C TYR E 84 -4.17 -14.55 -34.92
N ASP E 85 -4.79 -15.47 -35.66
CA ASP E 85 -5.56 -15.12 -36.85
C ASP E 85 -6.45 -13.89 -36.78
N LEU E 86 -7.02 -13.64 -35.60
CA LEU E 86 -7.86 -12.46 -35.40
C LEU E 86 -7.02 -11.19 -35.23
N VAL E 87 -6.10 -11.22 -34.26
CA VAL E 87 -5.24 -10.09 -33.99
C VAL E 87 -4.51 -9.67 -35.26
N LYS E 88 -4.24 -10.65 -36.10
CA LYS E 88 -3.55 -10.44 -37.37
C LYS E 88 -4.36 -9.67 -38.41
N THR E 89 -5.66 -9.58 -38.18
CA THR E 89 -6.53 -8.87 -39.11
C THR E 89 -6.98 -7.57 -38.45
N MET E 90 -6.84 -7.52 -37.13
CA MET E 90 -7.24 -6.34 -36.36
C MET E 90 -6.50 -6.08 -35.05
N ARG E 91 -5.55 -5.14 -35.07
CA ARG E 91 -4.80 -4.82 -33.86
C ARG E 91 -5.58 -4.31 -32.66
N ALA E 92 -6.80 -3.83 -32.92
CA ALA E 92 -7.65 -3.32 -31.85
C ALA E 92 -7.98 -4.43 -30.84
N SER E 93 -7.69 -5.67 -31.23
CA SER E 93 -7.89 -6.86 -30.38
C SER E 93 -7.22 -6.75 -29.01
N ILE E 94 -6.10 -6.03 -28.96
CA ILE E 94 -5.34 -5.82 -27.73
C ILE E 94 -6.29 -5.25 -26.68
N TRP E 95 -7.36 -4.63 -27.14
CA TRP E 95 -8.34 -4.05 -26.24
C TRP E 95 -9.12 -4.95 -25.27
N ALA E 96 -8.99 -6.27 -25.46
CA ALA E 96 -9.66 -7.26 -24.63
C ALA E 96 -8.92 -7.46 -23.31
N LEU E 97 -7.59 -7.43 -23.38
CA LEU E 97 -6.72 -7.60 -22.23
C LEU E 97 -7.15 -6.90 -20.94
N GLY E 98 -7.11 -5.58 -20.93
CA GLY E 98 -7.50 -4.85 -19.74
C GLY E 98 -8.83 -5.33 -19.16
N PRO E 99 -9.90 -5.37 -19.97
CA PRO E 99 -11.21 -5.82 -19.52
C PRO E 99 -11.16 -7.21 -18.88
N LEU E 100 -10.66 -8.15 -19.66
CA LEU E 100 -10.52 -9.53 -19.20
C LEU E 100 -9.89 -9.75 -17.83
N VAL E 101 -8.79 -9.05 -17.55
CA VAL E 101 -8.11 -9.25 -16.28
C VAL E 101 -8.65 -8.39 -15.13
N ALA E 102 -9.35 -7.31 -15.46
CA ALA E 102 -9.89 -6.45 -14.40
C ALA E 102 -11.09 -7.15 -13.77
N ARG E 103 -11.88 -7.80 -14.62
CA ARG E 103 -13.09 -8.50 -14.20
C ARG E 103 -12.92 -9.98 -13.88
N PHE E 104 -11.92 -10.59 -14.51
CA PHE E 104 -11.67 -12.02 -14.34
C PHE E 104 -10.32 -12.47 -13.76
N GLY E 105 -9.43 -11.52 -13.50
CA GLY E 105 -8.13 -11.87 -12.96
C GLY E 105 -7.20 -12.50 -13.99
N GLN E 106 -7.74 -12.80 -15.17
CA GLN E 106 -6.96 -13.41 -16.24
C GLN E 106 -7.24 -12.95 -17.69
N GLY E 107 -6.25 -13.07 -18.56
CA GLY E 107 -6.43 -12.67 -19.94
C GLY E 107 -5.27 -12.93 -20.88
N GLN E 108 -5.58 -13.22 -22.13
CA GLN E 108 -4.57 -13.49 -23.15
C GLN E 108 -4.93 -12.86 -24.49
N VAL E 109 -3.89 -12.43 -25.21
CA VAL E 109 -4.09 -11.82 -26.52
C VAL E 109 -2.84 -12.05 -27.33
N SER E 110 -2.99 -12.46 -28.58
CA SER E 110 -1.82 -12.66 -29.43
C SER E 110 -1.04 -11.34 -29.54
N LEU E 111 0.27 -11.42 -29.63
CA LEU E 111 1.07 -10.21 -29.74
C LEU E 111 1.10 -9.65 -31.15
N PRO E 112 0.59 -8.41 -31.33
CA PRO E 112 0.55 -7.76 -32.63
C PRO E 112 1.95 -7.63 -33.25
N GLY E 113 2.02 -7.80 -34.57
CA GLY E 113 3.30 -7.68 -35.24
C GLY E 113 3.45 -6.32 -35.87
N GLY E 114 4.32 -6.22 -36.86
CA GLY E 114 4.52 -4.94 -37.51
C GLY E 114 3.31 -4.44 -38.31
N ASP E 115 3.05 -3.15 -38.19
CA ASP E 115 1.95 -2.52 -38.90
C ASP E 115 2.41 -1.86 -40.22
N ALA E 116 1.46 -1.51 -41.08
CA ALA E 116 1.80 -0.87 -42.35
C ALA E 116 2.43 0.50 -42.16
N ILE E 117 1.77 1.34 -41.37
CA ILE E 117 2.22 2.70 -41.11
C ILE E 117 3.36 2.82 -40.10
N GLY E 118 3.54 1.79 -39.28
CA GLY E 118 4.59 1.81 -38.26
C GLY E 118 4.71 0.51 -37.47
N ALA E 119 5.66 0.47 -36.54
CA ALA E 119 5.92 -0.71 -35.71
C ALA E 119 4.78 -0.95 -34.71
N ARG E 120 4.19 0.14 -34.23
CA ARG E 120 3.08 0.05 -33.29
C ARG E 120 3.23 -0.91 -32.09
N PRO E 121 4.16 -0.62 -31.19
CA PRO E 121 4.29 -1.55 -30.06
C PRO E 121 3.19 -1.29 -29.03
N VAL E 122 2.94 -2.27 -28.14
CA VAL E 122 1.92 -2.08 -27.10
C VAL E 122 2.51 -2.04 -25.70
N ASP E 123 3.82 -1.82 -25.65
CA ASP E 123 4.57 -1.71 -24.41
C ASP E 123 3.78 -0.94 -23.36
N LEU E 124 3.15 0.16 -23.78
CA LEU E 124 2.35 1.00 -22.90
C LEU E 124 1.09 0.35 -22.35
N HIS E 125 0.54 -0.61 -23.09
CA HIS E 125 -0.67 -1.30 -22.65
C HIS E 125 -0.30 -2.25 -21.51
N ILE E 126 0.72 -3.04 -21.78
CA ILE E 126 1.25 -4.03 -20.86
C ILE E 126 1.73 -3.34 -19.59
N PHE E 127 2.53 -2.29 -19.76
CA PHE E 127 3.06 -1.55 -18.62
C PHE E 127 1.96 -0.96 -17.74
N GLY E 128 0.95 -0.38 -18.37
CA GLY E 128 -0.14 0.21 -17.63
C GLY E 128 -0.80 -0.84 -16.74
N LEU E 129 -0.96 -2.05 -17.26
CA LEU E 129 -1.58 -3.12 -16.51
C LEU E 129 -0.72 -3.50 -15.30
N GLU E 130 0.58 -3.68 -15.55
CA GLU E 130 1.54 -3.99 -14.51
C GLU E 130 1.47 -2.93 -13.41
N LYS E 131 1.34 -1.67 -13.79
CA LYS E 131 1.21 -0.60 -12.80
C LYS E 131 -0.02 -0.82 -11.94
N LEU E 132 -1.03 -1.44 -12.53
CA LEU E 132 -2.28 -1.74 -11.82
C LEU E 132 -2.11 -2.88 -10.83
N GLY E 133 -1.09 -3.69 -11.07
CA GLY E 133 -0.81 -4.82 -10.20
C GLY E 133 -0.83 -6.14 -10.93
N ALA E 134 -1.01 -6.12 -12.25
CA ALA E 134 -1.06 -7.37 -13.00
C ALA E 134 0.31 -7.92 -13.35
N GLU E 135 0.38 -9.25 -13.40
CA GLU E 135 1.61 -9.93 -13.77
C GLU E 135 1.47 -10.25 -15.25
N ILE E 136 2.51 -10.02 -16.03
CA ILE E 136 2.40 -10.28 -17.45
C ILE E 136 3.57 -11.08 -18.00
N LYS E 137 3.27 -12.08 -18.82
CA LYS E 137 4.30 -12.92 -19.44
C LYS E 137 4.08 -13.16 -20.93
N LEU E 138 5.15 -13.46 -21.65
CA LEU E 138 5.08 -13.73 -23.08
C LEU E 138 5.29 -15.22 -23.38
N GLU E 139 4.35 -15.83 -24.09
CA GLU E 139 4.44 -17.25 -24.44
C GLU E 139 3.89 -17.58 -25.81
N GLU E 140 4.65 -18.33 -26.60
CA GLU E 140 4.20 -18.73 -27.93
C GLU E 140 3.69 -17.60 -28.81
N GLY E 141 3.85 -16.38 -28.34
CA GLY E 141 3.40 -15.22 -29.09
C GLY E 141 2.20 -14.57 -28.43
N TYR E 142 1.83 -15.11 -27.27
CA TYR E 142 0.69 -14.59 -26.52
C TYR E 142 1.04 -13.76 -25.28
N VAL E 143 0.34 -12.65 -25.11
CA VAL E 143 0.57 -11.80 -23.96
C VAL E 143 -0.45 -12.24 -22.93
N LYS E 144 0.03 -12.99 -21.94
CA LYS E 144 -0.81 -13.51 -20.87
C LYS E 144 -0.82 -12.68 -19.59
N ALA E 145 -2.00 -12.23 -19.19
CA ALA E 145 -2.10 -11.41 -17.99
C ALA E 145 -2.79 -12.15 -16.85
N SER E 146 -2.47 -11.74 -15.63
CA SER E 146 -3.04 -12.33 -14.43
C SER E 146 -2.93 -11.43 -13.22
N VAL E 147 -3.98 -11.40 -12.42
CA VAL E 147 -3.99 -10.60 -11.22
C VAL E 147 -4.62 -11.42 -10.11
N ASN E 148 -3.94 -11.50 -8.97
CA ASN E 148 -4.42 -12.24 -7.82
C ASN E 148 -5.40 -11.42 -6.98
N GLY E 149 -6.69 -11.55 -7.31
CA GLY E 149 -7.71 -10.78 -6.61
C GLY E 149 -8.04 -9.60 -7.51
N ARG E 150 -8.14 -8.41 -6.93
CA ARG E 150 -8.43 -7.21 -7.71
C ARG E 150 -7.21 -6.37 -8.09
N LEU E 151 -7.35 -5.52 -9.10
CA LEU E 151 -6.27 -4.64 -9.53
C LEU E 151 -6.12 -3.53 -8.49
N LYS E 152 -4.98 -2.86 -8.51
CA LYS E 152 -4.74 -1.79 -7.56
C LYS E 152 -4.61 -0.36 -8.06
N GLY E 153 -5.42 0.54 -7.50
CA GLY E 153 -5.37 1.93 -7.92
C GLY E 153 -3.95 2.48 -7.82
N ALA E 154 -3.39 2.89 -8.95
CA ALA E 154 -2.04 3.44 -8.97
C ALA E 154 -1.99 4.76 -9.71
N HIS E 155 -0.95 5.54 -9.41
CA HIS E 155 -0.74 6.82 -10.08
C HIS E 155 0.25 6.58 -11.21
N ILE E 156 -0.24 6.66 -12.44
CA ILE E 156 0.55 6.42 -13.63
C ILE E 156 0.79 7.65 -14.49
N VAL E 157 2.01 7.80 -14.97
CA VAL E 157 2.34 8.91 -15.84
C VAL E 157 2.74 8.24 -17.17
N MET E 158 1.90 8.38 -18.18
CA MET E 158 2.17 7.79 -19.49
C MET E 158 3.49 8.27 -20.13
N ASP E 159 4.38 7.35 -20.49
CA ASP E 159 5.64 7.76 -21.11
C ASP E 159 5.40 8.66 -22.32
N LYS E 160 4.32 8.37 -23.03
CA LYS E 160 3.91 9.11 -24.22
C LYS E 160 2.38 9.12 -24.35
N VAL E 161 1.84 9.93 -25.25
CA VAL E 161 0.41 9.99 -25.42
C VAL E 161 -0.09 8.84 -26.29
N SER E 162 -0.89 7.98 -25.68
CA SER E 162 -1.42 6.83 -26.38
C SER E 162 -2.93 6.69 -26.30
N VAL E 163 -3.58 6.56 -27.44
CA VAL E 163 -5.02 6.36 -27.46
C VAL E 163 -5.26 4.94 -26.95
N GLY E 164 -4.58 3.99 -27.58
CA GLY E 164 -4.74 2.60 -27.16
C GLY E 164 -4.48 2.37 -25.68
N ALA E 165 -3.29 2.76 -25.21
CA ALA E 165 -2.93 2.55 -23.82
C ALA E 165 -3.87 3.25 -22.83
N THR E 166 -4.23 4.52 -23.09
CA THR E 166 -5.12 5.23 -22.19
C THR E 166 -6.44 4.46 -22.06
N VAL E 167 -6.95 3.94 -23.19
CA VAL E 167 -8.20 3.18 -23.17
C VAL E 167 -8.05 1.90 -22.32
N THR E 168 -7.00 1.13 -22.58
CA THR E 168 -6.74 -0.10 -21.86
C THR E 168 -6.62 0.05 -20.34
N ILE E 169 -5.98 1.12 -19.89
CA ILE E 169 -5.77 1.38 -18.47
C ILE E 169 -7.04 1.93 -17.82
N MET E 170 -7.69 2.88 -18.49
CA MET E 170 -8.95 3.45 -18.00
C MET E 170 -10.01 2.35 -17.81
N SER E 171 -10.08 1.46 -18.79
CA SER E 171 -11.03 0.35 -18.75
C SER E 171 -10.90 -0.45 -17.45
N ALA E 172 -9.72 -1.05 -17.30
CA ALA E 172 -9.38 -1.87 -16.15
C ALA E 172 -9.44 -1.14 -14.80
N ALA E 173 -9.17 0.15 -14.79
CA ALA E 173 -9.17 0.93 -13.55
C ALA E 173 -10.53 1.00 -12.84
N THR E 174 -11.61 0.86 -13.60
CA THR E 174 -12.97 0.91 -13.06
C THR E 174 -13.26 -0.23 -12.08
N LEU E 175 -12.55 -1.36 -12.25
CA LEU E 175 -12.73 -2.52 -11.36
C LEU E 175 -11.61 -2.67 -10.31
N ALA E 176 -10.75 -1.67 -10.22
CA ALA E 176 -9.60 -1.73 -9.32
C ALA E 176 -9.83 -1.22 -7.90
N GLU E 177 -9.18 -1.87 -6.95
CA GLU E 177 -9.29 -1.48 -5.57
C GLU E 177 -8.67 -0.10 -5.36
N GLY E 178 -9.49 0.94 -5.44
CA GLY E 178 -8.96 2.27 -5.22
C GLY E 178 -9.01 3.24 -6.38
N THR E 179 -8.41 4.40 -6.16
CA THR E 179 -8.35 5.47 -7.15
C THR E 179 -7.13 5.36 -8.07
N THR E 180 -7.37 5.51 -9.37
CA THR E 180 -6.31 5.48 -10.38
C THR E 180 -6.21 6.87 -11.02
N ILE E 181 -4.99 7.35 -11.22
CA ILE E 181 -4.80 8.64 -11.85
C ILE E 181 -3.97 8.34 -13.10
N ILE E 182 -4.53 8.59 -14.28
CA ILE E 182 -3.78 8.37 -15.52
C ILE E 182 -3.26 9.74 -15.93
N GLU E 183 -1.97 9.97 -15.73
CA GLU E 183 -1.39 11.26 -16.09
C GLU E 183 -0.79 11.27 -17.49
N ASN E 184 -0.98 12.38 -18.21
CA ASN E 184 -0.50 12.49 -19.59
C ASN E 184 -1.32 11.55 -20.47
N ALA E 185 -2.61 11.47 -20.12
CA ALA E 185 -3.56 10.62 -20.83
C ALA E 185 -3.90 11.20 -22.20
N ALA E 186 -4.31 10.35 -23.13
CA ALA E 186 -4.71 10.80 -24.46
C ALA E 186 -6.04 11.54 -24.30
N ARG E 187 -6.22 12.61 -25.06
CA ARG E 187 -7.42 13.43 -24.99
C ARG E 187 -8.40 13.30 -26.15
N GLU E 188 -8.15 12.33 -27.05
CA GLU E 188 -9.00 12.07 -28.22
C GLU E 188 -10.49 11.98 -27.83
N PRO E 189 -11.40 12.46 -28.70
CA PRO E 189 -12.85 12.40 -28.41
C PRO E 189 -13.31 10.98 -28.12
N GLU E 190 -12.67 10.00 -28.74
CA GLU E 190 -13.03 8.61 -28.51
C GLU E 190 -12.75 8.19 -27.04
N ILE E 191 -11.81 8.89 -26.39
CA ILE E 191 -11.47 8.59 -25.02
C ILE E 191 -12.60 9.10 -24.16
N VAL E 192 -13.02 10.34 -24.42
CA VAL E 192 -14.12 10.94 -23.68
C VAL E 192 -15.37 10.10 -23.90
N ASP E 193 -15.52 9.58 -25.12
CA ASP E 193 -16.69 8.79 -25.46
C ASP E 193 -16.74 7.46 -24.73
N THR E 194 -15.58 6.85 -24.54
CA THR E 194 -15.47 5.56 -23.86
C THR E 194 -15.58 5.76 -22.35
N ALA E 195 -15.08 6.90 -21.86
CA ALA E 195 -15.14 7.21 -20.42
C ALA E 195 -16.62 7.36 -20.04
N ASN E 196 -17.35 8.13 -20.83
CA ASN E 196 -18.78 8.33 -20.62
C ASN E 196 -19.51 6.99 -20.71
N PHE E 197 -19.14 6.17 -21.69
CA PHE E 197 -19.77 4.86 -21.81
C PHE E 197 -19.58 4.08 -20.51
N LEU E 198 -18.40 4.20 -19.92
CA LEU E 198 -18.07 3.53 -18.67
C LEU E 198 -18.86 4.11 -17.49
N VAL E 199 -19.00 5.43 -17.45
CA VAL E 199 -19.72 6.09 -16.39
C VAL E 199 -21.22 5.79 -16.50
N ALA E 200 -21.64 5.36 -17.69
CA ALA E 200 -23.04 5.02 -17.91
C ALA E 200 -23.27 3.58 -17.45
N LEU E 201 -22.18 2.83 -17.31
CA LEU E 201 -22.27 1.46 -16.83
C LEU E 201 -22.03 1.38 -15.33
N GLY E 202 -21.83 2.55 -14.72
CA GLY E 202 -21.62 2.65 -13.29
C GLY E 202 -20.23 3.09 -12.84
N ALA E 203 -19.26 3.04 -13.73
CA ALA E 203 -17.88 3.40 -13.40
C ALA E 203 -17.76 4.85 -12.94
N LYS E 204 -16.74 5.13 -12.12
CA LYS E 204 -16.49 6.48 -11.62
C LYS E 204 -15.22 7.06 -12.24
N ILE E 205 -15.40 7.87 -13.27
CA ILE E 205 -14.31 8.48 -14.02
C ILE E 205 -14.43 9.98 -14.12
N SER E 206 -13.32 10.66 -14.05
CA SER E 206 -13.30 12.11 -14.19
C SER E 206 -12.05 12.69 -14.85
N GLY E 207 -12.21 13.79 -15.58
CA GLY E 207 -11.08 14.40 -16.24
C GLY E 207 -10.87 13.88 -17.66
N GLN E 208 -11.73 12.94 -18.08
CA GLN E 208 -11.64 12.43 -19.44
C GLN E 208 -11.69 13.61 -20.43
N GLY E 209 -10.71 13.66 -21.33
CA GLY E 209 -10.66 14.76 -22.30
C GLY E 209 -9.63 15.79 -21.84
N THR E 210 -8.90 15.42 -20.80
CA THR E 210 -7.86 16.27 -20.26
C THR E 210 -6.70 15.33 -19.99
N ASP E 211 -5.53 15.87 -19.69
CA ASP E 211 -4.38 15.02 -19.43
C ASP E 211 -4.29 14.22 -18.12
N ARG E 212 -5.27 14.44 -17.25
CA ARG E 212 -5.36 13.78 -15.94
C ARG E 212 -6.71 13.09 -15.78
N ILE E 213 -6.77 11.79 -16.05
CA ILE E 213 -8.01 11.03 -15.88
C ILE E 213 -7.97 10.30 -14.53
N THR E 214 -8.98 10.53 -13.70
CA THR E 214 -9.05 9.87 -12.39
C THR E 214 -10.16 8.83 -12.43
N ILE E 215 -9.89 7.65 -11.88
CA ILE E 215 -10.86 6.56 -11.85
C ILE E 215 -11.02 5.98 -10.46
N GLU E 216 -12.26 6.01 -9.96
CA GLU E 216 -12.54 5.44 -8.66
C GLU E 216 -13.10 4.02 -8.89
N GLY E 217 -12.27 3.02 -8.63
CA GLY E 217 -12.72 1.66 -8.83
C GLY E 217 -14.02 1.39 -8.10
N VAL E 218 -14.91 0.65 -8.76
CA VAL E 218 -16.17 0.32 -8.14
C VAL E 218 -16.28 -1.19 -8.12
N GLU E 219 -17.17 -1.67 -7.25
CA GLU E 219 -17.43 -3.09 -7.08
C GLU E 219 -17.73 -3.86 -8.37
N ARG E 220 -18.70 -3.38 -9.13
CA ARG E 220 -19.11 -4.03 -10.37
C ARG E 220 -19.64 -3.03 -11.40
N LEU E 221 -19.89 -3.51 -12.62
CA LEU E 221 -20.43 -2.66 -13.69
C LEU E 221 -21.73 -3.20 -14.28
N GLY E 222 -22.77 -2.37 -14.23
CA GLY E 222 -24.08 -2.75 -14.70
C GLY E 222 -24.31 -2.91 -16.20
N GLY E 223 -25.28 -2.15 -16.71
CA GLY E 223 -25.61 -2.21 -18.12
C GLY E 223 -26.33 -0.95 -18.58
N GLY E 224 -26.91 -0.97 -19.77
CA GLY E 224 -27.60 0.21 -20.25
C GLY E 224 -27.56 0.38 -21.75
N VAL E 225 -27.77 1.62 -22.20
CA VAL E 225 -27.76 1.94 -23.63
C VAL E 225 -26.82 3.11 -23.94
N TYR E 226 -25.95 2.92 -24.94
CA TYR E 226 -25.01 3.97 -25.32
C TYR E 226 -24.98 4.29 -26.82
N ARG E 227 -24.96 5.58 -27.14
CA ARG E 227 -24.92 6.04 -28.53
C ARG E 227 -23.55 6.61 -28.95
N VAL E 228 -22.83 5.87 -29.78
CA VAL E 228 -21.51 6.32 -30.22
C VAL E 228 -21.54 7.67 -30.92
N LEU E 229 -20.50 8.46 -30.70
CA LEU E 229 -20.41 9.79 -31.31
C LEU E 229 -20.17 9.74 -32.80
N PRO E 230 -20.24 10.90 -33.49
CA PRO E 230 -20.02 10.89 -34.94
C PRO E 230 -18.54 10.67 -35.31
N ASP E 231 -18.29 10.04 -36.46
CA ASP E 231 -16.93 9.80 -36.93
C ASP E 231 -16.23 11.08 -37.42
N ARG E 232 -15.31 11.62 -36.61
CA ARG E 232 -14.60 12.85 -36.97
C ARG E 232 -13.72 12.77 -38.22
N ILE E 233 -13.17 11.58 -38.48
CA ILE E 233 -12.31 11.38 -39.64
C ILE E 233 -13.14 11.29 -40.93
N GLU E 234 -14.25 10.56 -40.89
CA GLU E 234 -15.13 10.46 -42.06
C GLU E 234 -15.59 11.88 -42.39
N THR E 235 -15.93 12.63 -41.34
CA THR E 235 -16.39 14.00 -41.46
C THR E 235 -15.33 14.86 -42.13
N GLY E 236 -14.07 14.70 -41.66
CA GLY E 236 -12.97 15.47 -42.22
C GLY E 236 -12.76 15.12 -43.67
N THR E 237 -12.81 13.82 -43.97
CA THR E 237 -12.62 13.31 -45.32
C THR E 237 -13.63 13.93 -46.30
N PHE E 238 -14.90 13.99 -45.91
CA PHE E 238 -15.92 14.59 -46.77
C PHE E 238 -15.72 16.08 -47.00
N LEU E 239 -15.27 16.76 -45.94
CA LEU E 239 -14.99 18.19 -46.01
C LEU E 239 -13.84 18.47 -46.98
N VAL E 240 -12.91 17.53 -47.04
CA VAL E 240 -11.76 17.62 -47.91
C VAL E 240 -12.16 17.32 -49.35
N ALA E 241 -13.09 16.38 -49.51
CA ALA E 241 -13.57 16.01 -50.84
C ALA E 241 -14.19 17.23 -51.52
N ALA E 242 -14.76 18.11 -50.71
CA ALA E 242 -15.38 19.32 -51.22
C ALA E 242 -14.36 20.41 -51.48
N ALA E 243 -13.44 20.58 -50.51
CA ALA E 243 -12.43 21.61 -50.58
C ALA E 243 -11.40 21.40 -51.67
N ILE E 244 -11.27 20.18 -52.19
CA ILE E 244 -10.30 19.98 -53.25
C ILE E 244 -10.96 19.87 -54.62
N SER E 245 -12.26 20.11 -54.69
CA SER E 245 -12.99 20.00 -55.96
C SER E 245 -13.83 21.23 -56.31
N GLY E 246 -13.52 22.35 -55.67
CA GLY E 246 -14.25 23.59 -55.87
C GLY E 246 -15.66 23.50 -55.27
N GLY E 247 -15.98 22.31 -54.75
CA GLY E 247 -17.27 21.98 -54.16
C GLY E 247 -17.93 22.69 -52.99
N LYS E 248 -19.10 22.15 -52.64
CA LYS E 248 -19.97 22.68 -51.59
C LYS E 248 -20.54 21.48 -50.82
N ILE E 249 -20.59 21.56 -49.50
CA ILE E 249 -21.11 20.42 -48.78
C ILE E 249 -21.62 20.72 -47.38
N VAL E 250 -22.64 19.97 -46.99
CA VAL E 250 -23.21 20.11 -45.66
C VAL E 250 -23.09 18.75 -45.00
N CYS E 251 -22.39 18.72 -43.88
CA CYS E 251 -22.20 17.50 -43.11
C CYS E 251 -23.29 17.33 -42.05
N ARG E 252 -24.05 16.24 -42.18
CA ARG E 252 -25.13 15.91 -41.26
C ARG E 252 -24.75 14.94 -40.14
N ASN E 253 -25.28 15.18 -38.94
CA ASN E 253 -24.97 14.33 -37.78
C ASN E 253 -23.52 14.42 -37.37
N ALA E 254 -22.94 15.60 -37.52
CA ALA E 254 -21.56 15.80 -37.18
C ALA E 254 -21.47 16.30 -35.75
N GLN E 255 -20.24 16.62 -35.34
CA GLN E 255 -19.92 17.15 -34.02
C GLN E 255 -18.67 18.03 -34.19
N PRO E 256 -18.86 19.27 -34.68
CA PRO E 256 -17.85 20.29 -34.94
C PRO E 256 -16.70 20.40 -33.93
N ASP E 257 -17.02 20.27 -32.65
CA ASP E 257 -15.98 20.41 -31.63
C ASP E 257 -14.90 19.35 -31.55
N THR E 258 -15.05 18.31 -32.34
CA THR E 258 -14.09 17.22 -32.38
C THR E 258 -13.11 17.40 -33.55
N LEU E 259 -13.34 18.42 -34.36
CA LEU E 259 -12.49 18.69 -35.49
C LEU E 259 -11.96 20.11 -35.71
N ASP E 260 -11.80 20.85 -34.62
CA ASP E 260 -11.29 22.21 -34.70
C ASP E 260 -10.05 22.43 -35.55
N ALA E 261 -9.03 21.61 -35.31
CA ALA E 261 -7.78 21.71 -36.06
C ALA E 261 -8.07 21.62 -37.55
N VAL E 262 -8.80 20.56 -37.95
CA VAL E 262 -9.15 20.34 -39.36
C VAL E 262 -9.93 21.54 -39.89
N LEU E 263 -10.91 21.99 -39.10
CA LEU E 263 -11.68 23.16 -39.49
C LEU E 263 -10.81 24.39 -39.73
N ALA E 264 -9.86 24.63 -38.81
CA ALA E 264 -8.95 25.77 -38.97
C ALA E 264 -8.08 25.58 -40.21
N LYS E 265 -7.50 24.39 -40.39
CA LYS E 265 -6.70 24.13 -41.58
C LYS E 265 -7.51 24.39 -42.84
N LEU E 266 -8.73 23.88 -42.87
CA LEU E 266 -9.59 24.09 -44.04
C LEU E 266 -9.78 25.60 -44.30
N ARG E 267 -9.93 26.37 -43.21
CA ARG E 267 -10.03 27.83 -43.37
C ARG E 267 -8.75 28.38 -44.00
N GLU E 268 -7.59 27.93 -43.51
CA GLU E 268 -6.32 28.37 -44.07
C GLU E 268 -6.15 28.06 -45.56
N ALA E 269 -6.80 26.98 -46.00
CA ALA E 269 -6.76 26.52 -47.40
C ALA E 269 -7.77 27.31 -48.24
N GLY E 270 -8.38 28.32 -47.63
CA GLY E 270 -9.35 29.15 -48.33
C GLY E 270 -10.82 28.74 -48.21
N ALA E 271 -11.11 27.70 -47.43
CA ALA E 271 -12.50 27.27 -47.29
C ALA E 271 -13.37 28.21 -46.43
N ASP E 272 -14.62 28.33 -46.86
CA ASP E 272 -15.63 29.14 -46.19
C ASP E 272 -16.47 28.12 -45.41
N ILE E 273 -16.34 28.14 -44.09
CA ILE E 273 -17.02 27.16 -43.25
C ILE E 273 -17.98 27.67 -42.19
N GLU E 274 -19.06 26.91 -42.05
CA GLU E 274 -20.08 27.18 -41.05
C GLU E 274 -20.43 25.94 -40.25
N THR E 275 -20.67 26.15 -38.97
CA THR E 275 -21.01 25.05 -38.08
C THR E 275 -22.24 25.35 -37.26
N GLY E 276 -22.92 24.27 -36.91
CA GLY E 276 -24.02 24.29 -36.00
C GLY E 276 -23.88 23.29 -34.87
N GLU E 277 -25.00 22.90 -34.26
CA GLU E 277 -25.07 21.89 -33.22
C GLU E 277 -24.59 20.55 -33.74
N ASP E 278 -25.10 20.10 -34.89
CA ASP E 278 -24.80 18.76 -35.41
C ASP E 278 -24.51 18.70 -36.90
N TRP E 279 -24.06 19.81 -37.42
CA TRP E 279 -23.77 19.94 -38.85
C TRP E 279 -22.61 20.85 -39.19
N ILE E 280 -22.01 20.59 -40.33
CA ILE E 280 -20.90 21.41 -40.79
C ILE E 280 -21.06 21.72 -42.27
N SER E 281 -20.86 22.99 -42.59
CA SER E 281 -20.94 23.44 -43.97
C SER E 281 -19.62 24.03 -44.45
N LEU E 282 -19.19 23.54 -45.60
CA LEU E 282 -17.96 23.99 -46.24
C LEU E 282 -18.25 24.39 -47.67
N ASP E 283 -17.93 25.63 -48.00
CA ASP E 283 -18.13 26.14 -49.36
C ASP E 283 -16.80 26.58 -49.96
N MET E 284 -16.38 25.94 -51.04
CA MET E 284 -15.13 26.30 -51.70
C MET E 284 -15.22 27.50 -52.62
N HIS E 285 -16.42 27.84 -53.04
CA HIS E 285 -16.72 28.91 -53.95
C HIS E 285 -16.01 28.80 -55.24
N GLY E 286 -15.76 27.58 -55.66
CA GLY E 286 -15.07 27.30 -56.89
C GLY E 286 -13.58 27.36 -56.75
N LYS E 287 -13.11 27.84 -55.64
CA LYS E 287 -11.70 28.05 -55.50
C LYS E 287 -10.86 26.80 -55.42
N ARG E 288 -9.61 27.00 -55.76
CA ARG E 288 -8.59 25.98 -55.67
C ARG E 288 -8.01 26.10 -54.26
N PRO E 289 -7.66 24.98 -53.64
CA PRO E 289 -7.09 25.11 -52.29
C PRO E 289 -5.76 25.85 -52.28
N LYS E 290 -5.52 26.58 -51.21
CA LYS E 290 -4.28 27.29 -51.01
C LYS E 290 -3.39 26.42 -50.09
N ALA E 291 -2.18 26.12 -50.53
CA ALA E 291 -1.26 25.26 -49.75
C ALA E 291 -1.15 25.63 -48.27
N VAL E 292 -1.23 24.63 -47.41
CA VAL E 292 -1.14 24.86 -45.97
C VAL E 292 -0.02 24.05 -45.32
N THR E 293 0.25 24.37 -44.06
CA THR E 293 1.25 23.65 -43.29
C THR E 293 0.53 22.81 -42.25
N VAL E 294 0.85 21.52 -42.21
CA VAL E 294 0.22 20.57 -41.29
C VAL E 294 1.26 19.79 -40.46
N ARG E 295 0.96 19.64 -39.18
CA ARG E 295 1.80 18.91 -38.25
C ARG E 295 0.91 17.98 -37.44
N THR E 296 1.03 16.68 -37.62
CA THR E 296 0.17 15.78 -36.84
C THR E 296 0.69 15.70 -35.41
N ALA E 297 -0.22 15.48 -34.48
CA ALA E 297 0.13 15.36 -33.08
C ALA E 297 -1.14 14.94 -32.34
N PRO E 298 -1.04 14.63 -31.04
CA PRO E 298 -2.26 14.21 -30.35
C PRO E 298 -3.34 15.27 -30.28
N HIS E 299 -4.58 14.81 -30.17
CA HIS E 299 -5.77 15.67 -30.06
C HIS E 299 -5.52 16.63 -28.90
N PRO E 300 -6.02 17.88 -28.99
CA PRO E 300 -6.81 18.49 -30.05
C PRO E 300 -6.06 19.09 -31.24
N ALA E 301 -4.84 18.64 -31.48
CA ALA E 301 -4.06 19.14 -32.62
C ALA E 301 -4.48 18.37 -33.90
N PHE E 302 -3.87 18.68 -35.04
CA PHE E 302 -4.17 18.00 -36.30
C PHE E 302 -3.97 16.49 -36.21
N PRO E 303 -5.01 15.69 -36.51
CA PRO E 303 -4.95 14.22 -36.44
C PRO E 303 -4.27 13.48 -37.59
N THR E 304 -3.45 12.48 -37.24
CA THR E 304 -2.77 11.69 -38.25
C THR E 304 -3.79 10.99 -39.17
N ASP E 305 -5.00 10.72 -38.68
CA ASP E 305 -6.06 10.13 -39.53
C ASP E 305 -6.54 11.06 -40.67
N MET E 306 -6.19 12.34 -40.60
CA MET E 306 -6.54 13.33 -41.62
C MET E 306 -5.34 13.68 -42.52
N GLN E 307 -4.19 13.08 -42.22
CA GLN E 307 -2.94 13.33 -42.94
C GLN E 307 -2.82 13.13 -44.46
N ALA E 308 -3.17 11.92 -44.91
CA ALA E 308 -3.11 11.59 -46.34
C ALA E 308 -4.06 12.49 -47.12
N GLN E 309 -5.23 12.74 -46.55
CA GLN E 309 -6.24 13.61 -47.13
C GLN E 309 -5.67 15.02 -47.35
N PHE E 310 -5.08 15.58 -46.30
CA PHE E 310 -4.47 16.89 -46.43
C PHE E 310 -3.27 16.89 -47.39
N THR E 311 -2.59 15.75 -47.49
CA THR E 311 -1.44 15.66 -48.39
C THR E 311 -2.03 15.84 -49.77
N LEU E 312 -3.18 15.20 -50.01
CA LEU E 312 -3.90 15.33 -51.29
C LEU E 312 -4.15 16.80 -51.56
N LEU E 313 -4.87 17.44 -50.64
CA LEU E 313 -5.14 18.86 -50.73
C LEU E 313 -3.91 19.70 -51.12
N ASN E 314 -2.79 19.48 -50.42
CA ASN E 314 -1.55 20.20 -50.75
C ASN E 314 -1.09 19.89 -52.18
N LEU E 315 -1.18 18.62 -52.59
CA LEU E 315 -0.78 18.20 -53.92
C LEU E 315 -1.45 18.91 -55.11
N VAL E 316 -2.66 19.41 -54.88
CA VAL E 316 -3.39 20.13 -55.92
C VAL E 316 -3.63 21.57 -55.48
N ALA E 317 -2.90 22.03 -54.46
CA ALA E 317 -3.06 23.40 -53.96
C ALA E 317 -2.20 24.44 -54.66
N GLU E 318 -2.42 25.70 -54.29
CA GLU E 318 -1.68 26.83 -54.81
C GLU E 318 -0.45 26.99 -53.94
N GLY E 319 0.73 26.75 -54.49
CA GLY E 319 1.94 26.91 -53.71
C GLY E 319 2.54 25.66 -53.11
N THR E 320 3.48 25.86 -52.21
CA THR E 320 4.18 24.75 -51.58
C THR E 320 3.74 24.52 -50.12
N GLY E 321 3.24 23.33 -49.85
CA GLY E 321 2.78 23.02 -48.52
C GLY E 321 3.65 21.98 -47.90
N VAL E 322 3.68 21.94 -46.57
CA VAL E 322 4.49 20.97 -45.85
C VAL E 322 3.60 20.13 -44.95
N ILE E 323 3.95 18.83 -44.86
CA ILE E 323 3.22 17.85 -44.07
C ILE E 323 4.23 17.10 -43.19
N THR E 324 4.03 17.19 -41.87
CA THR E 324 4.91 16.54 -40.93
C THR E 324 4.15 15.56 -40.08
N GLU E 325 4.66 14.34 -40.08
CA GLU E 325 4.05 13.25 -39.36
C GLU E 325 4.82 12.93 -38.11
N THR E 326 4.28 13.25 -36.92
CA THR E 326 4.96 12.93 -35.67
C THR E 326 4.38 11.71 -34.94
N ILE E 327 3.31 11.12 -35.45
CA ILE E 327 2.69 9.95 -34.82
C ILE E 327 3.14 8.63 -35.43
N PHE E 328 3.05 8.57 -36.75
CA PHE E 328 3.45 7.36 -37.45
C PHE E 328 4.68 7.50 -38.32
N GLU E 329 5.57 6.51 -38.19
CA GLU E 329 6.81 6.45 -38.95
C GLU E 329 6.64 6.47 -40.46
N ASN E 330 6.16 5.34 -40.98
CA ASN E 330 5.92 5.15 -42.41
C ASN E 330 4.50 5.47 -42.87
N ARG E 331 4.02 6.66 -42.60
CA ARG E 331 2.66 7.00 -43.02
C ARG E 331 2.51 7.86 -44.26
N PHE E 332 3.41 7.61 -45.21
CA PHE E 332 3.44 8.33 -46.47
C PHE E 332 3.24 7.45 -47.69
N MET E 333 2.61 6.29 -47.51
CA MET E 333 2.38 5.39 -48.64
C MET E 333 1.68 5.99 -49.85
N HIS E 334 0.70 6.85 -49.56
CA HIS E 334 -0.09 7.54 -50.57
C HIS E 334 0.73 8.46 -51.47
N VAL E 335 1.79 9.06 -50.92
CA VAL E 335 2.59 9.97 -51.75
C VAL E 335 3.05 9.34 -53.06
N PRO E 336 3.75 8.19 -53.01
CA PRO E 336 4.17 7.62 -54.31
C PRO E 336 2.99 7.28 -55.23
N GLU E 337 1.86 6.89 -54.64
CA GLU E 337 0.66 6.61 -55.44
C GLU E 337 0.15 7.89 -56.13
N LEU E 338 0.21 8.99 -55.40
CA LEU E 338 -0.21 10.27 -55.93
C LEU E 338 0.73 10.78 -57.03
N ILE E 339 2.02 10.46 -56.88
CA ILE E 339 3.02 10.85 -57.86
C ILE E 339 2.80 10.06 -59.15
N ARG E 340 2.25 8.85 -59.02
CA ARG E 340 1.96 8.07 -60.22
C ARG E 340 0.94 8.87 -61.02
N MET E 341 0.11 9.59 -60.27
CA MET E 341 -0.95 10.45 -60.78
C MET E 341 -0.56 11.83 -61.28
N GLY E 342 0.72 12.20 -61.14
CA GLY E 342 1.16 13.51 -61.62
C GLY E 342 1.55 14.53 -60.57
N ALA E 343 1.39 14.17 -59.30
CA ALA E 343 1.74 15.06 -58.18
C ALA E 343 3.26 15.30 -58.11
N HIS E 344 3.65 16.44 -57.57
CA HIS E 344 5.07 16.78 -57.40
C HIS E 344 5.36 16.85 -55.91
N ALA E 345 6.05 15.83 -55.38
CA ALA E 345 6.35 15.83 -53.95
C ALA E 345 7.71 15.24 -53.58
N GLU E 346 8.22 15.72 -52.46
CA GLU E 346 9.50 15.26 -51.93
C GLU E 346 9.33 14.79 -50.50
N ILE E 347 9.89 13.62 -50.18
CA ILE E 347 9.79 13.11 -48.83
C ILE E 347 11.15 13.22 -48.13
N GLU E 348 11.18 13.94 -47.02
CA GLU E 348 12.39 14.11 -46.22
C GLU E 348 12.12 13.62 -44.81
N SER E 349 12.46 12.37 -44.54
CA SER E 349 12.22 11.80 -43.23
C SER E 349 10.73 11.73 -42.82
N ASN E 350 10.31 12.57 -41.88
CA ASN E 350 8.92 12.56 -41.41
C ASN E 350 8.09 13.68 -42.02
N THR E 351 8.64 14.28 -43.05
CA THR E 351 7.99 15.38 -43.72
C THR E 351 7.93 15.23 -45.24
N VAL E 352 6.82 15.64 -45.82
CA VAL E 352 6.73 15.61 -47.26
C VAL E 352 6.49 17.04 -47.68
N ILE E 353 7.34 17.49 -48.60
CA ILE E 353 7.26 18.83 -49.14
C ILE E 353 6.35 18.70 -50.36
N CYS E 354 5.27 19.47 -50.37
CA CYS E 354 4.27 19.45 -51.43
C CYS E 354 4.34 20.58 -52.43
N HIS E 355 4.34 20.24 -53.72
CA HIS E 355 4.34 21.25 -54.79
C HIS E 355 3.06 21.12 -55.57
N GLY E 356 2.05 21.93 -55.22
CA GLY E 356 0.76 21.85 -55.88
C GLY E 356 0.83 21.89 -57.39
N VAL E 357 0.16 20.95 -58.03
CA VAL E 357 0.14 20.92 -59.48
C VAL E 357 -1.28 21.22 -59.92
N GLU E 358 -1.40 21.73 -61.14
CA GLU E 358 -2.68 22.12 -61.74
C GLU E 358 -3.71 20.98 -61.83
N LYS E 359 -3.26 19.79 -62.21
CA LYS E 359 -4.16 18.68 -62.29
C LYS E 359 -3.62 17.27 -62.23
N LEU E 360 -4.42 16.38 -61.67
CA LEU E 360 -4.05 14.97 -61.58
C LEU E 360 -4.59 14.24 -62.80
N SER E 361 -3.93 13.15 -63.17
CA SER E 361 -4.37 12.33 -64.29
C SER E 361 -4.68 10.95 -63.73
N GLY E 362 -5.70 10.30 -64.28
CA GLY E 362 -6.06 8.96 -63.84
C GLY E 362 -4.93 7.97 -64.06
N ALA E 363 -4.86 6.98 -63.18
CA ALA E 363 -3.83 5.96 -63.28
C ALA E 363 -4.16 4.85 -62.31
N GLN E 364 -3.40 3.76 -62.41
CA GLN E 364 -3.61 2.64 -61.51
C GLN E 364 -2.85 2.85 -60.21
N VAL E 365 -3.59 2.88 -59.11
CA VAL E 365 -2.94 3.09 -57.82
C VAL E 365 -3.36 2.01 -56.84
N MET E 366 -2.64 1.92 -55.73
CA MET E 366 -2.92 0.90 -54.73
C MET E 366 -3.15 1.34 -53.29
N ALA E 367 -4.26 0.91 -52.69
CA ALA E 367 -4.54 1.25 -51.32
C ALA E 367 -3.66 0.40 -50.42
N THR E 368 -3.39 0.88 -49.21
CA THR E 368 -2.56 0.16 -48.26
C THR E 368 -2.91 0.52 -46.83
N ASP E 369 -3.59 1.64 -46.67
CA ASP E 369 -3.94 2.19 -45.37
C ASP E 369 -5.46 2.31 -45.18
N LEU E 370 -5.98 1.66 -44.15
CA LEU E 370 -7.41 1.67 -43.83
C LEU E 370 -8.04 3.04 -43.51
N ARG E 371 -7.20 4.08 -43.56
CA ARG E 371 -7.66 5.44 -43.25
C ARG E 371 -6.98 6.50 -44.10
N ALA E 372 -5.90 6.09 -44.76
CA ALA E 372 -5.12 6.99 -45.60
C ALA E 372 -5.38 6.75 -47.08
N SER E 373 -6.01 5.64 -47.40
CA SER E 373 -6.34 5.32 -48.80
C SER E 373 -7.62 5.92 -49.37
N ALA E 374 -8.42 6.54 -48.49
CA ALA E 374 -9.63 7.22 -48.91
C ALA E 374 -9.08 8.32 -49.84
N SER E 375 -7.83 8.70 -49.62
CA SER E 375 -7.13 9.71 -50.39
C SER E 375 -7.14 9.42 -51.88
N LEU E 376 -6.69 8.22 -52.21
CA LEU E 376 -6.63 7.74 -53.57
C LEU E 376 -7.99 7.81 -54.29
N VAL E 377 -9.06 7.47 -53.57
CA VAL E 377 -10.41 7.52 -54.12
C VAL E 377 -10.75 8.97 -54.42
N LEU E 378 -10.45 9.84 -53.45
CA LEU E 378 -10.67 11.27 -53.63
C LEU E 378 -9.88 11.83 -54.81
N ALA E 379 -8.63 11.37 -54.94
CA ALA E 379 -7.77 11.81 -56.02
C ALA E 379 -8.47 11.46 -57.33
N GLY E 380 -8.96 10.22 -57.44
CA GLY E 380 -9.66 9.78 -58.62
C GLY E 380 -10.84 10.69 -58.98
N CYS E 381 -11.54 11.20 -57.97
CA CYS E 381 -12.66 12.10 -58.20
C CYS E 381 -12.29 13.38 -58.94
N ILE E 382 -11.16 13.99 -58.57
CA ILE E 382 -10.74 15.24 -59.19
C ILE E 382 -9.69 15.08 -60.29
N ALA E 383 -9.16 13.86 -60.45
CA ALA E 383 -8.16 13.57 -61.47
C ALA E 383 -8.80 13.60 -62.87
N GLU E 384 -7.96 13.67 -63.90
CA GLU E 384 -8.42 13.68 -65.29
C GLU E 384 -8.45 12.26 -65.84
N GLY E 385 -9.61 11.78 -66.24
CA GLY E 385 -9.61 10.43 -66.77
C GLY E 385 -10.08 9.38 -65.80
N THR E 386 -9.61 8.16 -66.00
CA THR E 386 -10.00 7.05 -65.18
C THR E 386 -8.93 6.62 -64.21
N THR E 387 -9.33 6.40 -62.98
CA THR E 387 -8.42 5.97 -61.94
C THR E 387 -8.95 4.64 -61.40
N VAL E 388 -8.02 3.74 -61.09
CA VAL E 388 -8.38 2.47 -60.52
C VAL E 388 -7.59 2.30 -59.24
N VAL E 389 -8.31 2.11 -58.15
CA VAL E 389 -7.66 1.89 -56.87
C VAL E 389 -7.83 0.42 -56.49
N ASP E 390 -6.71 -0.31 -56.48
CA ASP E 390 -6.70 -1.72 -56.12
C ASP E 390 -6.83 -1.94 -54.63
N ARG E 391 -7.20 -3.15 -54.23
CA ARG E 391 -7.34 -3.50 -52.80
C ARG E 391 -8.13 -2.56 -51.90
N ILE E 392 -9.34 -2.19 -52.35
CA ILE E 392 -10.15 -1.28 -51.57
C ILE E 392 -10.67 -1.89 -50.29
N TYR E 393 -10.10 -3.01 -49.90
CA TYR E 393 -10.53 -3.62 -48.67
C TYR E 393 -10.14 -2.79 -47.50
N HIS E 394 -9.07 -2.04 -47.63
CA HIS E 394 -8.71 -1.13 -46.60
C HIS E 394 -9.73 -0.05 -46.45
N ILE E 395 -10.22 0.48 -47.57
CA ILE E 395 -11.19 1.56 -47.52
C ILE E 395 -12.42 1.10 -46.76
N ASP E 396 -12.90 -0.10 -47.09
CA ASP E 396 -14.05 -0.75 -46.47
C ASP E 396 -13.94 -0.97 -44.96
N ARG E 397 -12.70 -0.98 -44.48
CA ARG E 397 -12.41 -1.17 -43.08
C ARG E 397 -12.72 0.06 -42.25
N GLY E 398 -12.44 1.23 -42.85
CA GLY E 398 -12.65 2.48 -42.15
C GLY E 398 -13.84 3.31 -42.58
N TYR E 399 -14.36 3.05 -43.77
CA TYR E 399 -15.51 3.80 -44.27
C TYR E 399 -16.82 3.06 -44.57
N GLU E 400 -17.88 3.45 -43.88
CA GLU E 400 -19.18 2.85 -44.10
C GLU E 400 -19.73 3.28 -45.47
N ARG E 401 -19.77 2.35 -46.41
CA ARG E 401 -20.27 2.65 -47.76
C ARG E 401 -19.79 4.01 -48.30
N ILE E 402 -18.50 4.11 -48.56
CA ILE E 402 -17.94 5.36 -49.04
C ILE E 402 -18.39 5.65 -50.48
N GLU E 403 -18.66 4.60 -51.26
CA GLU E 403 -19.10 4.79 -52.63
C GLU E 403 -20.48 5.43 -52.75
N ASP E 404 -21.37 5.08 -51.81
CA ASP E 404 -22.71 5.64 -51.81
C ASP E 404 -22.69 7.11 -51.42
N LYS E 405 -21.91 7.41 -50.39
CA LYS E 405 -21.79 8.78 -49.92
C LYS E 405 -21.14 9.71 -50.94
N LEU E 406 -20.14 9.19 -51.64
CA LEU E 406 -19.43 9.94 -52.68
C LEU E 406 -20.30 10.15 -53.91
N ARG E 407 -21.00 9.08 -54.31
CA ARG E 407 -21.89 9.13 -55.46
C ARG E 407 -23.03 10.14 -55.27
N ALA E 408 -23.49 10.25 -54.03
CA ALA E 408 -24.56 11.17 -53.67
C ALA E 408 -24.06 12.62 -53.65
N LEU E 409 -22.77 12.81 -53.91
CA LEU E 409 -22.17 14.15 -53.96
C LEU E 409 -21.77 14.53 -55.40
N GLY E 410 -21.94 13.57 -56.32
CA GLY E 410 -21.61 13.82 -57.71
C GLY E 410 -20.48 12.98 -58.26
N ALA E 411 -19.90 12.13 -57.43
CA ALA E 411 -18.78 11.30 -57.86
C ALA E 411 -19.19 10.24 -58.87
N ASN E 412 -18.27 9.96 -59.79
CA ASN E 412 -18.45 8.94 -60.82
C ASN E 412 -17.65 7.73 -60.32
N ILE E 413 -18.17 7.04 -59.32
CA ILE E 413 -17.45 5.93 -58.75
C ILE E 413 -18.14 4.59 -58.97
N GLU E 414 -17.35 3.55 -59.12
CA GLU E 414 -17.88 2.24 -59.35
C GLU E 414 -17.06 1.14 -58.70
N ARG E 415 -17.74 0.19 -58.03
CA ARG E 415 -17.06 -0.91 -57.39
C ARG E 415 -16.97 -2.12 -58.34
N VAL E 416 -15.75 -2.48 -58.73
CA VAL E 416 -15.53 -3.59 -59.64
C VAL E 416 -14.96 -4.80 -58.90
N LYS E 417 -15.79 -5.83 -58.74
CA LYS E 417 -15.38 -7.04 -58.04
C LYS E 417 -14.20 -7.88 -58.53
N GLY E 418 -13.17 -8.00 -57.69
CA GLY E 418 -11.99 -8.78 -58.05
C GLY E 418 -11.23 -8.24 -59.24
N GLU E 419 -11.54 -8.80 -60.42
CA GLU E 419 -10.91 -8.37 -61.66
C GLU E 419 -11.46 -7.04 -62.18
N MET F 1 35.07 36.06 -15.58
CA MET F 1 34.06 35.01 -15.84
C MET F 1 34.14 33.94 -14.76
N ASP F 2 33.13 33.88 -13.90
CA ASP F 2 33.07 32.91 -12.81
C ASP F 2 33.02 31.44 -13.21
N LYS F 3 33.44 30.60 -12.28
CA LYS F 3 33.42 29.15 -12.45
C LYS F 3 33.20 28.41 -11.12
N PHE F 4 32.80 27.14 -11.19
CA PHE F 4 32.59 26.35 -9.99
C PHE F 4 33.71 25.33 -9.79
N ARG F 5 34.24 25.24 -8.58
CA ARG F 5 35.27 24.25 -8.28
C ARG F 5 34.56 23.25 -7.37
N VAL F 6 34.44 22.01 -7.83
CA VAL F 6 33.75 20.98 -7.06
C VAL F 6 34.63 19.77 -6.78
N GLN F 7 34.50 19.20 -5.59
CA GLN F 7 35.28 18.03 -5.21
C GLN F 7 34.41 16.87 -4.81
N GLY F 8 34.63 15.72 -5.42
CA GLY F 8 33.83 14.56 -5.08
C GLY F 8 34.65 13.32 -4.78
N PRO F 9 33.99 12.19 -4.52
CA PRO F 9 32.52 12.07 -4.52
C PRO F 9 31.87 12.50 -3.20
N THR F 10 30.62 12.95 -3.30
CA THR F 10 29.90 13.38 -2.12
C THR F 10 28.44 12.93 -2.12
N ARG F 11 28.02 12.28 -1.04
CA ARG F 11 26.64 11.85 -0.90
C ARG F 11 25.85 13.10 -0.54
N LEU F 12 24.78 13.37 -1.28
CA LEU F 12 23.97 14.55 -1.01
C LEU F 12 22.81 14.31 -0.04
N GLN F 13 22.79 15.08 1.04
CA GLN F 13 21.73 14.94 2.04
C GLN F 13 21.37 16.14 2.88
N GLY F 14 20.09 16.26 3.19
CA GLY F 14 19.64 17.37 3.99
C GLY F 14 18.39 18.02 3.42
N GLU F 15 18.20 19.26 3.79
CA GLU F 15 17.07 20.03 3.33
C GLU F 15 17.44 21.13 2.35
N VAL F 16 16.47 21.48 1.53
CA VAL F 16 16.64 22.53 0.55
C VAL F 16 15.26 23.18 0.42
N THR F 17 15.25 24.50 0.33
CA THR F 17 14.01 25.25 0.20
C THR F 17 13.96 25.75 -1.23
N ILE F 18 12.88 25.41 -1.93
CA ILE F 18 12.72 25.78 -3.32
C ILE F 18 12.35 27.23 -3.60
N SER F 19 13.08 27.84 -4.52
CA SER F 19 12.85 29.22 -4.96
C SER F 19 11.65 29.33 -5.92
N GLY F 20 11.20 30.56 -6.17
CA GLY F 20 10.10 30.77 -7.08
C GLY F 20 10.49 30.30 -8.46
N ALA F 21 9.51 29.96 -9.28
CA ALA F 21 9.78 29.45 -10.62
C ALA F 21 10.20 30.52 -11.63
N LYS F 22 11.39 30.35 -12.21
CA LYS F 22 11.92 31.27 -13.23
C LYS F 22 10.92 31.47 -14.36
N ASN F 23 10.31 30.36 -14.78
CA ASN F 23 9.33 30.34 -15.86
C ASN F 23 7.94 30.88 -15.59
N ALA F 24 7.70 31.31 -14.36
CA ALA F 24 6.41 31.89 -14.00
C ALA F 24 6.71 33.37 -13.79
N ALA F 25 7.77 33.64 -13.06
CA ALA F 25 8.18 35.02 -12.79
C ALA F 25 8.31 35.76 -14.11
N LEU F 26 9.05 35.16 -15.04
CA LEU F 26 9.26 35.77 -16.34
C LEU F 26 8.04 36.34 -17.08
N PRO F 27 7.15 35.45 -17.56
CA PRO F 27 5.95 35.91 -18.27
C PRO F 27 5.02 36.79 -17.44
N ILE F 28 4.95 36.50 -16.14
CA ILE F 28 4.10 37.30 -15.26
C ILE F 28 4.61 38.74 -15.24
N LEU F 29 5.93 38.93 -15.18
CA LEU F 29 6.54 40.26 -15.15
C LEU F 29 6.23 41.01 -16.40
N PHE F 30 6.10 40.25 -17.48
CA PHE F 30 5.77 40.80 -18.79
C PHE F 30 4.27 41.10 -18.89
N ALA F 31 3.45 40.32 -18.18
CA ALA F 31 2.01 40.52 -18.21
C ALA F 31 1.67 41.76 -17.39
N ALA F 32 2.51 42.02 -16.39
CA ALA F 32 2.33 43.17 -15.51
C ALA F 32 2.28 44.45 -16.34
N LEU F 33 2.65 44.36 -17.60
CA LEU F 33 2.59 45.51 -18.50
C LEU F 33 1.15 45.85 -18.82
N LEU F 34 0.25 44.91 -18.49
CA LEU F 34 -1.18 45.07 -18.72
C LEU F 34 -1.89 45.85 -17.59
N ALA F 35 -1.24 45.94 -16.44
CA ALA F 35 -1.81 46.59 -15.28
C ALA F 35 -1.74 48.12 -15.28
N GLU F 36 -2.87 48.75 -14.97
CA GLU F 36 -2.98 50.21 -14.90
C GLU F 36 -2.80 50.69 -13.47
N GLU F 37 -2.58 49.73 -12.57
CA GLU F 37 -2.41 49.98 -11.14
C GLU F 37 -1.21 49.22 -10.56
N PRO F 38 -0.57 49.75 -9.51
CA PRO F 38 0.58 49.07 -8.94
C PRO F 38 0.35 47.56 -8.76
N VAL F 39 1.43 46.80 -8.95
CA VAL F 39 1.39 45.36 -8.82
C VAL F 39 2.57 44.87 -7.99
N GLU F 40 2.35 43.74 -7.33
CA GLU F 40 3.37 43.11 -6.51
C GLU F 40 3.46 41.61 -6.81
N ILE F 41 4.63 41.15 -7.25
CA ILE F 41 4.80 39.72 -7.51
C ILE F 41 5.76 39.19 -6.45
N GLN F 42 5.25 38.31 -5.60
CA GLN F 42 6.04 37.70 -4.53
C GLN F 42 6.69 36.39 -4.93
N ASN F 43 7.72 36.01 -4.17
CA ASN F 43 8.43 34.77 -4.42
C ASN F 43 9.23 34.74 -5.72
N VAL F 44 9.78 35.89 -6.08
CA VAL F 44 10.59 36.01 -7.29
C VAL F 44 12.06 35.80 -6.95
N PRO F 45 12.71 34.84 -7.63
CA PRO F 45 14.12 34.52 -7.40
C PRO F 45 15.07 35.58 -7.96
N LYS F 46 16.26 35.68 -7.37
CA LYS F 46 17.25 36.64 -7.84
C LYS F 46 18.01 36.09 -9.04
N LEU F 47 17.45 36.32 -10.22
CA LEU F 47 18.01 35.83 -11.47
C LEU F 47 18.44 36.88 -12.49
N LYS F 48 19.56 36.62 -13.18
CA LYS F 48 20.03 37.54 -14.20
C LYS F 48 18.91 37.97 -15.15
N ASP F 49 17.98 37.04 -15.40
CA ASP F 49 16.83 37.30 -16.26
C ASP F 49 15.84 38.29 -15.67
N ILE F 50 15.56 38.16 -14.38
CA ILE F 50 14.66 39.10 -13.71
C ILE F 50 15.30 40.48 -13.91
N ASP F 51 16.63 40.55 -13.80
CA ASP F 51 17.38 41.79 -14.00
C ASP F 51 17.19 42.39 -15.40
N THR F 52 17.43 41.57 -16.42
CA THR F 52 17.27 42.02 -17.80
C THR F 52 15.84 42.47 -18.01
N THR F 53 14.89 41.76 -17.41
CA THR F 53 13.49 42.11 -17.56
C THR F 53 13.21 43.44 -16.88
N MET F 54 13.71 43.60 -15.66
CA MET F 54 13.54 44.87 -14.95
C MET F 54 14.16 45.98 -15.80
N LYS F 55 15.32 45.68 -16.35
CA LYS F 55 16.00 46.63 -17.21
C LYS F 55 15.10 46.98 -18.40
N LEU F 56 14.48 45.96 -18.98
CA LEU F 56 13.58 46.13 -20.10
C LEU F 56 12.30 46.89 -19.76
N LEU F 57 11.72 46.56 -18.60
CA LEU F 57 10.50 47.22 -18.14
C LEU F 57 10.70 48.71 -17.96
N THR F 58 11.83 49.07 -17.36
CA THR F 58 12.19 50.45 -17.13
C THR F 58 12.28 51.22 -18.45
N GLN F 59 12.90 50.60 -19.44
CA GLN F 59 13.05 51.23 -20.75
C GLN F 59 11.70 51.52 -21.41
N LEU F 60 10.70 50.75 -21.02
CA LEU F 60 9.37 50.93 -21.55
C LEU F 60 8.65 52.10 -20.90
N GLY F 61 9.11 52.47 -19.70
CA GLY F 61 8.52 53.55 -18.96
C GLY F 61 7.77 52.98 -17.78
N THR F 62 8.31 51.91 -17.22
CA THR F 62 7.70 51.23 -16.09
C THR F 62 8.53 51.47 -14.84
N LYS F 63 7.86 51.60 -13.72
CA LYS F 63 8.54 51.80 -12.45
C LYS F 63 8.70 50.45 -11.75
N VAL F 64 9.94 49.98 -11.61
CA VAL F 64 10.20 48.68 -10.98
C VAL F 64 11.15 48.76 -9.80
N GLU F 65 10.91 47.91 -8.82
CA GLU F 65 11.77 47.85 -7.64
C GLU F 65 11.81 46.43 -7.15
N ARG F 66 12.86 46.08 -6.42
CA ARG F 66 12.97 44.73 -5.89
C ARG F 66 13.90 44.60 -4.71
N IAS F 67 13.69 43.54 -3.92
CA IAS F 67 14.51 43.24 -2.75
C IAS F 67 15.84 42.58 -3.13
O IAS F 67 16.27 42.72 -4.30
CB IAS F 67 13.74 42.41 -1.73
CG IAS F 67 13.23 41.12 -2.33
OD1 IAS F 67 13.63 40.73 -3.42
OXT IAS F 67 16.43 41.93 -2.25
N GLY F 68 12.34 40.43 -1.61
CA GLY F 68 11.81 39.17 -2.13
C GLY F 68 10.69 39.35 -3.14
N SER F 69 10.21 40.58 -3.27
CA SER F 69 9.12 40.90 -4.20
C SER F 69 9.50 41.90 -5.27
N VAL F 70 8.68 42.02 -6.30
CA VAL F 70 8.97 42.98 -7.35
C VAL F 70 7.79 43.90 -7.60
N TRP F 71 7.98 45.17 -7.29
CA TRP F 71 6.97 46.19 -7.46
C TRP F 71 6.87 46.79 -8.86
N ILE F 72 5.71 46.62 -9.47
CA ILE F 72 5.51 47.10 -10.83
C ILE F 72 4.50 48.24 -10.95
N ASP F 73 4.93 49.33 -11.57
CA ASP F 73 4.08 50.49 -11.81
C ASP F 73 4.01 50.76 -13.32
N ALA F 74 3.17 50.02 -14.03
CA ALA F 74 3.05 50.18 -15.47
C ALA F 74 2.09 51.28 -15.91
N SER F 75 1.71 52.14 -14.97
CA SER F 75 0.80 53.23 -15.28
C SER F 75 1.30 54.22 -16.32
N ASN F 76 2.60 54.49 -16.26
CA ASN F 76 3.23 55.46 -17.16
C ASN F 76 3.95 55.01 -18.43
N VAL F 77 3.75 53.76 -18.84
CA VAL F 77 4.41 53.26 -20.05
C VAL F 77 4.22 54.17 -21.26
N ASN F 78 5.33 54.79 -21.66
CA ASN F 78 5.36 55.73 -22.79
C ASN F 78 6.20 55.27 -23.97
N ASN F 79 6.95 54.19 -23.75
CA ASN F 79 7.81 53.61 -24.78
C ASN F 79 7.34 52.23 -25.20
N PHE F 80 7.27 51.99 -26.51
CA PHE F 80 6.79 50.70 -27.02
C PHE F 80 7.73 49.68 -27.66
N SER F 81 9.02 49.75 -27.33
CA SER F 81 9.99 48.82 -27.91
C SER F 81 11.09 48.13 -27.10
N ALA F 82 11.38 46.89 -27.47
CA ALA F 82 12.43 46.12 -26.80
C ALA F 82 13.59 46.12 -27.81
N PRO F 83 14.64 46.92 -27.54
CA PRO F 83 15.80 47.02 -28.41
C PRO F 83 16.59 45.73 -28.68
N TYR F 84 17.25 45.71 -29.83
CA TYR F 84 18.08 44.59 -30.26
C TYR F 84 19.00 44.09 -29.15
N ASP F 85 19.54 45.02 -28.36
CA ASP F 85 20.44 44.66 -27.27
C ASP F 85 19.87 43.85 -26.11
N LEU F 86 18.58 44.00 -25.85
CA LEU F 86 17.93 43.26 -24.77
C LEU F 86 17.40 41.92 -25.25
N VAL F 87 16.70 41.93 -26.38
CA VAL F 87 16.15 40.70 -26.94
C VAL F 87 17.31 39.72 -27.04
N LYS F 88 18.44 40.25 -27.51
CA LYS F 88 19.67 39.51 -27.69
C LYS F 88 20.23 38.79 -26.48
N THR F 89 20.04 39.35 -25.30
CA THR F 89 20.56 38.69 -24.11
C THR F 89 19.45 37.87 -23.46
N MET F 90 18.22 38.17 -23.84
CA MET F 90 17.06 37.48 -23.28
C MET F 90 15.89 37.27 -24.24
N ARG F 91 15.87 36.12 -24.91
CA ARG F 91 14.79 35.79 -25.84
C ARG F 91 13.38 36.10 -25.31
N ALA F 92 13.17 35.84 -24.01
CA ALA F 92 11.90 36.07 -23.34
C ALA F 92 11.36 37.48 -23.62
N SER F 93 12.24 38.36 -24.09
CA SER F 93 11.87 39.73 -24.44
C SER F 93 10.68 39.78 -25.39
N ILE F 94 10.48 38.67 -26.11
CA ILE F 94 9.39 38.55 -27.06
C ILE F 94 8.06 38.79 -26.33
N TRP F 95 8.01 38.40 -25.06
CA TRP F 95 6.82 38.57 -24.25
C TRP F 95 6.20 39.95 -24.13
N ALA F 96 7.01 40.99 -24.24
CA ALA F 96 6.51 42.35 -24.15
C ALA F 96 5.60 42.67 -25.33
N LEU F 97 5.72 41.90 -26.41
CA LEU F 97 4.89 42.15 -27.57
C LEU F 97 3.37 42.10 -27.38
N GLY F 98 2.89 40.99 -26.84
CA GLY F 98 1.47 40.82 -26.60
C GLY F 98 0.85 41.94 -25.78
N PRO F 99 1.37 42.20 -24.57
CA PRO F 99 0.85 43.26 -23.70
C PRO F 99 0.85 44.64 -24.35
N LEU F 100 1.95 44.97 -25.04
CA LEU F 100 2.07 46.26 -25.69
C LEU F 100 0.97 46.59 -26.68
N VAL F 101 0.84 45.78 -27.72
CA VAL F 101 -0.19 45.98 -28.73
C VAL F 101 -1.60 45.81 -28.14
N ALA F 102 -1.74 45.00 -27.10
CA ALA F 102 -3.03 44.78 -26.45
C ALA F 102 -3.53 46.04 -25.74
N ARG F 103 -2.68 46.57 -24.87
CA ARG F 103 -2.96 47.75 -24.07
C ARG F 103 -2.71 49.09 -24.72
N PHE F 104 -1.80 49.12 -25.70
CA PHE F 104 -1.44 50.38 -26.38
C PHE F 104 -1.72 50.47 -27.87
N GLY F 105 -2.12 49.35 -28.46
CA GLY F 105 -2.40 49.31 -29.89
C GLY F 105 -1.14 49.29 -30.73
N GLN F 106 0.01 49.31 -30.05
CA GLN F 106 1.30 49.31 -30.72
C GLN F 106 2.43 48.64 -29.95
N GLY F 107 3.33 47.98 -30.68
CA GLY F 107 4.45 47.31 -30.03
C GLY F 107 5.57 46.94 -30.99
N GLN F 108 6.78 46.84 -30.46
CA GLN F 108 7.98 46.50 -31.24
C GLN F 108 9.02 45.69 -30.49
N VAL F 109 9.39 44.55 -31.05
CA VAL F 109 10.42 43.75 -30.44
C VAL F 109 11.36 43.24 -31.52
N SER F 110 12.66 43.40 -31.29
CA SER F 110 13.67 42.96 -32.24
C SER F 110 13.49 41.43 -32.41
N LEU F 111 13.32 40.98 -33.65
CA LEU F 111 13.15 39.56 -33.91
C LEU F 111 14.23 38.70 -33.27
N PRO F 112 13.85 37.75 -32.42
CA PRO F 112 14.86 36.90 -31.77
C PRO F 112 15.61 36.04 -32.78
N GLY F 113 16.86 35.72 -32.46
CA GLY F 113 17.67 34.89 -33.34
C GLY F 113 17.81 33.49 -32.78
N GLY F 114 18.66 32.68 -33.41
CA GLY F 114 18.85 31.32 -32.97
C GLY F 114 19.24 31.16 -31.51
N ASP F 115 19.38 29.91 -31.09
CA ASP F 115 19.74 29.58 -29.72
C ASP F 115 20.81 28.47 -29.74
N ALA F 116 21.58 28.33 -28.67
CA ALA F 116 22.59 27.28 -28.64
C ALA F 116 21.95 25.89 -28.65
N ILE F 117 20.64 25.82 -28.40
CA ILE F 117 19.94 24.55 -28.39
C ILE F 117 19.05 24.35 -29.60
N GLY F 118 18.79 25.41 -30.35
CA GLY F 118 17.94 25.30 -31.51
C GLY F 118 17.59 26.67 -32.03
N ALA F 119 16.88 26.73 -33.15
CA ALA F 119 16.49 28.02 -33.75
C ALA F 119 15.47 28.75 -32.86
N ARG F 120 14.53 27.99 -32.31
CA ARG F 120 13.52 28.56 -31.44
C ARG F 120 12.75 29.73 -32.07
N PRO F 121 12.12 29.50 -33.23
CA PRO F 121 11.35 30.56 -33.91
C PRO F 121 10.13 31.03 -33.09
N VAL F 122 9.63 32.22 -33.39
CA VAL F 122 8.48 32.77 -32.66
C VAL F 122 7.33 33.01 -33.62
N ASP F 123 7.31 32.18 -34.66
CA ASP F 123 6.29 32.25 -35.68
C ASP F 123 4.89 32.14 -35.08
N LEU F 124 4.80 31.41 -33.97
CA LEU F 124 3.55 31.19 -33.26
C LEU F 124 3.03 32.38 -32.47
N HIS F 125 3.94 33.19 -31.96
CA HIS F 125 3.55 34.39 -31.23
C HIS F 125 3.00 35.35 -32.26
N ILE F 126 3.79 35.57 -33.33
CA ILE F 126 3.41 36.48 -34.39
C ILE F 126 2.07 36.11 -35.00
N PHE F 127 1.99 34.89 -35.52
CA PHE F 127 0.78 34.35 -36.13
C PHE F 127 -0.42 34.51 -35.18
N GLY F 128 -0.19 34.21 -33.90
CA GLY F 128 -1.24 34.32 -32.91
C GLY F 128 -1.77 35.73 -32.74
N LEU F 129 -0.86 36.70 -32.77
CA LEU F 129 -1.24 38.10 -32.65
C LEU F 129 -2.07 38.54 -33.85
N GLU F 130 -1.71 38.02 -35.01
CA GLU F 130 -2.43 38.30 -36.23
C GLU F 130 -3.87 37.79 -36.12
N LYS F 131 -4.02 36.59 -35.56
CA LYS F 131 -5.36 36.03 -35.40
C LYS F 131 -6.22 37.02 -34.63
N LEU F 132 -5.64 37.65 -33.60
CA LEU F 132 -6.34 38.62 -32.79
C LEU F 132 -6.57 39.96 -33.49
N GLY F 133 -6.17 40.03 -34.76
CA GLY F 133 -6.36 41.23 -35.55
C GLY F 133 -5.22 42.25 -35.68
N ALA F 134 -4.05 41.96 -35.12
CA ALA F 134 -2.93 42.91 -35.19
C ALA F 134 -2.21 42.93 -36.53
N GLU F 135 -1.88 44.12 -37.02
CA GLU F 135 -1.13 44.21 -38.26
C GLU F 135 0.32 43.93 -37.87
N ILE F 136 1.03 43.11 -38.63
CA ILE F 136 2.42 42.85 -38.30
C ILE F 136 3.41 42.98 -39.46
N LYS F 137 4.37 43.87 -39.28
CA LYS F 137 5.39 44.11 -40.28
C LYS F 137 6.79 44.00 -39.70
N LEU F 138 7.78 43.71 -40.55
CA LEU F 138 9.17 43.58 -40.11
C LEU F 138 10.05 44.71 -40.64
N GLU F 139 10.58 45.54 -39.74
CA GLU F 139 11.44 46.66 -40.14
C GLU F 139 12.76 46.66 -39.39
N GLU F 140 13.86 46.64 -40.12
CA GLU F 140 15.16 46.65 -39.48
C GLU F 140 15.35 45.56 -38.45
N GLY F 141 14.74 44.41 -38.70
CA GLY F 141 14.84 43.32 -37.76
C GLY F 141 13.84 43.49 -36.63
N TYR F 142 12.99 44.50 -36.76
CA TYR F 142 11.97 44.79 -35.76
C TYR F 142 10.59 44.24 -36.08
N VAL F 143 10.11 43.36 -35.21
CA VAL F 143 8.77 42.79 -35.35
C VAL F 143 7.85 43.90 -34.89
N LYS F 144 7.17 44.55 -35.83
CA LYS F 144 6.27 45.65 -35.49
C LYS F 144 4.80 45.28 -35.52
N ALA F 145 4.12 45.48 -34.40
CA ALA F 145 2.69 45.15 -34.34
C ALA F 145 1.85 46.36 -34.01
N SER F 146 0.69 46.42 -34.63
CA SER F 146 -0.25 47.52 -34.40
C SER F 146 -1.71 47.10 -34.64
N VAL F 147 -2.62 47.73 -33.92
CA VAL F 147 -4.05 47.43 -34.08
C VAL F 147 -4.91 48.68 -34.02
N ASN F 148 -5.99 48.67 -34.78
CA ASN F 148 -6.93 49.79 -34.78
C ASN F 148 -7.86 49.77 -33.57
N GLY F 149 -7.40 50.38 -32.48
CA GLY F 149 -8.20 50.43 -31.26
C GLY F 149 -7.93 49.21 -30.38
N ARG F 150 -8.88 48.29 -30.34
CA ARG F 150 -8.76 47.08 -29.52
C ARG F 150 -8.64 45.77 -30.27
N LEU F 151 -7.94 44.82 -29.64
CA LEU F 151 -7.78 43.49 -30.23
C LEU F 151 -9.15 42.83 -30.41
N LYS F 152 -9.21 41.80 -31.25
CA LYS F 152 -10.46 41.10 -31.51
C LYS F 152 -10.41 39.60 -31.19
N GLY F 153 -11.21 39.19 -30.22
CA GLY F 153 -11.23 37.79 -29.83
C GLY F 153 -11.38 36.86 -31.03
N ALA F 154 -10.72 35.70 -30.96
CA ALA F 154 -10.77 34.70 -32.04
C ALA F 154 -10.54 33.28 -31.52
N HIS F 155 -10.93 32.30 -32.32
CA HIS F 155 -10.78 30.87 -32.01
C HIS F 155 -9.55 30.25 -32.67
N ILE F 156 -8.42 30.31 -31.98
CA ILE F 156 -7.14 29.83 -32.48
C ILE F 156 -6.76 28.40 -32.09
N VAL F 157 -6.36 27.59 -33.06
CA VAL F 157 -5.94 26.21 -32.77
C VAL F 157 -4.42 26.18 -32.96
N MET F 158 -3.67 25.95 -31.88
CA MET F 158 -2.23 25.91 -31.95
C MET F 158 -1.58 24.92 -32.90
N ASP F 159 -0.77 25.42 -33.82
CA ASP F 159 -0.07 24.53 -34.75
C ASP F 159 0.75 23.46 -34.06
N LYS F 160 1.41 23.85 -32.97
CA LYS F 160 2.20 22.94 -32.13
C LYS F 160 2.06 23.39 -30.69
N VAL F 161 2.51 22.59 -29.72
CA VAL F 161 2.35 23.02 -28.35
C VAL F 161 3.47 23.96 -27.93
N SER F 162 3.12 25.22 -27.80
CA SER F 162 4.07 26.24 -27.42
C SER F 162 3.79 26.96 -26.11
N VAL F 163 4.68 26.80 -25.14
CA VAL F 163 4.53 27.51 -23.86
C VAL F 163 4.57 29.01 -24.16
N GLY F 164 5.62 29.44 -24.85
CA GLY F 164 5.76 30.85 -25.20
C GLY F 164 4.58 31.50 -25.94
N ALA F 165 4.12 30.87 -27.01
CA ALA F 165 3.00 31.41 -27.81
C ALA F 165 1.70 31.43 -26.99
N THR F 166 1.47 30.38 -26.21
CA THR F 166 0.29 30.30 -25.34
C THR F 166 0.27 31.53 -24.42
N VAL F 167 1.43 31.86 -23.86
CA VAL F 167 1.50 33.03 -22.98
C VAL F 167 1.20 34.34 -23.74
N THR F 168 1.82 34.53 -24.90
CA THR F 168 1.60 35.74 -25.69
C THR F 168 0.15 35.89 -26.14
N ILE F 169 -0.43 34.83 -26.69
CA ILE F 169 -1.81 34.90 -27.15
C ILE F 169 -2.75 35.13 -25.98
N MET F 170 -2.61 34.30 -24.96
CA MET F 170 -3.43 34.40 -23.75
C MET F 170 -3.36 35.80 -23.16
N SER F 171 -2.14 36.28 -22.97
CA SER F 171 -1.92 37.59 -22.39
C SER F 171 -2.60 38.74 -23.11
N ALA F 172 -2.50 38.73 -24.43
CA ALA F 172 -3.08 39.78 -25.24
C ALA F 172 -4.59 39.66 -25.32
N ALA F 173 -5.09 38.43 -25.24
CA ALA F 173 -6.53 38.21 -25.32
C ALA F 173 -7.28 38.94 -24.20
N THR F 174 -6.63 39.11 -23.05
CA THR F 174 -7.25 39.77 -21.90
C THR F 174 -7.81 41.16 -22.14
N LEU F 175 -7.37 41.85 -23.18
CA LEU F 175 -7.86 43.20 -23.46
C LEU F 175 -8.57 43.31 -24.80
N ALA F 176 -8.88 42.18 -25.40
CA ALA F 176 -9.53 42.20 -26.71
C ALA F 176 -11.05 42.20 -26.60
N GLU F 177 -11.70 42.68 -27.64
CA GLU F 177 -13.15 42.70 -27.70
C GLU F 177 -13.65 41.31 -28.07
N GLY F 178 -14.24 40.62 -27.12
CA GLY F 178 -14.77 39.31 -27.41
C GLY F 178 -14.10 38.20 -26.62
N THR F 179 -14.41 36.99 -27.03
CA THR F 179 -13.86 35.82 -26.38
C THR F 179 -12.83 35.15 -27.28
N THR F 180 -11.75 34.71 -26.65
CA THR F 180 -10.67 34.04 -27.34
C THR F 180 -10.61 32.61 -26.82
N ILE F 181 -10.39 31.67 -27.72
CA ILE F 181 -10.26 30.29 -27.34
C ILE F 181 -8.94 29.84 -27.92
N ILE F 182 -8.02 29.43 -27.05
CA ILE F 182 -6.74 28.93 -27.51
C ILE F 182 -6.87 27.44 -27.44
N GLU F 183 -6.99 26.80 -28.59
CA GLU F 183 -7.10 25.35 -28.62
C GLU F 183 -5.75 24.72 -28.88
N ASN F 184 -5.48 23.60 -28.22
CA ASN F 184 -4.18 22.96 -28.35
C ASN F 184 -3.12 23.80 -27.59
N ALA F 185 -3.58 24.44 -26.52
CA ALA F 185 -2.78 25.28 -25.62
C ALA F 185 -1.79 24.48 -24.79
N ALA F 186 -0.68 25.10 -24.43
CA ALA F 186 0.33 24.45 -23.60
C ALA F 186 -0.28 24.31 -22.21
N ARG F 187 0.00 23.18 -21.54
CA ARG F 187 -0.51 22.93 -20.21
C ARG F 187 0.39 23.27 -19.01
N GLU F 188 1.64 23.65 -19.30
CA GLU F 188 2.63 24.01 -18.30
C GLU F 188 2.15 24.70 -17.02
N PRO F 189 2.66 24.27 -15.86
CA PRO F 189 2.26 24.89 -14.59
C PRO F 189 2.40 26.43 -14.69
N GLU F 190 3.43 26.87 -15.40
CA GLU F 190 3.68 28.30 -15.61
C GLU F 190 2.58 29.00 -16.41
N ILE F 191 1.85 28.22 -17.20
CA ILE F 191 0.76 28.75 -17.99
C ILE F 191 -0.38 29.02 -17.01
N VAL F 192 -0.59 28.07 -16.10
CA VAL F 192 -1.65 28.21 -15.09
C VAL F 192 -1.28 29.39 -14.19
N ASP F 193 -0.04 29.38 -13.71
CA ASP F 193 0.45 30.44 -12.84
C ASP F 193 0.25 31.84 -13.44
N THR F 194 0.59 32.00 -14.71
CA THR F 194 0.44 33.29 -15.40
C THR F 194 -1.05 33.65 -15.59
N ALA F 195 -1.86 32.67 -15.97
CA ALA F 195 -3.29 32.89 -16.15
C ALA F 195 -3.87 33.33 -14.80
N ASN F 196 -3.49 32.62 -13.74
CA ASN F 196 -3.98 32.97 -12.42
C ASN F 196 -3.62 34.41 -12.08
N PHE F 197 -2.38 34.78 -12.39
CA PHE F 197 -1.93 36.15 -12.15
C PHE F 197 -2.74 37.18 -12.93
N LEU F 198 -3.04 36.87 -14.20
CA LEU F 198 -3.83 37.76 -15.05
C LEU F 198 -5.21 37.99 -14.44
N VAL F 199 -5.83 36.89 -14.01
CA VAL F 199 -7.14 36.95 -13.37
C VAL F 199 -7.05 37.88 -12.16
N ALA F 200 -6.07 37.63 -11.31
CA ALA F 200 -5.85 38.47 -10.14
C ALA F 200 -5.84 39.92 -10.63
N LEU F 201 -5.28 40.15 -11.82
CA LEU F 201 -5.25 41.50 -12.39
C LEU F 201 -6.64 42.02 -12.80
N GLY F 202 -7.58 41.08 -12.96
CA GLY F 202 -8.93 41.44 -13.34
C GLY F 202 -9.44 40.73 -14.58
N ALA F 203 -8.56 39.95 -15.21
CA ALA F 203 -8.91 39.23 -16.43
C ALA F 203 -9.89 38.11 -16.19
N LYS F 204 -10.58 37.74 -17.26
CA LYS F 204 -11.56 36.67 -17.24
C LYS F 204 -11.03 35.48 -18.03
N ILE F 205 -10.39 34.54 -17.34
CA ILE F 205 -9.81 33.37 -17.99
C ILE F 205 -10.23 32.07 -17.32
N SER F 206 -10.33 31.02 -18.13
CA SER F 206 -10.67 29.67 -17.67
C SER F 206 -10.01 28.63 -18.56
N GLY F 207 -9.90 27.41 -18.05
CA GLY F 207 -9.31 26.35 -18.84
C GLY F 207 -7.80 26.23 -18.70
N GLN F 208 -7.16 27.17 -18.01
CA GLN F 208 -5.70 27.11 -17.83
C GLN F 208 -5.27 25.78 -17.24
N GLY F 209 -4.37 25.09 -17.91
CA GLY F 209 -3.94 23.80 -17.41
C GLY F 209 -4.52 22.70 -18.27
N THR F 210 -5.39 23.06 -19.20
CA THR F 210 -5.97 22.10 -20.13
C THR F 210 -5.63 22.54 -21.55
N ASP F 211 -6.01 21.73 -22.52
CA ASP F 211 -5.75 22.06 -23.91
C ASP F 211 -6.60 23.17 -24.53
N ARG F 212 -7.62 23.59 -23.81
CA ARG F 212 -8.51 24.66 -24.22
C ARG F 212 -8.61 25.84 -23.24
N ILE F 213 -7.91 26.92 -23.52
CA ILE F 213 -7.97 28.11 -22.65
C ILE F 213 -8.99 29.07 -23.24
N THR F 214 -9.78 29.71 -22.38
CA THR F 214 -10.79 30.65 -22.85
C THR F 214 -10.58 31.98 -22.15
N ILE F 215 -10.60 33.05 -22.94
CA ILE F 215 -10.40 34.38 -22.39
C ILE F 215 -11.56 35.27 -22.81
N GLU F 216 -12.05 36.05 -21.87
CA GLU F 216 -13.11 36.98 -22.18
C GLU F 216 -12.47 38.36 -22.02
N GLY F 217 -12.43 39.12 -23.10
CA GLY F 217 -11.81 40.43 -23.02
C GLY F 217 -12.50 41.35 -22.04
N VAL F 218 -11.71 41.98 -21.17
CA VAL F 218 -12.24 42.93 -20.20
C VAL F 218 -11.67 44.30 -20.52
N GLU F 219 -12.34 45.36 -20.07
CA GLU F 219 -11.87 46.72 -20.35
C GLU F 219 -10.49 47.16 -19.92
N ARG F 220 -10.09 46.74 -18.72
CA ARG F 220 -8.79 47.11 -18.19
C ARG F 220 -8.29 46.14 -17.13
N LEU F 221 -6.99 46.19 -16.87
CA LEU F 221 -6.44 45.34 -15.85
C LEU F 221 -6.07 46.27 -14.72
N GLY F 222 -6.33 45.84 -13.49
CA GLY F 222 -6.06 46.69 -12.36
C GLY F 222 -4.66 46.58 -11.80
N GLY F 223 -4.55 45.85 -10.70
CA GLY F 223 -3.29 45.65 -10.03
C GLY F 223 -3.56 44.63 -8.93
N GLY F 224 -2.59 44.41 -8.06
CA GLY F 224 -2.78 43.46 -6.99
C GLY F 224 -1.47 42.85 -6.51
N VAL F 225 -1.57 41.71 -5.85
CA VAL F 225 -0.39 41.05 -5.32
C VAL F 225 -0.48 39.58 -5.71
N TYR F 226 0.59 39.07 -6.33
CA TYR F 226 0.63 37.68 -6.79
C TYR F 226 1.86 36.90 -6.36
N ARG F 227 1.65 35.70 -5.87
CA ARG F 227 2.75 34.84 -5.44
C ARG F 227 3.17 33.75 -6.43
N VAL F 228 4.28 33.98 -7.13
CA VAL F 228 4.79 33.04 -8.12
C VAL F 228 5.08 31.68 -7.48
N LEU F 229 4.69 30.63 -8.20
CA LEU F 229 4.85 29.25 -7.74
C LEU F 229 6.29 28.72 -7.59
N PRO F 230 6.45 27.59 -6.89
CA PRO F 230 7.78 27.01 -6.71
C PRO F 230 8.36 26.54 -8.05
N ASP F 231 9.68 26.46 -8.11
CA ASP F 231 10.37 26.02 -9.33
C ASP F 231 10.42 24.51 -9.47
N ARG F 232 9.59 23.95 -10.35
CA ARG F 232 9.55 22.51 -10.57
C ARG F 232 10.87 21.91 -11.04
N ILE F 233 11.57 22.65 -11.90
CA ILE F 233 12.84 22.23 -12.47
C ILE F 233 13.90 22.19 -11.39
N GLU F 234 14.01 23.28 -10.64
CA GLU F 234 14.95 23.35 -9.54
C GLU F 234 14.66 22.17 -8.63
N THR F 235 13.38 22.00 -8.31
CA THR F 235 12.96 20.93 -7.44
C THR F 235 13.43 19.61 -7.99
N GLY F 236 13.21 19.38 -9.28
CA GLY F 236 13.60 18.12 -9.88
C GLY F 236 15.11 17.94 -9.88
N THR F 237 15.84 19.03 -10.08
CA THR F 237 17.30 18.97 -10.09
C THR F 237 17.88 18.59 -8.72
N PHE F 238 17.27 19.08 -7.65
CA PHE F 238 17.70 18.71 -6.29
C PHE F 238 17.38 17.24 -5.99
N LEU F 239 16.19 16.81 -6.43
CA LEU F 239 15.80 15.41 -6.25
C LEU F 239 16.76 14.48 -6.96
N VAL F 240 17.28 14.93 -8.12
CA VAL F 240 18.22 14.11 -8.88
C VAL F 240 19.57 14.08 -8.17
N ALA F 241 20.00 15.23 -7.65
CA ALA F 241 21.29 15.28 -6.95
C ALA F 241 21.35 14.20 -5.87
N ALA F 242 20.20 13.93 -5.23
CA ALA F 242 20.15 12.91 -4.20
C ALA F 242 20.05 11.51 -4.80
N ALA F 243 19.29 11.37 -5.89
CA ALA F 243 19.14 10.07 -6.52
C ALA F 243 20.43 9.55 -7.15
N ILE F 244 21.31 10.45 -7.57
CA ILE F 244 22.57 10.02 -8.20
C ILE F 244 23.70 9.91 -7.20
N SER F 245 23.44 10.24 -5.94
CA SER F 245 24.47 10.21 -4.92
C SER F 245 24.24 9.24 -3.77
N GLY F 246 23.15 8.48 -3.86
CA GLY F 246 22.81 7.54 -2.82
C GLY F 246 22.36 8.31 -1.59
N GLY F 247 21.96 9.56 -1.81
CA GLY F 247 21.54 10.41 -0.71
C GLY F 247 20.07 10.40 -0.29
N LYS F 248 19.76 11.36 0.55
CA LYS F 248 18.43 11.57 1.13
C LYS F 248 18.13 13.07 1.08
N ILE F 249 16.92 13.45 0.70
CA ILE F 249 16.62 14.87 0.66
C ILE F 249 15.16 15.25 0.87
N VAL F 250 14.95 16.47 1.36
CA VAL F 250 13.61 16.98 1.57
C VAL F 250 13.54 18.36 0.94
N CYS F 251 12.67 18.51 -0.05
CA CYS F 251 12.49 19.79 -0.71
C CYS F 251 11.34 20.55 -0.05
N ARG F 252 11.64 21.72 0.50
CA ARG F 252 10.63 22.56 1.14
C ARG F 252 10.06 23.64 0.21
N ASN F 253 8.85 24.09 0.49
CA ASN F 253 8.19 25.10 -0.35
C ASN F 253 8.07 24.62 -1.78
N ALA F 254 7.76 23.35 -1.93
CA ALA F 254 7.62 22.74 -3.24
C ALA F 254 6.18 22.37 -3.54
N GLN F 255 5.90 22.08 -4.80
CA GLN F 255 4.57 21.73 -5.25
C GLN F 255 4.64 20.42 -6.02
N PRO F 256 4.60 19.30 -5.31
CA PRO F 256 4.66 17.97 -5.91
C PRO F 256 3.90 17.77 -7.22
N ASP F 257 2.67 18.28 -7.30
CA ASP F 257 1.86 18.11 -8.50
C ASP F 257 2.37 18.63 -9.84
N THR F 258 3.39 19.46 -9.77
CA THR F 258 3.99 20.05 -10.94
C THR F 258 5.08 19.15 -11.53
N LEU F 259 5.38 18.06 -10.84
CA LEU F 259 6.40 17.12 -11.28
C LEU F 259 6.13 15.60 -11.28
N ASP F 260 4.86 15.22 -11.44
CA ASP F 260 4.53 13.80 -11.48
C ASP F 260 5.45 12.91 -12.32
N ALA F 261 5.68 13.31 -13.57
CA ALA F 261 6.53 12.53 -14.47
C ALA F 261 7.96 12.38 -13.95
N VAL F 262 8.52 13.45 -13.39
CA VAL F 262 9.87 13.42 -12.85
C VAL F 262 9.88 12.44 -11.69
N LEU F 263 8.91 12.56 -10.79
CA LEU F 263 8.80 11.64 -9.65
C LEU F 263 8.73 10.16 -10.06
N ALA F 264 7.87 9.85 -11.02
CA ALA F 264 7.72 8.46 -11.49
C ALA F 264 9.04 7.93 -12.06
N LYS F 265 9.76 8.73 -12.84
CA LYS F 265 11.07 8.31 -13.37
C LYS F 265 12.06 8.02 -12.24
N LEU F 266 12.05 8.88 -11.22
CA LEU F 266 12.88 8.70 -10.04
C LEU F 266 12.47 7.41 -9.33
N ARG F 267 11.16 7.13 -9.29
CA ARG F 267 10.71 5.88 -8.68
C ARG F 267 11.22 4.73 -9.53
N GLU F 268 11.17 4.90 -10.85
CA GLU F 268 11.68 3.87 -11.76
C GLU F 268 13.18 3.63 -11.56
N ALA F 269 13.88 4.70 -11.16
CA ALA F 269 15.32 4.67 -10.92
C ALA F 269 15.61 3.95 -9.62
N GLY F 270 14.57 3.68 -8.83
CA GLY F 270 14.74 2.97 -7.57
C GLY F 270 14.67 3.89 -6.36
N ALA F 271 14.23 5.12 -6.57
CA ALA F 271 14.13 6.08 -5.48
C ALA F 271 12.89 5.84 -4.64
N ASP F 272 13.04 6.05 -3.34
CA ASP F 272 11.96 5.91 -2.39
C ASP F 272 11.41 7.30 -2.11
N ILE F 273 10.32 7.64 -2.78
CA ILE F 273 9.73 8.97 -2.66
C ILE F 273 8.42 9.10 -1.88
N GLU F 274 8.32 10.19 -1.13
CA GLU F 274 7.13 10.53 -0.35
C GLU F 274 6.84 11.99 -0.63
N THR F 275 5.56 12.36 -0.66
CA THR F 275 5.19 13.74 -0.94
C THR F 275 4.07 14.26 -0.04
N GLY F 276 4.10 15.56 0.23
CA GLY F 276 3.06 16.16 1.05
C GLY F 276 2.45 17.33 0.33
N GLU F 277 1.76 18.20 1.05
CA GLU F 277 1.14 19.39 0.45
C GLU F 277 2.15 20.39 -0.14
N ASP F 278 3.28 20.53 0.54
CA ASP F 278 4.30 21.46 0.12
C ASP F 278 5.70 20.89 0.28
N TRP F 279 5.80 19.57 0.14
CA TRP F 279 7.10 18.92 0.29
C TRP F 279 7.27 17.58 -0.43
N ILE F 280 8.52 17.28 -0.74
CA ILE F 280 8.90 16.03 -1.38
C ILE F 280 10.12 15.50 -0.62
N SER F 281 10.16 14.19 -0.40
CA SER F 281 11.29 13.55 0.27
C SER F 281 11.84 12.41 -0.60
N LEU F 282 13.16 12.36 -0.75
CA LEU F 282 13.79 11.34 -1.57
C LEU F 282 14.87 10.54 -0.87
N ASP F 283 14.73 9.22 -0.87
CA ASP F 283 15.70 8.37 -0.22
C ASP F 283 16.27 7.32 -1.14
N MET F 284 17.58 7.37 -1.39
CA MET F 284 18.23 6.39 -2.24
C MET F 284 18.65 5.12 -1.50
N HIS F 285 18.61 5.20 -0.17
CA HIS F 285 19.00 4.07 0.67
C HIS F 285 20.42 3.61 0.39
N GLY F 286 21.27 4.56 0.01
CA GLY F 286 22.66 4.24 -0.28
C GLY F 286 22.87 3.55 -1.61
N LYS F 287 21.76 3.21 -2.26
CA LYS F 287 21.82 2.52 -3.55
C LYS F 287 22.15 3.36 -4.78
N ARG F 288 22.68 2.69 -5.80
CA ARG F 288 23.01 3.31 -7.08
C ARG F 288 21.68 3.34 -7.87
N PRO F 289 21.48 4.35 -8.74
CA PRO F 289 20.21 4.35 -9.49
C PRO F 289 20.09 3.29 -10.59
N LYS F 290 18.85 2.98 -10.96
CA LYS F 290 18.57 1.99 -12.01
C LYS F 290 18.37 2.75 -13.30
N ALA F 291 18.87 2.22 -14.41
CA ALA F 291 18.71 2.92 -15.68
C ALA F 291 17.24 3.04 -16.05
N VAL F 292 16.88 4.11 -16.75
CA VAL F 292 15.50 4.33 -17.18
C VAL F 292 15.39 4.88 -18.60
N THR F 293 14.16 4.89 -19.11
CA THR F 293 13.89 5.42 -20.44
C THR F 293 13.16 6.73 -20.27
N VAL F 294 13.61 7.74 -20.99
CA VAL F 294 13.02 9.05 -20.89
C VAL F 294 12.68 9.62 -22.25
N ARG F 295 11.56 10.31 -22.33
CA ARG F 295 11.09 10.91 -23.56
C ARG F 295 10.49 12.27 -23.25
N THR F 296 11.15 13.35 -23.68
CA THR F 296 10.62 14.66 -23.38
C THR F 296 9.44 14.98 -24.27
N ALA F 297 8.54 15.78 -23.73
CA ALA F 297 7.34 16.19 -24.44
C ALA F 297 6.66 17.23 -23.57
N PRO F 298 5.61 17.87 -24.08
CA PRO F 298 4.89 18.88 -23.32
C PRO F 298 4.37 18.39 -21.98
N HIS F 299 4.21 19.33 -21.06
CA HIS F 299 3.66 19.04 -19.73
C HIS F 299 2.31 18.31 -19.93
N PRO F 300 1.96 17.34 -19.07
CA PRO F 300 2.64 16.79 -17.88
C PRO F 300 3.63 15.67 -18.11
N ALA F 301 4.12 15.51 -19.33
CA ALA F 301 5.09 14.44 -19.57
C ALA F 301 6.49 14.91 -19.12
N PHE F 302 7.50 14.07 -19.35
CA PHE F 302 8.88 14.41 -18.99
C PHE F 302 9.32 15.73 -19.58
N PRO F 303 9.68 16.71 -18.74
CA PRO F 303 10.11 18.02 -19.24
C PRO F 303 11.53 18.11 -19.77
N THR F 304 11.69 18.71 -20.95
CA THR F 304 13.03 18.86 -21.54
C THR F 304 13.98 19.52 -20.55
N ASP F 305 13.45 20.41 -19.72
CA ASP F 305 14.24 21.11 -18.68
C ASP F 305 14.86 20.21 -17.62
N MET F 306 14.47 18.94 -17.62
CA MET F 306 14.98 17.93 -16.69
C MET F 306 15.83 16.89 -17.45
N GLN F 307 15.85 17.06 -18.78
CA GLN F 307 16.58 16.17 -19.67
C GLN F 307 18.04 15.87 -19.35
N ALA F 308 18.85 16.94 -19.23
CA ALA F 308 20.27 16.81 -18.93
C ALA F 308 20.46 16.15 -17.57
N GLN F 309 19.62 16.51 -16.61
CA GLN F 309 19.73 15.89 -15.30
C GLN F 309 19.59 14.36 -15.36
N PHE F 310 18.60 13.89 -16.13
CA PHE F 310 18.36 12.47 -16.34
C PHE F 310 19.44 11.76 -17.15
N THR F 311 20.10 12.49 -18.04
CA THR F 311 21.18 11.89 -18.84
C THR F 311 22.25 11.54 -17.80
N LEU F 312 22.49 12.48 -16.88
CA LEU F 312 23.47 12.27 -15.82
C LEU F 312 23.10 11.04 -14.99
N LEU F 313 21.87 11.00 -14.52
CA LEU F 313 21.40 9.85 -13.76
C LEU F 313 21.66 8.56 -14.53
N ASN F 314 21.30 8.53 -15.81
CA ASN F 314 21.53 7.38 -16.63
C ASN F 314 23.01 7.00 -16.75
N LEU F 315 23.86 8.03 -16.91
CA LEU F 315 25.30 7.85 -17.04
C LEU F 315 26.04 7.15 -15.88
N VAL F 316 25.46 7.22 -14.69
CA VAL F 316 26.03 6.58 -13.51
C VAL F 316 25.05 5.53 -12.97
N ALA F 317 24.08 5.12 -13.78
CA ALA F 317 23.09 4.13 -13.35
C ALA F 317 23.52 2.69 -13.67
N GLU F 318 22.75 1.74 -13.16
CA GLU F 318 23.02 0.33 -13.44
C GLU F 318 22.19 0.00 -14.68
N GLY F 319 22.86 -0.42 -15.75
CA GLY F 319 22.17 -0.75 -16.97
C GLY F 319 22.26 0.32 -18.03
N THR F 320 21.64 0.05 -19.19
CA THR F 320 21.64 0.99 -20.29
C THR F 320 20.33 1.73 -20.31
N GLY F 321 20.42 3.07 -20.29
CA GLY F 321 19.22 3.89 -20.28
C GLY F 321 19.09 4.64 -21.58
N VAL F 322 17.88 5.08 -21.91
CA VAL F 322 17.68 5.78 -23.16
C VAL F 322 16.98 7.12 -22.97
N ILE F 323 17.58 8.17 -23.52
CA ILE F 323 17.02 9.52 -23.44
C ILE F 323 16.65 10.01 -24.85
N THR F 324 15.39 10.39 -25.03
CA THR F 324 14.92 10.91 -26.30
C THR F 324 14.34 12.31 -26.10
N GLU F 325 14.88 13.25 -26.86
CA GLU F 325 14.47 14.65 -26.79
C GLU F 325 13.63 15.04 -28.00
N THR F 326 12.39 15.49 -27.78
CA THR F 326 11.52 15.85 -28.89
C THR F 326 11.23 17.34 -29.02
N ILE F 327 11.57 18.11 -28.00
CA ILE F 327 11.33 19.56 -27.98
C ILE F 327 12.44 20.39 -28.64
N PHE F 328 13.68 20.05 -28.31
CA PHE F 328 14.86 20.76 -28.83
C PHE F 328 15.80 20.00 -29.75
N GLU F 329 16.24 20.67 -30.81
CA GLU F 329 17.12 20.07 -31.82
C GLU F 329 18.59 19.81 -31.51
N ASN F 330 19.13 20.56 -30.57
CA ASN F 330 20.54 20.43 -30.22
C ASN F 330 20.77 20.58 -28.71
N ARG F 331 19.98 19.84 -27.93
CA ARG F 331 20.05 19.86 -26.47
C ARG F 331 20.85 18.74 -25.82
N PHE F 332 21.93 18.34 -26.49
CA PHE F 332 22.80 17.30 -25.98
C PHE F 332 24.17 17.82 -25.53
N MET F 333 24.37 19.13 -25.60
CA MET F 333 25.66 19.73 -25.21
C MET F 333 26.41 19.13 -24.02
N HIS F 334 25.66 18.73 -23.01
CA HIS F 334 26.17 18.13 -21.79
C HIS F 334 26.81 16.76 -21.98
N VAL F 335 26.38 16.02 -23.00
CA VAL F 335 26.91 14.67 -23.20
C VAL F 335 28.42 14.62 -23.46
N PRO F 336 28.91 15.39 -24.45
CA PRO F 336 30.36 15.33 -24.66
C PRO F 336 31.13 15.80 -23.41
N GLU F 337 30.54 16.71 -22.64
CA GLU F 337 31.13 17.20 -21.39
C GLU F 337 31.24 16.07 -20.35
N LEU F 338 30.17 15.28 -20.28
CA LEU F 338 30.12 14.15 -19.36
C LEU F 338 31.02 13.00 -19.79
N ILE F 339 31.24 12.89 -21.10
CA ILE F 339 32.11 11.84 -21.61
C ILE F 339 33.55 12.26 -21.24
N ARG F 340 33.78 13.57 -21.15
CA ARG F 340 35.08 14.07 -20.72
C ARG F 340 35.31 13.55 -19.30
N MET F 341 34.21 13.32 -18.58
CA MET F 341 34.24 12.84 -17.20
C MET F 341 34.24 11.33 -17.00
N GLY F 342 34.33 10.56 -18.09
CA GLY F 342 34.35 9.12 -17.96
C GLY F 342 33.05 8.39 -18.31
N ALA F 343 32.03 9.14 -18.70
CA ALA F 343 30.75 8.55 -19.06
C ALA F 343 30.81 7.79 -20.38
N HIS F 344 29.86 6.87 -20.56
CA HIS F 344 29.75 6.06 -21.78
C HIS F 344 28.41 6.36 -22.45
N ALA F 345 28.44 7.10 -23.55
CA ALA F 345 27.20 7.44 -24.23
C ALA F 345 27.38 7.58 -25.72
N GLU F 346 26.30 7.31 -26.45
CA GLU F 346 26.27 7.41 -27.90
C GLU F 346 25.06 8.19 -28.34
N ILE F 347 25.26 9.13 -29.27
CA ILE F 347 24.17 9.94 -29.76
C ILE F 347 23.75 9.50 -31.17
N GLU F 348 22.45 9.42 -31.39
CA GLU F 348 21.86 9.05 -32.68
C GLU F 348 20.69 10.03 -32.87
N SER F 349 20.95 11.11 -33.61
CA SER F 349 19.92 12.13 -33.81
C SER F 349 19.38 12.70 -32.49
N ASN F 350 18.10 12.45 -32.22
CA ASN F 350 17.46 12.96 -31.02
C ASN F 350 17.41 12.03 -29.81
N THR F 351 18.27 11.02 -29.83
CA THR F 351 18.31 10.05 -28.75
C THR F 351 19.72 9.79 -28.21
N VAL F 352 19.85 9.60 -26.90
CA VAL F 352 21.17 9.25 -26.36
C VAL F 352 21.08 7.93 -25.59
N ILE F 353 21.93 6.99 -25.98
CA ILE F 353 21.96 5.68 -25.32
C ILE F 353 23.02 5.77 -24.25
N CYS F 354 22.60 5.59 -23.01
CA CYS F 354 23.49 5.69 -21.86
C CYS F 354 23.98 4.36 -21.29
N HIS F 355 25.29 4.15 -21.32
CA HIS F 355 25.89 2.93 -20.78
C HIS F 355 26.42 3.32 -19.41
N GLY F 356 25.60 3.09 -18.39
CA GLY F 356 25.97 3.47 -17.04
C GLY F 356 27.32 2.96 -16.59
N VAL F 357 28.06 3.81 -15.87
CA VAL F 357 29.36 3.44 -15.32
C VAL F 357 29.29 3.68 -13.83
N GLU F 358 30.01 2.85 -13.08
CA GLU F 358 30.03 3.00 -11.64
C GLU F 358 30.64 4.35 -11.19
N LYS F 359 31.72 4.75 -11.84
CA LYS F 359 32.35 6.01 -11.46
C LYS F 359 32.72 7.12 -12.43
N LEU F 360 32.49 8.35 -12.01
CA LEU F 360 32.84 9.50 -12.84
C LEU F 360 34.18 10.11 -12.42
N SER F 361 34.88 10.71 -13.36
CA SER F 361 36.15 11.36 -13.08
C SER F 361 36.14 12.87 -13.18
N GLY F 362 36.82 13.52 -12.25
CA GLY F 362 36.88 14.97 -12.26
C GLY F 362 37.54 15.50 -13.51
N ALA F 363 37.02 16.62 -14.01
CA ALA F 363 37.60 17.24 -15.20
C ALA F 363 37.02 18.62 -15.37
N GLN F 364 37.60 19.38 -16.29
CA GLN F 364 37.14 20.73 -16.57
C GLN F 364 36.07 20.60 -17.62
N VAL F 365 34.90 21.18 -17.37
CA VAL F 365 33.78 21.10 -18.31
C VAL F 365 33.16 22.47 -18.57
N MET F 366 32.43 22.57 -19.67
CA MET F 366 31.83 23.83 -20.03
C MET F 366 30.31 23.89 -20.05
N ALA F 367 29.77 24.83 -19.28
CA ALA F 367 28.34 25.03 -19.21
C ALA F 367 27.93 25.79 -20.46
N THR F 368 26.72 25.56 -20.95
CA THR F 368 26.23 26.28 -22.12
C THR F 368 24.71 26.47 -22.02
N ASP F 369 24.09 25.54 -21.33
CA ASP F 369 22.66 25.51 -21.16
C ASP F 369 22.18 26.12 -19.84
N LEU F 370 21.32 27.11 -19.89
CA LEU F 370 20.86 27.78 -18.68
C LEU F 370 20.08 26.92 -17.70
N ARG F 371 19.46 25.87 -18.20
CA ARG F 371 18.88 24.86 -17.38
C ARG F 371 19.64 23.54 -17.42
N ALA F 372 20.17 23.17 -18.54
CA ALA F 372 20.82 21.87 -18.65
C ALA F 372 22.10 21.70 -17.84
N SER F 373 22.93 22.72 -17.83
CA SER F 373 24.30 22.72 -17.30
C SER F 373 24.50 22.59 -15.80
N ALA F 374 23.42 22.69 -15.04
CA ALA F 374 23.39 22.34 -13.63
C ALA F 374 23.73 20.88 -13.47
N SER F 375 23.63 20.15 -14.54
CA SER F 375 24.05 18.78 -14.63
C SER F 375 25.53 18.55 -14.43
N LEU F 376 26.34 19.42 -14.95
CA LEU F 376 27.77 19.37 -14.80
C LEU F 376 28.20 19.59 -13.37
N VAL F 377 27.45 20.42 -12.69
CA VAL F 377 27.68 20.69 -11.29
C VAL F 377 27.36 19.42 -10.48
N LEU F 378 26.23 18.78 -10.78
CA LEU F 378 25.84 17.54 -10.10
C LEU F 378 26.84 16.43 -10.41
N ALA F 379 27.40 16.48 -11.62
CA ALA F 379 28.39 15.51 -12.04
C ALA F 379 29.64 15.65 -11.16
N GLY F 380 30.11 16.89 -10.99
CA GLY F 380 31.27 17.14 -10.16
C GLY F 380 31.06 16.66 -8.72
N CYS F 381 29.87 16.91 -8.18
CA CYS F 381 29.54 16.50 -6.82
C CYS F 381 29.80 15.02 -6.56
N ILE F 382 29.47 14.18 -7.54
CA ILE F 382 29.64 12.74 -7.37
C ILE F 382 30.84 12.17 -8.08
N ALA F 383 31.52 13.00 -8.87
CA ALA F 383 32.71 12.55 -9.59
C ALA F 383 33.93 12.45 -8.65
N GLU F 384 34.85 11.56 -8.99
CA GLU F 384 36.04 11.44 -8.15
C GLU F 384 37.11 12.50 -8.42
N GLY F 385 37.52 13.21 -7.37
CA GLY F 385 38.52 14.24 -7.53
C GLY F 385 37.94 15.63 -7.74
N THR F 386 38.62 16.45 -8.52
CA THR F 386 38.17 17.82 -8.77
C THR F 386 37.56 18.07 -10.15
N THR F 387 36.44 18.79 -10.14
CA THR F 387 35.76 19.15 -11.36
C THR F 387 35.64 20.66 -11.44
N VAL F 388 35.90 21.20 -12.63
CA VAL F 388 35.76 22.62 -12.78
C VAL F 388 34.72 22.89 -13.86
N VAL F 389 33.70 23.67 -13.50
CA VAL F 389 32.67 24.02 -14.45
C VAL F 389 32.89 25.47 -14.89
N ASP F 390 33.15 25.65 -16.17
CA ASP F 390 33.36 26.99 -16.73
C ASP F 390 32.05 27.66 -17.09
N ARG F 391 32.07 28.99 -17.15
CA ARG F 391 30.89 29.75 -17.53
C ARG F 391 29.67 29.43 -16.69
N ILE F 392 29.80 29.53 -15.38
CA ILE F 392 28.66 29.24 -14.52
C ILE F 392 27.61 30.35 -14.62
N TYR F 393 27.90 31.39 -15.41
CA TYR F 393 26.94 32.47 -15.60
C TYR F 393 25.64 31.88 -16.14
N HIS F 394 25.76 30.91 -17.05
CA HIS F 394 24.61 30.21 -17.60
C HIS F 394 23.75 29.66 -16.46
N ILE F 395 24.40 28.96 -15.54
CA ILE F 395 23.74 28.36 -14.40
C ILE F 395 23.03 29.43 -13.61
N ASP F 396 23.71 30.55 -13.40
CA ASP F 396 23.12 31.65 -12.65
C ASP F 396 21.81 32.19 -13.21
N ARG F 397 21.57 31.94 -14.49
CA ARG F 397 20.35 32.39 -15.15
C ARG F 397 19.07 31.70 -14.75
N GLY F 398 19.19 30.44 -14.34
CA GLY F 398 18.04 29.66 -13.94
C GLY F 398 18.05 29.07 -12.55
N TYR F 399 19.14 29.24 -11.82
CA TYR F 399 19.24 28.74 -10.45
C TYR F 399 19.65 29.81 -9.45
N GLU F 400 18.89 29.94 -8.38
CA GLU F 400 19.21 30.91 -7.33
C GLU F 400 20.23 30.31 -6.38
N ARG F 401 21.46 30.83 -6.41
CA ARG F 401 22.53 30.34 -5.55
C ARG F 401 22.57 28.82 -5.43
N ILE F 402 22.80 28.14 -6.55
CA ILE F 402 22.84 26.69 -6.54
C ILE F 402 23.98 26.19 -5.65
N GLU F 403 25.06 26.96 -5.53
CA GLU F 403 26.18 26.54 -4.68
C GLU F 403 25.82 26.50 -3.19
N ASP F 404 25.03 27.48 -2.75
CA ASP F 404 24.60 27.52 -1.36
C ASP F 404 23.67 26.37 -1.03
N LYS F 405 22.71 26.12 -1.91
CA LYS F 405 21.79 25.02 -1.70
C LYS F 405 22.51 23.68 -1.72
N LEU F 406 23.48 23.56 -2.63
CA LEU F 406 24.27 22.34 -2.73
C LEU F 406 25.16 22.11 -1.52
N ARG F 407 25.72 23.19 -1.00
CA ARG F 407 26.56 23.10 0.19
C ARG F 407 25.73 22.65 1.40
N ALA F 408 24.49 23.12 1.47
CA ALA F 408 23.64 22.74 2.59
C ALA F 408 23.35 21.24 2.53
N LEU F 409 23.61 20.64 1.38
CA LEU F 409 23.39 19.20 1.18
C LEU F 409 24.66 18.38 1.39
N GLY F 410 25.74 19.08 1.73
CA GLY F 410 27.01 18.42 1.96
C GLY F 410 27.98 18.49 0.80
N ALA F 411 27.65 19.31 -0.20
CA ALA F 411 28.53 19.43 -1.37
C ALA F 411 29.84 20.17 -1.06
N ASN F 412 30.88 19.77 -1.78
CA ASN F 412 32.21 20.37 -1.65
C ASN F 412 32.33 21.24 -2.90
N ILE F 413 31.77 22.43 -2.82
CA ILE F 413 31.75 23.31 -3.97
C ILE F 413 32.15 24.74 -3.64
N GLU F 414 32.88 25.36 -4.57
CA GLU F 414 33.38 26.73 -4.43
C GLU F 414 33.24 27.63 -5.67
N ARG F 415 32.76 28.85 -5.47
CA ARG F 415 32.64 29.81 -6.57
C ARG F 415 34.00 30.48 -6.76
N VAL F 416 34.56 30.36 -7.95
CA VAL F 416 35.88 30.92 -8.19
C VAL F 416 35.90 31.88 -9.38
N LYS F 417 36.95 32.70 -9.44
CA LYS F 417 37.13 33.67 -10.54
C LYS F 417 38.10 33.13 -11.59
N GLY F 418 38.31 33.87 -12.67
CA GLY F 418 39.25 33.43 -13.68
C GLY F 418 38.79 33.19 -15.11
N GLU F 419 39.27 32.10 -15.70
CA GLU F 419 38.94 31.76 -17.08
C GLU F 419 38.55 30.33 -17.41
N MET G 1 35.43 44.69 -29.63
CA MET G 1 34.81 43.58 -30.35
C MET G 1 34.49 43.96 -31.77
N ASP G 2 35.10 43.27 -32.72
CA ASP G 2 35.09 43.67 -34.12
C ASP G 2 33.77 43.37 -34.85
N LYS G 3 33.41 44.19 -35.81
CA LYS G 3 32.20 43.95 -36.54
C LYS G 3 32.05 44.55 -37.95
N PHE G 4 31.16 44.03 -38.76
CA PHE G 4 31.06 44.52 -40.12
C PHE G 4 29.86 45.39 -40.30
N ARG G 5 30.08 46.50 -40.96
CA ARG G 5 29.04 47.47 -41.31
C ARG G 5 28.99 47.35 -42.83
N VAL G 6 27.85 46.91 -43.36
CA VAL G 6 27.71 46.73 -44.80
C VAL G 6 26.54 47.53 -45.36
N GLN G 7 26.67 47.97 -46.61
CA GLN G 7 25.63 48.72 -47.29
C GLN G 7 25.27 48.20 -48.68
N GLY G 8 24.00 47.89 -48.89
CA GLY G 8 23.58 47.37 -50.20
C GLY G 8 22.29 48.02 -50.64
N PRO G 9 21.70 47.56 -51.76
CA PRO G 9 22.19 46.47 -52.59
C PRO G 9 23.46 46.85 -53.34
N THR G 10 24.23 45.84 -53.73
CA THR G 10 25.48 46.08 -54.45
C THR G 10 25.78 44.92 -55.37
N ARG G 11 25.92 45.19 -56.66
CA ARG G 11 26.29 44.11 -57.54
C ARG G 11 27.73 43.71 -57.28
N LEU G 12 27.97 42.41 -57.16
CA LEU G 12 29.31 41.91 -56.92
C LEU G 12 29.93 41.45 -58.24
N GLN G 13 30.95 42.18 -58.68
CA GLN G 13 31.64 41.84 -59.93
C GLN G 13 33.15 42.09 -59.99
N GLY G 14 33.85 41.22 -60.71
CA GLY G 14 35.28 41.38 -60.84
C GLY G 14 36.09 40.12 -60.66
N GLU G 15 37.30 40.30 -60.12
CA GLU G 15 38.21 39.19 -59.88
C GLU G 15 38.55 38.93 -58.44
N VAL G 16 38.87 37.68 -58.13
CA VAL G 16 39.23 37.28 -56.78
C VAL G 16 40.29 36.18 -56.90
N THR G 17 41.35 36.29 -56.11
CA THR G 17 42.41 35.29 -56.08
C THR G 17 42.11 34.47 -54.82
N ILE G 18 41.98 33.16 -54.98
CA ILE G 18 41.65 32.29 -53.87
C ILE G 18 42.81 31.97 -52.97
N SER G 19 42.54 31.93 -51.68
CA SER G 19 43.56 31.60 -50.71
C SER G 19 43.76 30.09 -50.57
N GLY G 20 44.88 29.69 -49.99
CA GLY G 20 45.09 28.27 -49.80
C GLY G 20 44.05 27.79 -48.81
N ALA G 21 43.68 26.52 -48.95
CA ALA G 21 42.66 25.90 -48.10
C ALA G 21 42.92 25.81 -46.60
N LYS G 22 42.02 26.42 -45.82
CA LYS G 22 42.10 26.34 -44.36
C LYS G 22 42.19 24.87 -43.96
N ASN G 23 41.25 24.08 -44.50
CA ASN G 23 41.16 22.64 -44.25
C ASN G 23 42.28 21.66 -44.62
N ALA G 24 43.22 22.12 -45.42
CA ALA G 24 44.39 21.35 -45.81
C ALA G 24 45.58 21.83 -44.93
N ALA G 25 45.74 23.14 -44.80
CA ALA G 25 46.80 23.73 -43.97
C ALA G 25 46.80 23.13 -42.54
N LEU G 26 45.63 23.12 -41.90
CA LEU G 26 45.49 22.54 -40.56
C LEU G 26 45.98 21.09 -40.40
N PRO G 27 45.42 20.15 -41.17
CA PRO G 27 45.86 18.75 -41.03
C PRO G 27 47.32 18.53 -41.48
N ILE G 28 47.77 19.34 -42.44
CA ILE G 28 49.15 19.26 -42.94
C ILE G 28 50.09 19.72 -41.81
N LEU G 29 49.81 20.89 -41.24
CA LEU G 29 50.58 21.42 -40.11
C LEU G 29 50.74 20.40 -38.98
N PHE G 30 49.64 19.73 -38.65
CA PHE G 30 49.66 18.68 -37.63
C PHE G 30 50.50 17.47 -38.05
N ALA G 31 50.43 17.13 -39.34
CA ALA G 31 51.18 16.02 -39.90
C ALA G 31 52.70 16.30 -39.81
N ALA G 32 53.06 17.57 -39.90
CA ALA G 32 54.45 17.97 -39.80
C ALA G 32 55.09 17.38 -38.55
N LEU G 33 54.29 17.18 -37.50
CA LEU G 33 54.82 16.57 -36.27
C LEU G 33 55.61 15.30 -36.58
N LEU G 34 55.26 14.67 -37.70
CA LEU G 34 55.91 13.44 -38.15
C LEU G 34 57.31 13.64 -38.75
N ALA G 35 57.51 14.80 -39.37
CA ALA G 35 58.79 15.10 -40.01
C ALA G 35 59.94 15.24 -39.01
N GLU G 36 61.11 14.78 -39.43
CA GLU G 36 62.33 14.87 -38.61
C GLU G 36 63.15 16.06 -39.07
N GLU G 37 62.84 16.53 -40.26
CA GLU G 37 63.54 17.64 -40.87
C GLU G 37 62.64 18.84 -41.14
N PRO G 38 63.22 20.05 -41.13
CA PRO G 38 62.41 21.25 -41.39
C PRO G 38 61.44 21.04 -42.54
N VAL G 39 60.33 21.77 -42.48
CA VAL G 39 59.28 21.69 -43.46
C VAL G 39 58.74 23.08 -43.81
N GLU G 40 58.57 23.36 -45.10
CA GLU G 40 58.01 24.63 -45.56
C GLU G 40 56.62 24.42 -46.19
N ILE G 41 55.58 24.93 -45.52
CA ILE G 41 54.23 24.80 -46.04
C ILE G 41 53.83 26.11 -46.72
N GLN G 42 53.63 26.03 -48.02
CA GLN G 42 53.29 27.18 -48.89
C GLN G 42 51.83 27.50 -49.07
N ASN G 43 51.53 28.77 -49.32
CA ASN G 43 50.17 29.23 -49.58
C ASN G 43 49.19 29.06 -48.43
N VAL G 44 49.68 29.23 -47.20
CA VAL G 44 48.86 29.08 -46.01
C VAL G 44 48.14 30.38 -45.69
N PRO G 45 46.81 30.36 -45.61
CA PRO G 45 46.06 31.58 -45.31
C PRO G 45 46.37 32.11 -43.90
N LYS G 46 46.26 33.41 -43.72
CA LYS G 46 46.50 34.00 -42.40
C LYS G 46 45.20 33.94 -41.60
N LEU G 47 45.08 32.92 -40.76
CA LEU G 47 43.86 32.68 -39.99
C LEU G 47 44.09 32.45 -38.50
N LYS G 48 43.05 32.72 -37.72
CA LYS G 48 43.11 32.51 -36.27
C LYS G 48 43.59 31.10 -35.95
N ASP G 49 43.03 30.13 -36.66
CA ASP G 49 43.38 28.72 -36.50
C ASP G 49 44.84 28.41 -36.81
N ILE G 50 45.42 29.11 -37.76
CA ILE G 50 46.82 28.86 -38.07
C ILE G 50 47.62 29.37 -36.86
N ASP G 51 47.17 30.49 -36.29
CA ASP G 51 47.83 31.04 -35.12
C ASP G 51 47.75 30.10 -33.92
N THR G 52 46.54 29.60 -33.66
CA THR G 52 46.35 28.69 -32.54
C THR G 52 47.16 27.41 -32.73
N THR G 53 47.26 26.96 -33.99
CA THR G 53 48.01 25.75 -34.30
C THR G 53 49.50 25.99 -34.11
N MET G 54 49.98 27.14 -34.60
CA MET G 54 51.39 27.49 -34.43
C MET G 54 51.77 27.51 -32.96
N LYS G 55 50.88 28.08 -32.16
CA LYS G 55 51.02 28.15 -30.71
C LYS G 55 50.98 26.74 -30.12
N LEU G 56 50.18 25.88 -30.73
CA LEU G 56 50.05 24.50 -30.26
C LEU G 56 51.33 23.74 -30.55
N LEU G 57 51.85 23.94 -31.76
CA LEU G 57 53.09 23.30 -32.20
C LEU G 57 54.27 23.69 -31.32
N THR G 58 54.39 24.98 -31.07
CA THR G 58 55.44 25.54 -30.24
C THR G 58 55.38 24.91 -28.85
N GLN G 59 54.21 24.92 -28.22
CA GLN G 59 54.07 24.32 -26.90
C GLN G 59 54.55 22.90 -26.78
N LEU G 60 54.71 22.26 -27.94
CA LEU G 60 55.18 20.88 -28.01
C LEU G 60 56.70 20.82 -28.12
N GLY G 61 57.29 21.97 -28.43
CA GLY G 61 58.73 22.06 -28.56
C GLY G 61 59.16 22.36 -29.98
N THR G 62 58.18 22.45 -30.87
CA THR G 62 58.42 22.71 -32.28
C THR G 62 58.82 24.16 -32.51
N LYS G 63 59.67 24.37 -33.52
CA LYS G 63 60.08 25.71 -33.90
C LYS G 63 59.14 26.08 -35.05
N VAL G 64 58.50 27.25 -34.97
CA VAL G 64 57.56 27.66 -35.99
C VAL G 64 57.69 29.13 -36.40
N GLU G 65 57.62 29.39 -37.69
CA GLU G 65 57.68 30.74 -38.24
C GLU G 65 56.74 30.87 -39.40
N ARG G 66 56.46 32.10 -39.82
CA ARG G 66 55.58 32.34 -40.94
C ARG G 66 55.65 33.76 -41.44
N IAS G 67 55.31 33.95 -42.71
CA IAS G 67 55.29 35.26 -43.32
C IAS G 67 54.09 36.04 -42.74
O IAS G 67 53.56 35.61 -41.69
CB IAS G 67 55.22 35.19 -44.83
CG IAS G 67 54.04 34.37 -45.31
OD1 IAS G 67 53.21 33.92 -44.52
OXT IAS G 67 53.70 37.05 -43.35
N GLY G 68 53.95 34.20 -46.63
CA GLY G 68 52.86 33.42 -47.19
C GLY G 68 52.96 31.96 -46.77
N SER G 69 54.08 31.60 -46.15
CA SER G 69 54.28 30.24 -45.71
C SER G 69 54.58 30.00 -44.25
N VAL G 70 54.45 28.74 -43.84
CA VAL G 70 54.74 28.36 -42.48
C VAL G 70 55.96 27.43 -42.47
N TRP G 71 56.92 27.80 -41.63
CA TRP G 71 58.16 27.05 -41.45
C TRP G 71 58.08 26.24 -40.15
N ILE G 72 58.18 24.92 -40.29
CA ILE G 72 58.09 24.01 -39.15
C ILE G 72 59.35 23.17 -38.97
N ASP G 73 59.90 23.21 -37.77
CA ASP G 73 61.10 22.42 -37.42
C ASP G 73 60.65 21.51 -36.28
N ALA G 74 60.22 20.30 -36.57
CA ALA G 74 59.74 19.42 -35.51
C ALA G 74 60.78 18.41 -35.05
N SER G 75 62.05 18.68 -35.34
CA SER G 75 63.13 17.81 -34.91
C SER G 75 63.23 17.63 -33.40
N ASN G 76 63.04 18.75 -32.68
CA ASN G 76 63.14 18.78 -31.22
C ASN G 76 61.92 18.63 -30.30
N VAL G 77 60.82 18.09 -30.80
CA VAL G 77 59.64 17.95 -29.96
C VAL G 77 59.97 17.24 -28.64
N ASN G 78 59.71 17.94 -27.54
CA ASN G 78 60.00 17.44 -26.20
C ASN G 78 58.78 17.37 -25.27
N ASN G 79 57.67 17.92 -25.75
CA ASN G 79 56.42 17.95 -24.99
C ASN G 79 55.32 17.18 -25.71
N PHE G 80 54.62 16.30 -25.00
CA PHE G 80 53.58 15.49 -25.64
C PHE G 80 52.09 15.72 -25.42
N SER G 81 51.70 16.92 -25.01
CA SER G 81 50.28 17.19 -24.77
C SER G 81 49.62 18.47 -25.24
N ALA G 82 48.36 18.36 -25.65
CA ALA G 82 47.64 19.53 -26.11
C ALA G 82 46.72 19.89 -24.96
N PRO G 83 47.00 21.02 -24.28
CA PRO G 83 46.20 21.48 -23.14
C PRO G 83 44.74 21.84 -23.39
N TYR G 84 43.93 21.71 -22.34
CA TYR G 84 42.51 22.06 -22.36
C TYR G 84 42.28 23.42 -23.02
N ASP G 85 43.09 24.41 -22.61
CA ASP G 85 43.01 25.77 -23.16
C ASP G 85 43.19 25.96 -24.64
N LEU G 86 43.87 25.02 -25.29
CA LEU G 86 44.08 25.09 -26.73
C LEU G 86 42.99 24.33 -27.48
N VAL G 87 42.62 23.17 -26.94
CA VAL G 87 41.57 22.32 -27.52
C VAL G 87 40.23 23.05 -27.47
N LYS G 88 40.03 23.81 -26.40
CA LYS G 88 38.81 24.59 -26.21
C LYS G 88 38.61 25.66 -27.28
N THR G 89 39.70 26.28 -27.69
CA THR G 89 39.64 27.33 -28.71
C THR G 89 39.68 26.74 -30.13
N MET G 90 40.29 25.56 -30.27
CA MET G 90 40.39 24.91 -31.58
C MET G 90 40.30 23.39 -31.52
N ARG G 91 39.16 22.85 -31.93
CA ARG G 91 39.00 21.39 -31.89
C ARG G 91 39.98 20.58 -32.73
N ALA G 92 40.45 21.19 -33.81
CA ALA G 92 41.41 20.55 -34.72
C ALA G 92 42.61 20.04 -33.94
N SER G 93 42.78 20.58 -32.73
CA SER G 93 43.86 20.17 -31.84
C SER G 93 43.96 18.66 -31.70
N ILE G 94 42.82 18.00 -31.86
CA ILE G 94 42.74 16.55 -31.75
C ILE G 94 43.76 15.91 -32.70
N TRP G 95 44.04 16.56 -33.83
CA TRP G 95 45.04 16.05 -34.77
C TRP G 95 46.50 15.93 -34.25
N ALA G 96 46.76 16.41 -33.05
CA ALA G 96 48.09 16.33 -32.45
C ALA G 96 48.30 14.90 -31.96
N LEU G 97 47.21 14.21 -31.71
CA LEU G 97 47.25 12.84 -31.23
C LEU G 97 47.94 11.81 -32.13
N GLY G 98 47.50 11.73 -33.38
CA GLY G 98 48.02 10.77 -34.34
C GLY G 98 49.52 10.82 -34.53
N PRO G 99 50.06 11.97 -34.95
CA PRO G 99 51.51 12.15 -35.17
C PRO G 99 52.30 11.85 -33.90
N LEU G 100 51.83 12.38 -32.76
CA LEU G 100 52.51 12.18 -31.49
C LEU G 100 52.81 10.73 -31.10
N VAL G 101 51.75 9.94 -30.94
CA VAL G 101 51.90 8.56 -30.56
C VAL G 101 52.57 7.75 -31.69
N ALA G 102 52.40 8.17 -32.94
CA ALA G 102 53.01 7.44 -34.03
C ALA G 102 54.54 7.63 -34.03
N ARG G 103 54.97 8.84 -33.71
CA ARG G 103 56.39 9.16 -33.69
C ARG G 103 57.15 9.00 -32.36
N PHE G 104 56.52 9.41 -31.25
CA PHE G 104 57.14 9.35 -29.94
C PHE G 104 56.59 8.25 -29.01
N GLY G 105 55.59 7.52 -29.50
CA GLY G 105 54.99 6.44 -28.74
C GLY G 105 54.08 6.90 -27.62
N GLN G 106 53.86 8.20 -27.53
CA GLN G 106 53.00 8.74 -26.51
C GLN G 106 52.33 10.01 -26.99
N GLY G 107 51.13 10.25 -26.48
CA GLY G 107 50.38 11.44 -26.85
C GLY G 107 49.26 11.70 -25.88
N GLN G 108 49.05 12.97 -25.56
CA GLN G 108 48.00 13.43 -24.64
C GLN G 108 47.25 14.56 -25.31
N VAL G 109 45.92 14.51 -25.28
CA VAL G 109 45.10 15.56 -25.88
C VAL G 109 43.82 15.75 -25.07
N SER G 110 43.49 16.99 -24.78
CA SER G 110 42.28 17.30 -24.04
C SER G 110 41.05 16.83 -24.84
N LEU G 111 40.15 16.08 -24.22
CA LEU G 111 38.96 15.61 -24.91
C LEU G 111 38.04 16.77 -25.34
N PRO G 112 37.93 17.03 -26.66
CA PRO G 112 37.07 18.11 -27.17
C PRO G 112 35.62 17.95 -26.73
N GLY G 113 34.95 19.07 -26.47
CA GLY G 113 33.56 19.03 -26.07
C GLY G 113 32.69 19.23 -27.29
N GLY G 114 31.39 19.39 -27.07
CA GLY G 114 30.48 19.61 -28.17
C GLY G 114 30.72 20.94 -28.86
N ASP G 115 29.91 21.23 -29.86
CA ASP G 115 30.06 22.44 -30.63
C ASP G 115 28.70 23.15 -30.86
N ALA G 116 28.74 24.42 -31.23
CA ALA G 116 27.51 25.17 -31.48
C ALA G 116 26.65 24.55 -32.58
N ILE G 117 27.26 23.71 -33.42
CA ILE G 117 26.52 23.06 -34.50
C ILE G 117 26.38 21.56 -34.35
N GLY G 118 26.70 21.03 -33.17
CA GLY G 118 26.59 19.60 -32.93
C GLY G 118 27.62 19.06 -31.95
N ALA G 119 27.33 17.89 -31.38
CA ALA G 119 28.22 17.25 -30.41
C ALA G 119 29.65 17.03 -30.91
N ARG G 120 29.80 16.61 -32.16
CA ARG G 120 31.13 16.39 -32.76
C ARG G 120 32.08 15.44 -32.05
N PRO G 121 31.64 14.21 -31.75
CA PRO G 121 32.53 13.27 -31.06
C PRO G 121 33.76 12.91 -31.90
N VAL G 122 34.77 12.37 -31.23
CA VAL G 122 36.01 11.99 -31.90
C VAL G 122 36.28 10.50 -31.63
N ASP G 123 35.20 9.79 -31.34
CA ASP G 123 35.23 8.34 -31.09
C ASP G 123 36.01 7.60 -32.17
N LEU G 124 35.81 8.03 -33.42
CA LEU G 124 36.50 7.44 -34.56
C LEU G 124 38.01 7.66 -34.57
N HIS G 125 38.47 8.80 -34.10
CA HIS G 125 39.91 9.09 -34.04
C HIS G 125 40.55 8.11 -33.06
N ILE G 126 39.99 8.07 -31.85
CA ILE G 126 40.44 7.19 -30.79
C ILE G 126 40.38 5.73 -31.20
N PHE G 127 39.20 5.27 -31.62
CA PHE G 127 39.08 3.88 -32.06
C PHE G 127 40.11 3.53 -33.12
N GLY G 128 40.24 4.39 -34.12
CA GLY G 128 41.20 4.17 -35.19
C GLY G 128 42.62 3.97 -34.67
N LEU G 129 43.04 4.78 -33.71
CA LEU G 129 44.36 4.62 -33.13
C LEU G 129 44.43 3.28 -32.40
N GLU G 130 43.36 2.90 -31.70
CA GLU G 130 43.35 1.61 -31.02
C GLU G 130 43.61 0.47 -31.99
N LYS G 131 42.98 0.54 -33.16
CA LYS G 131 43.18 -0.48 -34.18
C LYS G 131 44.65 -0.60 -34.57
N LEU G 132 45.36 0.52 -34.48
CA LEU G 132 46.77 0.56 -34.80
C LEU G 132 47.63 0.01 -33.66
N GLY G 133 46.95 -0.36 -32.57
CA GLY G 133 47.62 -0.93 -31.43
C GLY G 133 47.93 0.05 -30.31
N ALA G 134 47.37 1.26 -30.39
CA ALA G 134 47.64 2.25 -29.35
C ALA G 134 46.78 1.99 -28.13
N GLU G 135 47.42 2.03 -26.95
CA GLU G 135 46.71 1.87 -25.68
C GLU G 135 46.12 3.24 -25.36
N ILE G 136 44.83 3.29 -25.06
CA ILE G 136 44.22 4.56 -24.77
C ILE G 136 43.44 4.60 -23.47
N LYS G 137 43.76 5.58 -22.65
CA LYS G 137 43.09 5.76 -21.37
C LYS G 137 42.58 7.19 -21.19
N LEU G 138 41.50 7.34 -20.44
CA LEU G 138 40.94 8.67 -20.19
C LEU G 138 41.26 9.17 -18.79
N GLU G 139 41.98 10.28 -18.71
CA GLU G 139 42.35 10.83 -17.40
C GLU G 139 42.27 12.34 -17.24
N GLU G 140 41.35 12.82 -16.43
CA GLU G 140 41.22 14.25 -16.20
C GLU G 140 40.84 15.02 -17.46
N GLY G 141 40.02 14.39 -18.30
CA GLY G 141 39.60 15.03 -19.54
C GLY G 141 40.59 14.74 -20.66
N TYR G 142 41.74 14.17 -20.32
CA TYR G 142 42.77 13.85 -21.31
C TYR G 142 42.72 12.48 -21.96
N VAL G 143 42.79 12.47 -23.28
CA VAL G 143 42.83 11.22 -24.03
C VAL G 143 44.31 10.90 -24.04
N LYS G 144 44.71 9.95 -23.20
CA LYS G 144 46.10 9.55 -23.12
C LYS G 144 46.42 8.30 -23.96
N ALA G 145 47.31 8.44 -24.93
CA ALA G 145 47.66 7.32 -25.79
C ALA G 145 49.14 6.92 -25.71
N SER G 146 49.38 5.62 -25.84
CA SER G 146 50.73 5.08 -25.81
C SER G 146 50.89 3.75 -26.53
N VAL G 147 52.07 3.53 -27.06
CA VAL G 147 52.35 2.29 -27.73
C VAL G 147 53.79 1.93 -27.43
N ASN G 148 54.02 0.70 -27.00
CA ASN G 148 55.40 0.29 -26.75
C ASN G 148 55.99 -0.04 -28.11
N GLY G 149 56.90 0.81 -28.57
CA GLY G 149 57.49 0.64 -29.87
C GLY G 149 56.63 1.29 -30.93
N ARG G 150 56.51 0.64 -32.09
CA ARG G 150 55.74 1.19 -33.19
C ARG G 150 54.31 0.69 -33.33
N LEU G 151 53.47 1.53 -33.93
CA LEU G 151 52.08 1.18 -34.20
C LEU G 151 52.09 0.01 -35.20
N LYS G 152 51.04 -0.79 -35.18
CA LYS G 152 50.95 -1.93 -36.07
C LYS G 152 49.86 -1.77 -37.14
N GLY G 153 50.27 -1.66 -38.40
CA GLY G 153 49.33 -1.52 -39.49
C GLY G 153 48.12 -2.45 -39.36
N ALA G 154 46.98 -2.03 -39.90
CA ALA G 154 45.76 -2.79 -39.76
C ALA G 154 44.71 -2.42 -40.79
N HIS G 155 43.77 -3.30 -41.00
CA HIS G 155 42.68 -3.10 -41.90
C HIS G 155 41.57 -2.59 -41.10
N ILE G 156 41.15 -1.36 -41.36
CA ILE G 156 40.14 -0.67 -40.60
C ILE G 156 38.93 -0.25 -41.43
N VAL G 157 37.75 -0.44 -40.90
CA VAL G 157 36.53 0.00 -41.58
C VAL G 157 35.87 1.09 -40.74
N MET G 158 35.77 2.29 -41.31
CA MET G 158 35.16 3.41 -40.61
C MET G 158 33.66 3.25 -40.37
N ASP G 159 33.22 3.32 -39.11
CA ASP G 159 31.81 3.19 -38.79
C ASP G 159 30.94 4.22 -39.51
N LYS G 160 31.58 5.32 -39.90
CA LYS G 160 30.94 6.41 -40.64
C LYS G 160 32.00 7.16 -41.41
N VAL G 161 31.62 8.00 -42.37
CA VAL G 161 32.62 8.72 -43.15
C VAL G 161 33.08 9.98 -42.44
N SER G 162 34.34 9.97 -42.04
CA SER G 162 34.93 11.10 -41.31
C SER G 162 36.25 11.64 -41.84
N VAL G 163 36.23 12.91 -42.23
CA VAL G 163 37.41 13.60 -42.72
C VAL G 163 38.44 13.59 -41.60
N GLY G 164 38.03 14.06 -40.43
CA GLY G 164 38.91 14.09 -39.29
C GLY G 164 39.57 12.78 -38.91
N ALA G 165 38.78 11.73 -38.71
CA ALA G 165 39.32 10.43 -38.32
C ALA G 165 40.20 9.82 -39.41
N THR G 166 39.86 10.09 -40.68
CA THR G 166 40.66 9.57 -41.80
C THR G 166 42.05 10.19 -41.73
N VAL G 167 42.09 11.46 -41.33
CA VAL G 167 43.37 12.19 -41.20
C VAL G 167 44.19 11.67 -40.02
N THR G 168 43.52 11.40 -38.91
CA THR G 168 44.22 10.88 -37.74
C THR G 168 44.79 9.48 -38.02
N ILE G 169 43.94 8.60 -38.56
CA ILE G 169 44.33 7.23 -38.91
C ILE G 169 45.40 7.23 -40.00
N MET G 170 45.15 7.99 -41.07
CA MET G 170 46.11 8.08 -42.16
C MET G 170 47.51 8.50 -41.73
N SER G 171 47.56 9.61 -40.99
CA SER G 171 48.82 10.18 -40.46
C SER G 171 49.68 9.21 -39.66
N ALA G 172 49.11 8.69 -38.58
CA ALA G 172 49.78 7.76 -37.69
C ALA G 172 50.26 6.50 -38.40
N ALA G 173 49.44 5.98 -39.31
CA ALA G 173 49.77 4.76 -40.06
C ALA G 173 51.06 4.83 -40.85
N THR G 174 51.49 6.04 -41.23
CA THR G 174 52.71 6.19 -42.03
C THR G 174 54.01 5.84 -41.31
N LEU G 175 53.93 5.60 -40.00
CA LEU G 175 55.08 5.24 -39.18
C LEU G 175 54.86 3.92 -38.48
N ALA G 176 53.77 3.27 -38.87
CA ALA G 176 53.41 1.99 -38.27
C ALA G 176 54.18 0.87 -38.95
N GLU G 177 54.13 -0.31 -38.34
CA GLU G 177 54.77 -1.48 -38.90
C GLU G 177 53.81 -2.17 -39.86
N GLY G 178 54.24 -2.33 -41.10
CA GLY G 178 53.39 -3.00 -42.05
C GLY G 178 52.47 -2.08 -42.83
N THR G 179 51.38 -2.68 -43.26
CA THR G 179 50.40 -2.00 -44.07
C THR G 179 49.09 -1.74 -43.37
N THR G 180 48.51 -0.59 -43.67
CA THR G 180 47.21 -0.21 -43.12
C THR G 180 46.26 0.05 -44.27
N ILE G 181 45.00 -0.25 -44.03
CA ILE G 181 44.00 -0.04 -45.04
C ILE G 181 42.84 0.67 -44.37
N ILE G 182 42.46 1.81 -44.93
CA ILE G 182 41.34 2.59 -44.41
C ILE G 182 40.22 2.44 -45.42
N GLU G 183 39.24 1.64 -45.06
CA GLU G 183 38.10 1.38 -45.91
C GLU G 183 36.95 2.25 -45.44
N ASN G 184 36.22 2.83 -46.41
CA ASN G 184 35.14 3.73 -46.12
C ASN G 184 35.76 5.04 -45.65
N ALA G 185 36.94 5.31 -46.20
CA ALA G 185 37.68 6.51 -45.88
C ALA G 185 36.96 7.70 -46.48
N ALA G 186 37.15 8.88 -45.90
CA ALA G 186 36.54 10.10 -46.44
C ALA G 186 37.36 10.46 -47.67
N ARG G 187 36.66 10.93 -48.71
CA ARG G 187 37.29 11.29 -49.97
C ARG G 187 37.65 12.75 -50.21
N GLU G 188 37.35 13.60 -49.22
CA GLU G 188 37.64 15.03 -49.29
C GLU G 188 38.94 15.45 -49.96
N PRO G 189 38.91 16.51 -50.77
CA PRO G 189 40.13 16.96 -51.45
C PRO G 189 41.25 17.22 -50.43
N GLU G 190 40.89 17.70 -49.24
CA GLU G 190 41.90 17.96 -48.21
C GLU G 190 42.60 16.69 -47.77
N ILE G 191 41.87 15.59 -47.79
CA ILE G 191 42.41 14.28 -47.41
C ILE G 191 43.48 13.92 -48.45
N VAL G 192 43.19 14.25 -49.71
CA VAL G 192 44.11 13.99 -50.80
C VAL G 192 45.34 14.89 -50.64
N ASP G 193 45.09 16.14 -50.22
CA ASP G 193 46.16 17.12 -50.00
C ASP G 193 47.12 16.65 -48.91
N THR G 194 46.54 16.20 -47.81
CA THR G 194 47.32 15.72 -46.67
C THR G 194 48.13 14.48 -47.00
N ALA G 195 47.57 13.60 -47.81
CA ALA G 195 48.25 12.38 -48.24
C ALA G 195 49.42 12.74 -49.14
N ASN G 196 49.18 13.62 -50.11
CA ASN G 196 50.27 14.03 -51.00
C ASN G 196 51.41 14.67 -50.22
N PHE G 197 51.04 15.37 -49.14
CA PHE G 197 52.03 15.99 -48.27
C PHE G 197 52.88 14.90 -47.62
N LEU G 198 52.19 13.93 -47.04
CA LEU G 198 52.85 12.81 -46.37
C LEU G 198 53.81 12.06 -47.28
N VAL G 199 53.34 11.82 -48.50
CA VAL G 199 54.14 11.13 -49.50
C VAL G 199 55.36 11.99 -49.85
N ALA G 200 55.16 13.28 -50.05
CA ALA G 200 56.27 14.14 -50.38
C ALA G 200 57.36 14.01 -49.29
N LEU G 201 56.94 13.65 -48.08
CA LEU G 201 57.86 13.46 -46.94
C LEU G 201 58.43 12.05 -46.81
N GLY G 202 58.12 11.18 -47.78
CA GLY G 202 58.63 9.82 -47.76
C GLY G 202 57.63 8.72 -47.43
N ALA G 203 56.36 9.07 -47.25
CA ALA G 203 55.38 8.06 -46.92
C ALA G 203 54.89 7.26 -48.12
N LYS G 204 54.47 6.01 -47.86
CA LYS G 204 53.92 5.13 -48.89
C LYS G 204 52.39 5.14 -48.78
N ILE G 205 51.74 5.92 -49.64
CA ILE G 205 50.29 6.04 -49.58
C ILE G 205 49.63 5.99 -50.95
N SER G 206 48.50 5.29 -51.03
CA SER G 206 47.74 5.23 -52.28
C SER G 206 46.26 5.11 -52.01
N GLY G 207 45.46 5.52 -52.99
CA GLY G 207 44.02 5.41 -52.84
C GLY G 207 43.41 6.67 -52.27
N GLN G 208 44.26 7.61 -51.85
CA GLN G 208 43.77 8.88 -51.32
C GLN G 208 42.79 9.47 -52.33
N GLY G 209 41.57 9.75 -51.88
CA GLY G 209 40.60 10.29 -52.81
C GLY G 209 39.52 9.26 -53.10
N THR G 210 39.76 8.01 -52.73
CA THR G 210 38.78 6.91 -52.92
C THR G 210 38.35 6.39 -51.55
N ASP G 211 37.38 5.47 -51.53
CA ASP G 211 36.92 4.92 -50.26
C ASP G 211 37.89 3.98 -49.55
N ARG G 212 39.02 3.74 -50.21
CA ARG G 212 40.03 2.84 -49.69
C ARG G 212 41.46 3.38 -49.78
N ILE G 213 42.04 3.74 -48.63
CA ILE G 213 43.40 4.27 -48.54
C ILE G 213 44.35 3.22 -48.01
N THR G 214 45.45 3.06 -48.73
CA THR G 214 46.42 2.07 -48.35
C THR G 214 47.73 2.75 -47.94
N ILE G 215 48.23 2.34 -46.78
CA ILE G 215 49.47 2.90 -46.25
C ILE G 215 50.46 1.81 -45.85
N GLU G 216 51.68 1.92 -46.38
CA GLU G 216 52.77 1.00 -46.07
C GLU G 216 53.69 1.84 -45.18
N GLY G 217 53.74 1.46 -43.90
CA GLY G 217 54.56 2.21 -42.95
C GLY G 217 56.05 2.29 -43.29
N VAL G 218 56.65 3.45 -43.04
CA VAL G 218 58.06 3.63 -43.32
C VAL G 218 58.82 3.95 -42.04
N GLU G 219 60.15 3.97 -42.15
CA GLU G 219 61.01 4.23 -41.00
C GLU G 219 60.93 5.61 -40.36
N ARG G 220 60.88 6.63 -41.20
CA ARG G 220 60.83 8.02 -40.75
C ARG G 220 60.32 8.89 -41.89
N LEU G 221 60.09 10.16 -41.60
CA LEU G 221 59.65 11.13 -42.59
C LEU G 221 60.65 12.30 -42.63
N GLY G 222 60.96 12.76 -43.84
CA GLY G 222 61.92 13.85 -43.96
C GLY G 222 61.30 15.22 -43.95
N GLY G 223 61.99 16.16 -44.59
CA GLY G 223 61.51 17.52 -44.68
C GLY G 223 61.08 17.78 -46.10
N GLY G 224 60.85 19.04 -46.43
CA GLY G 224 60.45 19.35 -47.78
C GLY G 224 59.61 20.59 -47.89
N VAL G 225 59.16 20.85 -49.11
CA VAL G 225 58.35 22.03 -49.39
C VAL G 225 57.03 21.54 -49.99
N TYR G 226 55.94 22.11 -49.50
CA TYR G 226 54.63 21.71 -49.96
C TYR G 226 53.64 22.85 -50.03
N ARG G 227 53.07 23.03 -51.22
CA ARG G 227 52.08 24.08 -51.46
C ARG G 227 50.65 23.61 -51.22
N VAL G 228 50.03 24.11 -50.16
CA VAL G 228 48.66 23.72 -49.81
C VAL G 228 47.65 24.02 -50.95
N LEU G 229 46.64 23.16 -51.13
CA LEU G 229 45.66 23.36 -52.19
C LEU G 229 44.73 24.57 -52.01
N PRO G 230 44.15 25.07 -53.11
CA PRO G 230 43.23 26.22 -53.09
C PRO G 230 42.02 25.95 -52.20
N ASP G 231 41.52 26.99 -51.54
CA ASP G 231 40.35 26.85 -50.67
C ASP G 231 39.05 26.71 -51.47
N ARG G 232 38.47 25.51 -51.47
CA ARG G 232 37.23 25.25 -52.19
C ARG G 232 36.01 25.97 -51.60
N ILE G 233 35.93 26.04 -50.28
CA ILE G 233 34.79 26.70 -49.65
C ILE G 233 34.86 28.20 -49.91
N GLU G 234 36.06 28.77 -49.88
CA GLU G 234 36.20 30.19 -50.17
C GLU G 234 35.79 30.43 -51.63
N THR G 235 36.23 29.54 -52.51
CA THR G 235 35.91 29.65 -53.93
C THR G 235 34.40 29.63 -54.13
N GLY G 236 33.76 28.67 -53.47
CA GLY G 236 32.33 28.53 -53.57
C GLY G 236 31.63 29.77 -53.08
N THR G 237 32.09 30.28 -51.95
CA THR G 237 31.50 31.46 -51.34
C THR G 237 31.52 32.69 -52.28
N PHE G 238 32.61 32.88 -53.01
CA PHE G 238 32.68 34.02 -53.94
C PHE G 238 31.80 33.80 -55.15
N LEU G 239 31.68 32.52 -55.55
CA LEU G 239 30.83 32.16 -56.66
C LEU G 239 29.40 32.52 -56.35
N VAL G 240 28.96 32.11 -55.16
CA VAL G 240 27.61 32.41 -54.70
C VAL G 240 27.44 33.93 -54.61
N ALA G 241 28.46 34.60 -54.08
CA ALA G 241 28.42 36.05 -53.95
C ALA G 241 28.04 36.73 -55.28
N ALA G 242 28.55 36.20 -56.39
CA ALA G 242 28.23 36.80 -57.67
C ALA G 242 26.86 36.33 -58.14
N ALA G 243 26.53 35.07 -57.87
CA ALA G 243 25.26 34.51 -58.30
C ALA G 243 24.02 35.08 -57.63
N ILE G 244 24.16 35.65 -56.43
CA ILE G 244 23.00 36.18 -55.73
C ILE G 244 22.82 37.68 -55.95
N SER G 245 23.76 38.28 -56.66
CA SER G 245 23.70 39.70 -56.95
C SER G 245 23.59 40.04 -58.45
N GLY G 246 23.41 39.00 -59.26
CA GLY G 246 23.30 39.18 -60.70
C GLY G 246 24.67 39.55 -61.25
N GLY G 247 25.70 39.30 -60.46
CA GLY G 247 27.06 39.65 -60.85
C GLY G 247 27.81 38.72 -61.78
N LYS G 248 29.10 39.05 -61.95
CA LYS G 248 30.01 38.31 -62.80
C LYS G 248 31.38 38.26 -62.14
N ILE G 249 31.95 37.08 -61.99
CA ILE G 249 33.23 36.98 -61.31
C ILE G 249 34.15 35.90 -61.87
N VAL G 250 35.44 36.13 -61.71
CA VAL G 250 36.47 35.18 -62.13
C VAL G 250 37.29 34.87 -60.90
N CYS G 251 37.47 33.58 -60.62
CA CYS G 251 38.26 33.15 -59.49
C CYS G 251 39.63 32.75 -59.92
N ARG G 252 40.63 33.45 -59.42
CA ARG G 252 42.01 33.15 -59.75
C ARG G 252 42.59 32.19 -58.71
N ASN G 253 43.55 31.35 -59.13
CA ASN G 253 44.21 30.40 -58.22
C ASN G 253 43.28 29.31 -57.68
N ALA G 254 42.25 28.95 -58.45
CA ALA G 254 41.28 27.95 -58.05
C ALA G 254 41.52 26.55 -58.59
N GLN G 255 40.80 25.59 -58.02
CA GLN G 255 40.88 24.20 -58.46
C GLN G 255 39.50 23.68 -58.74
N PRO G 256 38.99 23.93 -59.96
CA PRO G 256 37.66 23.51 -60.42
C PRO G 256 37.15 22.14 -59.99
N ASP G 257 38.00 21.13 -60.12
CA ASP G 257 37.60 19.75 -59.80
C ASP G 257 37.20 19.44 -58.36
N THR G 258 37.55 20.33 -57.44
CA THR G 258 37.25 20.15 -56.03
C THR G 258 35.84 20.63 -55.66
N LEU G 259 35.16 21.25 -56.61
CA LEU G 259 33.84 21.77 -56.36
C LEU G 259 32.79 21.50 -57.44
N ASP G 260 32.87 20.34 -58.08
CA ASP G 260 31.90 19.97 -59.11
C ASP G 260 30.44 20.09 -58.71
N ALA G 261 30.13 19.65 -57.49
CA ALA G 261 28.77 19.68 -56.97
C ALA G 261 28.25 21.11 -56.86
N VAL G 262 29.08 22.01 -56.32
CA VAL G 262 28.69 23.40 -56.17
C VAL G 262 28.50 24.04 -57.54
N LEU G 263 29.41 23.74 -58.46
CA LEU G 263 29.30 24.26 -59.82
C LEU G 263 28.00 23.74 -60.45
N ALA G 264 27.70 22.46 -60.22
CA ALA G 264 26.48 21.85 -60.74
C ALA G 264 25.28 22.62 -60.22
N LYS G 265 25.19 22.75 -58.90
CA LYS G 265 24.09 23.50 -58.29
C LYS G 265 23.99 24.95 -58.79
N LEU G 266 25.13 25.54 -59.12
CA LEU G 266 25.12 26.93 -59.61
C LEU G 266 24.50 27.03 -60.99
N ARG G 267 24.80 26.04 -61.82
CA ARG G 267 24.23 25.99 -63.16
C ARG G 267 22.72 25.81 -63.04
N GLU G 268 22.29 25.04 -62.04
CA GLU G 268 20.86 24.81 -61.83
C GLU G 268 20.11 26.07 -61.47
N ALA G 269 20.77 26.93 -60.70
CA ALA G 269 20.20 28.20 -60.27
C ALA G 269 20.28 29.17 -61.44
N GLY G 270 20.77 28.66 -62.58
CA GLY G 270 20.89 29.47 -63.78
C GLY G 270 22.21 30.13 -64.08
N ALA G 271 23.22 29.91 -63.26
CA ALA G 271 24.51 30.54 -63.49
C ALA G 271 25.17 30.06 -64.78
N ASP G 272 25.94 30.97 -65.39
CA ASP G 272 26.68 30.73 -66.62
C ASP G 272 28.15 30.59 -66.25
N ILE G 273 28.60 29.35 -66.11
CA ILE G 273 29.96 29.03 -65.69
C ILE G 273 30.95 28.45 -66.71
N GLU G 274 32.19 28.88 -66.62
CA GLU G 274 33.27 28.40 -67.46
C GLU G 274 34.47 28.10 -66.56
N THR G 275 35.11 26.96 -66.77
CA THR G 275 36.25 26.60 -65.93
C THR G 275 37.50 26.43 -66.77
N GLY G 276 38.65 26.67 -66.14
CA GLY G 276 39.93 26.51 -66.80
C GLY G 276 40.78 25.55 -65.97
N GLU G 277 42.10 25.71 -66.01
CA GLU G 277 42.97 24.84 -65.23
C GLU G 277 43.06 25.27 -63.78
N ASP G 278 43.13 26.58 -63.59
CA ASP G 278 43.23 27.20 -62.28
C ASP G 278 42.38 28.45 -62.19
N TRP G 279 41.18 28.37 -62.77
CA TRP G 279 40.27 29.50 -62.72
C TRP G 279 38.81 29.11 -62.92
N ILE G 280 37.91 29.99 -62.52
CA ILE G 280 36.49 29.74 -62.70
C ILE G 280 35.79 31.06 -63.07
N SER G 281 34.98 31.01 -64.11
CA SER G 281 34.23 32.18 -64.55
C SER G 281 32.72 32.01 -64.32
N LEU G 282 32.13 32.95 -63.60
CA LEU G 282 30.70 32.89 -63.34
C LEU G 282 30.00 34.18 -63.76
N ASP G 283 28.96 34.03 -64.57
CA ASP G 283 28.22 35.18 -65.06
C ASP G 283 26.73 34.96 -64.85
N MET G 284 26.10 35.84 -64.09
CA MET G 284 24.64 35.71 -63.84
C MET G 284 23.77 36.36 -64.92
N HIS G 285 24.42 37.11 -65.82
CA HIS G 285 23.73 37.82 -66.88
C HIS G 285 22.62 38.74 -66.36
N GLY G 286 22.90 39.40 -65.24
CA GLY G 286 21.93 40.31 -64.65
C GLY G 286 20.81 39.60 -63.92
N LYS G 287 20.56 38.35 -64.30
CA LYS G 287 19.50 37.55 -63.68
C LYS G 287 19.42 37.14 -62.20
N ARG G 288 18.19 36.96 -61.75
CA ARG G 288 17.92 36.54 -60.38
C ARG G 288 18.10 35.02 -60.34
N PRO G 289 18.69 34.48 -59.27
CA PRO G 289 18.86 33.02 -59.26
C PRO G 289 17.57 32.23 -59.21
N LYS G 290 17.64 30.98 -59.65
CA LYS G 290 16.51 30.07 -59.64
C LYS G 290 16.65 29.11 -58.45
N ALA G 291 15.56 28.82 -57.77
CA ALA G 291 15.62 27.95 -56.61
C ALA G 291 16.12 26.54 -56.93
N VAL G 292 16.92 26.00 -56.02
CA VAL G 292 17.45 24.64 -56.17
C VAL G 292 17.25 23.81 -54.90
N THR G 293 17.56 22.53 -55.00
CA THR G 293 17.43 21.63 -53.87
C THR G 293 18.84 21.14 -53.56
N VAL G 294 19.17 21.12 -52.28
CA VAL G 294 20.50 20.73 -51.87
C VAL G 294 20.51 19.70 -50.75
N ARG G 295 21.37 18.71 -50.90
CA ARG G 295 21.55 17.65 -49.91
C ARG G 295 23.04 17.54 -49.55
N THR G 296 23.42 18.00 -48.36
CA THR G 296 24.84 17.91 -48.01
C THR G 296 25.16 16.47 -47.73
N ALA G 297 26.42 16.10 -47.95
CA ALA G 297 26.87 14.74 -47.74
C ALA G 297 28.36 14.73 -47.98
N PRO G 298 29.03 13.60 -47.69
CA PRO G 298 30.48 13.51 -47.87
C PRO G 298 30.91 13.84 -49.30
N HIS G 299 32.08 14.43 -49.45
CA HIS G 299 32.62 14.76 -50.76
C HIS G 299 32.55 13.49 -51.65
N PRO G 300 32.35 13.63 -52.98
CA PRO G 300 32.16 14.80 -53.86
C PRO G 300 30.76 15.36 -53.95
N ALA G 301 29.90 14.99 -53.01
CA ALA G 301 28.54 15.49 -52.99
C ALA G 301 28.64 16.94 -52.51
N PHE G 302 27.48 17.58 -52.36
CA PHE G 302 27.44 18.96 -51.90
C PHE G 302 28.00 19.10 -50.47
N PRO G 303 29.04 19.92 -50.31
CA PRO G 303 29.68 20.12 -49.00
C PRO G 303 28.87 20.92 -47.99
N THR G 304 28.87 20.46 -46.74
CA THR G 304 28.15 21.17 -45.70
C THR G 304 28.72 22.57 -45.46
N ASP G 305 30.00 22.79 -45.75
CA ASP G 305 30.59 24.14 -45.58
C ASP G 305 30.03 25.20 -46.52
N MET G 306 29.33 24.75 -47.56
CA MET G 306 28.68 25.60 -48.56
C MET G 306 27.18 25.72 -48.30
N GLN G 307 26.71 24.99 -47.29
CA GLN G 307 25.31 24.99 -46.90
C GLN G 307 24.57 26.31 -46.60
N ALA G 308 25.13 27.12 -45.70
CA ALA G 308 24.51 28.41 -45.34
C ALA G 308 24.51 29.32 -46.55
N GLN G 309 25.56 29.22 -47.34
CA GLN G 309 25.65 30.04 -48.54
C GLN G 309 24.50 29.76 -49.54
N PHE G 310 24.23 28.48 -49.76
CA PHE G 310 23.15 28.07 -50.63
C PHE G 310 21.77 28.40 -50.06
N THR G 311 21.68 28.39 -48.73
CA THR G 311 20.43 28.73 -48.09
C THR G 311 20.18 30.18 -48.48
N LEU G 312 21.23 31.00 -48.42
CA LEU G 312 21.12 32.41 -48.79
C LEU G 312 20.55 32.53 -50.19
N LEU G 313 21.20 31.82 -51.11
CA LEU G 313 20.81 31.77 -52.51
C LEU G 313 19.33 31.44 -52.73
N ASN G 314 18.88 30.39 -52.05
CA ASN G 314 17.49 30.00 -52.13
C ASN G 314 16.60 31.14 -51.57
N LEU G 315 17.10 31.78 -50.51
CA LEU G 315 16.37 32.86 -49.87
C LEU G 315 16.01 34.07 -50.70
N VAL G 316 16.81 34.34 -51.71
CA VAL G 316 16.59 35.46 -52.58
C VAL G 316 16.40 34.96 -54.03
N ALA G 317 15.99 33.70 -54.16
CA ALA G 317 15.77 33.12 -55.47
C ALA G 317 14.28 33.05 -55.81
N GLU G 318 14.01 32.66 -57.04
CA GLU G 318 12.65 32.50 -57.54
C GLU G 318 12.26 31.04 -57.38
N GLY G 319 11.17 30.79 -56.64
CA GLY G 319 10.71 29.44 -56.43
C GLY G 319 10.93 29.02 -55.00
N THR G 320 10.58 27.79 -54.67
CA THR G 320 10.76 27.28 -53.32
C THR G 320 11.89 26.27 -53.31
N GLY G 321 12.95 26.59 -52.57
CA GLY G 321 14.09 25.70 -52.54
C GLY G 321 14.22 24.96 -51.23
N VAL G 322 14.71 23.73 -51.31
CA VAL G 322 14.89 22.91 -50.13
C VAL G 322 16.38 22.68 -49.83
N ILE G 323 16.73 22.72 -48.54
CA ILE G 323 18.10 22.50 -48.09
C ILE G 323 18.12 21.43 -46.99
N THR G 324 18.81 20.32 -47.25
CA THR G 324 18.85 19.27 -46.25
C THR G 324 20.29 19.06 -45.75
N GLU G 325 20.42 19.17 -44.44
CA GLU G 325 21.69 19.01 -43.75
C GLU G 325 21.87 17.62 -43.18
N THR G 326 22.79 16.82 -43.74
CA THR G 326 23.01 15.47 -43.20
C THR G 326 24.32 15.27 -42.44
N ILE G 327 25.12 16.32 -42.27
CA ILE G 327 26.37 16.17 -41.55
C ILE G 327 26.26 16.76 -40.13
N PHE G 328 25.70 17.96 -40.02
CA PHE G 328 25.55 18.62 -38.72
C PHE G 328 24.14 18.83 -38.12
N GLU G 329 24.03 18.58 -36.82
CA GLU G 329 22.77 18.71 -36.08
C GLU G 329 22.16 20.11 -35.97
N ASN G 330 22.94 21.04 -35.47
CA ASN G 330 22.48 22.42 -35.28
C ASN G 330 23.11 23.38 -36.29
N ARG G 331 23.11 22.99 -37.57
CA ARG G 331 23.71 23.83 -38.60
C ARG G 331 22.89 24.86 -39.35
N PHE G 332 21.84 25.33 -38.70
CA PHE G 332 20.92 26.31 -39.28
C PHE G 332 20.90 27.70 -38.66
N MET G 333 21.90 28.00 -37.81
CA MET G 333 21.97 29.30 -37.14
C MET G 333 21.66 30.52 -37.99
N HIS G 334 22.22 30.54 -39.17
CA HIS G 334 22.02 31.62 -40.13
C HIS G 334 20.55 31.86 -40.50
N VAL G 335 19.71 30.86 -40.34
CA VAL G 335 18.31 31.03 -40.74
C VAL G 335 17.56 32.13 -39.98
N PRO G 336 17.48 32.05 -38.65
CA PRO G 336 16.78 33.13 -37.92
C PRO G 336 17.42 34.47 -38.33
N GLU G 337 18.77 34.46 -38.37
CA GLU G 337 19.52 35.64 -38.76
C GLU G 337 19.05 36.22 -40.09
N LEU G 338 18.82 35.35 -41.07
CA LEU G 338 18.34 35.76 -42.39
C LEU G 338 16.89 36.22 -42.38
N ILE G 339 16.06 35.54 -41.61
CA ILE G 339 14.64 35.90 -41.48
C ILE G 339 14.59 37.30 -40.90
N ARG G 340 15.55 37.63 -40.04
CA ARG G 340 15.62 38.97 -39.48
C ARG G 340 15.74 40.00 -40.61
N MET G 341 16.31 39.54 -41.73
CA MET G 341 16.51 40.36 -42.92
C MET G 341 15.40 40.32 -43.96
N GLY G 342 14.28 39.69 -43.61
CA GLY G 342 13.16 39.58 -44.53
C GLY G 342 13.08 38.27 -45.28
N ALA G 343 13.85 37.27 -44.84
CA ALA G 343 13.83 35.98 -45.49
C ALA G 343 12.61 35.17 -45.07
N HIS G 344 12.14 34.34 -46.00
CA HIS G 344 10.99 33.47 -45.78
C HIS G 344 11.48 32.02 -45.67
N ALA G 345 11.41 31.44 -44.49
CA ALA G 345 11.88 30.07 -44.37
C ALA G 345 11.18 29.30 -43.28
N GLU G 346 11.17 28.00 -43.38
CA GLU G 346 10.60 27.12 -42.39
C GLU G 346 11.58 25.98 -42.11
N ILE G 347 11.91 25.69 -40.88
CA ILE G 347 12.80 24.59 -40.62
C ILE G 347 12.02 23.40 -40.12
N GLU G 348 12.22 22.23 -40.71
CA GLU G 348 11.65 21.03 -40.15
C GLU G 348 12.72 20.01 -39.90
N SER G 349 13.22 19.90 -38.70
CA SER G 349 14.27 18.96 -38.45
C SER G 349 15.54 19.34 -39.16
N ASN G 350 15.98 18.51 -40.07
CA ASN G 350 17.20 18.74 -40.79
C ASN G 350 17.03 19.36 -42.17
N THR G 351 15.86 19.87 -42.45
CA THR G 351 15.56 20.46 -43.73
C THR G 351 15.05 21.87 -43.57
N VAL G 352 15.44 22.76 -44.44
CA VAL G 352 14.91 24.12 -44.38
C VAL G 352 14.16 24.40 -45.69
N ILE G 353 12.88 24.77 -45.60
CA ILE G 353 12.14 25.08 -46.81
C ILE G 353 12.26 26.58 -47.07
N CYS G 354 12.88 26.91 -48.20
CA CYS G 354 13.14 28.28 -48.61
C CYS G 354 12.14 28.93 -49.53
N HIS G 355 11.57 30.04 -49.07
CA HIS G 355 10.59 30.78 -49.86
C HIS G 355 11.20 32.03 -50.48
N GLY G 356 11.82 31.84 -51.64
CA GLY G 356 12.47 32.95 -52.32
C GLY G 356 11.74 34.29 -52.29
N VAL G 357 12.44 35.32 -51.80
CA VAL G 357 11.90 36.67 -51.76
C VAL G 357 12.71 37.50 -52.74
N GLU G 358 12.07 38.51 -53.31
CA GLU G 358 12.71 39.39 -54.25
C GLU G 358 13.86 40.24 -53.71
N LYS G 359 13.77 40.58 -52.43
CA LYS G 359 14.79 41.40 -51.80
C LYS G 359 14.90 41.40 -50.28
N LEU G 360 16.12 41.56 -49.79
CA LEU G 360 16.36 41.59 -48.35
C LEU G 360 16.47 42.98 -47.77
N SER G 361 16.33 43.07 -46.45
CA SER G 361 16.41 44.34 -45.74
C SER G 361 17.57 44.30 -44.76
N GLY G 362 18.32 45.40 -44.71
CA GLY G 362 19.45 45.48 -43.80
C GLY G 362 18.98 45.38 -42.38
N ALA G 363 19.81 44.79 -41.52
CA ALA G 363 19.47 44.64 -40.10
C ALA G 363 20.73 44.22 -39.35
N GLN G 364 20.64 44.19 -38.04
CA GLN G 364 21.76 43.77 -37.22
C GLN G 364 21.67 42.25 -37.05
N VAL G 365 22.66 41.54 -37.59
CA VAL G 365 22.68 40.09 -37.50
C VAL G 365 23.89 39.64 -36.72
N MET G 366 23.93 38.36 -36.38
CA MET G 366 25.02 37.83 -35.58
C MET G 366 25.70 36.54 -36.05
N ALA G 367 27.01 36.62 -36.26
CA ALA G 367 27.79 35.47 -36.70
C ALA G 367 27.94 34.46 -35.57
N THR G 368 28.05 33.19 -35.92
CA THR G 368 28.17 32.11 -34.95
C THR G 368 29.07 30.99 -35.46
N ASP G 369 29.16 30.84 -36.76
CA ASP G 369 29.82 29.75 -37.41
C ASP G 369 30.93 30.22 -38.31
N LEU G 370 32.09 29.61 -38.23
CA LEU G 370 33.24 30.00 -39.04
C LEU G 370 33.14 29.90 -40.55
N ARG G 371 32.48 28.88 -41.08
CA ARG G 371 32.11 28.81 -42.50
C ARG G 371 30.75 29.40 -42.87
N ALA G 372 29.78 29.08 -42.06
CA ALA G 372 28.42 29.44 -42.34
C ALA G 372 28.13 30.92 -42.33
N SER G 373 28.67 31.62 -41.37
CA SER G 373 28.29 33.00 -41.07
C SER G 373 28.70 34.07 -42.09
N ALA G 374 29.55 33.70 -43.04
CA ALA G 374 29.94 34.57 -44.13
C ALA G 374 28.79 34.80 -45.09
N SER G 375 27.74 34.03 -44.93
CA SER G 375 26.48 34.24 -45.60
C SER G 375 25.83 35.53 -45.22
N LEU G 376 25.94 35.89 -43.97
CA LEU G 376 25.47 37.16 -43.47
C LEU G 376 26.18 38.36 -44.05
N VAL G 377 27.47 38.28 -44.28
CA VAL G 377 28.18 39.35 -44.95
C VAL G 377 27.68 39.42 -46.38
N LEU G 378 27.63 38.28 -47.05
CA LEU G 378 27.10 38.25 -48.40
C LEU G 378 25.67 38.82 -48.47
N ALA G 379 24.86 38.51 -47.46
CA ALA G 379 23.48 38.99 -47.38
C ALA G 379 23.51 40.52 -47.26
N GLY G 380 24.41 41.01 -46.42
CA GLY G 380 24.54 42.45 -46.24
C GLY G 380 24.83 43.10 -47.58
N CYS G 381 25.61 42.43 -48.42
CA CYS G 381 25.94 42.97 -49.72
C CYS G 381 24.75 43.25 -50.60
N ILE G 382 23.82 42.31 -50.64
CA ILE G 382 22.64 42.46 -51.47
C ILE G 382 21.42 42.98 -50.72
N ALA G 383 21.54 43.19 -49.42
CA ALA G 383 20.39 43.69 -48.66
C ALA G 383 20.11 45.16 -48.96
N GLU G 384 18.86 45.55 -48.75
CA GLU G 384 18.43 46.93 -48.97
C GLU G 384 18.72 47.68 -47.67
N GLY G 385 19.54 48.72 -47.75
CA GLY G 385 19.86 49.50 -46.56
C GLY G 385 21.21 49.15 -45.94
N THR G 386 21.32 49.36 -44.63
CA THR G 386 22.56 49.07 -43.92
C THR G 386 22.43 47.80 -43.10
N THR G 387 23.51 47.02 -43.06
CA THR G 387 23.53 45.77 -42.32
C THR G 387 24.74 45.74 -41.39
N VAL G 388 24.52 45.34 -40.14
CA VAL G 388 25.62 45.24 -39.20
C VAL G 388 25.75 43.77 -38.81
N VAL G 389 26.96 43.24 -38.94
CA VAL G 389 27.23 41.85 -38.59
C VAL G 389 28.13 41.81 -37.37
N ASP G 390 27.60 41.29 -36.26
CA ASP G 390 28.34 41.17 -35.00
C ASP G 390 29.16 39.92 -34.92
N ARG G 391 30.20 39.94 -34.10
CA ARG G 391 31.05 38.78 -33.94
C ARG G 391 31.83 38.31 -35.17
N ILE G 392 32.25 39.22 -36.02
CA ILE G 392 32.97 38.82 -37.21
C ILE G 392 34.22 37.97 -36.95
N TYR G 393 34.64 37.90 -35.69
CA TYR G 393 35.79 37.07 -35.37
C TYR G 393 35.66 35.67 -35.99
N HIS G 394 34.43 35.16 -36.05
CA HIS G 394 34.16 33.85 -36.64
C HIS G 394 34.65 33.80 -38.08
N ILE G 395 34.23 34.79 -38.87
CA ILE G 395 34.64 34.85 -40.26
C ILE G 395 36.16 34.86 -40.32
N ASP G 396 36.80 35.62 -39.43
CA ASP G 396 38.26 35.70 -39.38
C ASP G 396 38.91 34.38 -39.09
N ARG G 397 38.08 33.36 -38.92
CA ARG G 397 38.56 32.03 -38.64
C ARG G 397 38.74 31.21 -39.89
N GLY G 398 37.80 31.35 -40.82
CA GLY G 398 37.83 30.61 -42.07
C GLY G 398 37.99 31.42 -43.34
N TYR G 399 37.97 32.74 -43.23
CA TYR G 399 38.14 33.59 -44.40
C TYR G 399 39.26 34.58 -44.23
N GLU G 400 40.15 34.63 -45.21
CA GLU G 400 41.28 35.55 -45.19
C GLU G 400 40.84 36.89 -45.81
N ARG G 401 40.92 37.96 -45.02
CA ARG G 401 40.53 39.30 -45.49
C ARG G 401 39.30 39.29 -46.39
N ILE G 402 38.18 38.79 -45.89
CA ILE G 402 36.98 38.71 -46.72
C ILE G 402 36.41 40.05 -47.17
N GLU G 403 36.63 41.11 -46.38
CA GLU G 403 36.13 42.43 -46.77
C GLU G 403 36.93 42.94 -47.96
N ASP G 404 38.26 42.80 -47.86
CA ASP G 404 39.15 43.22 -48.94
C ASP G 404 38.72 42.63 -50.28
N LYS G 405 38.55 41.31 -50.31
CA LYS G 405 38.14 40.63 -51.54
C LYS G 405 36.75 41.09 -51.96
N LEU G 406 35.84 41.19 -51.01
CA LEU G 406 34.49 41.65 -51.29
C LEU G 406 34.52 43.06 -51.88
N ARG G 407 35.30 43.91 -51.22
CA ARG G 407 35.50 45.28 -51.61
C ARG G 407 35.99 45.40 -53.06
N ALA G 408 36.97 44.57 -53.41
CA ALA G 408 37.49 44.57 -54.77
C ALA G 408 36.39 44.13 -55.72
N LEU G 409 35.30 43.60 -55.15
CA LEU G 409 34.17 43.15 -55.94
C LEU G 409 33.08 44.19 -56.15
N GLY G 410 33.20 45.30 -55.44
CA GLY G 410 32.24 46.37 -55.55
C GLY G 410 31.33 46.49 -54.34
N ALA G 411 31.69 45.78 -53.28
CA ALA G 411 30.90 45.80 -52.06
C ALA G 411 31.22 47.05 -51.26
N ASN G 412 30.23 47.53 -50.53
CA ASN G 412 30.36 48.71 -49.67
C ASN G 412 30.42 48.20 -48.23
N ILE G 413 31.61 47.82 -47.79
CA ILE G 413 31.76 47.27 -46.46
C ILE G 413 32.89 47.90 -45.66
N GLU G 414 32.71 47.97 -44.34
CA GLU G 414 33.71 48.53 -43.42
C GLU G 414 33.93 47.81 -42.09
N ARG G 415 35.18 47.69 -41.68
CA ARG G 415 35.51 47.02 -40.42
C ARG G 415 35.52 47.87 -39.16
N VAL G 416 34.39 47.92 -38.46
CA VAL G 416 34.27 48.68 -37.22
C VAL G 416 34.82 47.89 -36.03
N LYS G 417 35.39 48.59 -35.06
CA LYS G 417 35.99 47.95 -33.89
C LYS G 417 35.29 47.79 -32.54
N GLY G 418 34.38 46.82 -32.45
CA GLY G 418 33.67 46.57 -31.21
C GLY G 418 32.53 47.53 -30.94
N GLU G 419 32.26 48.42 -31.89
CA GLU G 419 31.18 49.40 -31.76
C GLU G 419 30.81 50.20 -33.01
N MET H 1 -0.16 -18.96 -48.18
CA MET H 1 0.75 -19.24 -49.26
C MET H 1 1.79 -20.24 -48.76
N ASP H 2 2.99 -20.25 -49.34
CA ASP H 2 4.06 -21.05 -48.78
C ASP H 2 4.54 -20.55 -47.44
N LYS H 3 5.02 -21.49 -46.64
CA LYS H 3 5.35 -21.31 -45.27
C LYS H 3 6.66 -22.02 -45.00
N PHE H 4 7.33 -21.65 -43.93
CA PHE H 4 8.55 -22.31 -43.42
C PHE H 4 8.30 -22.70 -42.00
N ARG H 5 8.52 -23.97 -41.70
CA ARG H 5 8.32 -24.55 -40.38
C ARG H 5 9.71 -24.88 -39.87
N VAL H 6 10.13 -24.19 -38.82
CA VAL H 6 11.46 -24.39 -38.26
C VAL H 6 11.33 -24.85 -36.81
N GLN H 7 12.25 -25.72 -36.40
CA GLN H 7 12.28 -26.23 -35.03
C GLN H 7 13.68 -26.01 -34.47
N GLY H 8 13.76 -25.42 -33.28
CA GLY H 8 15.06 -25.17 -32.69
C GLY H 8 15.09 -25.46 -31.20
N PRO H 9 16.20 -25.14 -30.51
CA PRO H 9 17.40 -24.52 -31.09
C PRO H 9 18.22 -25.48 -31.94
N THR H 10 19.17 -24.94 -32.69
CA THR H 10 20.02 -25.73 -33.57
C THR H 10 21.33 -25.01 -33.93
N ARG H 11 22.44 -25.74 -33.86
CA ARG H 11 23.71 -25.16 -34.21
C ARG H 11 23.96 -25.20 -35.70
N LEU H 12 24.03 -24.04 -36.33
CA LEU H 12 24.28 -23.99 -37.75
C LEU H 12 25.75 -24.19 -38.05
N GLN H 13 26.09 -25.39 -38.54
CA GLN H 13 27.48 -25.74 -38.85
C GLN H 13 27.68 -26.49 -40.16
N GLY H 14 28.85 -26.34 -40.75
CA GLY H 14 29.13 -27.04 -41.99
C GLY H 14 29.60 -26.15 -43.11
N GLU H 15 29.20 -26.49 -44.34
CA GLU H 15 29.58 -25.69 -45.50
C GLU H 15 28.44 -25.11 -46.30
N VAL H 16 28.77 -24.21 -47.21
CA VAL H 16 27.77 -23.58 -48.04
C VAL H 16 28.47 -22.92 -49.22
N THR H 17 27.95 -23.18 -50.41
CA THR H 17 28.46 -22.63 -51.64
C THR H 17 27.59 -21.40 -51.85
N ILE H 18 28.20 -20.29 -52.24
CA ILE H 18 27.48 -19.04 -52.46
C ILE H 18 27.11 -18.89 -53.92
N SER H 19 25.88 -18.46 -54.19
CA SER H 19 25.45 -18.25 -55.58
C SER H 19 25.84 -16.86 -56.09
N GLY H 20 25.64 -16.63 -57.38
CA GLY H 20 25.94 -15.35 -57.98
C GLY H 20 25.05 -14.27 -57.35
N ALA H 21 25.59 -13.06 -57.25
CA ALA H 21 24.87 -11.96 -56.65
C ALA H 21 23.57 -11.62 -57.40
N LYS H 22 22.46 -11.61 -56.65
CA LYS H 22 21.17 -11.25 -57.25
C LYS H 22 21.26 -9.82 -57.77
N ASN H 23 21.97 -8.97 -57.02
CA ASN H 23 22.16 -7.56 -57.35
C ASN H 23 23.06 -7.18 -58.51
N ALA H 24 23.86 -8.14 -58.93
CA ALA H 24 24.73 -7.92 -60.09
C ALA H 24 23.98 -8.53 -61.29
N ALA H 25 23.39 -9.71 -61.09
CA ALA H 25 22.65 -10.38 -62.17
C ALA H 25 21.56 -9.48 -62.74
N LEU H 26 20.73 -8.92 -61.87
CA LEU H 26 19.65 -8.02 -62.30
C LEU H 26 20.06 -6.91 -63.29
N PRO H 27 20.96 -5.99 -62.88
CA PRO H 27 21.38 -4.91 -63.78
C PRO H 27 22.18 -5.37 -65.00
N ILE H 28 22.92 -6.46 -64.85
CA ILE H 28 23.68 -6.96 -65.98
C ILE H 28 22.70 -7.46 -67.06
N LEU H 29 21.64 -8.16 -66.65
CA LEU H 29 20.62 -8.65 -67.56
C LEU H 29 19.92 -7.51 -68.32
N PHE H 30 19.63 -6.43 -67.60
CA PHE H 30 18.99 -5.28 -68.22
C PHE H 30 19.98 -4.60 -69.17
N ALA H 31 21.27 -4.76 -68.86
CA ALA H 31 22.29 -4.15 -69.67
C ALA H 31 22.44 -4.91 -70.99
N ALA H 32 22.09 -6.19 -70.97
CA ALA H 32 22.17 -7.03 -72.16
C ALA H 32 21.31 -6.44 -73.27
N LEU H 33 20.32 -5.63 -72.90
CA LEU H 33 19.46 -4.98 -73.89
C LEU H 33 20.28 -4.14 -74.86
N LEU H 34 21.52 -3.86 -74.45
CA LEU H 34 22.43 -3.06 -75.26
C LEU H 34 23.25 -3.87 -76.27
N ALA H 35 23.40 -5.15 -76.00
CA ALA H 35 24.21 -6.01 -76.85
C ALA H 35 23.59 -6.37 -78.20
N GLU H 36 24.41 -6.29 -79.26
CA GLU H 36 23.96 -6.64 -80.60
C GLU H 36 24.28 -8.08 -80.94
N GLU H 37 25.21 -8.68 -80.19
CA GLU H 37 25.64 -10.05 -80.37
C GLU H 37 25.28 -10.91 -79.14
N PRO H 38 25.05 -12.22 -79.32
CA PRO H 38 24.68 -13.12 -78.21
C PRO H 38 25.52 -12.94 -76.95
N VAL H 39 24.84 -12.99 -75.81
CA VAL H 39 25.48 -12.83 -74.52
C VAL H 39 25.22 -14.00 -73.59
N GLU H 40 26.23 -14.36 -72.82
CA GLU H 40 26.10 -15.42 -71.84
C GLU H 40 26.43 -14.88 -70.45
N ILE H 41 25.49 -15.01 -69.52
CA ILE H 41 25.77 -14.52 -68.19
C ILE H 41 25.86 -15.69 -67.24
N GLN H 42 27.08 -15.99 -66.81
CA GLN H 42 27.36 -17.09 -65.92
C GLN H 42 27.05 -16.83 -64.46
N ASN H 43 26.90 -17.92 -63.70
CA ASN H 43 26.66 -17.84 -62.27
C ASN H 43 25.42 -17.07 -61.83
N VAL H 44 24.35 -17.16 -62.63
CA VAL H 44 23.11 -16.48 -62.32
C VAL H 44 22.27 -17.34 -61.38
N PRO H 45 21.96 -16.83 -60.19
CA PRO H 45 21.16 -17.60 -59.24
C PRO H 45 19.75 -17.88 -59.74
N LYS H 46 19.18 -18.99 -59.28
CA LYS H 46 17.81 -19.33 -59.63
C LYS H 46 16.84 -18.62 -58.68
N LEU H 47 16.31 -17.48 -59.13
CA LEU H 47 15.43 -16.64 -58.32
C LEU H 47 14.18 -16.12 -59.02
N LYS H 48 13.14 -15.84 -58.24
CA LYS H 48 11.93 -15.27 -58.81
C LYS H 48 12.19 -14.02 -59.67
N ASP H 49 12.99 -13.08 -59.16
CA ASP H 49 13.34 -11.86 -59.89
C ASP H 49 14.04 -12.13 -61.23
N ILE H 50 14.83 -13.20 -61.29
CA ILE H 50 15.47 -13.53 -62.56
C ILE H 50 14.38 -14.03 -63.53
N ASP H 51 13.39 -14.74 -63.00
CA ASP H 51 12.28 -15.23 -63.82
C ASP H 51 11.52 -14.04 -64.40
N THR H 52 11.20 -13.09 -63.54
CA THR H 52 10.48 -11.92 -64.00
C THR H 52 11.32 -11.14 -65.01
N THR H 53 12.61 -11.00 -64.75
CA THR H 53 13.49 -10.29 -65.69
C THR H 53 13.49 -11.03 -67.02
N MET H 54 13.68 -12.35 -66.97
CA MET H 54 13.66 -13.15 -68.18
C MET H 54 12.37 -12.88 -68.95
N LYS H 55 11.26 -12.92 -68.21
CA LYS H 55 9.93 -12.67 -68.77
C LYS H 55 9.89 -11.31 -69.46
N LEU H 56 10.15 -10.26 -68.68
CA LEU H 56 10.18 -8.90 -69.19
C LEU H 56 10.97 -8.79 -70.49
N LEU H 57 12.19 -9.35 -70.46
CA LEU H 57 13.07 -9.36 -71.63
C LEU H 57 12.43 -10.03 -72.82
N THR H 58 11.73 -11.14 -72.55
CA THR H 58 11.05 -11.88 -73.60
C THR H 58 10.04 -10.93 -74.17
N GLN H 59 9.24 -10.32 -73.30
CA GLN H 59 8.23 -9.35 -73.72
C GLN H 59 8.79 -8.24 -74.60
N LEU H 60 10.10 -8.05 -74.56
CA LEU H 60 10.77 -7.04 -75.36
C LEU H 60 11.24 -7.55 -76.71
N GLY H 61 11.15 -8.86 -76.91
CA GLY H 61 11.60 -9.42 -78.16
C GLY H 61 12.99 -10.00 -78.05
N THR H 62 13.48 -10.15 -76.82
CA THR H 62 14.81 -10.73 -76.63
C THR H 62 14.70 -12.24 -76.60
N LYS H 63 15.65 -12.93 -77.20
CA LYS H 63 15.65 -14.39 -77.17
C LYS H 63 16.33 -14.78 -75.84
N VAL H 64 15.58 -15.36 -74.90
CA VAL H 64 16.16 -15.69 -73.60
C VAL H 64 16.09 -17.15 -73.18
N GLU H 65 17.22 -17.67 -72.70
CA GLU H 65 17.36 -19.06 -72.22
C GLU H 65 18.25 -19.21 -70.97
N ARG H 66 17.85 -20.06 -70.04
CA ARG H 66 18.63 -20.31 -68.82
C ARG H 66 18.76 -21.79 -68.41
N IAS H 67 19.65 -22.06 -67.45
CA IAS H 67 19.87 -23.41 -66.94
C IAS H 67 18.91 -23.83 -65.82
O IAS H 67 17.90 -23.12 -65.61
CB IAS H 67 21.34 -23.73 -66.63
CG IAS H 67 21.94 -22.79 -65.59
OD1 IAS H 67 21.26 -21.90 -65.08
OXT IAS H 67 19.18 -24.86 -65.17
N GLY H 68 23.21 -23.01 -65.27
CA GLY H 68 23.90 -22.17 -64.32
C GLY H 68 24.01 -20.76 -64.88
N SER H 69 23.64 -20.62 -66.15
CA SER H 69 23.68 -19.33 -66.79
C SER H 69 22.46 -18.89 -67.56
N VAL H 70 22.46 -17.64 -68.01
CA VAL H 70 21.37 -17.13 -68.81
C VAL H 70 21.97 -16.67 -70.14
N TRP H 71 21.42 -17.20 -71.23
CA TRP H 71 21.85 -16.86 -72.59
C TRP H 71 20.88 -15.84 -73.18
N ILE H 72 21.43 -14.72 -73.64
CA ILE H 72 20.64 -13.64 -74.20
C ILE H 72 20.99 -13.29 -75.64
N ASP H 73 19.95 -13.13 -76.44
CA ASP H 73 20.07 -12.72 -77.83
C ASP H 73 19.17 -11.50 -77.99
N ALA H 74 19.73 -10.31 -77.79
CA ALA H 74 18.94 -9.08 -77.92
C ALA H 74 19.24 -8.35 -79.23
N SER H 75 19.61 -9.10 -80.27
CA SER H 75 19.90 -8.49 -81.56
C SER H 75 18.63 -7.93 -82.16
N ASN H 76 17.51 -8.38 -81.63
CA ASN H 76 16.21 -7.94 -82.09
C ASN H 76 15.28 -7.58 -80.94
N VAL H 77 14.85 -6.33 -80.89
CA VAL H 77 13.95 -5.88 -79.84
C VAL H 77 12.78 -5.19 -80.53
N ASN H 78 11.59 -5.78 -80.39
CA ASN H 78 10.41 -5.24 -81.03
C ASN H 78 9.40 -4.49 -80.15
N ASN H 79 9.63 -4.54 -78.85
CA ASN H 79 8.76 -3.89 -77.86
C ASN H 79 9.60 -2.98 -76.97
N PHE H 80 9.06 -1.84 -76.56
CA PHE H 80 9.82 -0.89 -75.75
C PHE H 80 9.26 -0.52 -74.37
N SER H 81 8.39 -1.36 -73.81
CA SER H 81 7.82 -1.05 -72.50
C SER H 81 7.72 -2.04 -71.35
N ALA H 82 8.07 -1.57 -70.16
CA ALA H 82 7.96 -2.40 -68.96
C ALA H 82 6.55 -2.14 -68.45
N PRO H 83 5.62 -3.09 -68.65
CA PRO H 83 4.22 -2.93 -68.20
C PRO H 83 4.02 -2.81 -66.70
N TYR H 84 2.84 -2.32 -66.31
CA TYR H 84 2.44 -2.13 -64.92
C TYR H 84 2.67 -3.38 -64.07
N ASP H 85 2.15 -4.51 -64.55
CA ASP H 85 2.28 -5.80 -63.88
C ASP H 85 3.69 -6.24 -63.54
N LEU H 86 4.61 -6.05 -64.47
CA LEU H 86 6.00 -6.41 -64.24
C LEU H 86 6.66 -5.50 -63.21
N VAL H 87 6.47 -4.20 -63.35
CA VAL H 87 7.05 -3.25 -62.43
C VAL H 87 6.47 -3.53 -61.04
N LYS H 88 5.15 -3.78 -61.00
CA LYS H 88 4.46 -4.08 -59.75
C LYS H 88 5.06 -5.23 -58.93
N THR H 89 5.38 -6.33 -59.60
CA THR H 89 5.95 -7.47 -58.91
C THR H 89 7.45 -7.27 -58.77
N MET H 90 8.03 -6.46 -59.64
CA MET H 90 9.47 -6.19 -59.62
C MET H 90 9.99 -4.80 -59.99
N ARG H 91 10.24 -3.97 -58.97
CA ARG H 91 10.73 -2.60 -59.20
C ARG H 91 11.98 -2.40 -60.07
N ALA H 92 12.94 -3.31 -59.96
CA ALA H 92 14.18 -3.24 -60.72
C ALA H 92 13.88 -3.10 -62.22
N SER H 93 12.61 -3.27 -62.59
CA SER H 93 12.11 -3.12 -63.96
C SER H 93 12.44 -1.77 -64.59
N ILE H 94 12.70 -0.79 -63.72
CA ILE H 94 13.06 0.56 -64.11
C ILE H 94 14.34 0.48 -64.94
N TRP H 95 15.17 -0.52 -64.65
CA TRP H 95 16.40 -0.72 -65.41
C TRP H 95 16.30 -0.88 -66.96
N ALA H 96 15.15 -1.29 -67.46
CA ALA H 96 14.99 -1.46 -68.90
C ALA H 96 15.02 -0.09 -69.58
N LEU H 97 14.69 0.93 -68.79
CA LEU H 97 14.64 2.29 -69.28
C LEU H 97 15.87 2.85 -69.96
N GLY H 98 16.97 2.94 -69.21
CA GLY H 98 18.20 3.48 -69.75
C GLY H 98 18.64 2.86 -71.06
N PRO H 99 18.89 1.54 -71.09
CA PRO H 99 19.31 0.77 -72.27
C PRO H 99 18.38 1.04 -73.44
N LEU H 100 17.09 0.96 -73.18
CA LEU H 100 16.12 1.19 -74.24
C LEU H 100 16.29 2.49 -75.01
N VAL H 101 16.24 3.60 -74.29
CA VAL H 101 16.38 4.90 -74.92
C VAL H 101 17.76 5.10 -75.55
N ALA H 102 18.80 4.58 -74.89
CA ALA H 102 20.16 4.69 -75.38
C ALA H 102 20.34 3.94 -76.70
N ARG H 103 19.79 2.74 -76.76
CA ARG H 103 19.92 1.96 -77.96
C ARG H 103 18.91 2.23 -79.06
N PHE H 104 17.67 2.42 -78.67
CA PHE H 104 16.58 2.62 -79.60
C PHE H 104 15.99 4.02 -79.69
N GLY H 105 16.41 4.90 -78.78
CA GLY H 105 15.90 6.25 -78.77
C GLY H 105 14.50 6.33 -78.20
N GLN H 106 14.11 5.35 -77.40
CA GLN H 106 12.77 5.34 -76.81
C GLN H 106 12.57 4.21 -75.81
N GLY H 107 11.75 4.46 -74.79
CA GLY H 107 11.51 3.46 -73.78
C GLY H 107 10.41 3.91 -72.83
N GLN H 108 9.72 2.93 -72.27
CA GLN H 108 8.62 3.18 -71.35
C GLN H 108 8.70 2.21 -70.20
N VAL H 109 8.39 2.71 -69.02
CA VAL H 109 8.36 1.88 -67.83
C VAL H 109 7.31 2.41 -66.86
N SER H 110 6.49 1.52 -66.33
CA SER H 110 5.48 1.90 -65.35
C SER H 110 6.20 2.46 -64.12
N LEU H 111 5.76 3.62 -63.66
CA LEU H 111 6.37 4.25 -62.49
C LEU H 111 6.10 3.47 -61.22
N PRO H 112 7.15 2.97 -60.55
CA PRO H 112 6.93 2.20 -59.33
C PRO H 112 6.23 3.05 -58.27
N GLY H 113 5.59 2.39 -57.30
CA GLY H 113 4.90 3.09 -56.25
C GLY H 113 5.62 2.83 -54.95
N GLY H 114 4.93 3.03 -53.84
CA GLY H 114 5.56 2.81 -52.55
C GLY H 114 6.10 1.40 -52.38
N ASP H 115 7.22 1.30 -51.68
CA ASP H 115 7.85 0.02 -51.41
C ASP H 115 7.70 -0.38 -49.95
N ALA H 116 8.00 -1.63 -49.64
CA ALA H 116 7.87 -2.14 -48.28
C ALA H 116 8.71 -1.33 -47.28
N ILE H 117 9.98 -1.15 -47.62
CA ILE H 117 10.95 -0.46 -46.78
C ILE H 117 11.02 1.06 -46.92
N GLY H 118 10.32 1.60 -47.91
CA GLY H 118 10.32 3.04 -48.14
C GLY H 118 9.72 3.35 -49.51
N ALA H 119 9.36 4.61 -49.73
CA ALA H 119 8.75 5.03 -50.99
C ALA H 119 9.64 4.72 -52.20
N ARG H 120 10.95 4.86 -52.04
CA ARG H 120 11.89 4.55 -53.12
C ARG H 120 11.69 5.28 -54.46
N PRO H 121 11.78 6.61 -54.47
CA PRO H 121 11.60 7.32 -55.75
C PRO H 121 12.66 6.95 -56.77
N VAL H 122 12.45 7.34 -58.02
CA VAL H 122 13.39 7.05 -59.09
C VAL H 122 13.74 8.35 -59.80
N ASP H 123 13.48 9.45 -59.09
CA ASP H 123 13.76 10.81 -59.53
C ASP H 123 15.13 10.97 -60.18
N LEU H 124 16.15 10.37 -59.55
CA LEU H 124 17.52 10.43 -60.03
C LEU H 124 17.74 9.70 -61.35
N HIS H 125 16.98 8.63 -61.54
CA HIS H 125 17.03 7.86 -62.79
C HIS H 125 16.60 8.78 -63.93
N ILE H 126 15.42 9.36 -63.76
CA ILE H 126 14.83 10.24 -64.72
C ILE H 126 15.73 11.43 -64.97
N PHE H 127 16.18 12.09 -63.89
CA PHE H 127 17.06 13.24 -64.00
C PHE H 127 18.33 12.95 -64.77
N GLY H 128 18.97 11.84 -64.40
CA GLY H 128 20.18 11.42 -65.06
C GLY H 128 19.96 11.22 -66.55
N LEU H 129 18.85 10.59 -66.94
CA LEU H 129 18.54 10.39 -68.35
C LEU H 129 18.32 11.73 -69.07
N GLU H 130 17.61 12.64 -68.43
CA GLU H 130 17.36 13.98 -68.97
C GLU H 130 18.66 14.73 -69.25
N LYS H 131 19.62 14.63 -68.33
CA LYS H 131 20.90 15.29 -68.51
C LYS H 131 21.65 14.75 -69.71
N LEU H 132 21.34 13.49 -70.03
CA LEU H 132 21.95 12.84 -71.18
C LEU H 132 21.27 13.29 -72.46
N GLY H 133 20.22 14.10 -72.29
CA GLY H 133 19.47 14.62 -73.42
C GLY H 133 18.10 13.99 -73.66
N ALA H 134 17.70 13.03 -72.83
CA ALA H 134 16.42 12.40 -73.10
C ALA H 134 15.27 13.30 -72.70
N GLU H 135 14.23 13.30 -73.51
CA GLU H 135 13.05 14.08 -73.22
C GLU H 135 12.18 13.09 -72.49
N ILE H 136 11.78 13.45 -71.28
CA ILE H 136 10.96 12.57 -70.46
C ILE H 136 9.63 13.18 -70.05
N LYS H 137 8.58 12.37 -70.14
CA LYS H 137 7.24 12.77 -69.74
C LYS H 137 6.52 11.67 -68.93
N LEU H 138 5.44 12.02 -68.26
CA LEU H 138 4.67 11.06 -67.46
C LEU H 138 3.24 10.94 -67.99
N GLU H 139 2.87 9.74 -68.43
CA GLU H 139 1.55 9.46 -68.98
C GLU H 139 0.88 8.20 -68.44
N GLU H 140 -0.28 8.37 -67.79
CA GLU H 140 -0.98 7.21 -67.26
C GLU H 140 -0.10 6.35 -66.35
N GLY H 141 0.75 7.00 -65.56
CA GLY H 141 1.62 6.26 -64.67
C GLY H 141 2.84 5.68 -65.36
N TYR H 142 3.05 6.05 -66.61
CA TYR H 142 4.20 5.57 -67.37
C TYR H 142 5.30 6.61 -67.58
N VAL H 143 6.54 6.22 -67.27
CA VAL H 143 7.68 7.11 -67.50
C VAL H 143 8.06 6.93 -68.98
N LYS H 144 7.76 7.95 -69.79
CA LYS H 144 8.06 7.92 -71.23
C LYS H 144 9.29 8.72 -71.63
N ALA H 145 10.29 8.02 -72.17
CA ALA H 145 11.52 8.67 -72.58
C ALA H 145 11.81 8.52 -74.07
N SER H 146 12.38 9.57 -74.64
CA SER H 146 12.73 9.58 -76.05
C SER H 146 13.90 10.51 -76.34
N VAL H 147 14.67 10.18 -77.36
CA VAL H 147 15.77 11.04 -77.73
C VAL H 147 15.90 11.11 -79.24
N ASN H 148 15.90 12.33 -79.76
CA ASN H 148 16.04 12.53 -81.19
C ASN H 148 17.49 12.30 -81.60
N GLY H 149 17.83 11.06 -81.90
CA GLY H 149 19.19 10.72 -82.28
C GLY H 149 19.88 10.04 -81.10
N ARG H 150 21.18 10.27 -80.95
CA ARG H 150 21.90 9.67 -79.85
C ARG H 150 21.93 10.50 -78.60
N LEU H 151 22.10 9.84 -77.47
CA LEU H 151 22.21 10.51 -76.19
C LEU H 151 23.49 11.33 -76.20
N LYS H 152 23.53 12.36 -75.37
CA LYS H 152 24.69 13.24 -75.29
C LYS H 152 25.43 13.16 -73.96
N GLY H 153 26.71 12.80 -74.02
CA GLY H 153 27.50 12.72 -72.80
C GLY H 153 27.49 14.03 -72.03
N ALA H 154 27.47 13.92 -70.72
CA ALA H 154 27.45 15.12 -69.91
C ALA H 154 28.10 14.91 -68.53
N HIS H 155 28.34 16.02 -67.84
CA HIS H 155 28.92 15.94 -66.52
C HIS H 155 27.74 15.87 -65.55
N ILE H 156 27.65 14.81 -64.78
CA ILE H 156 26.54 14.71 -63.87
C ILE H 156 27.02 14.45 -62.47
N VAL H 157 26.57 15.25 -61.52
CA VAL H 157 26.95 15.06 -60.14
C VAL H 157 25.66 14.60 -59.45
N MET H 158 25.70 13.39 -58.91
CA MET H 158 24.54 12.79 -58.22
C MET H 158 24.16 13.47 -56.92
N ASP H 159 22.89 13.85 -56.79
CA ASP H 159 22.40 14.48 -55.56
C ASP H 159 22.63 13.59 -54.35
N LYS H 160 22.31 12.31 -54.53
CA LYS H 160 22.51 11.31 -53.50
C LYS H 160 23.20 10.08 -54.04
N VAL H 161 23.71 9.23 -53.15
CA VAL H 161 24.40 8.03 -53.58
C VAL H 161 23.35 7.00 -53.91
N SER H 162 23.21 6.70 -55.19
CA SER H 162 22.22 5.74 -55.65
C SER H 162 22.74 4.62 -56.51
N VAL H 163 22.56 3.39 -56.04
CA VAL H 163 23.00 2.25 -56.82
C VAL H 163 22.22 2.20 -58.13
N GLY H 164 20.90 2.17 -58.01
CA GLY H 164 20.06 2.08 -59.19
C GLY H 164 20.29 3.14 -60.26
N ALA H 165 20.37 4.41 -59.82
CA ALA H 165 20.53 5.51 -60.75
C ALA H 165 21.89 5.53 -61.44
N THR H 166 22.90 5.01 -60.75
CA THR H 166 24.25 4.94 -61.32
C THR H 166 24.28 3.90 -62.44
N VAL H 167 23.57 2.79 -62.25
CA VAL H 167 23.50 1.77 -63.29
C VAL H 167 22.71 2.29 -64.50
N THR H 168 21.60 2.97 -64.25
CA THR H 168 20.83 3.52 -65.37
C THR H 168 21.69 4.52 -66.14
N ILE H 169 22.19 5.54 -65.45
CA ILE H 169 23.01 6.54 -66.09
C ILE H 169 24.20 5.93 -66.78
N MET H 170 24.89 5.03 -66.08
CA MET H 170 26.06 4.35 -66.62
C MET H 170 25.78 3.57 -67.90
N SER H 171 24.73 2.76 -67.85
CA SER H 171 24.37 1.95 -68.99
C SER H 171 24.01 2.77 -70.21
N ALA H 172 23.07 3.69 -70.03
CA ALA H 172 22.63 4.52 -71.12
C ALA H 172 23.79 5.25 -71.77
N ALA H 173 24.75 5.69 -70.95
CA ALA H 173 25.91 6.46 -71.41
C ALA H 173 26.89 5.71 -72.30
N THR H 174 26.91 4.38 -72.20
CA THR H 174 27.85 3.62 -73.04
C THR H 174 27.56 3.84 -74.52
N LEU H 175 26.38 4.32 -74.85
CA LEU H 175 26.02 4.57 -76.25
C LEU H 175 25.89 6.03 -76.65
N ALA H 176 26.11 6.93 -75.71
CA ALA H 176 25.97 8.35 -75.98
C ALA H 176 27.15 8.93 -76.74
N GLU H 177 26.91 10.02 -77.43
CA GLU H 177 27.98 10.71 -78.16
C GLU H 177 28.79 11.49 -77.12
N GLY H 178 30.10 11.21 -77.04
CA GLY H 178 30.92 11.94 -76.11
C GLY H 178 31.18 11.29 -74.76
N THR H 179 31.80 12.04 -73.87
CA THR H 179 32.16 11.58 -72.54
C THR H 179 31.11 11.88 -71.45
N THR H 180 30.90 10.92 -70.57
CA THR H 180 29.96 11.10 -69.47
C THR H 180 30.73 10.87 -68.18
N ILE H 181 30.47 11.73 -67.21
CA ILE H 181 31.14 11.64 -65.94
C ILE H 181 30.07 11.57 -64.86
N ILE H 182 30.07 10.50 -64.09
CA ILE H 182 29.10 10.33 -63.04
C ILE H 182 29.87 10.68 -61.77
N GLU H 183 29.53 11.82 -61.18
CA GLU H 183 30.19 12.21 -59.96
C GLU H 183 29.35 11.83 -58.76
N ASN H 184 30.01 11.32 -57.73
CA ASN H 184 29.29 10.89 -56.53
C ASN H 184 28.51 9.60 -56.86
N ALA H 185 29.04 8.83 -57.79
CA ALA H 185 28.46 7.55 -58.20
C ALA H 185 28.51 6.55 -57.03
N ALA H 186 27.55 5.62 -57.00
CA ALA H 186 27.54 4.62 -55.95
C ALA H 186 28.77 3.74 -56.20
N ARG H 187 29.31 3.17 -55.13
CA ARG H 187 30.48 2.33 -55.20
C ARG H 187 30.28 0.81 -55.08
N GLU H 188 29.03 0.39 -54.98
CA GLU H 188 28.70 -1.02 -54.85
C GLU H 188 29.51 -1.96 -55.76
N PRO H 189 29.84 -3.16 -55.26
CA PRO H 189 30.61 -4.14 -56.05
C PRO H 189 29.81 -4.52 -57.31
N GLU H 190 28.48 -4.43 -57.17
CA GLU H 190 27.55 -4.71 -58.27
C GLU H 190 27.69 -3.70 -59.43
N ILE H 191 28.04 -2.46 -59.09
CA ILE H 191 28.24 -1.38 -60.05
C ILE H 191 29.50 -1.75 -60.82
N VAL H 192 30.52 -2.16 -60.09
CA VAL H 192 31.80 -2.59 -60.68
C VAL H 192 31.51 -3.73 -61.65
N ASP H 193 30.67 -4.67 -61.22
CA ASP H 193 30.32 -5.83 -62.03
C ASP H 193 29.66 -5.48 -63.35
N THR H 194 28.63 -4.63 -63.27
CA THR H 194 27.89 -4.18 -64.45
C THR H 194 28.83 -3.41 -65.38
N ALA H 195 29.72 -2.63 -64.77
CA ALA H 195 30.67 -1.84 -65.53
C ALA H 195 31.60 -2.77 -66.32
N ASN H 196 32.11 -3.81 -65.65
CA ASN H 196 33.02 -4.77 -66.30
C ASN H 196 32.34 -5.51 -67.44
N PHE H 197 31.07 -5.84 -67.20
CA PHE H 197 30.21 -6.50 -68.17
C PHE H 197 30.19 -5.62 -69.42
N LEU H 198 29.79 -4.37 -69.23
CA LEU H 198 29.74 -3.41 -70.33
C LEU H 198 31.07 -3.38 -71.10
N VAL H 199 32.17 -3.30 -70.37
CA VAL H 199 33.48 -3.28 -71.01
C VAL H 199 33.67 -4.56 -71.83
N ALA H 200 33.30 -5.70 -71.26
CA ALA H 200 33.43 -6.99 -71.98
C ALA H 200 32.79 -6.85 -73.35
N LEU H 201 31.64 -6.17 -73.36
CA LEU H 201 30.88 -5.90 -74.59
C LEU H 201 31.44 -4.81 -75.52
N GLY H 202 32.52 -4.14 -75.09
CA GLY H 202 33.10 -3.09 -75.91
C GLY H 202 32.91 -1.66 -75.40
N ALA H 203 32.38 -1.49 -74.19
CA ALA H 203 32.19 -0.14 -73.65
C ALA H 203 33.47 0.41 -73.05
N LYS H 204 33.55 1.73 -72.99
CA LYS H 204 34.71 2.43 -72.43
C LYS H 204 34.35 3.03 -71.08
N ILE H 205 34.81 2.38 -70.02
CA ILE H 205 34.50 2.82 -68.67
C ILE H 205 35.67 2.73 -67.69
N SER H 206 35.79 3.77 -66.88
CA SER H 206 36.83 3.84 -65.85
C SER H 206 36.28 4.52 -64.61
N GLY H 207 36.80 4.14 -63.46
CA GLY H 207 36.35 4.75 -62.23
C GLY H 207 35.34 3.89 -61.49
N GLN H 208 34.82 2.85 -62.15
CA GLN H 208 33.87 2.00 -61.46
C GLN H 208 34.45 1.58 -60.11
N GLY H 209 33.67 1.74 -59.06
CA GLY H 209 34.16 1.38 -57.74
C GLY H 209 34.57 2.61 -56.95
N THR H 210 34.94 3.68 -57.65
CA THR H 210 35.32 4.94 -57.00
C THR H 210 34.15 5.91 -57.18
N ASP H 211 34.19 7.05 -56.52
CA ASP H 211 33.11 8.03 -56.64
C ASP H 211 33.00 8.82 -57.95
N ARG H 212 33.82 8.43 -58.93
CA ARG H 212 33.88 9.10 -60.22
C ARG H 212 33.98 8.13 -61.40
N ILE H 213 32.85 7.91 -62.07
CA ILE H 213 32.82 7.00 -63.21
C ILE H 213 32.81 7.78 -64.53
N THR H 214 33.71 7.39 -65.42
CA THR H 214 33.80 8.05 -66.71
C THR H 214 33.49 7.09 -67.85
N ILE H 215 32.59 7.51 -68.74
CA ILE H 215 32.19 6.71 -69.88
C ILE H 215 32.44 7.41 -71.22
N GLU H 216 33.16 6.74 -72.12
CA GLU H 216 33.38 7.33 -73.44
C GLU H 216 32.43 6.59 -74.38
N GLY H 217 31.40 7.27 -74.84
CA GLY H 217 30.43 6.62 -75.70
C GLY H 217 31.01 5.90 -76.91
N VAL H 218 30.46 4.74 -77.22
CA VAL H 218 30.90 4.01 -78.39
C VAL H 218 29.73 3.92 -79.35
N GLU H 219 30.02 3.45 -80.56
CA GLU H 219 29.02 3.31 -81.59
C GLU H 219 28.05 2.15 -81.37
N ARG H 220 28.57 1.04 -80.88
CA ARG H 220 27.76 -0.16 -80.66
C ARG H 220 28.43 -1.09 -79.66
N LEU H 221 27.66 -2.03 -79.15
CA LEU H 221 28.15 -3.03 -78.21
C LEU H 221 27.90 -4.43 -78.84
N GLY H 222 28.85 -5.35 -78.70
CA GLY H 222 28.66 -6.68 -79.26
C GLY H 222 28.19 -7.66 -78.22
N GLY H 223 28.67 -8.90 -78.30
CA GLY H 223 28.28 -9.91 -77.33
C GLY H 223 29.44 -10.31 -76.45
N GLY H 224 29.31 -11.42 -75.72
CA GLY H 224 30.38 -11.86 -74.85
C GLY H 224 29.94 -12.78 -73.74
N VAL H 225 30.91 -13.28 -72.97
CA VAL H 225 30.62 -14.17 -71.84
C VAL H 225 31.03 -13.43 -70.58
N TYR H 226 30.18 -13.52 -69.55
CA TYR H 226 30.46 -12.82 -68.30
C TYR H 226 30.00 -13.54 -67.05
N ARG H 227 30.92 -13.74 -66.12
CA ARG H 227 30.58 -14.41 -64.86
C ARG H 227 30.28 -13.45 -63.71
N VAL H 228 29.05 -13.50 -63.23
CA VAL H 228 28.61 -12.65 -62.13
C VAL H 228 29.39 -12.97 -60.85
N LEU H 229 29.59 -11.96 -60.02
CA LEU H 229 30.29 -12.13 -58.75
C LEU H 229 29.39 -12.74 -57.67
N PRO H 230 30.00 -13.28 -56.61
CA PRO H 230 29.25 -13.90 -55.51
C PRO H 230 28.32 -12.88 -54.85
N ASP H 231 27.19 -13.38 -54.32
CA ASP H 231 26.18 -12.57 -53.63
C ASP H 231 26.76 -12.28 -52.25
N ARG H 232 27.19 -11.03 -52.03
CA ARG H 232 27.75 -10.64 -50.75
C ARG H 232 26.76 -10.73 -49.61
N ILE H 233 25.51 -10.46 -49.91
CA ILE H 233 24.47 -10.49 -48.89
C ILE H 233 24.11 -11.91 -48.50
N GLU H 234 24.19 -12.83 -49.46
CA GLU H 234 23.92 -14.24 -49.16
C GLU H 234 25.04 -14.69 -48.23
N THR H 235 26.26 -14.37 -48.63
CA THR H 235 27.43 -14.71 -47.84
C THR H 235 27.32 -14.19 -46.41
N GLY H 236 26.86 -12.95 -46.26
CA GLY H 236 26.73 -12.39 -44.93
C GLY H 236 25.67 -13.05 -44.08
N THR H 237 24.57 -13.40 -44.72
CA THR H 237 23.44 -14.05 -44.06
C THR H 237 23.89 -15.43 -43.50
N PHE H 238 24.72 -16.14 -44.26
CA PHE H 238 25.24 -17.41 -43.79
C PHE H 238 26.24 -17.26 -42.63
N LEU H 239 27.10 -16.25 -42.72
CA LEU H 239 28.08 -15.96 -41.68
C LEU H 239 27.33 -15.67 -40.37
N VAL H 240 26.32 -14.81 -40.49
CA VAL H 240 25.50 -14.47 -39.35
C VAL H 240 24.79 -15.70 -38.80
N ALA H 241 24.42 -16.62 -39.67
CA ALA H 241 23.72 -17.84 -39.25
C ALA H 241 24.58 -18.64 -38.27
N ALA H 242 25.86 -18.81 -38.59
CA ALA H 242 26.78 -19.53 -37.71
C ALA H 242 27.03 -18.69 -36.45
N ALA H 243 27.23 -17.38 -36.67
CA ALA H 243 27.52 -16.43 -35.61
C ALA H 243 26.49 -16.28 -34.52
N ILE H 244 25.22 -16.55 -34.79
CA ILE H 244 24.20 -16.41 -33.77
C ILE H 244 23.77 -17.75 -33.22
N SER H 245 24.34 -18.82 -33.77
CA SER H 245 24.02 -20.17 -33.33
C SER H 245 25.17 -20.85 -32.60
N GLY H 246 26.30 -20.16 -32.48
CA GLY H 246 27.45 -20.75 -31.82
C GLY H 246 28.16 -21.70 -32.75
N GLY H 247 27.68 -21.74 -33.99
CA GLY H 247 28.23 -22.62 -35.00
C GLY H 247 29.54 -22.26 -35.68
N LYS H 248 29.85 -23.04 -36.70
CA LYS H 248 31.06 -22.91 -37.48
C LYS H 248 30.70 -23.10 -38.96
N ILE H 249 31.37 -22.39 -39.85
CA ILE H 249 31.01 -22.48 -41.25
C ILE H 249 32.09 -21.97 -42.18
N VAL H 250 32.04 -22.46 -43.42
CA VAL H 250 32.95 -22.05 -44.46
C VAL H 250 32.10 -21.69 -45.70
N CYS H 251 32.33 -20.51 -46.26
CA CYS H 251 31.63 -20.05 -47.45
C CYS H 251 32.48 -20.26 -48.68
N ARG H 252 32.01 -21.13 -49.57
CA ARG H 252 32.72 -21.43 -50.82
C ARG H 252 32.20 -20.51 -51.92
N ASN H 253 33.02 -20.23 -52.92
CA ASN H 253 32.59 -19.35 -53.99
C ASN H 253 32.25 -17.95 -53.49
N ALA H 254 32.96 -17.50 -52.47
CA ALA H 254 32.74 -16.20 -51.84
C ALA H 254 33.73 -15.17 -52.33
N GLN H 255 33.49 -13.91 -51.97
CA GLN H 255 34.38 -12.81 -52.36
C GLN H 255 34.53 -11.85 -51.21
N PRO H 256 35.38 -12.21 -50.25
CA PRO H 256 35.70 -11.48 -49.02
C PRO H 256 35.80 -9.96 -49.16
N ASP H 257 36.55 -9.49 -50.16
CA ASP H 257 36.73 -8.05 -50.38
C ASP H 257 35.46 -7.22 -50.51
N THR H 258 34.36 -7.88 -50.84
CA THR H 258 33.10 -7.18 -50.99
C THR H 258 32.36 -7.05 -49.67
N LEU H 259 32.85 -7.73 -48.64
CA LEU H 259 32.19 -7.69 -47.33
C LEU H 259 32.92 -7.26 -46.07
N ASP H 260 33.98 -6.47 -46.24
CA ASP H 260 34.78 -5.97 -45.12
C ASP H 260 34.05 -5.42 -43.89
N ALA H 261 33.06 -4.57 -44.10
CA ALA H 261 32.32 -3.98 -43.00
C ALA H 261 31.55 -5.01 -42.16
N VAL H 262 30.97 -6.01 -42.84
CA VAL H 262 30.22 -7.06 -42.19
C VAL H 262 31.20 -7.94 -41.45
N LEU H 263 32.32 -8.23 -42.10
CA LEU H 263 33.38 -9.03 -41.50
C LEU H 263 33.91 -8.36 -40.22
N ALA H 264 34.19 -7.06 -40.31
CA ALA H 264 34.70 -6.32 -39.16
C ALA H 264 33.67 -6.35 -38.06
N LYS H 265 32.40 -6.18 -38.41
CA LYS H 265 31.33 -6.23 -37.41
C LYS H 265 31.23 -7.58 -36.72
N LEU H 266 31.40 -8.65 -37.48
CA LEU H 266 31.34 -10.00 -36.91
C LEU H 266 32.46 -10.18 -35.89
N ARG H 267 33.66 -9.72 -36.26
CA ARG H 267 34.81 -9.76 -35.35
C ARG H 267 34.49 -9.02 -34.06
N GLU H 268 33.83 -7.87 -34.19
CA GLU H 268 33.47 -7.10 -32.99
C GLU H 268 32.51 -7.91 -32.12
N ALA H 269 31.76 -8.78 -32.78
CA ALA H 269 30.79 -9.62 -32.09
C ALA H 269 31.45 -10.86 -31.50
N GLY H 270 32.76 -11.00 -31.73
CA GLY H 270 33.49 -12.14 -31.20
C GLY H 270 33.67 -13.33 -32.14
N ALA H 271 33.48 -13.14 -33.44
CA ALA H 271 33.63 -14.25 -34.36
C ALA H 271 35.07 -14.46 -34.81
N ASP H 272 35.46 -15.72 -34.93
CA ASP H 272 36.81 -16.05 -35.38
C ASP H 272 36.74 -16.19 -36.90
N ILE H 273 37.22 -15.19 -37.63
CA ILE H 273 37.15 -15.25 -39.08
C ILE H 273 38.45 -15.30 -39.86
N GLU H 274 38.46 -16.19 -40.84
CA GLU H 274 39.59 -16.38 -41.75
C GLU H 274 39.09 -16.29 -43.20
N THR H 275 39.91 -15.79 -44.12
CA THR H 275 39.48 -15.69 -45.51
C THR H 275 40.62 -15.97 -46.48
N GLY H 276 40.26 -16.48 -47.64
CA GLY H 276 41.25 -16.74 -48.66
C GLY H 276 40.86 -16.00 -49.92
N GLU H 277 41.28 -16.53 -51.06
CA GLU H 277 40.96 -15.91 -52.33
C GLU H 277 39.49 -16.03 -52.69
N ASP H 278 38.86 -17.11 -52.26
CA ASP H 278 37.45 -17.34 -52.57
C ASP H 278 36.62 -18.07 -51.55
N TRP H 279 36.95 -17.86 -50.28
CA TRP H 279 36.24 -18.52 -49.20
C TRP H 279 36.37 -17.72 -47.92
N ILE H 280 35.44 -17.95 -47.00
CA ILE H 280 35.46 -17.29 -45.71
C ILE H 280 35.08 -18.32 -44.65
N SER H 281 35.84 -18.37 -43.56
CA SER H 281 35.57 -19.29 -42.46
C SER H 281 35.20 -18.58 -41.17
N LEU H 282 34.06 -18.93 -40.61
CA LEU H 282 33.59 -18.32 -39.39
C LEU H 282 33.45 -19.29 -38.24
N ASP H 283 34.14 -19.00 -37.14
CA ASP H 283 34.09 -19.85 -35.98
C ASP H 283 33.58 -19.09 -34.78
N MET H 284 32.39 -19.44 -34.30
CA MET H 284 31.83 -18.81 -33.11
C MET H 284 32.40 -19.36 -31.81
N HIS H 285 33.12 -20.49 -31.93
CA HIS H 285 33.71 -21.15 -30.78
C HIS H 285 32.67 -21.51 -29.72
N GLY H 286 31.43 -21.68 -30.16
CA GLY H 286 30.35 -22.03 -29.25
C GLY H 286 29.82 -20.81 -28.50
N LYS H 287 30.48 -19.69 -28.72
CA LYS H 287 30.07 -18.47 -28.08
C LYS H 287 28.80 -17.73 -28.44
N ARG H 288 28.28 -16.99 -27.47
CA ARG H 288 27.11 -16.17 -27.68
C ARG H 288 27.69 -14.87 -28.25
N PRO H 289 27.04 -14.29 -29.27
CA PRO H 289 27.61 -13.05 -29.81
C PRO H 289 27.58 -11.89 -28.83
N LYS H 290 28.48 -10.95 -29.07
CA LYS H 290 28.62 -9.73 -28.28
C LYS H 290 27.92 -8.62 -29.04
N ALA H 291 27.15 -7.78 -28.33
CA ALA H 291 26.43 -6.68 -28.98
C ALA H 291 27.36 -5.73 -29.73
N VAL H 292 26.90 -5.25 -30.88
CA VAL H 292 27.66 -4.32 -31.71
C VAL H 292 26.80 -3.13 -32.09
N THR H 293 27.46 -2.11 -32.59
CA THR H 293 26.83 -0.89 -33.07
C THR H 293 26.88 -0.98 -34.58
N VAL H 294 25.79 -0.62 -35.23
CA VAL H 294 25.70 -0.73 -36.68
C VAL H 294 25.07 0.48 -37.30
N ARG H 295 25.69 0.93 -38.38
CA ARG H 295 25.21 2.08 -39.11
C ARG H 295 25.19 1.78 -40.60
N THR H 296 24.01 1.64 -41.17
CA THR H 296 23.97 1.36 -42.60
C THR H 296 24.42 2.63 -43.32
N ALA H 297 24.93 2.48 -44.51
CA ALA H 297 25.39 3.62 -45.31
C ALA H 297 25.84 3.04 -46.65
N PRO H 298 26.22 3.91 -47.60
CA PRO H 298 26.67 3.37 -48.88
C PRO H 298 27.96 2.56 -48.78
N HIS H 299 28.11 1.63 -49.71
CA HIS H 299 29.28 0.76 -49.80
C HIS H 299 30.52 1.67 -49.82
N PRO H 300 31.63 1.27 -49.17
CA PRO H 300 31.87 0.04 -48.42
C PRO H 300 31.50 0.06 -46.95
N ALA H 301 30.57 0.93 -46.56
CA ALA H 301 30.15 0.95 -45.17
C ALA H 301 29.25 -0.28 -44.97
N PHE H 302 28.72 -0.44 -43.77
CA PHE H 302 27.82 -1.54 -43.48
C PHE H 302 26.57 -1.40 -44.36
N PRO H 303 26.24 -2.43 -45.17
CA PRO H 303 25.08 -2.44 -46.08
C PRO H 303 23.71 -2.62 -45.45
N THR H 304 22.74 -1.86 -45.94
CA THR H 304 21.39 -1.96 -45.43
C THR H 304 20.81 -3.38 -45.64
N ASP H 305 21.25 -4.10 -46.68
CA ASP H 305 20.78 -5.48 -46.92
C ASP H 305 21.17 -6.50 -45.85
N MET H 306 22.17 -6.15 -45.02
CA MET H 306 22.64 -6.99 -43.93
C MET H 306 21.98 -6.55 -42.62
N GLN H 307 21.27 -5.45 -42.72
CA GLN H 307 20.61 -4.88 -41.56
C GLN H 307 19.72 -5.69 -40.60
N ALA H 308 18.71 -6.35 -41.14
CA ALA H 308 17.80 -7.17 -40.34
C ALA H 308 18.56 -8.33 -39.69
N GLN H 309 19.54 -8.86 -40.40
CA GLN H 309 20.37 -9.96 -39.92
C GLN H 309 21.12 -9.58 -38.64
N PHE H 310 21.74 -8.40 -38.67
CA PHE H 310 22.46 -7.86 -37.51
C PHE H 310 21.55 -7.45 -36.38
N THR H 311 20.32 -7.13 -36.73
CA THR H 311 19.36 -6.78 -35.68
C THR H 311 19.13 -8.08 -34.91
N LEU H 312 18.93 -9.18 -35.64
CA LEU H 312 18.73 -10.48 -35.01
C LEU H 312 19.94 -10.80 -34.15
N LEU H 313 21.14 -10.59 -34.71
CA LEU H 313 22.35 -10.84 -33.97
C LEU H 313 22.33 -10.08 -32.64
N ASN H 314 22.01 -8.78 -32.71
CA ASN H 314 21.91 -7.97 -31.50
C ASN H 314 20.90 -8.45 -30.47
N LEU H 315 19.74 -8.85 -30.97
CA LEU H 315 18.68 -9.33 -30.10
C LEU H 315 18.99 -10.56 -29.24
N VAL H 316 19.94 -11.37 -29.71
CA VAL H 316 20.35 -12.56 -28.96
C VAL H 316 21.81 -12.40 -28.52
N ALA H 317 22.30 -11.17 -28.57
CA ALA H 317 23.68 -10.92 -28.17
C ALA H 317 23.80 -10.57 -26.68
N GLU H 318 25.04 -10.56 -26.20
CA GLU H 318 25.36 -10.21 -24.82
C GLU H 318 25.40 -8.68 -24.74
N GLY H 319 24.53 -8.09 -23.94
CA GLY H 319 24.53 -6.63 -23.82
C GLY H 319 23.52 -5.88 -24.68
N THR H 320 23.71 -4.56 -24.76
CA THR H 320 22.82 -3.68 -25.52
C THR H 320 23.43 -3.21 -26.83
N GLY H 321 22.73 -3.52 -27.93
CA GLY H 321 23.21 -3.15 -29.25
C GLY H 321 22.38 -2.04 -29.86
N VAL H 322 22.96 -1.34 -30.82
CA VAL H 322 22.31 -0.23 -31.51
C VAL H 322 22.38 -0.41 -33.03
N ILE H 323 21.26 -0.19 -33.72
CA ILE H 323 21.20 -0.29 -35.16
C ILE H 323 20.61 1.00 -35.75
N THR H 324 21.34 1.63 -36.66
CA THR H 324 20.83 2.85 -37.27
C THR H 324 20.77 2.71 -38.76
N GLU H 325 19.60 3.03 -39.29
CA GLU H 325 19.32 2.92 -40.71
C GLU H 325 19.31 4.26 -41.45
N THR H 326 20.26 4.48 -42.34
CA THR H 326 20.31 5.73 -43.11
C THR H 326 19.92 5.61 -44.57
N ILE H 327 19.86 4.38 -45.10
CA ILE H 327 19.45 4.20 -46.49
C ILE H 327 17.94 4.10 -46.61
N PHE H 328 17.33 3.23 -45.81
CA PHE H 328 15.87 3.05 -45.83
C PHE H 328 15.11 3.50 -44.60
N GLU H 329 13.93 4.06 -44.82
CA GLU H 329 13.11 4.53 -43.70
C GLU H 329 12.54 3.43 -42.80
N ASN H 330 11.46 2.84 -43.32
CA ASN H 330 10.69 1.78 -42.70
C ASN H 330 11.35 0.39 -42.79
N ARG H 331 12.66 0.29 -42.60
CA ARG H 331 13.30 -1.01 -42.69
C ARG H 331 13.46 -1.81 -41.40
N PHE H 332 12.46 -1.68 -40.53
CA PHE H 332 12.43 -2.34 -39.24
C PHE H 332 11.27 -3.29 -39.07
N MET H 333 10.72 -3.78 -40.17
CA MET H 333 9.58 -4.69 -40.09
C MET H 333 9.82 -5.93 -39.22
N HIS H 334 11.05 -6.43 -39.30
CA HIS H 334 11.53 -7.59 -38.58
C HIS H 334 11.48 -7.47 -37.05
N VAL H 335 11.62 -6.25 -36.55
CA VAL H 335 11.63 -6.04 -35.10
C VAL H 335 10.38 -6.46 -34.35
N PRO H 336 9.20 -5.96 -34.78
CA PRO H 336 8.02 -6.40 -34.03
C PRO H 336 7.84 -7.92 -34.14
N GLU H 337 8.30 -8.49 -35.26
CA GLU H 337 8.23 -9.93 -35.46
C GLU H 337 9.12 -10.66 -34.46
N LEU H 338 10.35 -10.17 -34.32
CA LEU H 338 11.28 -10.75 -33.38
C LEU H 338 10.78 -10.60 -31.94
N ILE H 339 10.12 -9.48 -31.66
CA ILE H 339 9.60 -9.24 -30.33
C ILE H 339 8.55 -10.30 -30.00
N ARG H 340 7.85 -10.75 -31.03
CA ARG H 340 6.83 -11.79 -30.87
C ARG H 340 7.48 -13.06 -30.35
N MET H 341 8.72 -13.26 -30.77
CA MET H 341 9.56 -14.39 -30.39
C MET H 341 10.31 -14.18 -29.06
N GLY H 342 9.99 -13.08 -28.37
CA GLY H 342 10.63 -12.80 -27.09
C GLY H 342 11.76 -11.79 -27.01
N ALA H 343 12.25 -11.28 -28.14
CA ALA H 343 13.33 -10.30 -28.10
C ALA H 343 12.87 -9.01 -27.41
N HIS H 344 13.84 -8.21 -26.93
CA HIS H 344 13.58 -6.92 -26.26
C HIS H 344 14.17 -5.78 -27.07
N ALA H 345 13.34 -4.85 -27.52
CA ALA H 345 13.86 -3.76 -28.35
C ALA H 345 13.01 -2.53 -28.42
N GLU H 346 13.64 -1.39 -28.55
CA GLU H 346 12.94 -0.11 -28.68
C GLU H 346 13.32 0.52 -29.99
N ILE H 347 12.34 1.08 -30.69
CA ILE H 347 12.59 1.74 -31.95
C ILE H 347 12.43 3.24 -31.75
N GLU H 348 13.48 3.99 -32.04
CA GLU H 348 13.46 5.45 -31.93
C GLU H 348 13.80 5.96 -33.31
N SER H 349 12.77 6.36 -34.06
CA SER H 349 12.96 6.87 -35.41
C SER H 349 13.74 5.90 -36.33
N ASN H 350 14.96 6.25 -36.71
CA ASN H 350 15.76 5.37 -37.56
C ASN H 350 16.78 4.49 -36.81
N THR H 351 16.57 4.36 -35.51
CA THR H 351 17.45 3.58 -34.69
C THR H 351 16.63 2.63 -33.86
N VAL H 352 17.18 1.44 -33.64
CA VAL H 352 16.52 0.44 -32.81
C VAL H 352 17.54 0.05 -31.74
N ILE H 353 17.14 0.19 -30.47
CA ILE H 353 18.04 -0.16 -29.36
C ILE H 353 17.78 -1.63 -29.06
N CYS H 354 18.84 -2.44 -29.07
CA CYS H 354 18.73 -3.87 -28.81
C CYS H 354 19.22 -4.37 -27.46
N HIS H 355 18.33 -4.99 -26.69
CA HIS H 355 18.71 -5.57 -25.38
C HIS H 355 18.76 -7.07 -25.56
N GLY H 356 19.96 -7.61 -25.79
CA GLY H 356 20.10 -9.05 -26.00
C GLY H 356 19.49 -9.95 -24.92
N VAL H 357 18.68 -10.93 -25.33
CA VAL H 357 18.08 -11.86 -24.39
C VAL H 357 18.76 -13.20 -24.60
N GLU H 358 18.68 -14.06 -23.58
CA GLU H 358 19.29 -15.39 -23.62
C GLU H 358 18.73 -16.36 -24.65
N LYS H 359 17.40 -16.43 -24.74
CA LYS H 359 16.75 -17.30 -25.68
C LYS H 359 15.45 -16.81 -26.31
N LEU H 360 15.26 -17.14 -27.59
CA LEU H 360 14.05 -16.79 -28.32
C LEU H 360 13.05 -17.94 -28.23
N SER H 361 11.77 -17.60 -28.16
CA SER H 361 10.72 -18.62 -28.11
C SER H 361 10.04 -18.71 -29.48
N GLY H 362 9.87 -19.94 -29.98
CA GLY H 362 9.22 -20.14 -31.25
C GLY H 362 7.82 -19.52 -31.28
N ALA H 363 7.40 -19.12 -32.48
CA ALA H 363 6.09 -18.50 -32.64
C ALA H 363 5.79 -18.23 -34.10
N GLN H 364 4.58 -17.77 -34.37
CA GLN H 364 4.19 -17.45 -35.74
C GLN H 364 4.54 -16.01 -36.11
N VAL H 365 5.33 -15.84 -37.16
CA VAL H 365 5.78 -14.55 -37.60
C VAL H 365 5.64 -14.38 -39.10
N MET H 366 5.60 -13.15 -39.54
CA MET H 366 5.37 -12.92 -40.93
C MET H 366 6.47 -12.16 -41.63
N ALA H 367 6.92 -12.68 -42.76
CA ALA H 367 7.93 -12.02 -43.57
C ALA H 367 7.36 -10.85 -44.35
N THR H 368 8.15 -9.82 -44.60
CA THR H 368 7.75 -8.71 -45.44
C THR H 368 8.77 -8.37 -46.49
N ASP H 369 10.02 -8.70 -46.21
CA ASP H 369 11.16 -8.13 -46.86
C ASP H 369 11.97 -9.19 -47.61
N LEU H 370 12.25 -8.90 -48.86
CA LEU H 370 12.91 -9.72 -49.86
C LEU H 370 14.29 -10.10 -49.44
N ARG H 371 14.98 -9.18 -48.79
CA ARG H 371 16.29 -9.40 -48.16
C ARG H 371 16.41 -9.27 -46.66
N ALA H 372 15.34 -9.31 -45.92
CA ALA H 372 15.47 -9.13 -44.49
C ALA H 372 14.82 -10.29 -43.78
N SER H 373 13.66 -10.70 -44.30
CA SER H 373 12.89 -11.83 -43.80
C SER H 373 13.68 -13.11 -43.54
N ALA H 374 14.84 -13.22 -44.19
CA ALA H 374 15.70 -14.38 -43.96
C ALA H 374 15.99 -14.41 -42.44
N SER H 375 15.84 -13.25 -41.80
CA SER H 375 16.06 -13.07 -40.36
C SER H 375 15.12 -13.88 -39.49
N LEU H 376 13.86 -13.98 -39.93
CA LEU H 376 12.87 -14.75 -39.19
C LEU H 376 13.19 -16.24 -39.30
N VAL H 377 13.72 -16.64 -40.44
CA VAL H 377 14.09 -18.02 -40.69
C VAL H 377 15.30 -18.32 -39.83
N LEU H 378 16.31 -17.45 -39.93
CA LEU H 378 17.50 -17.61 -39.09
C LEU H 378 17.09 -17.69 -37.61
N ALA H 379 16.19 -16.82 -37.20
CA ALA H 379 15.73 -16.79 -35.82
C ALA H 379 15.12 -18.13 -35.41
N GLY H 380 14.18 -18.63 -36.22
CA GLY H 380 13.55 -19.91 -35.93
C GLY H 380 14.56 -21.01 -35.65
N CYS H 381 15.66 -21.02 -36.41
CA CYS H 381 16.71 -22.01 -36.25
C CYS H 381 17.33 -22.06 -34.86
N ILE H 382 17.31 -20.93 -34.17
CA ILE H 382 17.91 -20.87 -32.85
C ILE H 382 16.85 -20.69 -31.79
N ALA H 383 15.60 -20.49 -32.21
CA ALA H 383 14.53 -20.29 -31.24
C ALA H 383 14.18 -21.60 -30.52
N GLU H 384 13.64 -21.46 -29.32
CA GLU H 384 13.25 -22.61 -28.52
C GLU H 384 11.89 -23.11 -29.01
N GLY H 385 11.88 -24.23 -29.72
CA GLY H 385 10.60 -24.75 -30.17
C GLY H 385 10.33 -24.66 -31.65
N THR H 386 9.04 -24.54 -31.98
CA THR H 386 8.60 -24.49 -33.35
C THR H 386 8.22 -23.10 -33.83
N THR H 387 8.74 -22.74 -34.99
CA THR H 387 8.47 -21.45 -35.58
C THR H 387 7.82 -21.60 -36.95
N VAL H 388 6.94 -20.67 -37.28
CA VAL H 388 6.26 -20.67 -38.56
C VAL H 388 6.33 -19.25 -39.14
N VAL H 389 7.05 -19.10 -40.25
CA VAL H 389 7.20 -17.81 -40.93
C VAL H 389 6.23 -17.71 -42.13
N ASP H 390 5.37 -16.71 -42.09
CA ASP H 390 4.39 -16.49 -43.16
C ASP H 390 4.93 -15.76 -44.37
N ARG H 391 4.29 -15.98 -45.51
CA ARG H 391 4.68 -15.32 -46.75
C ARG H 391 6.14 -15.46 -47.14
N ILE H 392 6.60 -16.70 -47.24
CA ILE H 392 7.99 -16.96 -47.60
C ILE H 392 8.25 -16.66 -49.06
N TYR H 393 7.22 -16.18 -49.76
CA TYR H 393 7.40 -15.85 -51.16
C TYR H 393 8.52 -14.83 -51.28
N HIS H 394 8.69 -14.03 -50.22
CA HIS H 394 9.75 -13.02 -50.11
C HIS H 394 11.16 -13.59 -50.15
N ILE H 395 11.37 -14.68 -49.41
CA ILE H 395 12.68 -15.33 -49.38
C ILE H 395 13.10 -15.79 -50.77
N ASP H 396 12.18 -16.43 -51.49
CA ASP H 396 12.47 -16.92 -52.83
C ASP H 396 12.88 -15.90 -53.87
N ARG H 397 12.60 -14.63 -53.59
CA ARG H 397 12.96 -13.59 -54.51
C ARG H 397 14.46 -13.33 -54.51
N GLY H 398 15.07 -13.40 -53.34
CA GLY H 398 16.48 -13.13 -53.25
C GLY H 398 17.32 -14.17 -52.54
N TYR H 399 16.79 -15.38 -52.44
CA TYR H 399 17.51 -16.50 -51.82
C TYR H 399 17.37 -17.77 -52.63
N GLU H 400 18.47 -18.25 -53.17
CA GLU H 400 18.45 -19.49 -53.93
C GLU H 400 18.49 -20.69 -53.00
N ARG H 401 17.39 -21.44 -52.94
CA ARG H 401 17.31 -22.63 -52.10
C ARG H 401 17.74 -22.44 -50.65
N ILE H 402 17.17 -21.45 -50.01
CA ILE H 402 17.48 -21.12 -48.63
C ILE H 402 17.36 -22.35 -47.72
N GLU H 403 16.30 -23.13 -47.91
CA GLU H 403 16.09 -24.33 -47.09
C GLU H 403 17.14 -25.42 -47.23
N ASP H 404 17.62 -25.64 -48.45
CA ASP H 404 18.64 -26.66 -48.69
C ASP H 404 19.98 -26.33 -48.08
N LYS H 405 20.40 -25.08 -48.29
CA LYS H 405 21.65 -24.59 -47.74
C LYS H 405 21.58 -24.63 -46.22
N LEU H 406 20.44 -24.23 -45.67
CA LEU H 406 20.23 -24.27 -44.22
C LEU H 406 20.22 -25.72 -43.69
N ARG H 407 19.40 -26.56 -44.33
CA ARG H 407 19.30 -27.98 -43.97
C ARG H 407 20.67 -28.66 -43.98
N ALA H 408 21.51 -28.26 -44.93
CA ALA H 408 22.86 -28.79 -45.04
C ALA H 408 23.71 -28.26 -43.89
N LEU H 409 23.11 -27.39 -43.07
CA LEU H 409 23.80 -26.82 -41.92
C LEU H 409 23.29 -27.33 -40.59
N GLY H 410 22.31 -28.23 -40.64
CA GLY H 410 21.74 -28.79 -39.42
C GLY H 410 20.39 -28.18 -39.09
N ALA H 411 19.89 -27.32 -39.97
CA ALA H 411 18.60 -26.70 -39.69
C ALA H 411 17.49 -27.74 -39.75
N ASN H 412 16.47 -27.49 -38.93
CA ASN H 412 15.28 -28.35 -38.87
C ASN H 412 14.20 -27.49 -39.53
N ILE H 413 14.19 -27.49 -40.85
CA ILE H 413 13.27 -26.66 -41.61
C ILE H 413 12.53 -27.43 -42.70
N GLU H 414 11.25 -27.08 -42.87
CA GLU H 414 10.42 -27.72 -43.87
C GLU H 414 9.52 -26.70 -44.57
N ARG H 415 9.40 -26.82 -45.88
CA ARG H 415 8.54 -25.91 -46.66
C ARG H 415 7.07 -26.31 -46.74
N VAL H 416 6.29 -25.91 -45.72
CA VAL H 416 4.85 -26.18 -45.64
C VAL H 416 4.03 -25.67 -46.83
N LYS H 417 3.07 -26.48 -47.26
CA LYS H 417 2.21 -26.13 -48.39
C LYS H 417 0.75 -25.99 -47.95
N GLY H 418 0.27 -24.75 -47.87
CA GLY H 418 -1.09 -24.48 -47.46
C GLY H 418 -1.19 -24.00 -46.04
N GLU H 419 -1.48 -24.92 -45.11
CA GLU H 419 -1.61 -24.56 -43.71
C GLU H 419 -0.50 -25.24 -42.88
C1' UD1 I . -8.97 -27.23 21.59
C2' UD1 I . -9.21 -28.70 21.98
C3' UD1 I . -9.92 -28.81 23.31
C4' UD1 I . -9.04 -28.14 24.39
C5' UD1 I . -8.86 -26.64 24.02
C6' UD1 I . -7.97 -25.91 25.04
C7' UD1 I . -9.58 -29.86 19.76
C8' UD1 I . -10.67 -30.50 18.87
N2' UD1 I . -10.03 -29.36 20.93
O1' UD1 I . -10.26 -26.58 21.34
O3' UD1 I . -10.10 -30.23 23.64
O4' UD1 I . -9.66 -28.14 25.75
O5' UD1 I . -8.23 -26.58 22.63
O6' UD1 I . -6.59 -26.45 25.13
O7' UD1 I . -8.40 -29.79 19.48
N1 UD1 I . -11.54 -18.43 21.63
C2 UD1 I . -12.07 -17.21 21.17
N3 UD1 I . -12.16 -17.02 19.82
C4 UD1 I . -11.79 -17.95 18.84
C5 UD1 I . -11.26 -19.20 19.34
C6 UD1 I . -11.14 -19.41 20.70
O2 UD1 I . -12.44 -16.30 21.99
O4 UD1 I . -11.92 -17.72 17.65
C1B UD1 I . -11.41 -18.71 23.12
C2B UD1 I . -12.30 -19.79 23.63
O2' UD1 I . -13.79 -19.66 23.53
C3B UD1 I . -11.62 -20.07 25.01
C4B UD1 I . -10.12 -20.02 24.55
O4B UD1 I . -10.09 -19.16 23.39
O3B UD1 I . -12.12 -19.06 25.97
C5B UD1 I . -9.49 -21.35 24.09
O5B UD1 I . -10.11 -21.94 22.91
PA UD1 I . -9.29 -22.69 21.82
O1A UD1 I . -7.88 -22.68 22.18
O2A UD1 I . -9.50 -22.03 20.54
O3A UD1 I . -9.56 -24.17 21.86
PB UD1 I . -10.35 -25.09 20.84
O1B UD1 I . -9.61 -25.05 19.60
O2B UD1 I . -11.74 -24.77 20.68
C ACT J . -24.31 -25.55 15.68
O ACT J . -23.44 -25.85 16.49
OXT ACT J . -25.40 -25.18 16.07
CH3 ACT J . -24.04 -25.63 14.17
C ACT K . 12.40 -39.09 36.05
O ACT K . 12.90 -39.67 35.10
OXT ACT K . 12.42 -39.59 37.16
CH3 ACT K . 11.73 -37.75 35.84
C ACT L . -26.90 -46.43 42.47
O ACT L . -26.54 -45.31 42.78
OXT ACT L . -26.77 -46.82 41.32
CH3 ACT L . -27.51 -47.36 43.50
C ACT M . -9.11 -15.27 37.47
O ACT M . -10.28 -14.89 37.41
OXT ACT M . -8.69 -15.78 38.51
CH3 ACT M . -8.19 -15.14 36.27
C1 EDO N . -11.95 -26.29 16.83
O1 EDO N . -11.30 -25.03 17.03
C2 EDO N . -12.65 -26.74 18.12
O2 EDO N . -13.64 -25.76 18.47
C1 EDO O . -5.45 -23.43 25.99
O1 EDO O . -4.82 -24.72 25.92
C2 EDO O . -5.56 -22.85 24.57
O2 EDO O . -6.53 -21.83 24.58
C1 EDO P . 8.07 -32.18 35.58
O1 EDO P . 8.47 -31.97 36.94
C2 EDO P . 9.07 -33.09 34.87
O2 EDO P . 8.64 -34.45 34.94
C1 EDO Q . 6.25 -34.70 18.11
O1 EDO Q . 5.42 -34.19 17.06
C2 EDO Q . 6.59 -33.57 19.08
O2 EDO Q . 5.44 -33.24 19.86
C1' UD1 R . 6.72 -6.87 35.36
C2' UD1 R . 6.87 -5.37 34.97
C3' UD1 R . 5.54 -4.68 34.98
C4' UD1 R . 4.63 -5.39 33.93
C5' UD1 R . 4.45 -6.90 34.34
C6' UD1 R . 3.59 -7.69 33.35
C7' UD1 R . 9.08 -4.86 36.06
C8' UD1 R . 9.73 -4.02 37.19
N2' UD1 R . 7.75 -4.69 35.95
O1' UD1 R . 6.26 -6.95 36.73
O3' UD1 R . 5.72 -3.26 34.61
O4' UD1 R . 3.27 -4.82 33.86
O5' UD1 R . 5.82 -7.52 34.43
O6' UD1 R . 3.97 -7.50 31.95
O7' UD1 R . 9.68 -5.61 35.32
N1 UD1 R . 2.32 -13.45 40.06
C2 UD1 R . 2.01 -14.29 41.15
N3 UD1 R . 3.04 -14.80 41.91
C4 UD1 R . 4.38 -14.56 41.71
C5 UD1 R . 4.70 -13.68 40.57
C6 UD1 R . 3.69 -13.16 39.78
O2 UD1 R . 0.83 -14.57 41.43
O4 UD1 R . 5.23 -15.04 42.44
C1B UD1 R . 1.23 -12.86 39.21
C2B UD1 R . 1.02 -11.41 39.44
O2' UD1 R . 0.67 -10.96 40.80
C3B UD1 R . 0.17 -11.03 38.20
C4B UD1 R . 0.94 -11.87 37.12
O4B UD1 R . 1.55 -12.96 37.82
O3B UD1 R . -1.25 -11.33 38.54
C5B UD1 R . 2.10 -11.15 36.35
O5B UD1 R . 3.14 -10.63 37.24
PA UD1 R . 4.63 -10.61 36.85
O1A UD1 R . 4.77 -11.16 35.52
O2A UD1 R . 5.41 -11.39 37.81
O3A UD1 R . 5.10 -9.20 36.59
PB UD1 R . 6.07 -8.33 37.45
O1B UD1 R . 7.37 -8.92 37.39
O2B UD1 R . 5.61 -8.11 38.80
C ACT S . -4.44 -12.21 38.13
O ACT S . -3.56 -13.02 37.82
OXT ACT S . -4.30 -11.50 39.12
CH3 ACT S . -5.69 -12.10 37.28
C1 EDO T . 8.88 -6.70 40.05
O1 EDO T . 7.59 -6.86 40.64
C2 EDO T . 9.66 -7.99 40.26
O2 EDO T . 9.06 -9.03 39.52
C1 EDO U . 8.60 -1.12 39.81
O1 EDO U . 9.92 -1.08 39.25
C2 EDO U . 8.45 -2.36 40.69
O2 EDO U . 9.23 -2.20 41.87
C1 EDO V . 16.21 -8.48 22.84
O1 EDO V . 15.33 -8.05 21.82
C2 EDO V . 17.56 -7.80 22.66
O2 EDO V . 18.56 -8.52 23.38
C1' UD1 W . -21.59 3.27 52.29
C2' UD1 W . -20.73 3.27 53.57
C3' UD1 W . -19.57 2.29 53.42
C4' UD1 W . -20.18 0.86 53.21
C5' UD1 W . -21.03 0.86 51.91
C6' UD1 W . -21.67 -0.51 51.64
C7' UD1 W . -20.96 5.69 54.27
C8' UD1 W . -20.18 7.02 54.45
N2' UD1 W . -20.21 4.64 53.81
O1' UD1 W . -20.80 3.78 51.16
O3' UD1 W . -18.76 2.28 54.65
O4' UD1 W . -19.18 -0.18 53.02
O5' UD1 W . -22.07 1.92 52.04
O6' UD1 W . -22.37 -1.09 52.80
O7' UD1 W . -22.14 5.55 54.50
N1 UD1 W . -22.39 2.12 43.31
C2 UD1 W . -22.49 2.46 41.95
N3 UD1 W . -23.09 3.67 41.62
C4 UD1 W . -23.61 4.60 42.54
C5 UD1 W . -23.50 4.22 43.94
C6 UD1 W . -22.91 3.03 44.29
O2 UD1 W . -22.06 1.69 41.05
O4 UD1 W . -24.13 5.65 42.17
C1B UD1 W . -21.75 0.80 43.74
C2B UD1 W . -20.43 0.91 44.42
O2' UD1 W . -19.26 1.49 43.71
C3B UD1 W . -20.35 -0.49 45.07
C4B UD1 W . -21.83 -0.62 45.55
O4B UD1 W . -22.62 0.19 44.68
O3B UD1 W . -19.81 -1.41 44.04
C5B UD1 W . -22.17 -0.15 46.99
O5B UD1 W . -22.01 1.27 47.21
PA UD1 W . -22.91 2.07 48.18
O1A UD1 W . -23.88 1.14 48.77
O2A UD1 W . -23.60 3.16 47.48
O3A UD1 W . -22.11 2.50 49.40
PB UD1 W . -21.47 3.93 49.76
O1B UD1 W . -22.53 4.86 49.96
O2B UD1 W . -20.51 4.42 48.82
C ACT X . -32.61 -5.50 70.26
O ACT X . -32.78 -5.44 71.47
OXT ACT X . -32.08 -4.56 69.67
CH3 ACT X . -33.04 -6.73 69.50
C ACT Y . -24.68 -4.16 45.45
O ACT Y . -25.18 -3.75 44.37
OXT ACT Y . -24.31 -5.37 45.56
CH3 ACT Y . -24.54 -3.19 46.61
C1 EDO Z . -21.70 7.98 49.99
O1 EDO Z . -22.42 7.54 48.83
C2 EDO Z . -20.25 8.28 49.61
O2 EDO Z . -19.61 7.10 49.18
C1 EDO AA . -9.66 19.10 56.57
O1 EDO AA . -10.45 18.29 57.45
C2 EDO AA . -9.53 18.42 55.20
O2 EDO AA . -9.66 19.38 54.14
C1 EDO BA . -33.03 2.02 64.66
O1 EDO BA . -32.47 1.55 63.42
C2 EDO BA . -32.87 3.54 64.75
O2 EDO BA . -33.35 4.16 63.55
C1 EDO CA . -21.46 2.76 80.05
O1 EDO CA . -21.85 1.42 80.39
C2 EDO CA . -22.66 3.54 79.51
O2 EDO CA . -22.24 4.84 79.07
C1' UD1 DA . -36.26 -19.50 41.47
C2' UD1 DA . -37.07 -19.61 40.16
C3' UD1 DA . -36.20 -19.35 38.96
C4' UD1 DA . -35.61 -17.91 39.07
C5' UD1 DA . -34.76 -17.81 40.36
C6' UD1 DA . -34.13 -16.40 40.53
C7' UD1 DA . -38.82 -21.33 40.65
C8' UD1 DA . -39.26 -22.80 40.37
N2' UD1 DA . -37.67 -20.95 40.05
O1' UD1 DA . -35.29 -20.59 41.50
O3' UD1 DA . -37.03 -19.46 37.74
O4' UD1 DA . -34.71 -17.56 37.98
O5' UD1 DA . -35.65 -18.16 41.54
O6' UD1 DA . -35.07 -15.29 40.84
O7' UD1 DA . -39.43 -20.56 41.35
N1 UD1 DA . -28.22 -20.54 45.87
C2 UD1 DA . -27.24 -21.12 46.73
N3 UD1 DA . -27.68 -22.00 47.69
C4 UD1 DA . -29.02 -22.38 47.90
C5 UD1 DA . -30.00 -21.77 47.02
C6 UD1 DA . -29.60 -20.89 46.03
O2 UD1 DA . -26.02 -20.86 46.63
O4 UD1 DA . -29.33 -23.18 48.79
C1B UD1 DA . -27.83 -19.56 44.78
C2B UD1 DA . -28.04 -20.05 43.37
O2' UD1 DA . -27.29 -21.20 42.81
C3B UD1 DA . -28.08 -18.69 42.61
C4B UD1 DA . -28.90 -17.84 43.65
O4B UD1 DA . -28.69 -18.43 44.93
O3B UD1 DA . -26.67 -18.36 42.32
C5B UD1 DA . -30.43 -17.80 43.47
O5B UD1 DA . -31.11 -19.07 43.56
PA UD1 DA . -32.58 -19.19 44.10
O1A UD1 DA . -33.07 -17.86 44.46
O2A UD1 DA . -32.62 -20.11 45.26
O3A UD1 DA . -33.55 -19.50 43.00
PB UD1 DA . -34.34 -20.83 42.72
O1B UD1 DA . -35.22 -21.03 43.83
O2B UD1 DA . -33.51 -21.97 42.43
C ACT EA . -44.37 -13.04 7.02
O ACT EA . -43.22 -12.64 7.22
OXT ACT EA . -44.57 -13.94 6.20
CH3 ACT EA . -45.52 -12.43 7.77
C ACT FA . -32.78 -44.55 49.19
O ACT FA . -31.59 -44.82 49.28
OXT ACT FA . -33.13 -43.57 48.55
CH3 ACT FA . -33.83 -45.42 49.85
C1 EDO GA . -35.88 -25.19 42.74
O1 EDO GA . -35.14 -24.58 41.69
C2 EDO GA . -36.41 -24.11 43.66
O2 EDO GA . -35.40 -23.77 44.62
C1 EDO HA . -37.77 -26.03 37.37
O1 EDO HA . -37.20 -26.33 38.64
C2 EDO HA . -39.15 -25.44 37.56
O2 EDO HA . -39.70 -25.11 36.29
C1 EDO IA . -32.67 -13.76 42.65
O1 EDO IA . -34.06 -13.43 42.46
C2 EDO IA . -32.48 -14.68 43.86
O2 EDO IA . -31.09 -14.69 44.25
C1 EDO JA . -34.90 -5.54 13.74
O1 EDO JA . -34.58 -6.93 13.74
C2 EDO JA . -35.95 -5.24 14.81
O2 EDO JA . -37.01 -4.49 14.23
C1 EDO KA . -47.08 -28.83 67.11
O1 EDO KA . -46.05 -29.32 66.25
C2 EDO KA . -46.61 -27.56 67.83
O2 EDO KA . -47.13 -26.39 67.16
C1 EDO LA . -30.59 -35.42 38.86
O1 EDO LA . -29.20 -35.16 38.75
C2 EDO LA . -31.10 -34.92 40.21
O2 EDO LA . -30.81 -35.90 41.22
C1 EDO MA . -35.56 -23.17 38.00
O1 EDO MA . -36.38 -23.56 39.10
C2 EDO MA . -36.39 -22.47 36.93
O2 EDO MA . -35.52 -21.64 36.14
C1' UD1 NA . -5.70 5.02 -32.54
C2' UD1 NA . -6.65 4.99 -33.76
C3' UD1 NA . -5.87 5.30 -35.04
C4' UD1 NA . -5.24 6.73 -34.89
C5' UD1 NA . -4.27 6.75 -33.67
C6' UD1 NA . -3.64 8.14 -33.45
C7' UD1 NA . -8.25 3.18 -33.03
C8' UD1 NA . -8.70 1.73 -33.35
N2' UD1 NA . -7.28 3.65 -33.86
O1' UD1 NA . -4.74 3.90 -32.65
O3' UD1 NA . -6.78 5.29 -36.20
O4' UD1 NA . -4.44 7.13 -36.03
O5' UD1 NA . -5.05 6.33 -32.46
O6' UD1 NA . -4.63 9.17 -33.01
O7' UD1 NA . -8.68 3.86 -32.11
N1 UD1 NA . 2.74 3.71 -29.08
C2 UD1 NA . 3.79 3.02 -28.40
N3 UD1 NA . 3.45 2.13 -27.42
C4 UD1 NA . 2.14 1.82 -27.03
C5 UD1 NA . 1.08 2.53 -27.74
C6 UD1 NA . 1.39 3.44 -28.72
O2 UD1 NA . 5.00 3.22 -28.66
O4 UD1 NA . 1.93 1.01 -26.15
C1B UD1 NA . 3.04 4.72 -30.19
C2B UD1 NA . 2.62 4.31 -31.55
O2' UD1 NA . 3.24 3.14 -32.23
C3B UD1 NA . 2.51 5.68 -32.27
C4B UD1 NA . 1.89 6.53 -31.09
O4B UD1 NA . 2.27 5.88 -29.89
O3B UD1 NA . 3.87 6.02 -32.79
C5B UD1 NA . 0.35 6.65 -31.01
O5B UD1 NA . -0.33 5.38 -30.93
PA UD1 NA . -1.75 5.21 -30.27
O1A UD1 NA . -2.19 6.52 -29.78
O2A UD1 NA . -1.64 4.27 -29.15
O3A UD1 NA . -2.83 4.94 -31.27
PB UD1 NA . -3.67 3.62 -31.49
O1B UD1 NA . -4.50 3.44 -30.34
O2B UD1 NA . -2.90 2.47 -31.87
C ACT OA . -6.22 2.09 -37.28
O ACT OA . -5.86 1.55 -36.25
OXT ACT OA . -5.44 2.81 -37.90
CH3 ACT OA . -7.61 1.87 -37.82
C ACT PA . -16.98 12.98 -65.89
O ACT PA . -18.12 13.23 -66.24
OXT ACT PA . -16.77 12.07 -65.09
CH3 ACT PA . -15.83 13.79 -66.45
C ACT QA . -31.82 -8.47 -29.26
O ACT QA . -32.29 -7.38 -28.93
OXT ACT QA . -31.83 -8.81 -30.43
CH3 ACT QA . -31.22 -9.38 -28.21
C1 EDO RA . -21.16 24.06 -61.57
O1 EDO RA . -21.90 22.92 -61.10
C2 EDO RA . -19.68 23.68 -61.72
O2 EDO RA . -19.45 23.12 -63.02
C1 EDO SA . -6.84 19.84 -59.22
O1 EDO SA . -7.84 20.35 -58.32
C2 EDO SA . -7.50 18.90 -60.23
O2 EDO SA . -6.73 17.69 -60.39
C1 EDO TA . -13.44 31.44 -58.10
O1 EDO TA . -14.01 31.73 -59.39
C2 EDO TA . -12.36 30.37 -58.25
O2 EDO TA . -11.07 30.90 -57.86
C1 EDO UA . 7.14 -3.68 -21.09
O1 EDO UA . 7.50 -2.29 -21.15
C2 EDO UA . 6.12 -4.00 -22.18
O2 EDO UA . 6.69 -4.88 -23.16
C1 EDO VA . -4.54 -0.79 -31.39
O1 EDO VA . -4.34 0.13 -32.44
C2 EDO VA . -5.44 -0.17 -30.34
O2 EDO VA . -4.70 0.77 -29.56
C1 EDO WA . -25.95 5.36 -47.74
O1 EDO WA . -25.53 6.30 -48.74
C2 EDO WA . -25.57 5.84 -46.33
O2 EDO WA . -26.10 7.16 -46.09
C1 EDO XA . -31.31 -1.39 -19.85
O1 EDO XA . -31.64 -1.47 -21.25
C2 EDO XA . -30.91 -2.77 -19.33
O2 EDO XA . -29.59 -2.72 -18.77
C1' UD1 YA . 9.78 27.61 -22.33
C2' UD1 YA . 10.78 27.58 -21.17
C3' UD1 YA . 11.94 26.66 -21.48
C4' UD1 YA . 11.37 25.24 -21.70
C5' UD1 YA . 10.37 25.25 -22.90
C6' UD1 YA . 9.73 23.87 -23.15
C7' UD1 YA . 10.62 29.97 -20.35
C8' UD1 YA . 11.39 31.30 -20.26
N2' UD1 YA . 11.29 28.96 -20.95
O1' UD1 YA . 10.44 28.18 -23.50
O3' UD1 YA . 12.88 26.65 -20.35
O4' UD1 YA . 12.39 24.23 -22.05
O5' UD1 YA . 9.31 26.26 -22.58
O6' UD1 YA . 9.03 23.33 -21.95
O7' UD1 YA . 9.50 29.79 -19.93
N1 UD1 YA . 8.16 26.75 -31.37
C2 UD1 YA . 7.84 27.17 -32.67
N3 UD1 YA . 7.24 28.38 -32.82
C4 UD1 YA . 6.91 29.26 -31.80
C5 UD1 YA . 7.26 28.83 -30.46
C6 UD1 YA . 7.87 27.61 -30.28
O2 UD1 YA . 8.08 26.46 -33.68
O4 UD1 YA . 6.39 30.32 -32.02
C1B UD1 YA . 8.83 25.43 -31.10
C2B UD1 YA . 10.22 25.56 -30.52
O2' UD1 YA . 11.31 26.21 -31.31
C3B UD1 YA . 10.39 24.14 -29.92
C4B UD1 YA . 8.96 23.97 -29.29
O4B UD1 YA . 8.09 24.78 -30.10
O3B UD1 YA . 10.81 23.28 -31.04
C5B UD1 YA . 8.76 24.43 -27.82
O5B UD1 YA . 9.05 25.83 -27.55
PA UD1 YA . 8.27 26.67 -26.50
O1A UD1 YA . 7.25 25.82 -25.87
O2A UD1 YA . 7.64 27.81 -27.13
O3A UD1 YA . 9.11 27.01 -25.29
PB UD1 YA . 9.69 28.38 -24.83
O1B UD1 YA . 8.62 29.23 -24.47
O2B UD1 YA . 10.61 28.96 -25.78
C ACT ZA . 18.73 -2.87 0.75
O ACT ZA . 19.10 -4.03 0.61
OXT ACT ZA . 19.25 -2.18 1.60
CH3 ACT ZA . 17.64 -2.31 -0.13
C ACT AB . 18.65 16.68 -29.96
O ACT AB . 19.51 16.41 -30.79
OXT ACT AB . 17.47 16.58 -30.23
CH3 ACT AB . 19.06 17.15 -28.57
C ACT BB . 21.75 -1.16 -8.54
O ACT BB . 20.81 -1.13 -9.32
OXT ACT BB . 21.61 -0.69 -7.42
CH3 ACT BB . 23.07 -1.78 -8.95
C1 EDO CB . 9.87 32.91 -25.04
O1 EDO CB . 8.86 31.95 -25.39
C2 EDO CB . 11.18 32.19 -24.76
O2 EDO CB . 11.73 31.71 -25.99
C1 EDO DB . 4.12 9.77 -9.34
O1 EDO DB . 4.31 8.39 -9.72
C2 EDO DB . 3.14 9.84 -8.18
O2 EDO DB . 3.68 10.65 -7.13
C1 EDO EB . -7.94 29.99 -9.75
O1 EDO EB . -7.83 31.31 -10.26
C2 EDO EB . -8.79 29.13 -10.72
O2 EDO EB . -10.06 29.74 -10.92
C1 EDO FB . 5.71 21.22 -29.83
O1 EDO FB . 6.71 20.96 -28.83
C2 EDO FB . 4.87 19.96 -30.04
O2 EDO FB . 3.66 20.31 -30.72
C1 EDO GB . -4.66 24.13 -36.91
O1 EDO GB . -3.74 23.19 -36.33
C2 EDO GB . -3.97 25.49 -37.04
O2 EDO GB . -4.78 26.38 -37.83
C1' UD1 HB . 35.94 18.79 -41.21
C2' UD1 HB . 36.09 20.30 -41.55
C3' UD1 HB . 34.79 21.03 -41.36
C4' UD1 HB . 33.75 20.42 -42.32
C5' UD1 HB . 33.56 18.92 -41.96
C6' UD1 HB . 32.59 18.23 -42.90
C7' UD1 HB . 38.47 20.71 -40.83
C8' UD1 HB . 39.37 21.43 -39.78
N2' UD1 HB . 37.13 20.87 -40.66
O1' UD1 HB . 35.66 18.64 -39.78
O3' UD1 HB . 34.98 22.45 -41.70
O4' UD1 HB . 32.41 21.03 -42.24
O5' UD1 HB . 34.91 18.24 -42.05
O6' UD1 HB . 33.12 18.21 -44.30
O7' UD1 HB . 38.90 20.06 -41.77
N1 UD1 HB . 31.81 12.11 -36.46
C2 UD1 HB . 31.62 11.05 -35.53
N3 UD1 HB . 32.74 10.50 -34.96
C4 UD1 HB . 34.06 10.88 -35.19
C5 UD1 HB . 34.23 11.96 -36.16
C6 UD1 HB . 33.12 12.54 -36.75
O2 UD1 HB . 30.49 10.62 -35.23
O4 UD1 HB . 34.99 10.33 -34.64
C1B UD1 HB . 30.63 12.79 -37.15
C2B UD1 HB . 30.46 14.27 -36.88
O2' UD1 HB . 30.14 14.80 -35.53
C3B UD1 HB . 29.62 14.71 -38.11
C4B UD1 HB . 30.30 13.82 -39.21
O4B UD1 HB . 30.87 12.69 -38.54
O3B UD1 HB . 28.20 14.51 -37.77
C5B UD1 HB . 31.45 14.47 -40.01
O5B UD1 HB . 32.55 14.93 -39.17
PA UD1 HB . 34.00 14.98 -39.71
O1A UD1 HB . 34.02 14.51 -41.07
O2A UD1 HB . 34.86 14.12 -38.88
O3A UD1 HB . 34.46 16.39 -39.90
PB UD1 HB . 35.54 17.23 -39.11
O1B UD1 HB . 36.81 16.63 -39.37
O2B UD1 HB . 35.27 17.39 -37.71
C1 EDO IB . 39.08 17.54 -36.71
O1 EDO IB . 38.40 16.31 -36.96
C2 EDO IB . 38.07 18.65 -36.45
O2 EDO IB . 37.00 18.14 -35.66
C1 EDO JB . 39.19 1.80 -54.64
O1 EDO JB . 39.14 1.69 -56.07
C2 EDO JB . 37.77 1.74 -54.09
O2 EDO JB . 37.12 3.00 -54.30
C1 EDO KB . 34.59 11.74 -27.86
O1 EDO KB . 33.74 12.86 -28.13
C2 EDO KB . 33.76 10.45 -27.74
O2 EDO KB . 34.59 9.37 -27.30
C1 EDO LB . 52.82 15.52 -54.08
O1 EDO LB . 53.57 14.34 -53.82
C2 EDO LB . 52.03 15.35 -55.39
O2 EDO LB . 52.20 16.52 -56.20
C1 EDO MB . 38.46 34.87 -67.95
O1 EDO MB . 39.69 34.36 -67.45
C2 EDO MB . 37.82 33.84 -68.89
O2 EDO MB . 36.39 34.01 -68.90
C1 EDO NB . 28.27 20.49 -64.31
O1 EDO NB . 26.86 20.25 -64.11
C2 EDO NB . 28.99 20.61 -62.97
O2 EDO NB . 30.41 20.53 -63.16
C1 EDO OB . 25.85 51.61 -50.44
O1 EDO OB . 26.97 51.56 -51.36
C2 EDO OB . 24.57 51.07 -51.12
O2 EDO OB . 24.88 50.73 -52.52
C1' UD1 PB . 19.68 -1.57 -54.56
C2' UD1 PB . 19.47 -3.08 -54.21
C3' UD1 PB . 18.80 -3.22 -52.86
C4' UD1 PB . 19.76 -2.58 -51.80
C5' UD1 PB . 19.98 -1.08 -52.13
C6' UD1 PB . 20.95 -0.41 -51.14
C7' UD1 PB . 19.06 -4.05 -56.49
C8' UD1 PB . 17.98 -4.66 -57.42
N2' UD1 PB . 18.62 -3.69 -55.26
O1' UD1 PB . 18.36 -0.92 -54.70
O3' UD1 PB . 18.58 -4.66 -52.54
O4' UD1 PB . 19.25 -2.59 -50.44
O5' UD1 PB . 20.51 -0.96 -53.53
O6' UD1 PB . 22.34 -0.88 -51.27
O7' UD1 PB . 20.22 -3.86 -56.80
N1 UD1 PB . 16.87 7.20 -54.01
C2 UD1 PB . 16.22 8.42 -54.38
N3 UD1 PB . 16.03 8.67 -55.72
C4 UD1 PB . 16.41 7.84 -56.77
C5 UD1 PB . 17.07 6.59 -56.38
C6 UD1 PB . 17.29 6.31 -55.04
O2 UD1 PB . 15.83 9.26 -53.51
O4 UD1 PB . 16.19 8.14 -57.93
C1B UD1 PB . 17.12 6.86 -52.56
C2B UD1 PB . 16.38 5.66 -52.08
O2' UD1 PB . 14.89 5.65 -52.06
C3B UD1 PB . 17.20 5.28 -50.82
C4B UD1 PB . 18.65 5.58 -51.36
O4B UD1 PB . 18.49 6.54 -52.42
O3B UD1 PB . 16.64 6.06 -49.69
C5B UD1 PB . 19.43 4.41 -52.00
O5B UD1 PB . 18.67 3.72 -53.04
PA UD1 PB . 19.33 2.93 -54.17
O1A UD1 PB . 20.78 2.96 -53.99
O2A UD1 PB . 18.97 3.58 -55.44
O3A UD1 PB . 19.08 1.46 -54.11
PB UD1 PB . 18.25 0.59 -55.14
O1B UD1 PB . 18.92 0.65 -56.36
O2B UD1 PB . 16.84 0.94 -55.20
C ACT QB . 38.86 1.88 -61.97
O ACT QB . 39.58 2.40 -61.13
OXT ACT QB . 37.80 1.38 -61.62
CH3 ACT QB . 39.26 1.86 -63.42
C ACT RB . 16.17 -0.32 -58.34
O ACT RB . 15.20 -0.32 -57.60
OXT ACT RB . 16.70 -1.37 -58.66
CH3 ACT RB . 16.74 0.97 -58.82
C ACT SB . 19.84 -18.15 -76.70
O ACT SB . 20.03 -19.36 -76.70
OXT ACT SB . 20.65 -17.40 -77.21
CH3 ACT SB . 18.59 -17.59 -76.08
C ACT TB . 31.63 -21.68 -25.21
O ACT TB . 30.53 -22.16 -25.47
OXT ACT TB . 31.95 -20.62 -25.70
CH3 ACT TB . 32.58 -22.41 -24.28
C ACT UB . 28.92 -16.32 -76.17
O ACT UB . 29.95 -16.82 -75.60
OXT ACT UB . 29.01 -15.25 -76.84
CH3 ACT UB . 27.58 -17.02 -76.04
C1 EDO VB . 3.81 -0.51 -60.56
O1 EDO VB . 4.44 0.39 -61.46
C2 EDO VB . 3.99 0.00 -59.12
O2 EDO VB . 5.31 -0.33 -58.65
C1 EDO WB . 20.57 -1.39 -66.77
O1 EDO WB . 21.93 -1.83 -66.92
C2 EDO WB . 20.51 0.15 -66.78
O2 EDO WB . 19.20 0.59 -66.39
C1 EDO XB . 8.75 13.28 -65.10
O1 EDO XB . 8.24 14.31 -65.96
C2 EDO XB . 7.77 13.03 -63.96
O2 EDO XB . 8.26 11.97 -63.12
C1 EDO YB . 10.42 -17.13 -70.50
O1 EDO YB . 11.21 -17.13 -69.30
C2 EDO YB . 9.49 -15.91 -70.50
O2 EDO YB . 8.13 -16.34 -70.43
C1 EDO ZB . 8.56 -4.91 -56.16
O1 EDO ZB . 7.95 -3.66 -55.86
C2 EDO ZB . 9.85 -5.07 -55.36
O2 EDO ZB . 10.94 -5.35 -56.24
C1 EDO AC . 21.13 -15.23 -54.10
O1 EDO AC . 21.82 -14.68 -55.21
C2 EDO AC . 21.55 -16.68 -53.89
O2 EDO AC . 20.90 -17.23 -52.73
C1 EDO BC . 14.96 -29.51 -33.01
O1 EDO BC . 16.18 -29.84 -33.70
C2 EDO BC . 15.02 -30.07 -31.58
O2 EDO BC . 16.06 -29.42 -30.84
#